data_7CQY
#
_entry.id   7CQY
#
_cell.length_a   94.315
_cell.length_b   94.315
_cell.length_c   235.571
_cell.angle_alpha   90.000
_cell.angle_beta   90.000
_cell.angle_gamma   120.000
#
_symmetry.space_group_name_H-M   'P 32'
#
loop_
_entity.id
_entity.type
_entity.pdbx_description
1 polymer 'Tetrathionate hydrolase'
2 non-polymer 'SULFATE ION'
3 water water
#
_entity_poly.entity_id   1
_entity_poly.type   'polypeptide(L)'
_entity_poly.pdbx_seq_one_letter_code
;MSAAVAVPMDSTGPYRTVSHPENAPSGVDAGVGPSEWTHAYANPAHNAAFPVPDDAPEWIRNGVSWLFPEARAWPLANPP
FGSKTYGAAEASVTQTQFYGNALGPSVVDGVVYAESDDMFAYAVNAKTGKLIWRASPVGNNLMGNPLVIGNTVYLSAGSV
AFNFANVLRYAHNPSASARGLNVSFNGIYALNRSNGKLLWYFATPGETMATPAYDNNTLFIADGAGNAFGINATTGKQVW
KTHVGGMDNMSSVTAYRHNIYFAMAIKPYLYCLNESNGHIVWKGTIPGASNTGIGNVSPAAADGVVVLDATTKPQANKKA
MFSNVIRAFDAKTGAVLWTRNMGSGGKIPAFKGGVPMIHNNIVYVGNPVASTYQAYELKTGKLLWTWHVPTKVAAGAGRS
APTYYKGLLYITTGQYIFVVNPATGKELHQHHIGGQFGIESPVIVGGTVYLTNSWDWIMAIPLKTISHGS
;
_entity_poly.pdbx_strand_id   A,B,C,D,E,F
#
# COMPACT_ATOMS: atom_id res chain seq x y z
N VAL A 5 -5.75 -50.60 -6.92
CA VAL A 5 -4.61 -50.42 -7.82
C VAL A 5 -3.52 -49.64 -7.12
N ALA A 6 -2.27 -50.00 -7.38
CA ALA A 6 -1.13 -49.38 -6.70
C ALA A 6 -0.53 -48.31 -7.60
N VAL A 7 -0.49 -47.09 -7.08
CA VAL A 7 0.23 -45.95 -7.66
C VAL A 7 1.14 -45.40 -6.58
N PRO A 8 2.14 -44.59 -6.93
CA PRO A 8 2.99 -44.03 -5.87
C PRO A 8 2.17 -43.20 -4.88
N MET A 9 2.14 -43.65 -3.63
CA MET A 9 1.33 -43.02 -2.61
C MET A 9 1.78 -43.47 -1.23
N ASP A 10 1.53 -42.62 -0.24
CA ASP A 10 1.53 -43.02 1.16
C ASP A 10 0.08 -43.11 1.62
N SER A 11 -0.35 -44.33 1.97
CA SER A 11 -1.76 -44.57 2.28
C SER A 11 -2.29 -43.67 3.39
N THR A 12 -1.42 -43.25 4.31
CA THR A 12 -1.78 -42.31 5.35
C THR A 12 -1.41 -40.86 5.01
N GLY A 13 -0.84 -40.63 3.82
CA GLY A 13 -0.31 -39.32 3.50
C GLY A 13 -1.37 -38.34 3.11
N PRO A 14 -0.95 -37.10 2.86
CA PRO A 14 -1.91 -36.04 2.52
C PRO A 14 -2.60 -36.24 1.19
N TYR A 15 -2.06 -37.09 0.32
CA TYR A 15 -2.67 -37.39 -0.97
C TYR A 15 -3.60 -38.59 -0.91
N ARG A 16 -3.85 -39.14 0.27
CA ARG A 16 -4.71 -40.30 0.40
C ARG A 16 -6.15 -39.94 0.04
N THR A 17 -6.92 -40.96 -0.31
CA THR A 17 -8.33 -40.78 -0.62
C THR A 17 -9.12 -40.65 0.67
N VAL A 18 -9.82 -39.53 0.83
CA VAL A 18 -10.63 -39.26 2.01
C VAL A 18 -12.08 -39.41 1.60
N SER A 19 -12.81 -40.27 2.31
CA SER A 19 -14.21 -40.56 2.00
C SER A 19 -15.09 -40.18 3.19
N HIS A 20 -16.10 -39.36 2.93
CA HIS A 20 -17.14 -39.00 3.90
C HIS A 20 -18.48 -39.46 3.34
N PRO A 21 -18.82 -40.73 3.49
CA PRO A 21 -20.09 -41.22 2.94
C PRO A 21 -21.31 -40.51 3.52
N GLU A 22 -21.20 -39.90 4.70
CA GLU A 22 -22.34 -39.25 5.33
C GLU A 22 -22.86 -38.07 4.51
N ASN A 23 -22.03 -37.49 3.65
CA ASN A 23 -22.42 -36.32 2.89
C ASN A 23 -22.99 -36.64 1.52
N ALA A 24 -23.03 -37.92 1.15
CA ALA A 24 -23.62 -38.28 -0.13
C ALA A 24 -25.13 -38.03 -0.09
N PRO A 25 -25.71 -37.44 -1.13
CA PRO A 25 -27.16 -37.33 -1.19
C PRO A 25 -27.79 -38.71 -1.37
N SER A 26 -29.04 -38.82 -0.93
CA SER A 26 -29.78 -40.07 -1.05
C SER A 26 -31.18 -39.75 -1.51
N GLY A 27 -32.05 -40.76 -1.52
CA GLY A 27 -33.41 -40.63 -2.02
C GLY A 27 -33.51 -39.87 -3.32
N VAL A 28 -34.46 -38.92 -3.38
CA VAL A 28 -34.68 -38.13 -4.57
C VAL A 28 -33.53 -37.16 -4.85
N ASP A 29 -32.72 -36.84 -3.84
CA ASP A 29 -31.56 -35.98 -4.07
C ASP A 29 -30.55 -36.63 -5.01
N ALA A 30 -30.52 -37.96 -5.08
CA ALA A 30 -29.59 -38.65 -5.95
C ALA A 30 -30.10 -38.71 -7.39
N GLY A 31 -31.24 -38.11 -7.68
CA GLY A 31 -31.73 -38.01 -9.03
C GLY A 31 -31.60 -36.62 -9.63
N VAL A 32 -31.24 -35.64 -8.80
CA VAL A 32 -31.19 -34.25 -9.26
C VAL A 32 -30.06 -34.09 -10.28
N GLY A 33 -30.37 -33.40 -11.38
CA GLY A 33 -29.42 -33.21 -12.45
C GLY A 33 -29.33 -34.44 -13.35
N PRO A 34 -28.53 -34.34 -14.41
CA PRO A 34 -28.40 -35.47 -15.34
C PRO A 34 -27.80 -36.70 -14.67
N SER A 35 -28.00 -37.85 -15.32
CA SER A 35 -27.47 -39.12 -14.84
C SER A 35 -26.14 -39.49 -15.47
N GLU A 36 -25.59 -38.63 -16.34
CA GLU A 36 -24.28 -38.88 -16.93
C GLU A 36 -23.66 -37.56 -17.34
N TRP A 37 -22.33 -37.53 -17.38
CA TRP A 37 -21.58 -36.39 -17.91
C TRP A 37 -20.54 -36.95 -18.87
N THR A 38 -20.74 -36.75 -20.18
CA THR A 38 -19.88 -37.36 -21.19
C THR A 38 -18.87 -36.43 -21.83
N HIS A 39 -18.89 -35.13 -21.54
CA HIS A 39 -18.07 -34.21 -22.32
C HIS A 39 -17.62 -33.04 -21.45
N ALA A 40 -16.56 -32.39 -21.92
CA ALA A 40 -16.29 -31.03 -21.46
C ALA A 40 -17.49 -30.17 -21.77
N TYR A 41 -17.99 -29.47 -20.76
CA TYR A 41 -19.23 -28.70 -20.82
C TYR A 41 -20.44 -29.60 -21.08
N ALA A 42 -20.27 -30.89 -20.74
CA ALA A 42 -21.28 -31.94 -20.64
C ALA A 42 -21.79 -32.51 -21.96
N ASN A 43 -21.70 -31.76 -23.05
CA ASN A 43 -22.27 -32.22 -24.31
C ASN A 43 -21.51 -31.59 -25.47
N PRO A 44 -21.55 -32.23 -26.65
CA PRO A 44 -20.84 -31.67 -27.81
C PRO A 44 -21.21 -30.23 -28.14
N ALA A 45 -22.37 -29.77 -27.66
CA ALA A 45 -22.76 -28.39 -27.92
C ALA A 45 -22.13 -27.42 -26.91
N HIS A 46 -21.50 -27.92 -25.86
CA HIS A 46 -20.85 -27.11 -24.83
C HIS A 46 -21.83 -26.19 -24.12
N ASN A 47 -23.10 -26.59 -24.06
CA ASN A 47 -24.11 -25.91 -23.27
C ASN A 47 -24.51 -26.85 -22.15
N ALA A 48 -24.12 -26.54 -20.92
CA ALA A 48 -24.57 -27.32 -19.78
C ALA A 48 -25.69 -26.51 -19.13
N ALA A 49 -26.92 -26.85 -19.48
CA ALA A 49 -28.11 -26.23 -18.93
C ALA A 49 -29.15 -27.32 -18.72
N PHE A 50 -29.52 -27.56 -17.47
CA PHE A 50 -30.42 -28.66 -17.14
C PHE A 50 -31.68 -28.15 -16.47
N PRO A 51 -32.84 -28.21 -17.12
CA PRO A 51 -34.10 -27.91 -16.42
C PRO A 51 -34.50 -29.06 -15.51
N VAL A 52 -35.29 -28.73 -14.50
CA VAL A 52 -35.70 -29.74 -13.52
C VAL A 52 -37.21 -29.96 -13.60
N PRO A 53 -37.68 -31.17 -13.27
CA PRO A 53 -39.12 -31.41 -13.20
C PRO A 53 -39.78 -30.57 -12.12
N ASP A 54 -41.10 -30.42 -12.23
CA ASP A 54 -41.84 -29.68 -11.22
C ASP A 54 -41.78 -30.34 -9.85
N ASP A 55 -41.63 -31.67 -9.79
CA ASP A 55 -41.55 -32.36 -8.52
C ASP A 55 -40.12 -32.45 -8.00
N ALA A 56 -39.18 -31.81 -8.66
CA ALA A 56 -37.80 -31.79 -8.20
C ALA A 56 -37.75 -31.18 -6.79
N PRO A 57 -36.75 -31.55 -6.00
CA PRO A 57 -36.66 -31.05 -4.62
C PRO A 57 -36.68 -29.53 -4.54
N GLU A 58 -37.17 -29.02 -3.41
CA GLU A 58 -37.41 -27.59 -3.27
C GLU A 58 -36.11 -26.80 -3.34
N TRP A 59 -35.00 -27.38 -2.85
CA TRP A 59 -33.74 -26.66 -2.79
C TRP A 59 -33.15 -26.41 -4.18
N ILE A 60 -33.34 -27.36 -5.10
CA ILE A 60 -32.76 -27.18 -6.44
C ILE A 60 -33.61 -26.22 -7.27
N ARG A 61 -34.94 -26.21 -7.06
CA ARG A 61 -35.78 -25.29 -7.82
C ARG A 61 -35.58 -23.85 -7.35
N ASN A 62 -35.55 -23.61 -6.04
CA ASN A 62 -35.27 -22.26 -5.54
C ASN A 62 -33.78 -21.93 -5.54
N GLY A 63 -32.92 -22.92 -5.41
CA GLY A 63 -31.49 -22.67 -5.43
C GLY A 63 -30.87 -22.65 -4.04
N VAL A 64 -29.62 -23.07 -3.97
CA VAL A 64 -28.84 -23.06 -2.74
C VAL A 64 -27.61 -22.19 -2.96
N SER A 65 -27.05 -21.70 -1.86
CA SER A 65 -25.86 -20.85 -1.90
C SER A 65 -24.83 -21.35 -0.91
N TRP A 66 -23.69 -21.79 -1.42
CA TRP A 66 -22.57 -22.19 -0.58
C TRP A 66 -21.28 -22.02 -1.34
N LEU A 67 -20.18 -21.93 -0.58
CA LEU A 67 -18.84 -21.71 -1.11
C LEU A 67 -17.90 -22.74 -0.51
N PHE A 68 -17.20 -23.49 -1.37
CA PHE A 68 -16.35 -24.59 -0.92
C PHE A 68 -14.88 -24.33 -1.25
N PRO A 69 -14.01 -24.15 -0.25
CA PRO A 69 -12.58 -24.01 -0.54
C PRO A 69 -11.95 -25.32 -1.01
N GLU A 70 -11.19 -25.25 -2.09
CA GLU A 70 -10.36 -26.36 -2.49
C GLU A 70 -8.98 -26.20 -1.82
N ALA A 71 -8.08 -27.15 -2.06
CA ALA A 71 -6.88 -27.29 -1.23
C ALA A 71 -6.06 -26.00 -1.21
N ARG A 72 -5.85 -25.39 -2.37
CA ARG A 72 -5.09 -24.16 -2.51
C ARG A 72 -5.95 -22.91 -2.57
N ALA A 73 -7.22 -23.01 -2.16
CA ALA A 73 -8.16 -21.90 -2.24
C ALA A 73 -7.54 -20.60 -1.71
N TRP A 74 -7.76 -19.53 -2.47
CA TRP A 74 -7.25 -18.18 -2.27
C TRP A 74 -8.44 -17.23 -2.19
N PRO A 75 -8.42 -16.26 -1.27
CA PRO A 75 -9.61 -15.42 -1.07
C PRO A 75 -9.99 -14.70 -2.35
N LEU A 76 -11.29 -14.72 -2.67
CA LEU A 76 -11.75 -14.18 -3.94
C LEU A 76 -11.50 -12.67 -4.05
N ALA A 77 -11.45 -11.97 -2.91
CA ALA A 77 -11.20 -10.54 -2.96
C ALA A 77 -9.75 -10.22 -3.31
N ASN A 78 -8.83 -11.13 -2.99
CA ASN A 78 -7.41 -10.84 -3.14
C ASN A 78 -7.02 -10.83 -4.62
N PRO A 79 -6.00 -10.07 -5.00
CA PRO A 79 -5.49 -10.09 -6.37
C PRO A 79 -4.74 -11.39 -6.64
N PRO A 80 -4.30 -11.60 -7.89
CA PRO A 80 -3.59 -12.85 -8.21
C PRO A 80 -2.27 -12.98 -7.48
N PHE A 81 -2.02 -14.18 -6.97
CA PHE A 81 -0.74 -14.50 -6.32
C PHE A 81 0.41 -14.41 -7.32
N GLY A 82 1.51 -13.81 -6.88
CA GLY A 82 2.67 -13.61 -7.74
C GLY A 82 2.62 -12.44 -8.69
N SER A 83 1.97 -11.35 -8.32
CA SER A 83 1.88 -10.18 -9.19
C SER A 83 3.24 -9.48 -9.32
N GLY A 87 3.80 -10.51 -13.73
CA GLY A 87 2.73 -9.58 -14.06
C GLY A 87 1.36 -10.07 -13.62
N ALA A 88 0.42 -9.13 -13.48
CA ALA A 88 -0.89 -9.45 -12.91
C ALA A 88 -1.64 -10.44 -13.79
N ALA A 89 -1.69 -10.18 -15.10
CA ALA A 89 -2.43 -11.06 -16.00
C ALA A 89 -1.73 -12.41 -16.14
N GLU A 90 -0.41 -12.40 -16.30
CA GLU A 90 0.35 -13.65 -16.39
C GLU A 90 0.25 -14.45 -15.09
N ALA A 91 0.17 -13.76 -13.94
CA ALA A 91 -0.05 -14.47 -12.68
C ALA A 91 -1.45 -15.06 -12.64
N SER A 92 -2.43 -14.40 -13.24
CA SER A 92 -3.76 -14.97 -13.36
C SER A 92 -3.72 -16.26 -14.16
N VAL A 93 -3.00 -16.26 -15.28
CA VAL A 93 -2.83 -17.47 -16.08
C VAL A 93 -2.03 -18.51 -15.31
N THR A 94 -0.96 -18.08 -14.63
CA THR A 94 -0.08 -19.03 -13.94
C THR A 94 -0.80 -19.72 -12.79
N GLN A 95 -1.54 -18.97 -11.98
CA GLN A 95 -2.29 -19.62 -10.90
C GLN A 95 -3.39 -20.50 -11.45
N THR A 96 -4.09 -20.04 -12.49
CA THR A 96 -5.08 -20.86 -13.17
C THR A 96 -4.49 -22.21 -13.57
N GLN A 97 -3.27 -22.20 -14.11
CA GLN A 97 -2.68 -23.40 -14.66
C GLN A 97 -2.10 -24.32 -13.59
N PHE A 98 -1.45 -23.77 -12.57
CA PHE A 98 -0.80 -24.60 -11.57
C PHE A 98 -1.51 -24.70 -10.21
N TYR A 99 -2.56 -23.93 -9.97
CA TYR A 99 -3.26 -24.01 -8.69
C TYR A 99 -4.74 -24.35 -8.82
N GLY A 100 -5.51 -23.55 -9.56
CA GLY A 100 -6.95 -23.61 -9.50
C GLY A 100 -7.56 -24.47 -10.60
N ASN A 101 -8.89 -24.41 -10.68
CA ASN A 101 -9.62 -25.16 -11.69
C ASN A 101 -9.47 -24.48 -13.05
N ALA A 102 -9.10 -25.28 -14.06
CA ALA A 102 -9.08 -24.76 -15.42
C ALA A 102 -10.48 -24.74 -16.02
N LEU A 103 -11.25 -25.81 -15.82
CA LEU A 103 -12.59 -25.92 -16.37
C LEU A 103 -13.62 -25.96 -15.24
N GLY A 104 -14.89 -26.03 -15.63
CA GLY A 104 -15.97 -26.02 -14.68
C GLY A 104 -16.22 -27.39 -14.08
N PRO A 105 -17.27 -27.46 -13.26
CA PRO A 105 -17.60 -28.72 -12.60
C PRO A 105 -18.50 -29.63 -13.42
N SER A 106 -18.81 -30.80 -12.88
CA SER A 106 -19.74 -31.75 -13.48
C SER A 106 -20.76 -32.12 -12.42
N VAL A 107 -22.02 -31.77 -12.66
CA VAL A 107 -23.08 -32.00 -11.69
C VAL A 107 -23.91 -33.18 -12.18
N VAL A 108 -23.85 -34.30 -11.43
CA VAL A 108 -24.52 -35.53 -11.81
C VAL A 108 -25.15 -36.14 -10.56
N ASP A 109 -26.45 -36.43 -10.62
CA ASP A 109 -27.16 -37.15 -9.57
C ASP A 109 -26.92 -36.55 -8.18
N GLY A 110 -27.07 -35.23 -8.09
CA GLY A 110 -27.00 -34.55 -6.82
C GLY A 110 -25.61 -34.32 -6.28
N VAL A 111 -24.56 -34.56 -7.07
CA VAL A 111 -23.19 -34.41 -6.63
C VAL A 111 -22.46 -33.52 -7.63
N VAL A 112 -21.62 -32.63 -7.13
CA VAL A 112 -20.78 -31.77 -7.96
C VAL A 112 -19.38 -32.34 -7.98
N TYR A 113 -18.85 -32.59 -9.18
CA TYR A 113 -17.53 -33.15 -9.36
C TYR A 113 -16.62 -32.12 -9.98
N ALA A 114 -15.42 -31.98 -9.44
CA ALA A 114 -14.42 -31.07 -9.97
C ALA A 114 -13.05 -31.71 -9.88
N GLU A 115 -12.18 -31.34 -10.80
CA GLU A 115 -10.76 -31.67 -10.72
C GLU A 115 -9.98 -30.38 -10.88
N SER A 116 -8.91 -30.24 -10.11
CA SER A 116 -8.21 -28.97 -10.03
C SER A 116 -6.74 -29.17 -10.36
N ASP A 117 -6.11 -28.07 -10.75
CA ASP A 117 -4.66 -28.05 -10.95
C ASP A 117 -3.89 -28.15 -9.64
N ASP A 118 -4.58 -28.18 -8.50
CA ASP A 118 -3.98 -28.50 -7.22
C ASP A 118 -3.78 -29.99 -7.06
N MET A 119 -4.10 -30.76 -8.12
CA MET A 119 -3.89 -32.20 -8.24
C MET A 119 -4.86 -33.02 -7.40
N PHE A 120 -6.00 -32.46 -7.01
CA PHE A 120 -7.06 -33.24 -6.39
C PHE A 120 -8.31 -33.25 -7.25
N ALA A 121 -9.07 -34.35 -7.14
CA ALA A 121 -10.44 -34.42 -7.62
C ALA A 121 -11.38 -34.44 -6.42
N TYR A 122 -12.49 -33.73 -6.53
CA TYR A 122 -13.43 -33.58 -5.44
C TYR A 122 -14.82 -34.04 -5.88
N ALA A 123 -15.55 -34.63 -4.94
CA ALA A 123 -16.97 -34.91 -5.08
C ALA A 123 -17.69 -34.18 -3.95
N VAL A 124 -18.48 -33.17 -4.30
CA VAL A 124 -19.13 -32.33 -3.30
C VAL A 124 -20.65 -32.43 -3.46
N ASN A 125 -21.35 -32.28 -2.34
CA ASN A 125 -22.81 -32.35 -2.34
C ASN A 125 -23.39 -31.12 -3.00
N ALA A 126 -24.28 -31.35 -3.98
CA ALA A 126 -24.85 -30.23 -4.73
C ALA A 126 -25.79 -29.39 -3.87
N LYS A 127 -26.40 -30.00 -2.85
CA LYS A 127 -27.28 -29.26 -1.96
C LYS A 127 -26.49 -28.52 -0.89
N THR A 128 -25.82 -29.25 -0.01
CA THR A 128 -25.17 -28.65 1.16
C THR A 128 -23.83 -28.02 0.82
N GLY A 129 -23.02 -28.68 -0.01
CA GLY A 129 -21.67 -28.24 -0.27
C GLY A 129 -20.59 -28.92 0.53
N LYS A 130 -20.91 -29.98 1.27
CA LYS A 130 -19.93 -30.70 2.06
C LYS A 130 -19.35 -31.86 1.24
N LEU A 131 -18.06 -32.11 1.48
CA LEU A 131 -17.25 -33.02 0.65
C LEU A 131 -17.65 -34.48 0.83
N ILE A 132 -17.99 -35.15 -0.27
CA ILE A 132 -18.18 -36.60 -0.24
C ILE A 132 -16.86 -37.35 -0.29
N TRP A 133 -15.99 -36.99 -1.23
CA TRP A 133 -14.66 -37.58 -1.25
C TRP A 133 -13.69 -36.64 -1.96
N ARG A 134 -12.41 -36.92 -1.75
CA ARG A 134 -11.29 -36.23 -2.38
C ARG A 134 -10.22 -37.27 -2.71
N ALA A 135 -9.57 -37.11 -3.87
CA ALA A 135 -8.60 -38.11 -4.30
C ALA A 135 -7.51 -37.45 -5.14
N SER A 136 -6.32 -38.06 -5.10
CA SER A 136 -5.17 -37.60 -5.89
C SER A 136 -4.39 -38.81 -6.38
N PRO A 137 -4.92 -39.55 -7.36
CA PRO A 137 -4.21 -40.74 -7.83
C PRO A 137 -2.91 -40.44 -8.56
N VAL A 138 -2.71 -39.20 -9.01
CA VAL A 138 -1.54 -38.86 -9.81
C VAL A 138 -1.02 -37.49 -9.37
N GLY A 139 0.29 -37.32 -9.46
CA GLY A 139 0.96 -36.11 -9.02
C GLY A 139 1.05 -35.02 -10.06
N ASN A 140 0.09 -34.99 -10.98
CA ASN A 140 0.08 -34.04 -12.08
C ASN A 140 -1.21 -33.21 -12.05
N ASN A 141 -1.22 -32.12 -12.80
CA ASN A 141 -2.37 -31.25 -12.88
C ASN A 141 -3.56 -31.96 -13.52
N LEU A 142 -4.77 -31.53 -13.15
CA LEU A 142 -6.01 -31.98 -13.77
C LEU A 142 -6.69 -30.74 -14.35
N MET A 143 -6.66 -30.62 -15.69
CA MET A 143 -7.06 -29.41 -16.40
C MET A 143 -8.43 -29.51 -17.07
N GLY A 144 -9.33 -30.36 -16.59
CA GLY A 144 -10.56 -30.59 -17.32
C GLY A 144 -11.76 -30.80 -16.43
N ASN A 145 -12.91 -31.25 -16.99
CA ASN A 145 -13.95 -31.59 -16.03
C ASN A 145 -14.16 -33.10 -15.99
N PRO A 146 -14.47 -33.66 -14.82
CA PRO A 146 -14.55 -35.11 -14.70
C PRO A 146 -15.69 -35.67 -15.53
N LEU A 147 -15.44 -36.81 -16.16
CA LEU A 147 -16.47 -37.52 -16.89
C LEU A 147 -17.09 -38.54 -15.95
N VAL A 148 -18.40 -38.46 -15.77
CA VAL A 148 -19.14 -39.31 -14.85
C VAL A 148 -20.07 -40.17 -15.69
N ILE A 149 -19.79 -41.48 -15.72
CA ILE A 149 -20.58 -42.43 -16.48
C ILE A 149 -20.76 -43.66 -15.61
N GLY A 150 -22.02 -44.04 -15.37
CA GLY A 150 -22.28 -45.16 -14.49
C GLY A 150 -21.77 -44.88 -13.09
N ASN A 151 -20.98 -45.81 -12.56
CA ASN A 151 -20.35 -45.68 -11.25
C ASN A 151 -18.91 -45.19 -11.32
N THR A 152 -18.43 -44.77 -12.48
CA THR A 152 -17.02 -44.42 -12.66
C THR A 152 -16.87 -42.93 -12.98
N VAL A 153 -15.91 -42.29 -12.33
CA VAL A 153 -15.49 -40.93 -12.64
C VAL A 153 -14.14 -41.00 -13.35
N TYR A 154 -13.96 -40.19 -14.38
CA TYR A 154 -12.80 -40.25 -15.25
C TYR A 154 -12.01 -38.95 -15.17
N LEU A 155 -10.72 -39.06 -14.89
CA LEU A 155 -9.84 -37.89 -14.77
C LEU A 155 -8.76 -37.95 -15.84
N SER A 156 -8.33 -36.78 -16.30
CA SER A 156 -7.26 -36.65 -17.28
C SER A 156 -6.15 -35.79 -16.68
N ALA A 157 -4.94 -36.34 -16.63
CA ALA A 157 -3.80 -35.68 -16.01
C ALA A 157 -2.77 -35.26 -17.06
N GLY A 158 -2.29 -34.04 -16.95
CA GLY A 158 -1.19 -33.59 -17.77
C GLY A 158 -0.89 -32.13 -17.48
N SER A 159 0.34 -31.73 -17.80
CA SER A 159 0.81 -30.38 -17.56
C SER A 159 1.40 -29.79 -18.84
N VAL A 160 1.19 -28.49 -19.03
CA VAL A 160 1.75 -27.80 -20.19
C VAL A 160 3.26 -27.76 -20.16
N ALA A 161 3.87 -27.94 -18.98
CA ALA A 161 5.33 -27.97 -18.86
C ALA A 161 5.90 -29.24 -19.48
N SER A 184 5.92 -35.39 -16.08
CA SER A 184 5.23 -36.23 -15.11
C SER A 184 4.67 -37.48 -15.76
N PHE A 185 3.49 -37.86 -15.30
CA PHE A 185 2.79 -39.02 -15.81
C PHE A 185 1.41 -38.56 -16.25
N ASN A 186 0.98 -39.04 -17.41
CA ASN A 186 -0.19 -38.50 -18.06
C ASN A 186 -1.15 -39.65 -18.36
N GLY A 187 -2.42 -39.31 -18.46
CA GLY A 187 -3.38 -40.26 -18.97
C GLY A 187 -4.73 -40.09 -18.31
N ILE A 188 -5.53 -41.14 -18.44
CA ILE A 188 -6.86 -41.21 -17.87
C ILE A 188 -6.79 -42.05 -16.61
N TYR A 189 -7.27 -41.52 -15.50
CA TYR A 189 -7.39 -42.23 -14.25
C TYR A 189 -8.87 -42.37 -13.93
N ALA A 190 -9.30 -43.59 -13.60
CA ALA A 190 -10.71 -43.89 -13.40
C ALA A 190 -10.96 -44.22 -11.94
N LEU A 191 -11.85 -43.47 -11.30
CA LEU A 191 -12.08 -43.61 -9.88
C LEU A 191 -13.49 -44.10 -9.60
N ASN A 192 -13.63 -44.83 -8.50
CA ASN A 192 -14.95 -45.19 -7.99
C ASN A 192 -15.72 -43.91 -7.67
N ARG A 193 -16.95 -43.82 -8.20
CA ARG A 193 -17.74 -42.62 -8.02
C ARG A 193 -18.19 -42.43 -6.57
N SER A 194 -18.39 -43.51 -5.83
CA SER A 194 -18.93 -43.41 -4.48
C SER A 194 -17.87 -42.96 -3.49
N ASN A 195 -16.86 -43.81 -3.26
CA ASN A 195 -15.83 -43.55 -2.27
C ASN A 195 -14.59 -42.88 -2.83
N GLY A 196 -14.45 -42.78 -4.15
CA GLY A 196 -13.29 -42.16 -4.74
C GLY A 196 -12.09 -43.06 -4.96
N LYS A 197 -12.21 -44.36 -4.70
CA LYS A 197 -11.07 -45.26 -4.89
C LYS A 197 -10.68 -45.34 -6.35
N LEU A 198 -9.42 -45.70 -6.60
CA LEU A 198 -8.85 -45.76 -7.93
C LEU A 198 -9.17 -47.11 -8.58
N LEU A 199 -9.91 -47.08 -9.68
CA LEU A 199 -10.29 -48.29 -10.40
C LEU A 199 -9.20 -48.76 -11.34
N TRP A 200 -8.72 -47.86 -12.21
CA TRP A 200 -7.63 -48.14 -13.14
C TRP A 200 -7.20 -46.83 -13.77
N TYR A 201 -6.01 -46.85 -14.37
CA TYR A 201 -5.51 -45.73 -15.16
C TYR A 201 -4.99 -46.23 -16.49
N PHE A 202 -5.04 -45.35 -17.50
CA PHE A 202 -4.38 -45.59 -18.78
C PHE A 202 -3.37 -44.47 -19.01
N ALA A 203 -2.09 -44.83 -19.05
CA ALA A 203 -1.02 -43.87 -19.20
C ALA A 203 -0.76 -43.54 -20.66
N THR A 204 -0.44 -42.28 -20.93
CA THR A 204 -0.12 -41.80 -22.27
C THR A 204 1.28 -41.22 -22.30
N PRO A 205 1.99 -41.34 -23.44
CA PRO A 205 3.34 -40.76 -23.52
C PRO A 205 3.38 -39.27 -23.26
N GLY A 206 2.48 -38.51 -23.88
CA GLY A 206 2.45 -37.08 -23.69
C GLY A 206 1.32 -36.66 -22.75
N GLU A 207 1.33 -35.38 -22.41
CA GLU A 207 0.31 -34.80 -21.55
C GLU A 207 -1.08 -34.99 -22.16
N THR A 208 -2.04 -35.40 -21.34
CA THR A 208 -3.44 -35.23 -21.72
C THR A 208 -4.03 -34.20 -20.75
N MET A 209 -3.91 -32.92 -21.13
CA MET A 209 -4.63 -31.86 -20.42
C MET A 209 -6.09 -31.82 -20.87
N ALA A 210 -6.33 -32.08 -22.14
CA ALA A 210 -7.67 -32.02 -22.70
C ALA A 210 -8.59 -33.03 -22.00
N THR A 211 -9.82 -32.62 -21.77
CA THR A 211 -10.81 -33.56 -21.27
C THR A 211 -11.09 -34.60 -22.34
N PRO A 212 -11.09 -35.89 -21.99
CA PRO A 212 -11.51 -36.90 -22.97
C PRO A 212 -13.00 -36.82 -23.26
N ALA A 213 -13.47 -37.65 -24.18
CA ALA A 213 -14.89 -37.76 -24.47
C ALA A 213 -15.34 -39.19 -24.25
N TYR A 214 -16.56 -39.35 -23.74
CA TYR A 214 -17.17 -40.66 -23.58
C TYR A 214 -18.24 -40.85 -24.64
N ASP A 215 -18.14 -41.97 -25.36
CA ASP A 215 -19.23 -42.46 -26.19
C ASP A 215 -19.11 -43.98 -26.28
N ASN A 216 -20.26 -44.65 -26.22
CA ASN A 216 -20.39 -46.09 -26.44
C ASN A 216 -19.28 -46.87 -25.71
N ASN A 217 -19.30 -46.79 -24.38
CA ASN A 217 -18.40 -47.58 -23.54
C ASN A 217 -16.93 -47.30 -23.86
N THR A 218 -16.61 -46.09 -24.30
CA THR A 218 -15.25 -45.82 -24.73
C THR A 218 -14.85 -44.39 -24.39
N LEU A 219 -13.58 -44.22 -24.02
CA LEU A 219 -12.99 -42.92 -23.77
C LEU A 219 -12.05 -42.56 -24.92
N PHE A 220 -12.07 -41.30 -25.31
CA PHE A 220 -11.32 -40.82 -26.47
C PHE A 220 -10.50 -39.62 -26.04
N ILE A 221 -9.19 -39.70 -26.24
CA ILE A 221 -8.28 -38.67 -25.76
C ILE A 221 -7.13 -38.53 -26.74
N ALA A 222 -6.59 -37.32 -26.82
CA ALA A 222 -5.39 -37.01 -27.60
C ALA A 222 -4.38 -36.35 -26.67
N ASP A 223 -3.12 -36.78 -26.76
CA ASP A 223 -2.09 -36.29 -25.85
C ASP A 223 -1.21 -35.23 -26.52
N GLY A 224 -0.20 -34.79 -25.78
CA GLY A 224 0.79 -33.86 -26.27
C GLY A 224 1.89 -34.47 -27.11
N ALA A 225 1.92 -35.79 -27.22
CA ALA A 225 2.86 -36.51 -28.07
C ALA A 225 2.31 -36.80 -29.46
N GLY A 226 1.11 -36.31 -29.78
CA GLY A 226 0.53 -36.51 -31.09
C GLY A 226 -0.27 -37.76 -31.30
N ASN A 227 -0.76 -38.40 -30.23
CA ASN A 227 -1.47 -39.67 -30.32
C ASN A 227 -2.89 -39.52 -29.81
N ALA A 228 -3.84 -40.14 -30.53
CA ALA A 228 -5.22 -40.24 -30.12
C ALA A 228 -5.55 -41.70 -29.81
N PHE A 229 -6.29 -41.93 -28.74
CA PHE A 229 -6.61 -43.28 -28.27
C PHE A 229 -8.11 -43.44 -28.07
N GLY A 230 -8.64 -44.58 -28.50
CA GLY A 230 -9.84 -45.12 -27.92
C GLY A 230 -9.45 -46.04 -26.76
N ILE A 231 -10.24 -46.02 -25.70
CA ILE A 231 -9.91 -46.73 -24.47
C ILE A 231 -11.19 -47.32 -23.92
N ASN A 232 -11.14 -48.60 -23.52
CA ASN A 232 -12.33 -49.25 -22.98
C ASN A 232 -12.66 -48.59 -21.65
N ALA A 233 -13.88 -48.05 -21.56
CA ALA A 233 -14.24 -47.26 -20.37
C ALA A 233 -14.50 -48.14 -19.16
N THR A 234 -14.55 -49.46 -19.33
CA THR A 234 -14.76 -50.40 -18.23
C THR A 234 -13.46 -51.07 -17.81
N THR A 235 -12.85 -51.85 -18.73
CA THR A 235 -11.63 -52.56 -18.37
C THR A 235 -10.42 -51.63 -18.30
N GLY A 236 -10.45 -50.52 -19.05
CA GLY A 236 -9.31 -49.64 -19.12
C GLY A 236 -8.31 -49.98 -20.20
N LYS A 237 -8.42 -51.14 -20.83
CA LYS A 237 -7.47 -51.50 -21.89
C LYS A 237 -7.78 -50.70 -23.15
N GLN A 238 -6.71 -50.29 -23.84
CA GLN A 238 -6.87 -49.50 -25.06
C GLN A 238 -7.60 -50.29 -26.14
N VAL A 239 -8.35 -49.57 -26.96
CA VAL A 239 -9.01 -50.17 -28.13
C VAL A 239 -8.15 -49.93 -29.35
N TRP A 240 -7.91 -48.66 -29.68
CA TRP A 240 -7.10 -48.30 -30.83
C TRP A 240 -6.22 -47.12 -30.48
N LYS A 241 -5.12 -46.98 -31.22
CA LYS A 241 -4.17 -45.89 -31.09
C LYS A 241 -3.83 -45.38 -32.48
N THR A 242 -3.87 -44.07 -32.65
CA THR A 242 -3.60 -43.42 -33.92
C THR A 242 -2.62 -42.29 -33.71
N HIS A 243 -1.53 -42.28 -34.47
CA HIS A 243 -0.54 -41.22 -34.33
C HIS A 243 -0.94 -40.11 -35.30
N VAL A 244 -1.46 -39.02 -34.74
CA VAL A 244 -1.87 -37.88 -35.55
C VAL A 244 -0.77 -36.86 -35.78
N GLY A 245 0.25 -36.85 -34.92
CA GLY A 245 1.26 -35.81 -34.95
C GLY A 245 0.76 -34.52 -34.33
N GLY A 246 1.69 -33.70 -33.88
CA GLY A 246 1.33 -32.43 -33.30
C GLY A 246 1.09 -32.53 -31.80
N MET A 247 0.43 -31.51 -31.27
CA MET A 247 0.16 -31.45 -29.84
C MET A 247 -1.28 -31.01 -29.58
N ASP A 248 -1.99 -31.77 -28.76
CA ASP A 248 -3.30 -31.37 -28.27
C ASP A 248 -3.10 -30.76 -26.88
N ASN A 249 -3.35 -29.47 -26.75
CA ASN A 249 -3.06 -28.84 -25.48
C ASN A 249 -4.30 -28.81 -24.59
N MET A 250 -5.21 -27.86 -24.83
CA MET A 250 -6.45 -27.75 -24.10
C MET A 250 -7.69 -28.19 -24.88
N SER A 251 -7.52 -28.71 -26.10
CA SER A 251 -8.67 -28.95 -26.98
C SER A 251 -9.26 -30.31 -26.62
N SER A 252 -10.43 -30.29 -26.00
CA SER A 252 -11.03 -31.51 -25.50
C SER A 252 -11.74 -32.23 -26.63
N VAL A 253 -11.68 -33.56 -26.60
CA VAL A 253 -12.26 -34.36 -27.67
C VAL A 253 -13.78 -34.21 -27.64
N THR A 254 -14.36 -34.06 -28.83
CA THR A 254 -15.81 -33.97 -28.98
C THR A 254 -16.29 -35.20 -29.74
N ALA A 255 -17.18 -35.98 -29.13
CA ALA A 255 -17.69 -37.21 -29.70
C ALA A 255 -19.08 -36.93 -30.26
N TYR A 256 -19.22 -36.98 -31.58
CA TYR A 256 -20.47 -36.63 -32.24
C TYR A 256 -20.76 -37.62 -33.36
N ARG A 257 -21.89 -38.33 -33.26
CA ARG A 257 -22.37 -39.24 -34.32
C ARG A 257 -21.30 -40.21 -34.78
N HIS A 258 -20.83 -41.05 -33.85
CA HIS A 258 -19.86 -42.12 -34.10
C HIS A 258 -18.47 -41.60 -34.44
N ASN A 259 -18.25 -40.30 -34.38
CA ASN A 259 -16.94 -39.73 -34.69
C ASN A 259 -16.46 -38.80 -33.58
N ILE A 260 -15.14 -38.70 -33.44
CA ILE A 260 -14.51 -37.83 -32.46
C ILE A 260 -13.78 -36.72 -33.21
N TYR A 261 -13.87 -35.50 -32.69
CA TYR A 261 -13.28 -34.32 -33.31
C TYR A 261 -12.39 -33.63 -32.28
N PHE A 262 -11.15 -33.33 -32.66
CA PHE A 262 -10.21 -32.66 -31.76
C PHE A 262 -9.19 -31.90 -32.59
N ALA A 263 -8.61 -30.88 -31.98
CA ALA A 263 -7.62 -30.01 -32.63
C ALA A 263 -6.22 -30.32 -32.12
N MET A 264 -5.23 -30.15 -33.00
CA MET A 264 -3.83 -30.39 -32.68
C MET A 264 -3.01 -29.16 -33.03
N ALA A 265 -2.02 -28.84 -32.22
CA ALA A 265 -1.12 -27.74 -32.52
C ALA A 265 0.20 -28.27 -33.08
N ILE A 266 1.04 -27.32 -33.53
CA ILE A 266 2.37 -27.57 -34.10
C ILE A 266 2.21 -28.28 -35.45
N LYS A 267 1.04 -28.86 -35.65
CA LYS A 267 0.61 -29.41 -36.94
C LYS A 267 -0.85 -29.01 -37.06
N PRO A 268 -1.10 -27.76 -37.44
CA PRO A 268 -2.40 -27.14 -37.11
C PRO A 268 -3.59 -27.66 -37.90
N TYR A 269 -4.10 -28.82 -37.49
CA TYR A 269 -5.29 -29.42 -38.10
C TYR A 269 -6.34 -29.73 -37.04
N LEU A 270 -7.59 -29.66 -37.48
CA LEU A 270 -8.73 -30.24 -36.77
C LEU A 270 -9.02 -31.60 -37.38
N TYR A 271 -8.98 -32.64 -36.57
CA TYR A 271 -9.15 -34.02 -37.03
C TYR A 271 -10.52 -34.58 -36.69
N CYS A 272 -11.01 -35.45 -37.58
CA CYS A 272 -12.21 -36.24 -37.34
C CYS A 272 -11.83 -37.71 -37.45
N LEU A 273 -12.05 -38.47 -36.39
CA LEU A 273 -11.65 -39.86 -36.34
C LEU A 273 -12.84 -40.76 -36.05
N ASN A 274 -12.73 -42.00 -36.48
CA ASN A 274 -13.77 -43.01 -36.29
C ASN A 274 -13.63 -43.62 -34.90
N GLU A 275 -14.73 -43.57 -34.12
CA GLU A 275 -14.67 -44.09 -32.76
C GLU A 275 -14.28 -45.57 -32.72
N SER A 276 -14.60 -46.34 -33.75
CA SER A 276 -14.43 -47.78 -33.68
C SER A 276 -12.98 -48.19 -33.96
N ASN A 277 -12.48 -47.87 -35.15
CA ASN A 277 -11.13 -48.26 -35.54
C ASN A 277 -10.09 -47.15 -35.38
N GLY A 278 -10.50 -45.92 -35.07
CA GLY A 278 -9.59 -44.81 -34.91
C GLY A 278 -8.98 -44.26 -36.18
N HIS A 279 -9.38 -44.73 -37.35
CA HIS A 279 -8.84 -44.22 -38.59
C HIS A 279 -9.28 -42.77 -38.82
N ILE A 280 -8.45 -42.02 -39.53
CA ILE A 280 -8.71 -40.60 -39.77
C ILE A 280 -9.73 -40.46 -40.89
N VAL A 281 -10.86 -39.83 -40.57
CA VAL A 281 -11.88 -39.56 -41.58
C VAL A 281 -11.46 -38.37 -42.44
N TRP A 282 -11.26 -37.20 -41.81
CA TRP A 282 -10.84 -36.03 -42.54
C TRP A 282 -10.07 -35.09 -41.63
N LYS A 283 -9.31 -34.20 -42.26
CA LYS A 283 -8.52 -33.16 -41.61
C LYS A 283 -8.98 -31.81 -42.12
N GLY A 284 -8.84 -30.78 -41.29
CA GLY A 284 -9.28 -29.45 -41.68
C GLY A 284 -8.38 -28.39 -41.10
N THR A 285 -8.48 -27.19 -41.67
CA THR A 285 -7.58 -26.10 -41.33
C THR A 285 -8.38 -24.83 -41.14
N ILE A 286 -7.87 -23.96 -40.27
CA ILE A 286 -8.39 -22.61 -40.06
C ILE A 286 -7.35 -21.64 -40.63
N PRO A 287 -7.68 -20.83 -41.62
CA PRO A 287 -6.64 -20.09 -42.34
C PRO A 287 -5.91 -19.11 -41.44
N GLY A 288 -4.58 -19.04 -41.62
CA GLY A 288 -3.76 -18.15 -40.84
C GLY A 288 -3.66 -18.47 -39.37
N ALA A 289 -4.13 -19.64 -38.95
CA ALA A 289 -4.10 -20.01 -37.55
C ALA A 289 -2.66 -20.03 -37.03
N SER A 290 -2.46 -19.45 -35.86
CA SER A 290 -1.17 -19.53 -35.19
C SER A 290 -0.78 -21.00 -35.02
N ASN A 291 0.51 -21.28 -35.20
CA ASN A 291 0.99 -22.66 -35.08
C ASN A 291 0.55 -23.28 -33.76
N THR A 292 0.66 -22.53 -32.66
CA THR A 292 0.26 -22.99 -31.34
C THR A 292 -1.13 -22.51 -30.92
N GLY A 293 -1.83 -21.76 -31.77
CA GLY A 293 -3.10 -21.19 -31.37
C GLY A 293 -4.32 -22.06 -31.65
N ILE A 294 -4.17 -23.06 -32.52
CA ILE A 294 -5.33 -23.85 -32.94
C ILE A 294 -5.69 -24.93 -31.91
N GLY A 295 -4.70 -25.45 -31.18
CA GLY A 295 -4.92 -26.61 -30.35
C GLY A 295 -5.42 -26.39 -28.93
N ASN A 296 -5.77 -25.15 -28.56
CA ASN A 296 -6.26 -24.88 -27.22
C ASN A 296 -7.79 -24.92 -27.09
N VAL A 297 -8.52 -24.97 -28.19
CA VAL A 297 -9.98 -24.83 -28.17
C VAL A 297 -10.64 -26.14 -28.57
N SER A 298 -11.73 -26.47 -27.86
CA SER A 298 -12.55 -27.66 -28.06
C SER A 298 -13.62 -27.38 -29.12
N PRO A 299 -13.72 -28.20 -30.16
CA PRO A 299 -14.75 -27.96 -31.18
C PRO A 299 -16.14 -28.32 -30.66
N ALA A 300 -17.12 -27.50 -31.06
CA ALA A 300 -18.52 -27.76 -30.76
C ALA A 300 -19.19 -28.35 -31.99
N ALA A 301 -20.09 -29.32 -31.76
CA ALA A 301 -20.81 -30.00 -32.83
C ALA A 301 -22.30 -30.00 -32.56
N ALA A 302 -23.08 -29.57 -33.55
CA ALA A 302 -24.53 -29.74 -33.52
C ALA A 302 -25.05 -29.78 -34.96
N ASP A 303 -26.09 -30.59 -35.18
CA ASP A 303 -26.85 -30.62 -36.43
C ASP A 303 -25.95 -30.77 -37.65
N GLY A 304 -25.03 -31.73 -37.58
CA GLY A 304 -24.15 -32.00 -38.71
C GLY A 304 -23.10 -30.94 -38.98
N VAL A 305 -22.89 -29.99 -38.06
CA VAL A 305 -21.90 -28.94 -38.23
C VAL A 305 -20.92 -29.00 -37.07
N VAL A 306 -19.64 -28.77 -37.35
CA VAL A 306 -18.57 -28.76 -36.36
C VAL A 306 -17.88 -27.40 -36.44
N VAL A 307 -17.84 -26.68 -35.31
CA VAL A 307 -17.34 -25.31 -35.27
C VAL A 307 -16.07 -25.26 -34.43
N LEU A 308 -15.07 -24.53 -34.92
CA LEU A 308 -13.85 -24.28 -34.17
C LEU A 308 -13.34 -22.88 -34.51
N ASP A 309 -12.59 -22.29 -33.58
CA ASP A 309 -11.95 -21.00 -33.81
C ASP A 309 -10.49 -21.06 -33.38
N ALA A 310 -9.67 -20.19 -33.96
CA ALA A 310 -8.25 -20.19 -33.67
C ALA A 310 -7.71 -18.77 -33.80
N THR A 311 -6.59 -18.52 -33.12
CA THR A 311 -5.94 -17.22 -33.10
C THR A 311 -4.87 -17.16 -34.18
N THR A 312 -4.74 -16.01 -34.83
CA THR A 312 -3.73 -15.81 -35.85
C THR A 312 -2.38 -15.49 -35.22
N LYS A 313 -1.31 -15.95 -35.85
CA LYS A 313 0.05 -15.73 -35.36
C LYS A 313 0.49 -14.29 -35.58
N MET A 321 -2.11 -7.18 -33.32
CA MET A 321 -1.18 -8.21 -33.76
C MET A 321 -1.83 -9.59 -33.60
N PHE A 322 -3.03 -9.62 -33.03
CA PHE A 322 -3.78 -10.85 -32.82
C PHE A 322 -5.15 -10.73 -33.47
N SER A 323 -5.58 -11.78 -34.16
CA SER A 323 -6.95 -11.87 -34.63
C SER A 323 -7.49 -13.25 -34.26
N ASN A 324 -8.80 -13.42 -34.45
CA ASN A 324 -9.46 -14.68 -34.15
C ASN A 324 -10.38 -15.06 -35.30
N VAL A 325 -10.24 -16.29 -35.79
CA VAL A 325 -10.96 -16.75 -36.98
C VAL A 325 -11.75 -18.00 -36.63
N ILE A 326 -13.06 -17.97 -36.93
CA ILE A 326 -13.97 -19.08 -36.69
C ILE A 326 -14.34 -19.72 -38.02
N ARG A 327 -14.41 -21.05 -38.05
CA ARG A 327 -14.74 -21.80 -39.25
C ARG A 327 -15.62 -22.98 -38.89
N ALA A 328 -16.66 -23.21 -39.70
CA ALA A 328 -17.59 -24.31 -39.53
C ALA A 328 -17.35 -25.37 -40.61
N PHE A 329 -17.39 -26.63 -40.22
CA PHE A 329 -17.14 -27.75 -41.11
C PHE A 329 -18.38 -28.63 -41.19
N ASP A 330 -18.50 -29.36 -42.29
CA ASP A 330 -19.47 -30.44 -42.37
C ASP A 330 -18.94 -31.60 -41.54
N ALA A 331 -19.76 -32.07 -40.59
CA ALA A 331 -19.29 -33.10 -39.66
C ALA A 331 -18.82 -34.34 -40.39
N LYS A 332 -19.55 -34.77 -41.43
CA LYS A 332 -19.24 -36.04 -42.05
C LYS A 332 -18.06 -35.93 -43.01
N THR A 333 -18.09 -34.96 -43.93
CA THR A 333 -17.05 -34.85 -44.95
C THR A 333 -15.94 -33.87 -44.64
N GLY A 334 -16.11 -32.98 -43.66
CA GLY A 334 -15.10 -31.96 -43.42
C GLY A 334 -15.14 -30.77 -44.35
N ALA A 335 -16.11 -30.69 -45.25
CA ALA A 335 -16.17 -29.58 -46.20
C ALA A 335 -16.39 -28.27 -45.46
N VAL A 336 -15.74 -27.21 -45.94
CA VAL A 336 -15.77 -25.93 -45.26
C VAL A 336 -17.09 -25.24 -45.57
N LEU A 337 -17.89 -25.01 -44.52
CA LEU A 337 -19.18 -24.36 -44.69
C LEU A 337 -19.03 -22.84 -44.75
N TRP A 338 -18.45 -22.25 -43.70
CA TRP A 338 -18.27 -20.80 -43.67
C TRP A 338 -17.14 -20.46 -42.71
N THR A 339 -16.61 -19.25 -42.89
CA THR A 339 -15.50 -18.74 -42.09
C THR A 339 -15.73 -17.27 -41.80
N ARG A 340 -15.42 -16.86 -40.57
CA ARG A 340 -15.53 -15.45 -40.19
C ARG A 340 -14.34 -15.05 -39.33
N ASN A 341 -13.99 -13.77 -39.39
CA ASN A 341 -12.99 -13.17 -38.52
C ASN A 341 -13.71 -12.46 -37.39
N MET A 342 -13.42 -12.88 -36.15
CA MET A 342 -14.16 -12.38 -35.00
C MET A 342 -13.68 -11.03 -34.49
N GLY A 343 -12.46 -10.64 -34.79
CA GLY A 343 -11.94 -9.35 -34.37
C GLY A 343 -10.44 -9.40 -34.19
N SER A 344 -9.88 -8.25 -33.85
CA SER A 344 -8.44 -8.14 -33.69
C SER A 344 -8.12 -7.36 -32.42
N GLY A 345 -6.82 -7.20 -32.15
CA GLY A 345 -6.36 -6.45 -31.00
C GLY A 345 -5.15 -7.07 -30.32
N PHE A 351 -3.01 -13.88 -27.86
CA PHE A 351 -3.29 -14.67 -26.66
C PHE A 351 -4.01 -15.98 -27.00
N LYS A 352 -5.32 -16.03 -26.76
CA LYS A 352 -6.06 -17.28 -26.76
C LYS A 352 -7.34 -17.14 -27.57
N GLY A 353 -7.98 -18.29 -27.81
CA GLY A 353 -9.27 -18.35 -28.45
C GLY A 353 -10.42 -18.63 -27.49
N GLY A 354 -11.64 -18.35 -27.93
CA GLY A 354 -12.83 -18.60 -27.12
C GLY A 354 -13.45 -19.96 -27.40
N VAL A 355 -14.15 -20.49 -26.41
CA VAL A 355 -14.78 -21.80 -26.51
C VAL A 355 -16.22 -21.60 -27.01
N PRO A 356 -16.59 -22.18 -28.15
CA PRO A 356 -17.94 -21.95 -28.68
C PRO A 356 -19.00 -22.83 -28.02
N MET A 357 -20.23 -22.30 -28.01
CA MET A 357 -21.44 -23.05 -27.70
C MET A 357 -22.39 -23.00 -28.89
N ILE A 358 -23.09 -24.10 -29.13
CA ILE A 358 -24.17 -24.14 -30.14
C ILE A 358 -25.47 -24.46 -29.41
N HIS A 359 -26.44 -23.57 -29.52
CA HIS A 359 -27.79 -23.81 -29.01
C HIS A 359 -28.83 -23.28 -29.98
N ASN A 360 -29.81 -24.12 -30.31
CA ASN A 360 -30.87 -23.78 -31.25
C ASN A 360 -30.28 -23.24 -32.55
N ASN A 361 -29.27 -23.93 -33.07
CA ASN A 361 -28.64 -23.59 -34.34
C ASN A 361 -28.03 -22.19 -34.32
N ILE A 362 -27.65 -21.71 -33.14
CA ILE A 362 -26.92 -20.46 -33.00
C ILE A 362 -25.61 -20.75 -32.26
N VAL A 363 -24.51 -20.25 -32.79
CA VAL A 363 -23.21 -20.33 -32.15
C VAL A 363 -22.97 -19.05 -31.36
N TYR A 364 -22.67 -19.19 -30.08
CA TYR A 364 -22.25 -18.08 -29.23
C TYR A 364 -20.82 -18.34 -28.82
N VAL A 365 -19.92 -17.41 -29.14
CA VAL A 365 -18.49 -17.62 -28.98
C VAL A 365 -17.83 -16.32 -28.51
N GLY A 366 -16.84 -16.45 -27.65
CA GLY A 366 -16.10 -15.30 -27.16
C GLY A 366 -14.84 -15.03 -27.95
N ASN A 367 -14.40 -13.77 -27.90
CA ASN A 367 -13.14 -13.35 -28.52
C ASN A 367 -12.29 -12.65 -27.47
N PRO A 368 -11.41 -13.39 -26.79
CA PRO A 368 -10.63 -12.77 -25.70
C PRO A 368 -9.69 -11.68 -26.17
N VAL A 369 -9.18 -11.75 -27.40
CA VAL A 369 -8.35 -10.68 -27.93
C VAL A 369 -9.13 -9.36 -27.95
N ALA A 370 -10.36 -9.39 -28.47
CA ALA A 370 -11.20 -8.21 -28.56
C ALA A 370 -12.12 -8.04 -27.36
N SER A 371 -12.14 -9.00 -26.44
CA SER A 371 -13.01 -8.97 -25.26
C SER A 371 -14.48 -8.83 -25.65
N THR A 372 -14.89 -9.65 -26.61
CA THR A 372 -16.25 -9.62 -27.13
C THR A 372 -16.81 -11.04 -27.22
N TYR A 373 -18.13 -11.13 -27.16
CA TYR A 373 -18.86 -12.32 -27.55
C TYR A 373 -19.71 -12.03 -28.79
N GLN A 374 -19.82 -13.02 -29.67
CA GLN A 374 -20.56 -12.87 -30.91
C GLN A 374 -21.50 -14.05 -31.08
N ALA A 375 -22.60 -13.80 -31.79
CA ALA A 375 -23.58 -14.83 -32.14
C ALA A 375 -23.58 -15.02 -33.65
N TYR A 376 -23.32 -16.24 -34.09
CA TYR A 376 -23.39 -16.60 -35.50
C TYR A 376 -24.47 -17.66 -35.72
N GLU A 377 -25.17 -17.59 -36.86
CA GLU A 377 -26.09 -18.66 -37.21
C GLU A 377 -25.31 -19.89 -37.63
N LEU A 378 -25.69 -21.05 -37.08
CA LEU A 378 -24.91 -22.26 -37.23
C LEU A 378 -24.65 -22.59 -38.70
N LYS A 379 -25.69 -22.55 -39.53
CA LYS A 379 -25.56 -23.01 -40.91
C LYS A 379 -24.93 -21.97 -41.81
N THR A 380 -25.40 -20.71 -41.73
CA THR A 380 -24.96 -19.68 -42.67
C THR A 380 -23.73 -18.90 -42.22
N GLY A 381 -23.40 -18.89 -40.95
CA GLY A 381 -22.31 -18.05 -40.51
C GLY A 381 -22.63 -16.58 -40.41
N LYS A 382 -23.91 -16.21 -40.44
CA LYS A 382 -24.29 -14.81 -40.35
C LYS A 382 -24.08 -14.29 -38.93
N LEU A 383 -23.56 -13.07 -38.82
CA LEU A 383 -23.22 -12.50 -37.53
C LEU A 383 -24.44 -11.77 -36.99
N LEU A 384 -25.02 -12.31 -35.94
CA LEU A 384 -26.25 -11.74 -35.38
C LEU A 384 -25.96 -10.49 -34.54
N TRP A 385 -25.01 -10.57 -33.61
CA TRP A 385 -24.67 -9.43 -32.77
C TRP A 385 -23.27 -9.61 -32.21
N THR A 386 -22.73 -8.51 -31.69
CA THR A 386 -21.44 -8.50 -31.00
C THR A 386 -21.60 -7.72 -29.71
N TRP A 387 -21.19 -8.31 -28.59
CA TRP A 387 -21.30 -7.68 -27.28
C TRP A 387 -19.93 -7.48 -26.68
N HIS A 388 -19.61 -6.22 -26.35
CA HIS A 388 -18.34 -5.83 -25.76
C HIS A 388 -18.43 -5.99 -24.24
N VAL A 389 -17.40 -6.57 -23.64
CA VAL A 389 -17.41 -6.77 -22.19
C VAL A 389 -17.38 -5.41 -21.50
N PRO A 390 -18.29 -5.14 -20.56
CA PRO A 390 -18.41 -3.76 -20.03
C PRO A 390 -17.20 -3.26 -19.26
N THR A 391 -16.73 -4.00 -18.27
CA THR A 391 -15.62 -3.48 -17.50
C THR A 391 -14.34 -3.89 -18.23
N LYS A 392 -13.19 -3.36 -17.83
CA LYS A 392 -11.96 -3.71 -18.50
C LYS A 392 -11.21 -4.71 -17.62
N VAL A 393 -11.23 -5.97 -18.03
CA VAL A 393 -10.41 -7.02 -17.44
C VAL A 393 -9.38 -7.39 -18.51
N ALA A 394 -8.12 -7.01 -18.27
CA ALA A 394 -7.10 -7.12 -19.29
C ALA A 394 -6.72 -8.57 -19.60
N ALA A 395 -7.18 -9.52 -18.79
CA ALA A 395 -6.79 -10.92 -18.86
C ALA A 395 -7.19 -11.61 -20.16
N GLY A 396 -7.90 -10.94 -21.07
CA GLY A 396 -8.50 -11.65 -22.19
C GLY A 396 -9.81 -12.31 -21.83
N ALA A 397 -10.71 -11.52 -21.24
CA ALA A 397 -12.07 -11.95 -20.99
C ALA A 397 -12.73 -12.43 -22.26
N GLY A 398 -13.53 -13.48 -22.15
CA GLY A 398 -14.21 -14.06 -23.30
C GLY A 398 -13.70 -15.39 -23.82
N ARG A 399 -12.81 -16.07 -23.10
CA ARG A 399 -12.38 -17.38 -23.59
C ARG A 399 -13.40 -18.48 -23.27
N SER A 400 -14.12 -18.36 -22.15
CA SER A 400 -15.01 -19.42 -21.71
C SER A 400 -16.28 -19.45 -22.57
N ALA A 401 -16.91 -20.64 -22.61
CA ALA A 401 -18.15 -20.83 -23.35
C ALA A 401 -19.35 -20.30 -22.59
N PRO A 402 -20.27 -19.61 -23.27
CA PRO A 402 -21.52 -19.20 -22.62
C PRO A 402 -22.46 -20.36 -22.37
N THR A 403 -23.39 -20.15 -21.44
CA THR A 403 -24.44 -21.11 -21.14
C THR A 403 -25.81 -20.46 -21.37
N TYR A 404 -26.62 -21.10 -22.22
CA TYR A 404 -27.96 -20.63 -22.58
C TYR A 404 -28.97 -21.48 -21.83
N TYR A 405 -29.73 -20.86 -20.92
CA TYR A 405 -30.70 -21.58 -20.12
C TYR A 405 -31.98 -20.76 -20.02
N LYS A 406 -33.09 -21.35 -20.43
CA LYS A 406 -34.43 -20.74 -20.37
C LYS A 406 -34.45 -19.32 -20.95
N GLY A 407 -33.91 -19.18 -22.16
CA GLY A 407 -34.00 -17.93 -22.89
C GLY A 407 -33.03 -16.85 -22.51
N LEU A 408 -31.97 -17.18 -21.76
CA LEU A 408 -30.98 -16.20 -21.34
C LEU A 408 -29.58 -16.77 -21.50
N LEU A 409 -28.62 -15.86 -21.65
CA LEU A 409 -27.20 -16.23 -21.70
C LEU A 409 -26.55 -15.97 -20.35
N TYR A 410 -25.75 -16.92 -19.90
CA TYR A 410 -24.96 -16.76 -18.68
C TYR A 410 -23.49 -16.93 -19.04
N ILE A 411 -22.67 -15.94 -18.68
CA ILE A 411 -21.27 -15.91 -19.06
C ILE A 411 -20.45 -15.62 -17.82
N THR A 412 -19.58 -16.55 -17.44
CA THR A 412 -18.60 -16.32 -16.39
C THR A 412 -17.30 -15.90 -17.06
N THR A 413 -16.91 -14.63 -16.86
CA THR A 413 -15.66 -14.13 -17.38
C THR A 413 -15.15 -13.04 -16.45
N GLY A 414 -13.83 -12.88 -16.40
CA GLY A 414 -13.24 -11.98 -15.42
C GLY A 414 -13.60 -12.40 -14.02
N GLN A 415 -14.02 -11.43 -13.21
CA GLN A 415 -14.48 -11.69 -11.86
C GLN A 415 -15.99 -11.77 -11.73
N TYR A 416 -16.72 -11.65 -12.85
CA TYR A 416 -18.17 -11.54 -12.83
C TYR A 416 -18.81 -12.72 -13.56
N ILE A 417 -20.08 -12.98 -13.24
CA ILE A 417 -20.98 -13.76 -14.08
C ILE A 417 -22.01 -12.80 -14.68
N PHE A 418 -22.19 -12.87 -15.98
CA PHE A 418 -23.05 -11.95 -16.71
C PHE A 418 -24.33 -12.66 -17.17
N VAL A 419 -25.41 -11.89 -17.24
CA VAL A 419 -26.67 -12.33 -17.84
C VAL A 419 -26.86 -11.49 -19.09
N VAL A 420 -27.02 -12.15 -20.24
CA VAL A 420 -27.05 -11.46 -21.53
C VAL A 420 -28.27 -11.92 -22.32
N ASN A 421 -28.88 -10.97 -23.03
CA ASN A 421 -30.01 -11.26 -23.90
C ASN A 421 -29.53 -11.97 -25.16
N PRO A 422 -29.92 -13.22 -25.41
CA PRO A 422 -29.44 -13.90 -26.62
C PRO A 422 -29.97 -13.29 -27.90
N ALA A 423 -31.11 -12.59 -27.85
CA ALA A 423 -31.66 -11.97 -29.05
C ALA A 423 -30.87 -10.73 -29.46
N THR A 424 -30.71 -9.76 -28.55
CA THR A 424 -30.10 -8.49 -28.87
C THR A 424 -28.62 -8.40 -28.54
N GLY A 425 -28.07 -9.38 -27.82
CA GLY A 425 -26.69 -9.27 -27.38
C GLY A 425 -26.43 -8.08 -26.48
N LYS A 426 -27.41 -7.68 -25.68
CA LYS A 426 -27.28 -6.59 -24.74
C LYS A 426 -27.09 -7.14 -23.33
N GLU A 427 -26.16 -6.52 -22.61
CA GLU A 427 -25.93 -6.90 -21.22
C GLU A 427 -27.18 -6.61 -20.40
N LEU A 428 -27.69 -7.63 -19.72
CA LEU A 428 -28.83 -7.46 -18.83
C LEU A 428 -28.36 -7.22 -17.38
N HIS A 429 -27.71 -8.22 -16.80
CA HIS A 429 -27.23 -8.13 -15.43
C HIS A 429 -25.75 -8.46 -15.37
N GLN A 430 -25.12 -8.03 -14.27
CA GLN A 430 -23.76 -8.39 -13.95
C GLN A 430 -23.68 -8.64 -12.45
N HIS A 431 -22.99 -9.71 -12.05
CA HIS A 431 -22.92 -10.11 -10.65
C HIS A 431 -21.46 -10.35 -10.30
N HIS A 432 -20.96 -9.67 -9.27
CA HIS A 432 -19.56 -9.80 -8.90
C HIS A 432 -19.33 -11.00 -7.99
N ILE A 433 -18.24 -11.71 -8.24
CA ILE A 433 -17.84 -12.88 -7.48
C ILE A 433 -16.42 -12.65 -6.97
N GLY A 434 -15.50 -12.42 -7.89
CA GLY A 434 -14.09 -12.30 -7.60
C GLY A 434 -13.32 -13.49 -8.14
N GLY A 435 -12.03 -13.51 -7.80
CA GLY A 435 -11.15 -14.51 -8.38
C GLY A 435 -10.97 -14.26 -9.87
N GLN A 436 -10.93 -15.35 -10.64
CA GLN A 436 -10.93 -15.26 -12.09
C GLN A 436 -11.59 -16.50 -12.65
N PHE A 437 -12.31 -16.34 -13.76
CA PHE A 437 -12.84 -17.48 -14.51
C PHE A 437 -12.07 -17.54 -15.83
N GLY A 438 -11.13 -18.47 -15.95
CA GLY A 438 -10.48 -18.62 -17.24
C GLY A 438 -11.30 -19.32 -18.30
N ILE A 439 -11.34 -20.66 -18.23
CA ILE A 439 -12.05 -21.47 -19.21
C ILE A 439 -13.38 -22.02 -18.68
N GLU A 440 -13.71 -21.76 -17.41
CA GLU A 440 -14.87 -22.36 -16.80
C GLU A 440 -16.17 -21.72 -17.28
N SER A 441 -17.17 -22.57 -17.53
CA SER A 441 -18.50 -22.14 -17.91
C SER A 441 -19.50 -22.54 -16.83
N PRO A 442 -20.54 -21.75 -16.62
CA PRO A 442 -21.53 -22.09 -15.59
C PRO A 442 -22.31 -23.35 -15.93
N VAL A 443 -22.50 -24.19 -14.91
CA VAL A 443 -23.32 -25.39 -14.99
C VAL A 443 -24.60 -25.09 -14.21
N ILE A 444 -25.72 -25.04 -14.92
CA ILE A 444 -26.99 -24.62 -14.34
C ILE A 444 -27.91 -25.82 -14.25
N VAL A 445 -28.39 -26.10 -13.04
CA VAL A 445 -29.36 -27.17 -12.80
C VAL A 445 -30.52 -26.56 -12.03
N GLY A 446 -31.69 -26.54 -12.64
CA GLY A 446 -32.85 -25.94 -11.99
C GLY A 446 -32.65 -24.45 -11.79
N GLY A 447 -32.78 -24.02 -10.55
CA GLY A 447 -32.58 -22.63 -10.18
C GLY A 447 -31.25 -22.38 -9.51
N THR A 448 -30.29 -23.27 -9.74
CA THR A 448 -28.99 -23.21 -9.10
C THR A 448 -27.89 -23.12 -10.15
N VAL A 449 -26.95 -22.20 -9.95
CA VAL A 449 -25.75 -22.08 -10.76
C VAL A 449 -24.60 -22.74 -10.02
N TYR A 450 -23.84 -23.58 -10.72
CA TYR A 450 -22.66 -24.22 -10.15
C TYR A 450 -21.41 -23.74 -10.87
N LEU A 451 -20.37 -23.42 -10.09
CA LEU A 451 -19.19 -22.79 -10.63
C LEU A 451 -17.93 -23.35 -9.99
N THR A 452 -16.84 -23.30 -10.74
CA THR A 452 -15.50 -23.38 -10.20
C THR A 452 -14.78 -22.08 -10.53
N ASN A 453 -13.76 -21.76 -9.76
CA ASN A 453 -13.02 -20.52 -9.94
C ASN A 453 -11.53 -20.84 -10.01
N SER A 454 -10.78 -19.98 -10.68
CA SER A 454 -9.35 -20.20 -10.87
C SER A 454 -8.55 -19.95 -9.61
N TRP A 455 -9.19 -19.41 -8.57
CA TRP A 455 -8.63 -19.26 -7.24
C TRP A 455 -8.81 -20.52 -6.42
N ASP A 456 -9.19 -21.61 -7.10
CA ASP A 456 -9.38 -22.93 -6.53
C ASP A 456 -10.55 -22.92 -5.55
N TRP A 457 -11.76 -22.69 -6.08
CA TRP A 457 -13.01 -22.73 -5.34
C TRP A 457 -14.06 -23.52 -6.11
N ILE A 458 -14.94 -24.18 -5.36
CA ILE A 458 -16.20 -24.72 -5.87
C ILE A 458 -17.33 -23.98 -5.18
N MET A 459 -18.29 -23.46 -5.95
CA MET A 459 -19.35 -22.68 -5.35
C MET A 459 -20.69 -23.02 -5.98
N ALA A 460 -21.76 -22.70 -5.26
CA ALA A 460 -23.13 -22.80 -5.76
C ALA A 460 -23.84 -21.48 -5.48
N ILE A 461 -24.48 -20.93 -6.50
CA ILE A 461 -25.21 -19.67 -6.37
C ILE A 461 -26.64 -19.90 -6.84
N PRO A 462 -27.65 -19.34 -6.18
CA PRO A 462 -29.01 -19.46 -6.69
C PRO A 462 -29.19 -18.62 -7.94
N LEU A 463 -29.89 -19.19 -8.92
CA LEU A 463 -30.11 -18.49 -10.18
C LEU A 463 -30.94 -17.24 -9.97
N LYS A 464 -31.84 -17.26 -8.97
CA LYS A 464 -32.66 -16.10 -8.65
C LYS A 464 -31.80 -14.88 -8.34
N THR A 465 -30.67 -15.08 -7.65
CA THR A 465 -29.84 -13.95 -7.26
C THR A 465 -29.32 -13.19 -8.48
N ILE A 466 -29.00 -13.90 -9.56
CA ILE A 466 -28.48 -13.26 -10.77
C ILE A 466 -29.63 -12.71 -11.61
N VAL B 5 -9.54 21.72 43.74
CA VAL B 5 -9.79 21.69 42.30
C VAL B 5 -10.93 20.72 41.96
N ALA B 6 -11.73 21.09 40.98
CA ALA B 6 -12.89 20.29 40.57
C ALA B 6 -12.52 19.45 39.35
N VAL B 7 -12.81 18.16 39.43
CA VAL B 7 -12.70 17.25 38.30
C VAL B 7 -14.07 16.61 38.11
N PRO B 8 -14.34 16.00 36.95
CA PRO B 8 -15.62 15.31 36.80
C PRO B 8 -15.77 14.24 37.87
N MET B 9 -16.82 14.39 38.68
CA MET B 9 -17.00 13.56 39.86
C MET B 9 -18.47 13.59 40.25
N ASP B 10 -18.94 12.51 40.85
CA ASP B 10 -20.21 12.50 41.57
C ASP B 10 -19.88 12.50 43.06
N SER B 11 -20.23 13.59 43.73
CA SER B 11 -19.85 13.76 45.13
C SER B 11 -20.37 12.63 46.01
N THR B 12 -21.54 12.07 45.67
CA THR B 12 -22.08 10.90 46.32
C THR B 12 -21.80 9.61 45.54
N GLY B 13 -21.14 9.71 44.39
CA GLY B 13 -21.04 8.59 43.48
C GLY B 13 -19.95 7.62 43.87
N PRO B 14 -19.83 6.56 43.08
CA PRO B 14 -18.84 5.52 43.38
C PRO B 14 -17.38 5.96 43.22
N TYR B 15 -17.11 7.05 42.52
CA TYR B 15 -15.74 7.54 42.37
C TYR B 15 -15.34 8.56 43.43
N ARG B 16 -16.21 8.84 44.40
CA ARG B 16 -15.88 9.81 45.43
C ARG B 16 -14.76 9.31 46.33
N THR B 17 -14.09 10.26 46.99
CA THR B 17 -13.04 9.92 47.95
C THR B 17 -13.66 9.49 49.26
N VAL B 18 -13.34 8.27 49.70
CA VAL B 18 -13.84 7.73 50.96
C VAL B 18 -12.68 7.74 51.95
N SER B 19 -12.88 8.38 53.10
CA SER B 19 -11.85 8.52 54.12
C SER B 19 -12.30 7.85 55.41
N HIS B 20 -11.47 6.93 55.92
CA HIS B 20 -11.68 6.27 57.22
C HIS B 20 -10.47 6.54 58.12
N PRO B 21 -10.41 7.71 58.76
CA PRO B 21 -9.25 8.02 59.61
C PRO B 21 -9.03 7.02 60.74
N GLU B 22 -10.06 6.26 61.11
CA GLU B 22 -9.97 5.31 62.21
C GLU B 22 -8.92 4.22 61.96
N ASN B 23 -8.56 3.97 60.70
CA ASN B 23 -7.63 2.89 60.37
C ASN B 23 -6.20 3.37 60.23
N ALA B 24 -5.95 4.67 60.36
CA ALA B 24 -4.59 5.16 60.26
C ALA B 24 -3.76 4.66 61.44
N PRO B 25 -2.53 4.22 61.21
CA PRO B 25 -1.64 3.89 62.33
C PRO B 25 -1.27 5.15 63.09
N SER B 26 -0.93 4.96 64.36
CA SER B 26 -0.54 6.07 65.21
C SER B 26 0.66 5.66 66.03
N GLY B 27 1.05 6.50 66.98
CA GLY B 27 2.22 6.28 67.79
C GLY B 27 3.42 5.79 67.00
N VAL B 28 4.11 4.77 67.54
CA VAL B 28 5.26 4.21 66.86
C VAL B 28 4.88 3.45 65.59
N ASP B 29 3.62 3.03 65.46
CA ASP B 29 3.17 2.39 64.22
C ASP B 29 3.22 3.35 63.04
N ALA B 30 3.09 4.65 63.29
CA ALA B 30 3.14 5.64 62.22
C ALA B 30 4.55 6.04 61.85
N GLY B 31 5.56 5.43 62.46
CA GLY B 31 6.94 5.67 62.05
C GLY B 31 7.54 4.50 61.29
N VAL B 32 6.82 3.39 61.24
CA VAL B 32 7.34 2.16 60.65
C VAL B 32 7.54 2.34 59.15
N GLY B 33 8.68 1.86 58.66
CA GLY B 33 9.03 1.99 57.26
C GLY B 33 9.62 3.36 56.95
N PRO B 34 10.04 3.57 55.70
CA PRO B 34 10.62 4.85 55.33
C PRO B 34 9.64 5.99 55.49
N SER B 35 10.18 7.22 55.55
CA SER B 35 9.37 8.42 55.68
C SER B 35 9.08 9.10 54.35
N GLU B 36 9.60 8.58 53.24
CA GLU B 36 9.30 9.15 51.94
C GLU B 36 9.50 8.09 50.86
N TRP B 37 8.78 8.25 49.75
CA TRP B 37 8.93 7.41 48.56
C TRP B 37 9.06 8.33 47.36
N THR B 38 10.26 8.44 46.80
CA THR B 38 10.52 9.39 45.72
C THR B 38 10.59 8.79 44.33
N HIS B 39 10.53 7.46 44.19
CA HIS B 39 10.83 6.83 42.93
C HIS B 39 9.98 5.60 42.73
N ALA B 40 9.83 5.18 41.48
CA ALA B 40 9.46 3.81 41.22
C ALA B 40 10.50 2.92 41.86
N TYR B 41 10.04 1.98 42.69
CA TYR B 41 10.90 1.12 43.50
C TYR B 41 11.67 1.94 44.54
N ALA B 42 11.14 3.12 44.86
CA ALA B 42 11.48 3.99 45.98
C ALA B 42 12.79 4.74 45.88
N ASN B 43 13.74 4.25 45.08
CA ASN B 43 15.05 4.87 45.02
C ASN B 43 15.66 4.60 43.65
N PRO B 44 16.60 5.45 43.20
CA PRO B 44 17.21 5.26 41.88
C PRO B 44 17.81 3.89 41.62
N ALA B 45 18.14 3.15 42.68
CA ALA B 45 18.71 1.83 42.52
C ALA B 45 17.67 0.75 42.29
N HIS B 46 16.38 1.08 42.46
CA HIS B 46 15.29 0.14 42.27
C HIS B 46 15.38 -1.04 43.23
N ASN B 47 15.98 -0.82 44.38
CA ASN B 47 16.00 -1.80 45.46
C ASN B 47 15.18 -1.23 46.60
N ALA B 48 13.98 -1.76 46.82
CA ALA B 48 13.19 -1.35 47.97
C ALA B 48 13.33 -2.45 49.01
N ALA B 49 14.27 -2.23 49.92
CA ALA B 49 14.53 -3.13 51.05
C ALA B 49 14.84 -2.22 52.23
N PHE B 50 14.00 -2.26 53.25
CA PHE B 50 14.14 -1.33 54.35
C PHE B 50 14.35 -2.07 55.67
N PRO B 51 15.55 -2.00 56.26
CA PRO B 51 15.72 -2.57 57.60
C PRO B 51 15.03 -1.69 58.63
N VAL B 52 14.66 -2.30 59.75
CA VAL B 52 13.97 -1.56 60.81
C VAL B 52 14.85 -1.53 62.06
N PRO B 53 14.70 -0.53 62.92
CA PRO B 53 15.43 -0.53 64.18
C PRO B 53 15.07 -1.75 65.01
N ASP B 54 15.96 -2.09 65.96
CA ASP B 54 15.72 -3.22 66.84
C ASP B 54 14.50 -3.00 67.73
N ASP B 55 14.21 -1.76 68.08
CA ASP B 55 13.07 -1.45 68.95
C ASP B 55 11.78 -1.19 68.17
N ALA B 56 11.80 -1.37 66.84
CA ALA B 56 10.60 -1.18 66.05
C ALA B 56 9.51 -2.14 66.56
N PRO B 57 8.23 -1.80 66.37
CA PRO B 57 7.17 -2.68 66.87
C PRO B 57 7.35 -4.08 66.31
N GLU B 58 7.01 -5.07 67.14
CA GLU B 58 7.38 -6.44 66.80
C GLU B 58 6.59 -6.98 65.62
N TRP B 59 5.39 -6.46 65.36
CA TRP B 59 4.53 -7.03 64.34
C TRP B 59 5.18 -6.97 62.96
N ILE B 60 5.93 -5.90 62.68
CA ILE B 60 6.63 -5.85 61.41
C ILE B 60 7.90 -6.70 61.43
N ARG B 61 8.54 -6.83 62.59
CA ARG B 61 9.75 -7.64 62.65
C ARG B 61 9.45 -9.11 62.44
N ASN B 62 8.38 -9.62 63.07
CA ASN B 62 7.98 -10.98 62.79
C ASN B 62 7.18 -11.09 61.49
N GLY B 63 6.49 -10.03 61.10
CA GLY B 63 5.71 -10.05 59.87
C GLY B 63 4.23 -10.24 60.13
N VAL B 64 3.41 -9.65 59.26
CA VAL B 64 1.97 -9.79 59.31
C VAL B 64 1.49 -10.42 58.01
N SER B 65 0.31 -11.01 58.05
CA SER B 65 -0.28 -11.67 56.89
C SER B 65 -1.71 -11.18 56.72
N TRP B 66 -1.97 -10.46 55.62
CA TRP B 66 -3.31 -10.03 55.27
C TRP B 66 -3.42 -9.85 53.76
N LEU B 67 -4.65 -9.91 53.28
CA LEU B 67 -4.97 -9.80 51.85
C LEU B 67 -6.08 -8.79 51.68
N PHE B 68 -5.87 -7.79 50.83
CA PHE B 68 -6.82 -6.70 50.64
C PHE B 68 -7.35 -6.71 49.21
N PRO B 69 -8.65 -6.94 49.01
CA PRO B 69 -9.22 -6.84 47.66
C PRO B 69 -9.28 -5.39 47.20
N GLU B 70 -8.82 -5.15 45.98
CA GLU B 70 -9.05 -3.88 45.32
C GLU B 70 -10.34 -3.99 44.50
N ALA B 71 -10.73 -2.88 43.85
CA ALA B 71 -12.09 -2.78 43.33
C ALA B 71 -12.43 -3.90 42.35
N ARG B 72 -11.51 -4.22 41.44
CA ARG B 72 -11.68 -5.28 40.46
C ARG B 72 -11.00 -6.60 40.84
N ALA B 73 -10.68 -6.78 42.12
CA ALA B 73 -9.97 -7.98 42.57
C ALA B 73 -10.59 -9.26 42.00
N TRP B 74 -9.74 -10.15 41.52
CA TRP B 74 -10.03 -11.42 40.90
C TRP B 74 -9.32 -12.53 41.66
N PRO B 75 -9.97 -13.68 41.87
CA PRO B 75 -9.37 -14.71 42.74
C PRO B 75 -8.04 -15.21 42.19
N LEU B 76 -7.07 -15.34 43.09
CA LEU B 76 -5.71 -15.70 42.68
C LEU B 76 -5.64 -17.08 42.07
N ALA B 77 -6.56 -17.98 42.45
CA ALA B 77 -6.55 -19.32 41.89
C ALA B 77 -7.05 -19.33 40.45
N ASN B 78 -7.90 -18.38 40.09
CA ASN B 78 -8.54 -18.41 38.78
C ASN B 78 -7.53 -18.03 37.70
N PRO B 79 -7.71 -18.53 36.48
CA PRO B 79 -6.87 -18.10 35.37
C PRO B 79 -7.23 -16.67 34.97
N PRO B 80 -6.50 -16.08 34.01
CA PRO B 80 -6.80 -14.69 33.64
C PRO B 80 -8.19 -14.58 33.04
N PHE B 81 -8.94 -13.58 33.49
CA PHE B 81 -10.28 -13.33 32.96
C PHE B 81 -10.19 -13.00 31.47
N GLY B 82 -11.12 -13.56 30.70
CA GLY B 82 -11.09 -13.39 29.26
C GLY B 82 -10.10 -14.29 28.58
N SER B 83 -9.87 -15.49 29.12
CA SER B 83 -8.88 -16.40 28.56
C SER B 83 -9.32 -16.96 27.21
N LYS B 84 -10.54 -17.51 27.15
CA LYS B 84 -10.96 -18.23 25.94
C LYS B 84 -11.04 -17.31 24.74
N THR B 85 -11.42 -16.05 24.93
CA THR B 85 -11.48 -15.12 23.81
C THR B 85 -10.10 -14.57 23.44
N TYR B 86 -9.32 -14.14 24.44
CA TYR B 86 -8.03 -13.52 24.19
C TYR B 86 -6.87 -14.50 24.11
N GLY B 87 -7.02 -15.71 24.62
CA GLY B 87 -5.87 -16.52 24.94
C GLY B 87 -5.32 -16.20 26.32
N ALA B 88 -4.57 -17.15 26.88
CA ALA B 88 -4.14 -17.03 28.26
C ALA B 88 -3.20 -15.85 28.46
N ALA B 89 -2.20 -15.70 27.59
CA ALA B 89 -1.21 -14.64 27.75
C ALA B 89 -1.81 -13.26 27.48
N GLU B 90 -2.60 -13.13 26.42
CA GLU B 90 -3.20 -11.84 26.10
C GLU B 90 -4.16 -11.37 27.19
N ALA B 91 -4.90 -12.31 27.79
CA ALA B 91 -5.80 -11.94 28.87
C ALA B 91 -5.05 -11.56 30.13
N SER B 92 -3.92 -12.22 30.40
CA SER B 92 -3.08 -11.86 31.54
C SER B 92 -2.54 -10.44 31.40
N VAL B 93 -2.01 -10.12 30.20
CA VAL B 93 -1.51 -8.77 29.96
C VAL B 93 -2.66 -7.76 29.99
N THR B 94 -3.79 -8.11 29.37
CA THR B 94 -4.92 -7.19 29.30
C THR B 94 -5.51 -6.90 30.68
N GLN B 95 -5.68 -7.95 31.50
CA GLN B 95 -6.18 -7.73 32.85
C GLN B 95 -5.20 -6.94 33.68
N THR B 96 -3.90 -7.25 33.56
CA THR B 96 -2.88 -6.45 34.22
C THR B 96 -3.00 -4.97 33.85
N GLN B 97 -3.19 -4.69 32.56
CA GLN B 97 -3.11 -3.31 32.08
C GLN B 97 -4.38 -2.52 32.35
N PHE B 98 -5.55 -3.13 32.22
CA PHE B 98 -6.80 -2.40 32.45
C PHE B 98 -7.53 -2.73 33.75
N TYR B 99 -7.09 -3.73 34.52
CA TYR B 99 -7.76 -4.07 35.78
C TYR B 99 -6.85 -3.97 36.98
N GLY B 100 -5.73 -4.71 37.01
CA GLY B 100 -4.96 -4.89 38.23
C GLY B 100 -3.79 -3.93 38.35
N ASN B 101 -2.98 -4.19 39.38
CA ASN B 101 -1.80 -3.40 39.67
C ASN B 101 -0.67 -3.75 38.69
N ALA B 102 -0.08 -2.72 38.08
CA ALA B 102 1.11 -2.93 37.26
C ALA B 102 2.37 -3.01 38.10
N LEU B 103 2.51 -2.12 39.07
CA LEU B 103 3.70 -2.04 39.92
C LEU B 103 3.34 -2.41 41.35
N GLY B 104 4.37 -2.40 42.21
CA GLY B 104 4.20 -2.75 43.59
C GLY B 104 3.68 -1.59 44.39
N PRO B 105 3.59 -1.79 45.69
CA PRO B 105 3.09 -0.74 46.57
C PRO B 105 4.19 0.21 47.03
N SER B 106 3.80 1.22 47.81
CA SER B 106 4.73 2.16 48.43
C SER B 106 4.43 2.19 49.91
N VAL B 107 5.40 1.77 50.72
CA VAL B 107 5.22 1.63 52.16
C VAL B 107 5.92 2.81 52.82
N VAL B 108 5.15 3.70 53.44
CA VAL B 108 5.69 4.88 54.09
C VAL B 108 4.94 5.11 55.40
N ASP B 109 5.67 5.21 56.50
CA ASP B 109 5.16 5.59 57.81
C ASP B 109 3.93 4.79 58.22
N GLY B 110 4.03 3.46 58.08
CA GLY B 110 2.99 2.58 58.55
C GLY B 110 1.77 2.45 57.65
N VAL B 111 1.83 3.02 56.44
CA VAL B 111 0.71 2.96 55.50
C VAL B 111 1.22 2.42 54.17
N VAL B 112 0.43 1.57 53.55
CA VAL B 112 0.72 1.04 52.23
C VAL B 112 -0.12 1.77 51.20
N TYR B 113 0.53 2.34 50.19
CA TYR B 113 -0.15 3.06 49.13
C TYR B 113 0.00 2.31 47.83
N ALA B 114 -1.10 2.15 47.11
CA ALA B 114 -1.10 1.51 45.81
C ALA B 114 -2.05 2.25 44.89
N GLU B 115 -1.73 2.25 43.61
CA GLU B 115 -2.62 2.76 42.59
C GLU B 115 -2.78 1.67 41.54
N SER B 116 -4.00 1.52 41.03
CA SER B 116 -4.34 0.38 40.19
C SER B 116 -4.90 0.84 38.86
N ASP B 117 -4.82 -0.05 37.88
CA ASP B 117 -5.43 0.15 36.58
C ASP B 117 -6.95 0.11 36.64
N ASP B 118 -7.52 -0.18 37.81
CA ASP B 118 -8.94 -0.03 38.05
C ASP B 118 -9.32 1.42 38.29
N MET B 119 -8.36 2.33 38.16
CA MET B 119 -8.51 3.78 38.27
C MET B 119 -8.71 4.26 39.70
N PHE B 120 -8.30 3.47 40.71
CA PHE B 120 -8.28 3.92 42.09
C PHE B 120 -6.86 3.94 42.64
N ALA B 121 -6.63 4.85 43.59
CA ALA B 121 -5.48 4.84 44.47
C ALA B 121 -5.93 4.46 45.87
N TYR B 122 -5.15 3.64 46.56
CA TYR B 122 -5.53 3.11 47.86
C TYR B 122 -4.52 3.49 48.92
N ALA B 123 -5.03 3.74 50.13
CA ALA B 123 -4.20 3.89 51.33
C ALA B 123 -4.63 2.80 52.30
N VAL B 124 -3.74 1.84 52.54
CA VAL B 124 -4.05 0.67 53.36
C VAL B 124 -3.10 0.64 54.55
N ASN B 125 -3.62 0.13 55.68
CA ASN B 125 -2.83 0.03 56.89
C ASN B 125 -1.81 -1.08 56.74
N ALA B 126 -0.53 -0.75 56.97
CA ALA B 126 0.53 -1.73 56.78
C ALA B 126 0.44 -2.86 57.80
N LYS B 127 -0.13 -2.57 58.97
CA LYS B 127 -0.30 -3.57 60.01
C LYS B 127 -1.54 -4.43 59.76
N THR B 128 -2.73 -3.81 59.83
CA THR B 128 -3.98 -4.56 59.75
C THR B 128 -4.36 -4.89 58.32
N GLY B 129 -4.20 -3.94 57.41
CA GLY B 129 -4.73 -4.09 56.06
C GLY B 129 -6.04 -3.39 55.83
N LYS B 130 -6.48 -2.54 56.76
CA LYS B 130 -7.75 -1.83 56.65
C LYS B 130 -7.54 -0.54 55.87
N LEU B 131 -8.55 -0.17 55.07
CA LEU B 131 -8.41 0.95 54.14
C LEU B 131 -8.45 2.29 54.89
N ILE B 132 -7.41 3.11 54.71
CA ILE B 132 -7.46 4.47 55.20
C ILE B 132 -8.25 5.38 54.27
N TRP B 133 -7.95 5.33 52.97
CA TRP B 133 -8.74 6.07 52.01
C TRP B 133 -8.59 5.46 50.62
N ARG B 134 -9.52 5.84 49.75
CA ARG B 134 -9.47 5.50 48.33
C ARG B 134 -10.00 6.68 47.54
N ALA B 135 -9.40 6.91 46.37
CA ALA B 135 -9.74 8.06 45.56
C ALA B 135 -9.60 7.70 44.09
N SER B 136 -10.38 8.38 43.25
CA SER B 136 -10.31 8.20 41.80
C SER B 136 -10.55 9.55 41.12
N PRO B 137 -9.55 10.44 41.19
CA PRO B 137 -9.74 11.78 40.59
C PRO B 137 -9.82 11.77 39.07
N VAL B 138 -9.37 10.72 38.40
CA VAL B 138 -9.29 10.70 36.94
C VAL B 138 -9.74 9.34 36.43
N GLY B 139 -10.39 9.36 35.26
CA GLY B 139 -11.00 8.19 34.67
C GLY B 139 -10.05 7.40 33.80
N ASN B 140 -8.76 7.45 34.12
CA ASN B 140 -7.74 6.77 33.34
C ASN B 140 -6.97 5.81 34.24
N ASN B 141 -6.23 4.90 33.61
CA ASN B 141 -5.43 3.93 34.35
C ASN B 141 -4.32 4.59 35.15
N LEU B 142 -3.93 3.94 36.25
CA LEU B 142 -2.76 4.33 37.05
C LEU B 142 -1.81 3.14 37.03
N MET B 143 -0.72 3.27 36.28
CA MET B 143 0.19 2.16 35.96
C MET B 143 1.49 2.18 36.77
N GLY B 144 1.52 2.82 37.93
CA GLY B 144 2.78 3.03 38.62
C GLY B 144 2.68 2.91 40.12
N ASN B 145 3.76 3.29 40.86
CA ASN B 145 3.51 3.25 42.30
C ASN B 145 3.47 4.65 42.90
N PRO B 146 2.63 4.90 43.90
CA PRO B 146 2.46 6.26 44.42
C PRO B 146 3.75 6.77 45.04
N LEU B 147 4.03 8.05 44.82
CA LEU B 147 5.16 8.73 45.44
C LEU B 147 4.65 9.46 46.69
N VAL B 148 5.27 9.20 47.83
CA VAL B 148 4.85 9.76 49.10
C VAL B 148 5.95 10.70 49.59
N ILE B 149 5.66 12.00 49.61
CA ILE B 149 6.61 13.00 50.09
C ILE B 149 5.86 14.00 50.94
N GLY B 150 6.32 14.19 52.18
CA GLY B 150 5.64 15.11 53.08
C GLY B 150 4.22 14.67 53.34
N ASN B 151 3.28 15.60 53.15
CA ASN B 151 1.86 15.34 53.31
C ASN B 151 1.14 15.05 51.98
N THR B 152 1.86 14.92 50.87
CA THR B 152 1.24 14.78 49.56
C THR B 152 1.58 13.43 48.93
N VAL B 153 0.57 12.77 48.36
CA VAL B 153 0.75 11.57 47.55
C VAL B 153 0.55 11.93 46.08
N TYR B 154 1.40 11.38 45.22
CA TYR B 154 1.44 11.74 43.80
C TYR B 154 1.11 10.55 42.92
N LEU B 155 0.14 10.73 42.02
CA LEU B 155 -0.31 9.69 41.11
C LEU B 155 0.01 10.08 39.68
N SER B 156 0.24 9.07 38.83
CA SER B 156 0.46 9.27 37.40
C SER B 156 -0.59 8.49 36.61
N ALA B 157 -1.34 9.19 35.76
CA ALA B 157 -2.43 8.61 35.01
C ALA B 157 -2.04 8.48 33.54
N GLY B 158 -2.35 7.33 32.96
CA GLY B 158 -2.08 7.10 31.56
C GLY B 158 -2.50 5.71 31.16
N SER B 159 -2.64 5.53 29.85
CA SER B 159 -3.11 4.28 29.26
C SER B 159 -2.10 3.79 28.23
N VAL B 160 -2.08 2.47 28.02
CA VAL B 160 -1.19 1.89 27.02
C VAL B 160 -1.64 2.18 25.59
N ALA B 161 -2.83 2.75 25.42
CA ALA B 161 -3.51 2.70 24.13
C ALA B 161 -3.22 3.92 23.26
N PHE B 162 -3.75 3.87 22.04
CA PHE B 162 -3.63 4.91 21.02
C PHE B 162 -5.02 5.18 20.47
N ASN B 163 -5.42 6.45 20.42
CA ASN B 163 -6.61 6.76 19.65
C ASN B 163 -6.31 6.62 18.16
N PHE B 164 -7.36 6.41 17.37
CA PHE B 164 -7.16 6.05 15.96
C PHE B 164 -6.39 7.12 15.20
N ALA B 165 -6.55 8.39 15.57
CA ALA B 165 -5.79 9.45 14.92
C ALA B 165 -4.29 9.17 14.97
N ASN B 166 -3.79 8.74 16.14
CA ASN B 166 -2.37 8.43 16.26
C ASN B 166 -2.02 7.08 15.66
N VAL B 167 -2.98 6.15 15.62
CA VAL B 167 -2.77 4.91 14.85
C VAL B 167 -2.51 5.26 13.39
N LEU B 168 -3.22 6.26 12.87
CA LEU B 168 -3.06 6.69 11.50
C LEU B 168 -1.75 7.44 11.29
N ARG B 169 -1.37 8.28 12.26
CA ARG B 169 -0.12 9.03 12.13
C ARG B 169 1.08 8.08 12.13
N TYR B 170 1.07 7.08 13.01
CA TYR B 170 2.12 6.06 13.03
C TYR B 170 2.14 5.27 11.73
N ALA B 171 0.96 4.88 11.24
CA ALA B 171 0.86 4.16 9.97
C ALA B 171 1.55 4.93 8.85
N HIS B 172 1.27 6.22 8.75
CA HIS B 172 2.00 7.09 7.85
C HIS B 172 3.48 7.09 8.20
N ASN B 173 3.86 7.70 9.33
CA ASN B 173 5.25 7.70 9.77
C ASN B 173 5.35 7.58 11.29
N PRO B 174 6.32 6.80 11.78
CA PRO B 174 6.28 6.40 13.20
C PRO B 174 6.55 7.53 14.20
N SER B 175 7.39 8.52 13.86
CA SER B 175 7.85 9.47 14.86
C SER B 175 6.80 10.50 15.25
N ALA B 176 5.67 10.58 14.55
CA ALA B 176 4.64 11.57 14.84
C ALA B 176 3.53 11.04 15.74
N SER B 177 3.61 9.79 16.18
CA SER B 177 2.54 9.16 16.94
C SER B 177 2.73 9.42 18.43
N ALA B 178 1.63 9.71 19.12
CA ALA B 178 1.64 10.00 20.55
C ALA B 178 0.74 9.00 21.26
N ARG B 179 1.34 8.13 22.06
CA ARG B 179 0.55 7.20 22.86
C ARG B 179 -0.22 7.94 23.94
N GLY B 180 -1.47 7.54 24.16
CA GLY B 180 -2.30 8.13 25.19
C GLY B 180 -2.81 9.52 24.91
N LEU B 181 -2.39 10.14 23.82
CA LEU B 181 -2.97 11.40 23.40
C LEU B 181 -4.43 11.18 23.04
N ASN B 182 -5.32 11.94 23.67
CA ASN B 182 -6.77 11.83 23.52
C ASN B 182 -7.30 10.45 23.95
N VAL B 183 -6.58 9.73 24.80
CA VAL B 183 -7.09 8.52 25.43
C VAL B 183 -7.30 8.85 26.89
N SER B 184 -8.56 9.02 27.27
CA SER B 184 -8.94 9.53 28.58
C SER B 184 -8.15 10.79 28.89
N PHE B 185 -7.73 10.96 30.14
CA PHE B 185 -6.97 12.13 30.55
C PHE B 185 -5.71 11.69 31.28
N ASN B 186 -4.62 12.39 31.05
CA ASN B 186 -3.31 11.98 31.51
C ASN B 186 -2.67 13.09 32.34
N GLY B 187 -1.78 12.70 33.24
CA GLY B 187 -0.96 13.66 33.94
C GLY B 187 -0.65 13.23 35.35
N ILE B 188 -0.20 14.19 36.14
CA ILE B 188 0.17 13.99 37.54
C ILE B 188 -0.97 14.50 38.41
N TYR B 189 -1.47 13.65 39.29
CA TYR B 189 -2.51 14.03 40.24
C TYR B 189 -1.96 13.95 41.66
N ALA B 190 -2.17 15.02 42.44
CA ALA B 190 -1.60 15.16 43.77
C ALA B 190 -2.72 15.12 44.80
N LEU B 191 -2.64 14.17 45.71
CA LEU B 191 -3.69 13.93 46.70
C LEU B 191 -3.18 14.20 48.10
N ASN B 192 -4.10 14.62 48.97
CA ASN B 192 -3.81 14.69 50.39
C ASN B 192 -3.44 13.31 50.90
N ARG B 193 -2.31 13.22 51.59
CA ARG B 193 -1.83 11.93 52.09
C ARG B 193 -2.74 11.35 53.17
N SER B 194 -3.41 12.21 53.93
CA SER B 194 -4.18 11.75 55.09
C SER B 194 -5.52 11.16 54.65
N ASN B 195 -6.42 12.01 54.15
CA ASN B 195 -7.77 11.60 53.76
C ASN B 195 -7.93 11.29 52.28
N GLY B 196 -6.94 11.58 51.44
CA GLY B 196 -7.08 11.33 50.02
C GLY B 196 -7.71 12.43 49.21
N LYS B 197 -7.97 13.60 49.80
CA LYS B 197 -8.60 14.69 49.06
C LYS B 197 -7.71 15.12 47.89
N LEU B 198 -8.32 15.69 46.86
CA LEU B 198 -7.60 16.10 45.67
C LEU B 198 -7.02 17.49 45.87
N LEU B 199 -5.69 17.60 45.78
CA LEU B 199 -5.00 18.89 45.92
C LEU B 199 -4.90 19.63 44.59
N TRP B 200 -4.23 19.03 43.61
CA TRP B 200 -4.12 19.62 42.28
C TRP B 200 -3.76 18.53 41.29
N TYR B 201 -3.97 18.82 40.01
CA TYR B 201 -3.54 17.96 38.93
C TYR B 201 -2.77 18.76 37.89
N PHE B 202 -1.86 18.09 37.20
CA PHE B 202 -1.16 18.65 36.05
C PHE B 202 -1.44 17.76 34.85
N ALA B 203 -2.12 18.30 33.84
CA ALA B 203 -2.50 17.53 32.67
C ALA B 203 -1.37 17.50 31.65
N THR B 204 -1.20 16.36 31.00
CA THR B 204 -0.19 16.18 29.97
C THR B 204 -0.84 15.77 28.66
N PRO B 205 -0.26 16.17 27.52
CA PRO B 205 -0.85 15.78 26.23
C PRO B 205 -0.90 14.27 26.02
N GLY B 206 0.18 13.57 26.31
CA GLY B 206 0.24 12.14 26.13
C GLY B 206 0.10 11.36 27.43
N GLU B 207 0.06 10.04 27.28
CA GLU B 207 -0.01 9.15 28.43
C GLU B 207 1.20 9.37 29.33
N THR B 208 0.98 9.44 30.64
CA THR B 208 2.07 9.24 31.59
C THR B 208 1.77 7.95 32.35
N MET B 209 2.20 6.83 31.78
CA MET B 209 2.19 5.55 32.50
C MET B 209 3.36 5.44 33.46
N ALA B 210 4.51 5.96 33.05
CA ALA B 210 5.72 5.88 33.86
C ALA B 210 5.53 6.59 35.19
N THR B 211 6.09 6.01 36.24
CA THR B 211 6.12 6.69 37.52
C THR B 211 6.99 7.93 37.41
N PRO B 212 6.55 9.08 37.89
CA PRO B 212 7.44 10.24 37.93
C PRO B 212 8.55 10.07 38.96
N ALA B 213 9.45 11.04 39.03
CA ALA B 213 10.49 11.07 40.04
C ALA B 213 10.35 12.35 40.86
N TYR B 214 10.62 12.25 42.15
CA TYR B 214 10.62 13.42 43.03
C TYR B 214 12.07 13.79 43.36
N ASP B 215 12.41 15.06 43.14
CA ASP B 215 13.63 15.63 43.68
C ASP B 215 13.44 17.13 43.88
N ASN B 216 13.98 17.64 44.96
CA ASN B 216 14.02 19.08 45.25
C ASN B 216 12.66 19.74 45.02
N ASN B 217 11.64 19.23 45.70
CA ASN B 217 10.29 19.81 45.66
C ASN B 217 9.77 19.89 44.23
N THR B 218 10.17 18.94 43.38
CA THR B 218 9.83 18.98 41.97
C THR B 218 9.57 17.57 41.46
N LEU B 219 8.57 17.44 40.59
CA LEU B 219 8.22 16.18 39.95
C LEU B 219 8.69 16.18 38.50
N PHE B 220 9.17 15.03 38.05
CA PHE B 220 9.76 14.88 36.73
C PHE B 220 9.09 13.70 36.02
N ILE B 221 8.50 13.96 34.86
CA ILE B 221 7.71 12.98 34.16
C ILE B 221 7.90 13.16 32.66
N ALA B 222 7.81 12.06 31.93
CA ALA B 222 7.83 12.05 30.47
C ALA B 222 6.58 11.35 29.96
N ASP B 223 5.93 11.92 28.95
CA ASP B 223 4.67 11.38 28.47
C ASP B 223 4.89 10.56 27.20
N GLY B 224 3.78 10.05 26.65
CA GLY B 224 3.80 9.32 25.41
C GLY B 224 3.80 10.19 24.17
N ALA B 225 3.70 11.50 24.35
CA ALA B 225 3.78 12.46 23.25
C ALA B 225 5.19 12.99 23.04
N GLY B 226 6.17 12.49 23.78
CA GLY B 226 7.55 12.94 23.63
C GLY B 226 7.95 14.14 24.44
N ASN B 227 7.24 14.44 25.51
CA ASN B 227 7.47 15.64 26.30
C ASN B 227 7.90 15.27 27.70
N ALA B 228 8.91 15.95 28.22
CA ALA B 228 9.34 15.82 29.59
C ALA B 228 9.06 17.11 30.33
N PHE B 229 8.55 17.00 31.55
CA PHE B 229 8.18 18.16 32.34
C PHE B 229 8.82 18.07 33.71
N GLY B 230 9.37 19.20 34.17
CA GLY B 230 9.52 19.44 35.59
C GLY B 230 8.25 20.14 36.08
N ILE B 231 7.83 19.79 37.31
CA ILE B 231 6.57 20.26 37.84
C ILE B 231 6.75 20.57 39.33
N ASN B 232 6.25 21.73 39.75
CA ASN B 232 6.36 22.12 41.15
C ASN B 232 5.50 21.21 42.01
N ALA B 233 6.13 20.54 42.97
CA ALA B 233 5.42 19.57 43.79
C ALA B 233 4.51 20.21 44.83
N THR B 234 4.57 21.53 44.99
CA THR B 234 3.74 22.24 45.96
C THR B 234 2.58 22.96 45.28
N THR B 235 2.88 23.92 44.41
CA THR B 235 1.85 24.67 43.72
C THR B 235 1.19 23.85 42.61
N GLY B 236 1.92 22.89 42.05
CA GLY B 236 1.45 22.13 40.92
C GLY B 236 1.71 22.76 39.59
N LYS B 237 2.13 24.02 39.58
CA LYS B 237 2.40 24.71 38.32
C LYS B 237 3.69 24.20 37.69
N GLN B 238 3.69 24.21 36.35
CA GLN B 238 4.82 23.74 35.58
C GLN B 238 6.08 24.55 35.88
N VAL B 239 7.22 23.86 35.85
CA VAL B 239 8.53 24.49 35.94
C VAL B 239 9.11 24.60 34.53
N TRP B 240 9.33 23.47 33.87
CA TRP B 240 9.87 23.47 32.50
C TRP B 240 9.24 22.34 31.68
N LYS B 241 9.30 22.50 30.36
CA LYS B 241 8.88 21.48 29.41
C LYS B 241 9.92 21.36 28.31
N THR B 242 10.32 20.13 28.00
CA THR B 242 11.27 19.86 26.93
C THR B 242 10.73 18.74 26.06
N HIS B 243 10.61 18.98 24.76
CA HIS B 243 10.14 17.97 23.84
C HIS B 243 11.34 17.21 23.29
N VAL B 244 11.51 15.97 23.74
CA VAL B 244 12.60 15.13 23.24
C VAL B 244 12.19 14.27 22.03
N GLY B 245 10.90 14.13 21.76
CA GLY B 245 10.43 13.20 20.77
C GLY B 245 10.38 11.77 21.29
N GLY B 246 9.54 10.96 20.64
CA GLY B 246 9.37 9.57 21.02
C GLY B 246 8.25 9.41 22.03
N MET B 247 8.21 8.24 22.66
CA MET B 247 7.19 7.96 23.66
C MET B 247 7.80 7.23 24.85
N ASP B 248 7.52 7.72 26.05
CA ASP B 248 7.91 7.05 27.28
C ASP B 248 6.75 6.17 27.73
N ASN B 249 6.94 4.85 27.66
CA ASN B 249 5.82 3.96 27.95
C ASN B 249 5.81 3.54 29.41
N MET B 250 6.65 2.57 29.77
CA MET B 250 6.78 2.12 31.15
C MET B 250 8.04 2.61 31.86
N SER B 251 8.87 3.43 31.23
CA SER B 251 10.18 3.76 31.79
C SER B 251 10.03 4.92 32.74
N SER B 252 10.19 4.66 34.03
CA SER B 252 9.95 5.67 35.06
C SER B 252 11.17 6.56 35.18
N VAL B 253 10.91 7.84 35.46
CA VAL B 253 11.99 8.81 35.54
C VAL B 253 12.88 8.49 36.74
N THR B 254 14.19 8.55 36.52
CA THR B 254 15.17 8.32 37.58
C THR B 254 15.91 9.63 37.84
N ALA B 255 15.83 10.12 39.07
CA ALA B 255 16.48 11.37 39.46
C ALA B 255 17.75 11.02 40.24
N TYR B 256 18.91 11.32 39.65
CA TYR B 256 20.18 10.95 40.24
C TYR B 256 21.15 12.12 40.10
N ARG B 257 21.64 12.63 41.22
CA ARG B 257 22.62 13.71 41.27
C ARG B 257 22.16 14.91 40.44
N HIS B 258 20.97 15.41 40.78
CA HIS B 258 20.40 16.64 40.22
C HIS B 258 20.00 16.52 38.74
N ASN B 259 20.08 15.32 38.17
CA ASN B 259 19.66 15.12 36.79
C ASN B 259 18.68 13.95 36.71
N ILE B 260 17.80 14.00 35.72
CA ILE B 260 16.76 12.99 35.53
C ILE B 260 17.10 12.17 34.29
N TYR B 261 16.88 10.86 34.38
CA TYR B 261 17.21 9.93 33.31
C TYR B 261 15.98 9.10 32.94
N PHE B 262 15.66 9.03 31.66
CA PHE B 262 14.53 8.25 31.20
C PHE B 262 14.77 7.81 29.76
N ALA B 263 14.11 6.72 29.37
CA ALA B 263 14.24 6.15 28.03
C ALA B 263 12.99 6.44 27.22
N MET B 264 13.18 6.59 25.91
CA MET B 264 12.08 6.86 24.98
C MET B 264 12.10 5.81 23.89
N ALA B 265 10.92 5.39 23.43
CA ALA B 265 10.86 4.44 22.33
C ALA B 265 10.52 5.16 21.03
N ILE B 266 10.59 4.40 19.93
CA ILE B 266 10.30 4.85 18.56
C ILE B 266 11.31 5.91 18.15
N LYS B 267 12.00 6.48 19.13
CA LYS B 267 13.15 7.35 18.91
C LYS B 267 14.11 6.90 19.99
N PRO B 268 14.76 5.78 19.78
CA PRO B 268 15.27 4.99 20.91
C PRO B 268 16.49 5.59 21.61
N TYR B 269 16.32 6.59 22.47
CA TYR B 269 17.43 7.17 23.23
C TYR B 269 17.13 7.14 24.72
N LEU B 270 18.20 7.00 25.52
CA LEU B 270 18.16 7.27 26.96
C LEU B 270 18.67 8.68 27.20
N TYR B 271 17.86 9.53 27.81
CA TYR B 271 18.19 10.92 28.00
C TYR B 271 18.58 11.21 29.44
N CYS B 272 19.45 12.21 29.60
CA CYS B 272 19.77 12.82 30.89
C CYS B 272 19.44 14.30 30.79
N LEU B 273 18.56 14.77 31.67
CA LEU B 273 18.10 16.15 31.64
C LEU B 273 18.38 16.85 32.96
N ASN B 274 18.53 18.17 32.89
CA ASN B 274 18.82 18.98 34.06
C ASN B 274 17.54 19.31 34.81
N GLU B 275 17.50 19.00 36.11
CA GLU B 275 16.29 19.23 36.90
C GLU B 275 15.87 20.69 36.91
N SER B 276 16.81 21.63 36.76
CA SER B 276 16.48 23.03 36.97
C SER B 276 15.77 23.62 35.76
N ASN B 277 16.47 23.71 34.63
CA ASN B 277 15.94 24.30 33.42
C ASN B 277 15.45 23.28 32.39
N GLY B 278 15.64 21.99 32.64
CA GLY B 278 15.22 20.97 31.69
C GLY B 278 16.13 20.77 30.49
N HIS B 279 17.30 21.41 30.46
CA HIS B 279 18.23 21.23 29.35
C HIS B 279 18.76 19.80 29.29
N ILE B 280 19.05 19.34 28.08
CA ILE B 280 19.52 17.99 27.85
C ILE B 280 21.01 17.92 28.15
N VAL B 281 21.39 17.06 29.09
CA VAL B 281 22.81 16.83 29.37
C VAL B 281 23.42 15.91 28.31
N TRP B 282 22.92 14.68 28.20
CA TRP B 282 23.46 13.77 27.20
C TRP B 282 22.40 12.76 26.78
N LYS B 283 22.63 12.18 25.62
CA LYS B 283 21.77 11.15 25.03
C LYS B 283 22.59 9.90 24.74
N GLY B 284 21.94 8.73 24.82
CA GLY B 284 22.62 7.48 24.62
C GLY B 284 21.76 6.42 23.97
N THR B 285 22.42 5.39 23.44
CA THR B 285 21.79 4.34 22.67
C THR B 285 22.33 2.98 23.06
N ILE B 286 21.43 2.00 23.17
CA ILE B 286 21.81 0.59 23.25
C ILE B 286 21.86 0.10 21.81
N PRO B 287 22.87 -0.69 21.42
CA PRO B 287 23.10 -0.96 19.99
C PRO B 287 21.92 -1.65 19.33
N GLY B 288 21.45 -1.06 18.23
CA GLY B 288 20.45 -1.66 17.36
C GLY B 288 19.23 -2.21 18.05
N ALA B 289 18.85 -1.61 19.17
CA ALA B 289 17.63 -2.04 19.84
C ALA B 289 16.43 -1.82 18.94
N SER B 290 15.48 -2.75 18.98
CA SER B 290 14.24 -2.55 18.24
C SER B 290 13.47 -1.42 18.90
N ASN B 291 13.22 -0.35 18.13
CA ASN B 291 12.76 0.91 18.72
C ASN B 291 11.39 0.81 19.38
N THR B 292 10.71 -0.33 19.22
CA THR B 292 9.50 -0.61 19.97
C THR B 292 9.78 -1.26 21.32
N GLY B 293 11.02 -1.69 21.58
CA GLY B 293 11.33 -2.36 22.83
C GLY B 293 12.19 -1.63 23.86
N ILE B 294 12.70 -0.44 23.54
CA ILE B 294 13.60 0.22 24.49
C ILE B 294 12.85 0.98 25.57
N GLY B 295 11.79 1.69 25.20
CA GLY B 295 11.20 2.68 26.10
C GLY B 295 10.38 2.15 27.26
N ASN B 296 10.43 0.83 27.48
CA ASN B 296 9.63 0.19 28.52
C ASN B 296 10.37 0.00 29.84
N VAL B 297 11.68 0.24 29.91
CA VAL B 297 12.48 -0.09 31.08
C VAL B 297 12.98 1.18 31.76
N SER B 298 12.93 1.18 33.11
CA SER B 298 13.38 2.30 33.93
C SER B 298 14.88 2.17 34.19
N PRO B 299 15.67 3.19 33.91
CA PRO B 299 17.12 3.10 34.16
C PRO B 299 17.43 3.14 35.65
N ALA B 300 18.40 2.31 36.05
CA ALA B 300 18.90 2.29 37.42
C ALA B 300 20.20 3.08 37.52
N ALA B 301 20.37 3.78 38.64
CA ALA B 301 21.55 4.59 38.88
C ALA B 301 22.15 4.26 40.24
N ALA B 302 23.45 3.97 40.27
CA ALA B 302 24.20 3.89 41.51
C ALA B 302 25.66 4.22 41.23
N ASP B 303 26.29 4.90 42.18
CA ASP B 303 27.73 5.17 42.18
C ASP B 303 28.21 5.75 40.85
N GLY B 304 27.48 6.76 40.37
CA GLY B 304 27.86 7.42 39.14
C GLY B 304 27.67 6.60 37.89
N VAL B 305 26.99 5.47 37.95
CA VAL B 305 26.77 4.62 36.79
C VAL B 305 25.26 4.50 36.57
N VAL B 306 24.86 4.52 35.30
CA VAL B 306 23.45 4.39 34.92
C VAL B 306 23.35 3.23 33.95
N VAL B 307 22.56 2.21 34.31
CA VAL B 307 22.45 0.97 33.56
C VAL B 307 21.07 0.89 32.94
N LEU B 308 21.01 0.45 31.68
CA LEU B 308 19.75 0.22 31.00
C LEU B 308 19.90 -0.98 30.08
N ASP B 309 18.77 -1.65 29.82
CA ASP B 309 18.74 -2.78 28.90
C ASP B 309 17.58 -2.62 27.93
N ALA B 310 17.71 -3.28 26.78
CA ALA B 310 16.70 -3.19 25.72
C ALA B 310 16.65 -4.50 24.97
N THR B 311 15.50 -4.78 24.36
CA THR B 311 15.31 -6.02 23.63
C THR B 311 15.54 -5.82 22.13
N SER B 323 17.31 -10.59 20.51
CA SER B 323 18.10 -10.78 21.72
C SER B 323 17.86 -9.66 22.72
N ASN B 324 18.54 -9.72 23.86
CA ASN B 324 18.41 -8.73 24.93
C ASN B 324 19.81 -8.25 25.30
N VAL B 325 20.01 -6.94 25.28
CA VAL B 325 21.33 -6.33 25.43
C VAL B 325 21.32 -5.33 26.58
N ILE B 326 22.25 -5.49 27.51
CA ILE B 326 22.42 -4.58 28.63
C ILE B 326 23.68 -3.74 28.40
N ARG B 327 23.60 -2.45 28.74
CA ARG B 327 24.70 -1.52 28.59
C ARG B 327 24.72 -0.57 29.78
N ALA B 328 25.92 -0.30 30.30
CA ALA B 328 26.13 0.59 31.43
C ALA B 328 26.72 1.91 30.94
N PHE B 329 26.19 3.02 31.45
CA PHE B 329 26.58 4.36 31.04
C PHE B 329 27.21 5.11 32.19
N ASP B 330 28.07 6.07 31.85
CA ASP B 330 28.50 7.05 32.83
C ASP B 330 27.39 8.05 33.08
N ALA B 331 27.01 8.21 34.35
CA ALA B 331 25.90 9.10 34.68
C ALA B 331 26.17 10.53 34.22
N LYS B 332 27.39 11.02 34.42
CA LYS B 332 27.65 12.44 34.18
C LYS B 332 27.82 12.77 32.70
N THR B 333 28.71 12.06 32.01
CA THR B 333 28.98 12.36 30.60
C THR B 333 28.24 11.47 29.61
N GLY B 334 27.64 10.37 30.05
CA GLY B 334 26.97 9.48 29.12
C GLY B 334 27.86 8.53 28.37
N ALA B 335 29.16 8.52 28.65
CA ALA B 335 30.09 7.64 27.94
C ALA B 335 29.77 6.19 28.24
N VAL B 336 29.93 5.33 27.24
CA VAL B 336 29.58 3.92 27.37
C VAL B 336 30.70 3.22 28.12
N LEU B 337 30.39 2.69 29.30
CA LEU B 337 31.40 2.00 30.09
C LEU B 337 31.63 0.58 29.59
N TRP B 338 30.56 -0.20 29.45
CA TRP B 338 30.67 -1.55 28.93
C TRP B 338 29.31 -2.00 28.41
N THR B 339 29.33 -2.99 27.52
CA THR B 339 28.12 -3.54 26.92
C THR B 339 28.26 -5.05 26.78
N ARG B 340 27.19 -5.78 27.14
CA ARG B 340 27.15 -7.22 27.00
C ARG B 340 25.77 -7.67 26.58
N ASN B 341 25.73 -8.87 25.99
CA ASN B 341 24.48 -9.53 25.60
C ASN B 341 24.05 -10.48 26.72
N MET B 342 22.80 -10.36 27.13
CA MET B 342 22.27 -11.20 28.20
C MET B 342 21.78 -12.54 27.66
N GLY B 353 11.94 -6.54 28.31
CA GLY B 353 13.14 -6.28 29.09
C GLY B 353 12.89 -6.24 30.58
N GLY B 354 13.94 -6.51 31.37
CA GLY B 354 13.84 -6.48 32.81
C GLY B 354 14.26 -5.14 33.40
N VAL B 355 13.73 -4.85 34.58
CA VAL B 355 14.04 -3.63 35.30
C VAL B 355 15.26 -3.90 36.18
N PRO B 356 16.35 -3.17 36.02
CA PRO B 356 17.57 -3.47 36.79
C PRO B 356 17.52 -2.94 38.21
N MET B 357 18.24 -3.65 39.09
CA MET B 357 18.60 -3.19 40.42
C MET B 357 20.12 -3.14 40.53
N ILE B 358 20.62 -2.15 41.27
CA ILE B 358 22.03 -2.07 41.62
C ILE B 358 22.14 -2.14 43.13
N HIS B 359 22.88 -3.15 43.63
CA HIS B 359 23.20 -3.24 45.04
C HIS B 359 24.64 -3.72 45.21
N ASN B 360 25.39 -2.99 46.04
CA ASN B 360 26.79 -3.30 46.33
C ASN B 360 27.58 -3.50 45.04
N ASN B 361 27.36 -2.60 44.09
CA ASN B 361 28.09 -2.56 42.82
C ASN B 361 27.91 -3.84 42.01
N ILE B 362 26.78 -4.53 42.19
CA ILE B 362 26.38 -5.63 41.34
C ILE B 362 24.99 -5.33 40.80
N VAL B 363 24.81 -5.49 39.50
CA VAL B 363 23.52 -5.31 38.85
C VAL B 363 22.83 -6.65 38.74
N TYR B 364 21.58 -6.71 39.20
CA TYR B 364 20.74 -7.88 39.04
C TYR B 364 19.59 -7.49 38.12
N VAL B 365 19.47 -8.19 37.00
CA VAL B 365 18.56 -7.81 35.93
C VAL B 365 17.94 -9.06 35.32
N GLY B 366 16.69 -8.94 34.88
CA GLY B 366 16.01 -10.04 34.26
C GLY B 366 16.17 -10.03 32.75
N ASN B 367 16.04 -11.22 32.16
CA ASN B 367 16.12 -11.41 30.71
C ASN B 367 14.86 -12.15 30.27
N PRO B 368 13.82 -11.43 29.84
CA PRO B 368 12.57 -12.12 29.47
C PRO B 368 12.69 -13.01 28.25
N VAL B 369 13.56 -12.66 27.29
CA VAL B 369 13.75 -13.53 26.13
C VAL B 369 14.27 -14.91 26.57
N ALA B 370 15.27 -14.92 27.44
CA ALA B 370 15.85 -16.17 27.94
C ALA B 370 15.18 -16.64 29.22
N SER B 371 14.26 -15.87 29.78
CA SER B 371 13.57 -16.19 31.03
C SER B 371 14.57 -16.44 32.16
N THR B 372 15.53 -15.53 32.30
CA THR B 372 16.59 -15.65 33.29
C THR B 372 16.79 -14.34 34.03
N TYR B 373 17.35 -14.46 35.24
CA TYR B 373 17.95 -13.35 35.95
C TYR B 373 19.45 -13.57 36.02
N GLN B 374 20.19 -12.47 35.88
CA GLN B 374 21.64 -12.52 35.86
C GLN B 374 22.22 -11.46 36.79
N ALA B 375 23.42 -11.74 37.31
CA ALA B 375 24.15 -10.80 38.14
C ALA B 375 25.39 -10.38 37.37
N TYR B 376 25.50 -9.08 37.12
CA TYR B 376 26.65 -8.49 36.43
C TYR B 376 27.41 -7.58 37.38
N GLU B 377 28.73 -7.58 37.23
CA GLU B 377 29.56 -6.66 37.98
C GLU B 377 29.38 -5.25 37.44
N LEU B 378 29.07 -4.31 38.33
CA LEU B 378 28.68 -2.97 37.89
C LEU B 378 29.77 -2.34 37.03
N LYS B 379 31.02 -2.36 37.52
CA LYS B 379 32.08 -1.65 36.82
C LYS B 379 32.67 -2.47 35.68
N THR B 380 32.92 -3.77 35.89
CA THR B 380 33.55 -4.60 34.86
C THR B 380 32.55 -5.26 33.91
N GLY B 381 31.29 -5.39 34.30
CA GLY B 381 30.32 -6.06 33.46
C GLY B 381 30.43 -7.57 33.39
N LYS B 382 31.21 -8.20 34.29
CA LYS B 382 31.37 -9.65 34.25
C LYS B 382 30.11 -10.35 34.78
N LEU B 383 29.75 -11.45 34.13
CA LEU B 383 28.54 -12.20 34.48
C LEU B 383 28.88 -13.20 35.57
N LEU B 384 28.35 -12.98 36.77
CA LEU B 384 28.63 -13.89 37.87
C LEU B 384 27.85 -15.19 37.75
N TRP B 385 26.54 -15.09 37.51
CA TRP B 385 25.73 -16.28 37.34
C TRP B 385 24.48 -15.95 36.55
N THR B 386 23.83 -16.99 36.04
CA THR B 386 22.58 -16.89 35.31
C THR B 386 21.63 -17.94 35.86
N TRP B 387 20.43 -17.52 36.26
CA TRP B 387 19.44 -18.40 36.85
C TRP B 387 18.18 -18.40 35.98
N HIS B 388 17.75 -19.59 35.54
CA HIS B 388 16.56 -19.72 34.73
C HIS B 388 15.34 -19.82 35.63
N VAL B 389 14.33 -19.02 35.33
CA VAL B 389 13.11 -18.98 36.15
C VAL B 389 12.33 -20.29 35.96
N PRO B 390 11.93 -20.96 37.04
CA PRO B 390 11.23 -22.26 36.88
C PRO B 390 9.85 -22.15 36.24
N THR B 391 9.17 -21.03 36.36
CA THR B 391 7.82 -20.92 35.82
C THR B 391 7.83 -20.47 34.35
N ALA B 397 7.94 -13.50 31.64
CA ALA B 397 8.56 -13.73 32.94
C ALA B 397 9.99 -13.19 32.96
N GLY B 398 10.38 -12.58 34.07
CA GLY B 398 11.68 -11.95 34.19
C GLY B 398 11.65 -10.46 34.04
N ARG B 399 10.46 -9.86 34.04
CA ARG B 399 10.26 -8.43 33.83
C ARG B 399 10.60 -7.61 35.07
N SER B 400 10.29 -8.13 36.25
CA SER B 400 10.38 -7.37 37.48
C SER B 400 11.82 -7.22 37.97
N ALA B 401 12.06 -6.14 38.72
CA ALA B 401 13.36 -5.92 39.35
C ALA B 401 13.48 -6.75 40.62
N PRO B 402 14.62 -7.37 40.87
CA PRO B 402 14.81 -8.10 42.13
C PRO B 402 14.93 -7.15 43.30
N THR B 403 14.67 -7.68 44.49
CA THR B 403 14.87 -6.95 45.73
C THR B 403 15.89 -7.71 46.56
N TYR B 404 16.99 -7.03 46.90
CA TYR B 404 18.08 -7.62 47.65
C TYR B 404 17.98 -7.13 49.09
N TYR B 405 17.70 -8.05 50.02
CA TYR B 405 17.47 -7.71 51.41
C TYR B 405 18.16 -8.73 52.30
N LYS B 406 19.05 -8.26 53.18
CA LYS B 406 19.76 -9.08 54.16
C LYS B 406 20.40 -10.31 53.52
N GLY B 407 21.16 -10.10 52.45
CA GLY B 407 21.92 -11.18 51.86
C GLY B 407 21.15 -12.12 50.97
N LEU B 408 19.94 -11.77 50.56
CA LEU B 408 19.13 -12.64 49.73
C LEU B 408 18.45 -11.85 48.62
N LEU B 409 18.11 -12.55 47.54
CA LEU B 409 17.34 -11.99 46.44
C LEU B 409 15.90 -12.46 46.54
N TYR B 410 14.96 -11.54 46.35
CA TYR B 410 13.54 -11.84 46.29
C TYR B 410 12.99 -11.37 44.95
N ILE B 411 12.33 -12.27 44.23
CA ILE B 411 11.82 -12.01 42.89
C ILE B 411 10.37 -12.48 42.83
N THR B 412 9.46 -11.55 42.57
CA THR B 412 8.07 -11.91 42.26
C THR B 412 7.92 -11.99 40.75
N THR B 413 7.69 -13.19 40.24
CA THR B 413 7.44 -13.39 38.82
C THR B 413 6.50 -14.58 38.65
N GLY B 414 5.73 -14.56 37.57
CA GLY B 414 4.69 -15.56 37.41
C GLY B 414 3.70 -15.50 38.55
N GLN B 415 3.39 -16.67 39.12
CA GLN B 415 2.50 -16.77 40.27
C GLN B 415 3.26 -16.88 41.59
N TYR B 416 4.57 -16.81 41.58
CA TYR B 416 5.39 -17.09 42.75
C TYR B 416 6.17 -15.85 43.18
N ILE B 417 6.57 -15.86 44.45
CA ILE B 417 7.69 -15.06 44.94
C ILE B 417 8.84 -16.02 45.22
N PHE B 418 10.00 -15.71 44.68
CA PHE B 418 11.16 -16.59 44.78
C PHE B 418 12.19 -16.02 45.75
N VAL B 419 12.91 -16.93 46.41
CA VAL B 419 14.07 -16.57 47.21
C VAL B 419 15.28 -17.16 46.49
N VAL B 420 16.25 -16.31 46.17
CA VAL B 420 17.39 -16.72 45.36
C VAL B 420 18.68 -16.28 46.05
N ASN B 421 19.71 -17.14 45.98
CA ASN B 421 21.02 -16.82 46.53
C ASN B 421 21.75 -15.82 45.62
N PRO B 422 22.02 -14.60 46.09
CA PRO B 422 22.76 -13.65 45.23
C PRO B 422 24.18 -14.07 44.94
N ALA B 423 24.78 -14.91 45.79
CA ALA B 423 26.13 -15.38 45.53
C ALA B 423 26.17 -16.42 44.41
N THR B 424 25.41 -17.50 44.56
CA THR B 424 25.46 -18.62 43.62
C THR B 424 24.38 -18.59 42.55
N GLY B 425 23.40 -17.71 42.66
CA GLY B 425 22.27 -17.75 41.75
C GLY B 425 21.47 -19.04 41.85
N LYS B 426 21.40 -19.63 43.04
CA LYS B 426 20.64 -20.86 43.26
C LYS B 426 19.32 -20.54 43.94
N GLU B 427 18.24 -21.15 43.44
CA GLU B 427 16.95 -20.99 44.09
C GLU B 427 16.97 -21.59 45.48
N LEU B 428 16.58 -20.79 46.47
CA LEU B 428 16.46 -21.29 47.84
C LEU B 428 15.04 -21.78 48.11
N HIS B 429 14.07 -20.86 48.06
CA HIS B 429 12.67 -21.16 48.32
C HIS B 429 11.82 -20.66 47.17
N GLN B 430 10.60 -21.19 47.08
CA GLN B 430 9.58 -20.64 46.20
C GLN B 430 8.25 -20.72 46.93
N HIS B 431 7.46 -19.66 46.83
CA HIS B 431 6.19 -19.56 47.54
C HIS B 431 5.12 -19.20 46.52
N HIS B 432 4.09 -20.03 46.42
CA HIS B 432 3.05 -19.81 45.44
C HIS B 432 2.02 -18.83 45.97
N ILE B 433 1.60 -17.92 45.10
CA ILE B 433 0.60 -16.91 45.43
C ILE B 433 -0.56 -17.02 44.45
N GLY B 434 -0.25 -16.91 43.17
CA GLY B 434 -1.26 -16.86 42.13
C GLY B 434 -1.38 -15.47 41.56
N GLY B 435 -2.41 -15.29 40.73
CA GLY B 435 -2.53 -14.02 40.03
C GLY B 435 -1.39 -13.88 39.05
N GLN B 436 -0.86 -12.67 38.95
CA GLN B 436 0.33 -12.42 38.15
C GLN B 436 1.10 -11.26 38.76
N PHE B 437 2.43 -11.32 38.70
CA PHE B 437 3.27 -10.17 39.02
C PHE B 437 3.92 -9.78 37.70
N GLY B 438 3.38 -8.74 37.04
CA GLY B 438 4.02 -8.33 35.80
C GLY B 438 5.37 -7.66 35.95
N ILE B 439 5.35 -6.38 36.31
CA ILE B 439 6.55 -5.58 36.53
C ILE B 439 6.83 -5.34 38.01
N GLU B 440 5.99 -5.85 38.90
CA GLU B 440 6.11 -5.54 40.32
C GLU B 440 7.31 -6.21 40.97
N SER B 441 7.97 -5.48 41.87
CA SER B 441 9.09 -5.94 42.67
C SER B 441 8.67 -6.00 44.14
N PRO B 442 9.21 -6.94 44.91
CA PRO B 442 8.82 -7.03 46.33
C PRO B 442 9.30 -5.82 47.11
N VAL B 443 8.42 -5.31 47.97
CA VAL B 443 8.75 -4.22 48.89
C VAL B 443 8.86 -4.83 50.27
N ILE B 444 10.08 -4.86 50.80
CA ILE B 444 10.39 -5.54 52.06
C ILE B 444 10.72 -4.48 53.10
N VAL B 445 9.96 -4.47 54.19
CA VAL B 445 10.19 -3.55 55.30
C VAL B 445 10.21 -4.39 56.57
N GLY B 446 11.37 -4.41 57.25
CA GLY B 446 11.52 -5.22 58.45
C GLY B 446 11.46 -6.70 58.17
N GLY B 447 10.53 -7.39 58.82
CA GLY B 447 10.29 -8.80 58.56
C GLY B 447 9.04 -9.07 57.74
N THR B 448 8.54 -8.05 57.03
CA THR B 448 7.29 -8.16 56.28
C THR B 448 7.54 -7.87 54.81
N VAL B 449 6.97 -8.70 53.94
CA VAL B 449 6.98 -8.47 52.50
C VAL B 449 5.62 -7.88 52.11
N TYR B 450 5.65 -6.82 51.31
CA TYR B 450 4.43 -6.19 50.80
C TYR B 450 4.34 -6.32 49.29
N LEU B 451 3.15 -6.68 48.81
CA LEU B 451 2.95 -7.01 47.42
C LEU B 451 1.63 -6.45 46.91
N THR B 452 1.58 -6.17 45.61
CA THR B 452 0.35 -6.04 44.86
C THR B 452 0.36 -7.10 43.77
N ASN B 453 -0.82 -7.41 43.24
CA ASN B 453 -0.93 -8.45 42.23
C ASN B 453 -1.71 -7.91 41.04
N SER B 454 -1.49 -8.53 39.88
CA SER B 454 -2.14 -8.11 38.64
C SER B 454 -3.62 -8.46 38.62
N TRP B 455 -4.08 -9.29 39.55
CA TRP B 455 -5.49 -9.59 39.72
C TRP B 455 -6.16 -8.56 40.63
N ASP B 456 -5.46 -7.45 40.89
CA ASP B 456 -5.91 -6.31 41.68
C ASP B 456 -6.11 -6.65 43.16
N TRP B 457 -5.00 -6.99 43.82
CA TRP B 457 -4.94 -7.25 45.26
C TRP B 457 -3.76 -6.51 45.86
N ILE B 458 -3.92 -6.08 47.12
CA ILE B 458 -2.81 -5.63 47.96
C ILE B 458 -2.65 -6.62 49.09
N MET B 459 -1.43 -7.13 49.28
CA MET B 459 -1.21 -8.19 50.25
C MET B 459 0.07 -7.96 51.04
N ALA B 460 0.12 -8.57 52.22
CA ALA B 460 1.30 -8.59 53.08
C ALA B 460 1.58 -10.03 53.52
N ILE B 461 2.83 -10.45 53.40
CA ILE B 461 3.23 -11.79 53.81
C ILE B 461 4.40 -11.68 54.80
N PRO B 462 4.42 -12.49 55.86
CA PRO B 462 5.58 -12.48 56.75
C PRO B 462 6.80 -13.09 56.06
N LEU B 463 7.96 -12.49 56.32
CA LEU B 463 9.20 -12.94 55.68
C LEU B 463 9.52 -14.38 56.06
N LYS B 464 9.08 -14.82 57.25
CA LYS B 464 9.29 -16.20 57.67
C LYS B 464 8.70 -17.19 56.67
N THR B 465 7.49 -16.90 56.19
CA THR B 465 6.79 -17.85 55.32
C THR B 465 7.55 -18.12 54.02
N ILE B 466 8.20 -17.09 53.47
CA ILE B 466 8.93 -17.25 52.22
C ILE B 466 10.31 -17.85 52.49
N VAL C 5 1.71 -14.03 6.72
CA VAL C 5 1.89 -13.97 5.27
C VAL C 5 0.91 -14.94 4.60
N ALA C 6 0.35 -14.52 3.47
CA ALA C 6 -0.69 -15.27 2.78
C ALA C 6 -0.14 -16.02 1.58
N VAL C 7 -0.44 -17.31 1.51
CA VAL C 7 -0.26 -18.11 0.29
C VAL C 7 -1.59 -18.76 -0.02
N PRO C 8 -1.81 -19.21 -1.26
CA PRO C 8 -3.03 -19.96 -1.56
C PRO C 8 -3.06 -21.23 -0.71
N MET C 9 -4.08 -21.35 0.13
CA MET C 9 -4.10 -22.45 1.08
C MET C 9 -5.53 -22.68 1.58
N ASP C 10 -5.83 -23.94 1.87
CA ASP C 10 -6.96 -24.29 2.73
C ASP C 10 -6.38 -24.78 4.05
N SER C 11 -6.56 -23.99 5.12
CA SER C 11 -5.93 -24.32 6.41
C SER C 11 -6.37 -25.67 6.93
N THR C 12 -7.57 -26.12 6.54
CA THR C 12 -8.04 -27.46 6.89
C THR C 12 -7.75 -28.49 5.79
N GLY C 13 -7.15 -28.07 4.67
CA GLY C 13 -6.99 -28.94 3.54
C GLY C 13 -5.79 -29.85 3.66
N PRO C 14 -5.61 -30.71 2.65
CA PRO C 14 -4.49 -31.66 2.68
C PRO C 14 -3.12 -31.01 2.54
N TYR C 15 -3.05 -29.76 2.08
CA TYR C 15 -1.79 -29.03 1.98
C TYR C 15 -1.46 -28.23 3.23
N ARG C 16 -2.25 -28.39 4.29
CA ARG C 16 -2.01 -27.67 5.54
C ARG C 16 -0.72 -28.19 6.19
N THR C 17 -0.15 -27.34 7.05
CA THR C 17 1.02 -27.68 7.82
C THR C 17 0.60 -28.53 9.02
N VAL C 18 1.16 -29.74 9.12
CA VAL C 18 0.84 -30.67 10.20
C VAL C 18 2.03 -30.74 11.15
N SER C 19 1.77 -30.49 12.44
CA SER C 19 2.82 -30.50 13.46
C SER C 19 2.49 -31.55 14.52
N HIS C 20 3.46 -32.42 14.80
CA HIS C 20 3.40 -33.38 15.90
C HIS C 20 4.58 -33.12 16.84
N PRO C 21 4.48 -32.11 17.72
CA PRO C 21 5.61 -31.77 18.59
C PRO C 21 6.06 -32.89 19.50
N GLU C 22 5.20 -33.86 19.83
CA GLU C 22 5.58 -34.92 20.75
C GLU C 22 6.74 -35.77 20.24
N ASN C 23 6.96 -35.79 18.93
CA ASN C 23 7.97 -36.65 18.33
C ASN C 23 9.30 -35.94 18.12
N ALA C 24 9.36 -34.65 18.45
CA ALA C 24 10.61 -33.91 18.31
C ALA C 24 11.63 -34.45 19.31
N PRO C 25 12.90 -34.53 18.91
CA PRO C 25 13.93 -34.91 19.89
C PRO C 25 14.03 -33.84 20.97
N SER C 26 14.43 -34.27 22.16
CA SER C 26 14.51 -33.37 23.30
C SER C 26 15.74 -33.68 24.14
N GLY C 27 16.30 -32.64 24.76
CA GLY C 27 17.50 -32.85 25.56
C GLY C 27 18.68 -33.26 24.70
N VAL C 28 19.36 -34.32 25.13
CA VAL C 28 20.54 -34.79 24.42
C VAL C 28 20.16 -35.31 23.04
N ASP C 29 18.89 -35.66 22.82
CA ASP C 29 18.44 -36.02 21.48
C ASP C 29 18.51 -34.82 20.53
N ALA C 30 18.35 -33.61 21.06
CA ALA C 30 18.37 -32.37 20.29
C ALA C 30 19.77 -31.80 20.06
N GLY C 31 20.82 -32.47 20.53
CA GLY C 31 22.17 -31.99 20.26
C GLY C 31 22.86 -32.80 19.19
N VAL C 32 22.24 -33.90 18.78
CA VAL C 32 22.84 -34.83 17.84
C VAL C 32 22.96 -34.18 16.46
N GLY C 33 24.13 -34.32 15.84
CA GLY C 33 24.37 -33.74 14.54
C GLY C 33 24.72 -32.27 14.60
N PRO C 34 25.02 -31.69 13.44
CA PRO C 34 25.39 -30.27 13.40
C PRO C 34 24.27 -29.38 13.89
N SER C 35 24.63 -28.14 14.23
CA SER C 35 23.67 -27.14 14.65
C SER C 35 23.22 -26.25 13.51
N GLU C 36 23.77 -26.45 12.31
CA GLU C 36 23.38 -25.67 11.15
C GLU C 36 23.67 -26.44 9.87
N TRP C 37 22.90 -26.15 8.84
CA TRP C 37 23.10 -26.67 7.49
C TRP C 37 23.05 -25.47 6.55
N THR C 38 24.21 -25.06 6.04
CA THR C 38 24.31 -23.84 5.25
C THR C 38 24.44 -24.07 3.75
N HIS C 39 24.52 -25.31 3.30
CA HIS C 39 24.87 -25.57 1.91
C HIS C 39 24.14 -26.81 1.41
N ALA C 40 24.03 -26.90 0.09
CA ALA C 40 23.81 -28.21 -0.52
C ALA C 40 24.96 -29.11 -0.11
N TYR C 41 24.62 -30.29 0.44
CA TYR C 41 25.59 -31.21 1.02
C TYR C 41 26.29 -30.61 2.24
N ALA C 42 25.64 -29.63 2.87
CA ALA C 42 25.95 -29.07 4.19
C ALA C 42 27.18 -28.16 4.25
N ASN C 43 28.11 -28.29 3.33
CA ASN C 43 29.33 -27.50 3.40
C ASN C 43 29.88 -27.29 2.00
N PRO C 44 30.68 -26.25 1.80
CA PRO C 44 31.25 -26.00 0.46
C PRO C 44 32.05 -27.17 -0.10
N ALA C 45 32.52 -28.10 0.74
CA ALA C 45 33.28 -29.24 0.26
C ALA C 45 32.41 -30.38 -0.23
N HIS C 46 31.09 -30.31 -0.02
CA HIS C 46 30.14 -31.33 -0.45
C HIS C 46 30.42 -32.69 0.20
N ASN C 47 31.01 -32.67 1.39
CA ASN C 47 31.18 -33.86 2.20
C ASN C 47 30.35 -33.68 3.46
N ALA C 48 29.25 -34.42 3.57
CA ALA C 48 28.46 -34.40 4.80
C ALA C 48 28.81 -35.69 5.54
N ALA C 49 29.75 -35.57 6.48
CA ALA C 49 30.15 -36.66 7.36
C ALA C 49 30.37 -36.04 8.72
N PHE C 50 29.55 -36.43 9.69
CA PHE C 50 29.56 -35.78 11.00
C PHE C 50 29.88 -36.77 12.12
N PRO C 51 31.07 -36.68 12.73
CA PRO C 51 31.37 -37.50 13.90
C PRO C 51 30.66 -36.98 15.16
N VAL C 52 30.46 -37.90 16.09
CA VAL C 52 29.77 -37.59 17.34
C VAL C 52 30.74 -37.75 18.50
N PRO C 53 30.54 -37.06 19.63
CA PRO C 53 31.40 -37.27 20.79
C PRO C 53 31.34 -38.70 21.30
N ASP C 54 32.37 -39.08 22.08
CA ASP C 54 32.42 -40.42 22.64
C ASP C 54 31.24 -40.68 23.58
N ASP C 55 30.75 -39.64 24.25
CA ASP C 55 29.63 -39.75 25.18
C ASP C 55 28.28 -39.53 24.52
N ALA C 56 28.24 -39.43 23.19
CA ALA C 56 26.98 -39.20 22.49
C ALA C 56 25.98 -40.31 22.80
N PRO C 57 24.68 -40.00 22.71
CA PRO C 57 23.66 -41.01 23.03
C PRO C 57 23.83 -42.29 22.20
N GLU C 58 23.39 -43.39 22.80
CA GLU C 58 23.72 -44.72 22.27
C GLU C 58 23.10 -44.97 20.91
N TRP C 59 21.93 -44.38 20.63
CA TRP C 59 21.20 -44.73 19.41
C TRP C 59 21.93 -44.29 18.15
N ILE C 60 22.58 -43.12 18.17
CA ILE C 60 23.28 -42.69 16.97
C ILE C 60 24.63 -43.39 16.83
N ARG C 61 25.31 -43.64 17.95
CA ARG C 61 26.62 -44.29 17.87
C ARG C 61 26.47 -45.75 17.45
N ASN C 62 25.48 -46.44 18.03
CA ASN C 62 25.20 -47.82 17.66
C ASN C 62 24.47 -47.89 16.33
N GLY C 63 23.73 -46.85 15.99
CA GLY C 63 22.98 -46.73 14.76
C GLY C 63 21.50 -47.02 14.96
N VAL C 64 20.67 -46.32 14.19
CA VAL C 64 19.23 -46.54 14.21
C VAL C 64 18.79 -46.90 12.80
N SER C 65 17.64 -47.59 12.73
CA SER C 65 17.07 -48.02 11.47
C SER C 65 15.59 -47.67 11.44
N TRP C 66 15.21 -46.78 10.52
CA TRP C 66 13.79 -46.50 10.33
C TRP C 66 13.57 -46.10 8.89
N LEU C 67 12.34 -46.29 8.43
CA LEU C 67 11.95 -46.02 7.04
C LEU C 67 10.68 -45.20 7.07
N PHE C 68 10.71 -44.04 6.41
CA PHE C 68 9.60 -43.09 6.45
C PHE C 68 9.01 -42.92 5.05
N PRO C 69 7.75 -43.30 4.82
CA PRO C 69 7.12 -43.03 3.52
C PRO C 69 6.85 -41.55 3.37
N GLU C 70 7.22 -41.00 2.22
CA GLU C 70 6.80 -39.65 1.87
C GLU C 70 5.47 -39.72 1.14
N ALA C 71 4.91 -38.55 0.79
CA ALA C 71 3.51 -38.46 0.40
C ALA C 71 3.20 -39.39 -0.77
N ARG C 72 4.05 -39.38 -1.79
CA ARG C 72 3.91 -40.20 -2.97
C ARG C 72 4.78 -41.46 -2.93
N ALA C 73 5.23 -41.87 -1.75
CA ALA C 73 6.15 -42.99 -1.61
C ALA C 73 5.72 -44.20 -2.42
N TRP C 74 6.71 -44.81 -3.09
CA TRP C 74 6.57 -45.94 -3.97
C TRP C 74 7.45 -47.08 -3.47
N PRO C 75 6.96 -48.32 -3.51
CA PRO C 75 7.71 -49.42 -2.89
C PRO C 75 9.08 -49.60 -3.51
N LEU C 76 10.07 -49.79 -2.65
CA LEU C 76 11.46 -49.85 -3.10
C LEU C 76 11.71 -51.06 -4.00
N ALA C 77 10.94 -52.14 -3.82
CA ALA C 77 11.13 -53.33 -4.65
C ALA C 77 10.62 -53.12 -6.07
N ASN C 78 9.64 -52.24 -6.26
CA ASN C 78 8.98 -52.11 -7.54
C ASN C 78 9.88 -51.42 -8.58
N PRO C 79 9.69 -51.76 -9.85
CA PRO C 79 10.34 -51.01 -10.93
C PRO C 79 9.71 -49.64 -11.08
N PRO C 80 10.21 -48.79 -11.97
CA PRO C 80 9.65 -47.44 -12.07
C PRO C 80 8.18 -47.46 -12.49
N PHE C 81 7.38 -46.66 -11.80
CA PHE C 81 5.98 -46.49 -12.16
C PHE C 81 5.89 -45.91 -13.58
N GLY C 82 4.94 -46.40 -14.36
CA GLY C 82 4.90 -45.98 -15.74
C GLY C 82 5.88 -46.77 -16.60
N SER C 83 5.96 -48.08 -16.38
CA SER C 83 6.98 -48.90 -17.04
C SER C 83 6.80 -48.93 -18.55
N LYS C 84 5.61 -49.29 -19.02
CA LYS C 84 5.42 -49.61 -20.44
C LYS C 84 5.10 -48.38 -21.29
N THR C 85 5.11 -47.18 -20.73
CA THR C 85 4.85 -45.96 -21.48
C THR C 85 6.13 -45.23 -21.88
N TYR C 86 6.89 -44.74 -20.89
CA TYR C 86 8.10 -43.98 -21.18
C TYR C 86 9.29 -44.89 -21.48
N GLY C 87 9.37 -46.03 -20.82
CA GLY C 87 10.57 -46.84 -20.79
C GLY C 87 11.23 -46.80 -19.42
N ALA C 88 12.05 -47.82 -19.17
CA ALA C 88 12.60 -48.03 -17.83
C ALA C 88 13.48 -46.87 -17.38
N ALA C 89 14.42 -46.46 -18.23
CA ALA C 89 15.33 -45.38 -17.85
C ALA C 89 14.62 -44.04 -17.81
N GLU C 90 13.78 -43.76 -18.80
CA GLU C 90 13.05 -42.50 -18.83
C GLU C 90 12.07 -42.39 -17.66
N ALA C 91 11.45 -43.51 -17.27
CA ALA C 91 10.54 -43.49 -16.13
C ALA C 91 11.29 -43.32 -14.81
N SER C 92 12.50 -43.87 -14.71
CA SER C 92 13.32 -43.67 -13.52
C SER C 92 13.63 -42.19 -13.33
N VAL C 93 14.05 -41.52 -14.40
CA VAL C 93 14.33 -40.09 -14.33
C VAL C 93 13.05 -39.31 -14.08
N THR C 94 11.96 -39.66 -14.75
CA THR C 94 10.71 -38.91 -14.63
C THR C 94 10.13 -38.99 -13.22
N GLN C 95 10.09 -40.20 -12.64
CA GLN C 95 9.58 -40.32 -11.28
C GLN C 95 10.51 -39.60 -10.29
N THR C 96 11.81 -39.74 -10.49
CA THR C 96 12.79 -38.98 -9.70
C THR C 96 12.47 -37.49 -9.74
N GLN C 97 12.14 -36.97 -10.94
CA GLN C 97 12.01 -35.52 -11.10
C GLN C 97 10.67 -34.99 -10.61
N PHE C 98 9.56 -35.70 -10.83
CA PHE C 98 8.26 -35.19 -10.40
C PHE C 98 7.66 -35.84 -9.17
N TYR C 99 8.27 -36.89 -8.61
CA TYR C 99 7.72 -37.54 -7.42
C TYR C 99 8.66 -37.52 -6.22
N GLY C 100 9.86 -38.05 -6.35
CA GLY C 100 10.71 -38.30 -5.20
C GLY C 100 11.68 -37.18 -4.92
N ASN C 101 12.58 -37.45 -3.98
CA ASN C 101 13.60 -36.48 -3.60
C ASN C 101 14.69 -36.42 -4.67
N ALA C 102 15.02 -35.22 -5.11
CA ALA C 102 16.16 -35.06 -6.02
C ALA C 102 17.47 -35.05 -5.26
N LEU C 103 17.54 -34.37 -4.13
CA LEU C 103 18.75 -34.26 -3.32
C LEU C 103 18.54 -34.96 -1.98
N GLY C 104 19.60 -34.99 -1.18
CA GLY C 104 19.58 -35.69 0.09
C GLY C 104 18.95 -34.88 1.19
N PRO C 105 19.00 -35.43 2.41
CA PRO C 105 18.40 -34.73 3.56
C PRO C 105 19.37 -33.78 4.24
N SER C 106 18.87 -33.08 5.27
CA SER C 106 19.68 -32.19 6.10
C SER C 106 19.45 -32.55 7.55
N VAL C 107 20.49 -33.01 8.23
CA VAL C 107 20.40 -33.50 9.60
C VAL C 107 20.99 -32.46 10.54
N VAL C 108 20.14 -31.85 11.36
CA VAL C 108 20.56 -30.80 12.28
C VAL C 108 19.84 -30.98 13.62
N ASP C 109 20.62 -31.02 14.70
CA ASP C 109 20.12 -31.02 16.08
C ASP C 109 19.03 -32.07 16.28
N GLY C 110 19.31 -33.29 15.85
CA GLY C 110 18.44 -34.43 16.07
C GLY C 110 17.25 -34.55 15.15
N VAL C 111 17.17 -33.74 14.10
CA VAL C 111 16.05 -33.77 13.17
C VAL C 111 16.56 -33.93 11.75
N VAL C 112 15.89 -34.76 10.98
CA VAL C 112 16.21 -34.96 9.57
C VAL C 112 15.20 -34.18 8.73
N TYR C 113 15.71 -33.32 7.85
CA TYR C 113 14.90 -32.48 7.00
C TYR C 113 15.06 -32.89 5.54
N ALA C 114 13.95 -33.00 4.84
CA ALA C 114 13.95 -33.31 3.42
C ALA C 114 12.85 -32.52 2.74
N GLU C 115 13.08 -32.17 1.49
CA GLU C 115 12.06 -31.58 0.65
C GLU C 115 11.98 -32.40 -0.63
N SER C 116 10.76 -32.61 -1.12
CA SER C 116 10.52 -33.58 -2.18
C SER C 116 9.82 -32.93 -3.36
N ASP C 117 9.93 -33.59 -4.51
CA ASP C 117 9.23 -33.19 -5.70
C ASP C 117 7.73 -33.43 -5.60
N ASP C 118 7.26 -34.04 -4.51
CA ASP C 118 5.85 -34.16 -4.21
C ASP C 118 5.27 -32.89 -3.60
N MET C 119 6.09 -31.84 -3.54
CA MET C 119 5.73 -30.50 -3.08
C MET C 119 5.55 -30.39 -1.57
N PHE C 120 6.12 -31.31 -0.80
CA PHE C 120 6.18 -31.18 0.65
C PHE C 120 7.63 -31.14 1.12
N ALA C 121 7.84 -30.43 2.23
CA ALA C 121 9.05 -30.51 3.02
C ALA C 121 8.73 -31.20 4.34
N TYR C 122 9.66 -32.05 4.79
CA TYR C 122 9.45 -32.86 5.99
C TYR C 122 10.54 -32.60 7.02
N ALA C 123 10.14 -32.64 8.29
CA ALA C 123 11.06 -32.68 9.42
C ALA C 123 10.78 -33.95 10.19
N VAL C 124 11.72 -34.87 10.19
CA VAL C 124 11.54 -36.19 10.80
C VAL C 124 12.57 -36.40 11.90
N ASN C 125 12.18 -37.13 12.93
CA ASN C 125 13.06 -37.39 14.07
C ASN C 125 14.18 -38.34 13.66
N ALA C 126 15.42 -37.94 13.96
CA ALA C 126 16.58 -38.72 13.51
C ALA C 126 16.64 -40.07 14.22
N LYS C 127 16.10 -40.17 15.43
CA LYS C 127 16.10 -41.44 16.15
C LYS C 127 14.93 -42.33 15.73
N THR C 128 13.70 -41.89 16.02
CA THR C 128 12.53 -42.73 15.82
C THR C 128 12.06 -42.75 14.37
N GLY C 129 12.04 -41.60 13.71
CA GLY C 129 11.46 -41.50 12.39
C GLY C 129 10.04 -40.96 12.35
N LYS C 130 9.52 -40.46 13.46
CA LYS C 130 8.18 -39.93 13.52
C LYS C 130 8.16 -38.45 13.15
N LEU C 131 7.07 -38.04 12.50
CA LEU C 131 6.98 -36.73 11.87
C LEU C 131 6.91 -35.62 12.90
N ILE C 132 7.85 -34.67 12.84
CA ILE C 132 7.74 -33.45 13.65
C ILE C 132 6.81 -32.45 12.96
N TRP C 133 7.04 -32.19 11.69
CA TRP C 133 6.13 -31.36 10.91
C TRP C 133 6.30 -31.66 9.43
N ARG C 134 5.28 -31.27 8.67
CA ARG C 134 5.25 -31.37 7.22
C ARG C 134 4.58 -30.13 6.68
N ALA C 135 5.07 -29.63 5.54
CA ALA C 135 4.54 -28.37 5.03
C ALA C 135 4.59 -28.35 3.51
N SER C 136 3.66 -27.59 2.91
CA SER C 136 3.62 -27.38 1.47
C SER C 136 3.19 -25.95 1.19
N PRO C 137 4.07 -24.97 1.45
CA PRO C 137 3.69 -23.57 1.22
C PRO C 137 3.53 -23.20 -0.24
N VAL C 138 4.07 -24.00 -1.16
CA VAL C 138 4.07 -23.65 -2.57
C VAL C 138 3.71 -24.88 -3.39
N GLY C 139 3.01 -24.65 -4.49
CA GLY C 139 2.51 -25.71 -5.33
C GLY C 139 3.47 -26.19 -6.41
N ASN C 140 4.77 -26.05 -6.16
CA ASN C 140 5.79 -26.43 -7.12
C ASN C 140 6.75 -27.43 -6.48
N ASN C 141 7.55 -28.08 -7.32
CA ASN C 141 8.54 -29.03 -6.84
C ASN C 141 9.59 -28.33 -5.97
N LEU C 142 10.20 -29.09 -5.06
CA LEU C 142 11.32 -28.65 -4.24
C LEU C 142 12.49 -29.59 -4.53
N MET C 143 13.50 -29.07 -5.25
CA MET C 143 14.59 -29.86 -5.82
C MET C 143 15.91 -29.80 -5.03
N GLY C 144 15.88 -29.51 -3.74
CA GLY C 144 17.14 -29.28 -3.05
C GLY C 144 17.20 -29.81 -1.63
N ASN C 145 18.25 -29.46 -0.88
CA ASN C 145 18.05 -29.91 0.49
C ASN C 145 17.83 -28.73 1.43
N PRO C 146 16.99 -28.89 2.45
CA PRO C 146 16.64 -27.73 3.28
C PRO C 146 17.86 -27.19 4.01
N LEU C 147 17.95 -25.87 4.06
CA LEU C 147 18.99 -25.21 4.83
C LEU C 147 18.41 -24.90 6.20
N VAL C 148 19.09 -25.36 7.24
CA VAL C 148 18.62 -25.21 8.61
C VAL C 148 19.58 -24.27 9.32
N ILE C 149 19.10 -23.08 9.65
CA ILE C 149 19.90 -22.07 10.33
C ILE C 149 19.04 -21.44 11.41
N GLY C 150 19.52 -21.47 12.65
CA GLY C 150 18.74 -20.93 13.76
C GLY C 150 17.41 -21.66 13.86
N ASN C 151 16.33 -20.89 13.92
CA ASN C 151 14.97 -21.44 13.93
C ASN C 151 14.31 -21.44 12.56
N THR C 152 15.04 -21.12 11.50
CA THR C 152 14.45 -20.96 10.18
C THR C 152 15.00 -22.04 9.24
N VAL C 153 14.09 -22.70 8.53
CA VAL C 153 14.42 -23.62 7.45
C VAL C 153 14.09 -22.95 6.13
N TYR C 154 14.95 -23.12 5.13
CA TYR C 154 14.82 -22.42 3.86
C TYR C 154 14.58 -23.44 2.75
N LEU C 155 13.53 -23.22 1.98
CA LEU C 155 13.14 -24.11 0.90
C LEU C 155 13.28 -23.39 -0.43
N SER C 156 13.59 -24.14 -1.47
CA SER C 156 13.72 -23.61 -2.83
C SER C 156 12.72 -24.31 -3.73
N ALA C 157 11.88 -23.54 -4.40
CA ALA C 157 10.82 -24.06 -5.25
C ALA C 157 11.20 -23.86 -6.71
N GLY C 158 11.01 -24.89 -7.51
CA GLY C 158 11.29 -24.80 -8.93
C GLY C 158 11.01 -26.14 -9.60
N SER C 159 10.90 -26.08 -10.91
CA SER C 159 10.56 -27.24 -11.72
C SER C 159 11.65 -27.48 -12.76
N VAL C 160 11.65 -28.69 -13.32
CA VAL C 160 12.70 -29.08 -14.25
C VAL C 160 12.63 -28.25 -15.53
N ALA C 161 11.43 -27.98 -16.02
CA ALA C 161 11.25 -27.21 -17.24
C ALA C 161 10.82 -25.79 -16.94
N ASN C 182 8.00 -19.05 -16.34
CA ASN C 182 6.57 -18.97 -16.06
C ASN C 182 5.94 -20.36 -15.94
N VAL C 183 6.66 -21.27 -15.32
CA VAL C 183 6.16 -22.61 -15.00
C VAL C 183 6.00 -22.68 -13.49
N SER C 184 4.74 -22.70 -13.04
CA SER C 184 4.36 -22.67 -11.64
C SER C 184 5.01 -21.47 -10.93
N PHE C 185 5.47 -21.67 -9.70
CA PHE C 185 6.05 -20.59 -8.93
C PHE C 185 7.42 -20.98 -8.39
N ASN C 186 8.33 -20.01 -8.42
CA ASN C 186 9.73 -20.22 -8.08
C ASN C 186 10.13 -19.25 -6.98
N GLY C 187 11.09 -19.67 -6.18
CA GLY C 187 11.73 -18.76 -5.24
C GLY C 187 12.13 -19.50 -3.98
N ILE C 188 12.44 -18.72 -2.96
CA ILE C 188 12.85 -19.23 -1.65
C ILE C 188 11.70 -19.03 -0.68
N TYR C 189 11.29 -20.11 -0.01
CA TYR C 189 10.31 -20.04 1.05
C TYR C 189 10.98 -20.40 2.38
N ALA C 190 10.76 -19.55 3.39
CA ALA C 190 11.42 -19.69 4.68
C ALA C 190 10.36 -19.97 5.73
N LEU C 191 10.45 -21.12 6.39
CA LEU C 191 9.51 -21.51 7.42
C LEU C 191 10.21 -21.74 8.75
N ASN C 192 9.43 -21.58 9.82
CA ASN C 192 9.89 -21.91 11.17
C ASN C 192 10.29 -23.37 11.27
N ARG C 193 11.49 -23.60 11.82
CA ARG C 193 12.01 -24.96 11.97
C ARG C 193 11.20 -25.78 12.97
N SER C 194 10.56 -25.13 13.94
CA SER C 194 9.88 -25.84 15.01
C SER C 194 8.52 -26.39 14.54
N ASN C 195 7.56 -25.51 14.28
CA ASN C 195 6.22 -25.94 13.88
C ASN C 195 6.00 -25.99 12.38
N GLY C 196 6.92 -25.45 11.58
CA GLY C 196 6.77 -25.46 10.15
C GLY C 196 5.96 -24.32 9.56
N LYS C 197 5.49 -23.38 10.38
CA LYS C 197 4.69 -22.28 9.86
C LYS C 197 5.52 -21.42 8.89
N LEU C 198 4.81 -20.74 8.00
CA LEU C 198 5.46 -19.98 6.94
C LEU C 198 5.88 -18.61 7.45
N LEU C 199 7.17 -18.33 7.37
CA LEU C 199 7.70 -17.03 7.79
C LEU C 199 7.63 -16.02 6.65
N TRP C 200 8.31 -16.30 5.55
CA TRP C 200 8.27 -15.42 4.38
C TRP C 200 8.69 -16.20 3.15
N TYR C 201 8.37 -15.63 1.99
CA TYR C 201 8.86 -16.14 0.72
C TYR C 201 9.42 -15.00 -0.11
N PHE C 202 10.41 -15.31 -0.93
CA PHE C 202 10.92 -14.40 -1.95
C PHE C 202 10.78 -15.09 -3.29
N ALA C 203 9.90 -14.57 -4.14
CA ALA C 203 9.63 -15.18 -5.44
C ALA C 203 10.58 -14.65 -6.50
N THR C 204 11.01 -15.55 -7.39
CA THR C 204 11.84 -15.17 -8.53
C THR C 204 11.20 -15.65 -9.82
N PRO C 205 11.38 -14.91 -10.93
CA PRO C 205 10.86 -15.36 -12.22
C PRO C 205 11.48 -16.68 -12.71
N GLY C 206 12.78 -16.86 -12.52
CA GLY C 206 13.48 -18.02 -13.02
C GLY C 206 13.67 -19.12 -11.99
N GLU C 207 14.26 -20.23 -12.46
CA GLU C 207 14.43 -21.43 -11.64
C GLU C 207 15.26 -21.16 -10.39
N THR C 208 14.72 -21.61 -9.25
CA THR C 208 15.43 -21.77 -7.99
C THR C 208 15.70 -23.24 -7.65
N MET C 209 15.56 -24.15 -8.62
CA MET C 209 15.94 -25.55 -8.39
C MET C 209 17.26 -25.65 -7.65
N ALA C 210 18.22 -24.78 -7.98
CA ALA C 210 19.50 -24.78 -7.30
C ALA C 210 19.31 -24.46 -5.82
N THR C 211 20.02 -25.19 -4.98
CA THR C 211 20.00 -24.87 -3.55
C THR C 211 20.68 -23.51 -3.33
N PRO C 212 20.08 -22.61 -2.56
CA PRO C 212 20.78 -21.37 -2.23
C PRO C 212 21.93 -21.60 -1.26
N ALA C 213 22.69 -20.55 -0.96
CA ALA C 213 23.75 -20.62 0.03
C ALA C 213 23.49 -19.61 1.13
N TYR C 214 23.81 -19.98 2.36
CA TYR C 214 23.71 -19.09 3.52
C TYR C 214 25.09 -18.66 3.97
N ASP C 215 25.27 -17.35 4.15
CA ASP C 215 26.38 -16.85 4.93
C ASP C 215 25.97 -15.54 5.60
N ASN C 216 26.31 -15.41 6.89
CA ASN C 216 26.15 -14.19 7.67
C ASN C 216 24.81 -13.49 7.42
N ASN C 217 23.70 -14.13 7.80
CA ASN C 217 22.37 -13.52 7.75
C ASN C 217 21.95 -13.15 6.32
N THR C 218 22.44 -13.87 5.32
CA THR C 218 22.10 -13.54 3.93
C THR C 218 22.00 -14.82 3.12
N LEU C 219 20.99 -14.88 2.24
CA LEU C 219 20.77 -15.99 1.34
C LEU C 219 21.13 -15.61 -0.08
N PHE C 220 21.72 -16.55 -0.82
CA PHE C 220 22.26 -16.30 -2.15
C PHE C 220 21.72 -17.35 -3.11
N ILE C 221 21.05 -16.89 -4.17
CA ILE C 221 20.37 -17.78 -5.11
C ILE C 221 20.47 -17.20 -6.51
N ALA C 222 20.48 -18.08 -7.50
CA ALA C 222 20.53 -17.71 -8.91
C ALA C 222 19.34 -18.31 -9.64
N ASP C 223 18.71 -17.52 -10.50
CA ASP C 223 17.51 -17.94 -11.21
C ASP C 223 17.84 -18.36 -12.63
N GLY C 224 16.80 -18.76 -13.37
CA GLY C 224 16.93 -19.10 -14.77
C GLY C 224 16.84 -17.92 -15.73
N ALA C 225 16.54 -16.73 -15.22
CA ALA C 225 16.48 -15.53 -16.03
C ALA C 225 17.81 -14.78 -16.06
N GLY C 226 18.85 -15.32 -15.43
CA GLY C 226 20.15 -14.70 -15.41
C GLY C 226 20.38 -13.73 -14.27
N ASN C 227 19.63 -13.82 -13.18
CA ASN C 227 19.74 -12.91 -12.05
C ASN C 227 20.17 -13.66 -10.81
N ALA C 228 21.12 -13.09 -10.09
CA ALA C 228 21.56 -13.59 -8.79
C ALA C 228 21.19 -12.59 -7.71
N PHE C 229 20.71 -13.09 -6.58
CA PHE C 229 20.21 -12.23 -5.51
C PHE C 229 20.89 -12.57 -4.18
N GLY C 230 21.28 -11.53 -3.44
CA GLY C 230 21.41 -11.64 -2.01
C GLY C 230 20.08 -11.26 -1.35
N ILE C 231 19.77 -11.95 -0.25
CA ILE C 231 18.48 -11.79 0.42
C ILE C 231 18.70 -11.87 1.93
N ASN C 232 18.04 -10.98 2.66
CA ASN C 232 18.14 -11.00 4.10
C ASN C 232 17.46 -12.27 4.61
N ALA C 233 18.22 -13.10 5.33
CA ALA C 233 17.73 -14.38 5.79
C ALA C 233 16.75 -14.26 6.94
N THR C 234 16.59 -13.06 7.50
CA THR C 234 15.66 -12.82 8.60
C THR C 234 14.39 -12.14 8.12
N THR C 235 14.52 -10.93 7.56
CA THR C 235 13.35 -10.18 7.12
C THR C 235 12.76 -10.74 5.82
N GLY C 236 13.59 -11.36 4.99
CA GLY C 236 13.15 -11.84 3.70
C GLY C 236 13.22 -10.83 2.58
N LYS C 237 13.46 -9.55 2.89
CA LYS C 237 13.55 -8.52 1.88
C LYS C 237 14.86 -8.61 1.10
N GLN C 238 14.78 -8.26 -0.18
CA GLN C 238 15.94 -8.34 -1.06
C GLN C 238 17.07 -7.44 -0.56
N VAL C 239 18.31 -7.91 -0.74
CA VAL C 239 19.50 -7.10 -0.44
C VAL C 239 20.09 -6.52 -1.72
N TRP C 240 20.53 -7.38 -2.64
CA TRP C 240 21.10 -6.93 -3.90
C TRP C 240 20.66 -7.83 -5.03
N LYS C 241 20.73 -7.27 -6.25
CA LYS C 241 20.39 -7.98 -7.47
C LYS C 241 21.46 -7.69 -8.52
N THR C 242 21.98 -8.74 -9.14
CA THR C 242 23.00 -8.62 -10.18
C THR C 242 22.64 -9.54 -11.33
N HIS C 243 22.60 -9.01 -12.55
CA HIS C 243 22.24 -9.80 -13.72
C HIS C 243 23.49 -10.40 -14.36
N VAL C 244 23.67 -11.71 -14.20
CA VAL C 244 24.77 -12.41 -14.84
C VAL C 244 24.39 -13.00 -16.20
N GLY C 245 23.11 -13.14 -16.50
CA GLY C 245 22.67 -13.80 -17.72
C GLY C 245 22.73 -15.32 -17.63
N GLY C 246 21.98 -15.98 -18.50
CA GLY C 246 21.99 -17.43 -18.58
C GLY C 246 20.94 -18.10 -17.72
N MET C 247 21.16 -19.41 -17.50
CA MET C 247 20.25 -20.24 -16.73
C MET C 247 21.03 -21.08 -15.75
N ASP C 248 20.63 -21.05 -14.49
CA ASP C 248 21.18 -21.93 -13.45
C ASP C 248 20.24 -23.12 -13.32
N ASN C 249 20.73 -24.31 -13.69
CA ASN C 249 19.82 -25.44 -13.71
C ASN C 249 19.84 -26.21 -12.39
N MET C 250 20.83 -27.07 -12.20
CA MET C 250 21.02 -27.79 -10.94
C MET C 250 22.19 -27.28 -10.11
N SER C 251 22.88 -26.22 -10.53
CA SER C 251 24.13 -25.84 -9.88
C SER C 251 23.79 -24.93 -8.71
N SER C 252 23.96 -25.45 -7.50
CA SER C 252 23.58 -24.73 -6.30
C SER C 252 24.68 -23.75 -5.89
N VAL C 253 24.25 -22.62 -5.33
CA VAL C 253 25.19 -21.56 -4.97
C VAL C 253 26.10 -22.06 -3.86
N THR C 254 27.40 -21.77 -3.99
CA THR C 254 28.39 -22.13 -2.99
C THR C 254 28.95 -20.85 -2.37
N ALA C 255 28.82 -20.72 -1.06
CA ALA C 255 29.30 -19.55 -0.33
C ALA C 255 30.60 -19.94 0.38
N TYR C 256 31.71 -19.36 -0.07
CA TYR C 256 33.02 -19.70 0.45
C TYR C 256 33.84 -18.43 0.63
N ARG C 257 34.30 -18.20 1.86
CA ARG C 257 35.17 -17.07 2.20
C ARG C 257 34.61 -15.74 1.69
N HIS C 258 33.39 -15.44 2.15
CA HIS C 258 32.72 -14.15 1.92
C HIS C 258 32.34 -13.93 0.47
N ASN C 259 32.51 -14.92 -0.40
CA ASN C 259 32.11 -14.82 -1.79
C ASN C 259 31.25 -16.02 -2.15
N ILE C 260 30.37 -15.81 -3.14
CA ILE C 260 29.48 -16.86 -3.63
C ILE C 260 29.91 -17.24 -5.06
N TYR C 261 29.90 -18.54 -5.33
CA TYR C 261 30.35 -19.12 -6.59
C TYR C 261 29.24 -19.97 -7.16
N PHE C 262 28.90 -19.75 -8.44
CA PHE C 262 27.85 -20.53 -9.08
C PHE C 262 28.06 -20.54 -10.58
N ALA C 263 27.49 -21.56 -11.22
CA ALA C 263 27.59 -21.78 -12.66
C ALA C 263 26.26 -21.47 -13.35
N MET C 264 26.36 -20.99 -14.59
CA MET C 264 25.21 -20.65 -15.43
C MET C 264 25.31 -21.38 -16.76
N ALA C 265 24.15 -21.74 -17.31
CA ALA C 265 24.09 -22.37 -18.63
C ALA C 265 23.72 -21.35 -19.70
N ILE C 266 23.80 -21.80 -20.96
CA ILE C 266 23.52 -21.05 -22.18
C ILE C 266 24.66 -20.05 -22.41
N LYS C 267 25.37 -19.69 -21.34
CA LYS C 267 26.60 -18.92 -21.43
C LYS C 267 27.55 -19.48 -20.39
N PRO C 268 28.24 -20.58 -20.69
CA PRO C 268 28.77 -21.45 -19.64
C PRO C 268 29.97 -20.87 -18.87
N TYR C 269 29.69 -20.02 -17.88
CA TYR C 269 30.72 -19.43 -17.04
C TYR C 269 30.44 -19.76 -15.57
N LEU C 270 31.52 -19.91 -14.80
CA LEU C 270 31.47 -19.96 -13.34
C LEU C 270 31.80 -18.58 -12.79
N TYR C 271 30.89 -18.01 -11.99
CA TYR C 271 30.99 -16.65 -11.50
C TYR C 271 31.39 -16.63 -10.03
N CYS C 272 32.12 -15.59 -9.63
CA CYS C 272 32.40 -15.29 -8.24
C CYS C 272 31.91 -13.89 -7.93
N LEU C 273 31.03 -13.76 -6.95
CA LEU C 273 30.41 -12.49 -6.59
C LEU C 273 30.67 -12.16 -5.12
N ASN C 274 30.59 -10.87 -4.81
CA ASN C 274 30.77 -10.38 -3.45
C ASN C 274 29.45 -10.52 -2.69
N GLU C 275 29.48 -11.22 -1.55
CA GLU C 275 28.25 -11.46 -0.80
C GLU C 275 27.56 -10.19 -0.33
N SER C 276 28.32 -9.12 -0.07
CA SER C 276 27.74 -7.94 0.56
C SER C 276 27.01 -7.06 -0.44
N ASN C 277 27.72 -6.52 -1.42
CA ASN C 277 27.15 -5.61 -2.40
C ASN C 277 26.76 -6.28 -3.72
N GLY C 278 27.06 -7.56 -3.89
CA GLY C 278 26.73 -8.26 -5.12
C GLY C 278 27.61 -7.98 -6.31
N HIS C 279 28.71 -7.25 -6.14
CA HIS C 279 29.61 -6.96 -7.24
C HIS C 279 30.30 -8.23 -7.74
N ILE C 280 30.62 -8.24 -9.03
CA ILE C 280 31.26 -9.40 -9.67
C ILE C 280 32.75 -9.37 -9.39
N VAL C 281 33.26 -10.43 -8.76
CA VAL C 281 34.70 -10.53 -8.52
C VAL C 281 35.44 -11.00 -9.77
N TRP C 282 35.13 -12.21 -10.25
CA TRP C 282 35.78 -12.73 -11.44
C TRP C 282 34.89 -13.77 -12.11
N LYS C 283 35.21 -14.06 -13.37
CA LYS C 283 34.54 -15.09 -14.16
C LYS C 283 35.55 -16.13 -14.62
N GLY C 284 35.07 -17.36 -14.82
CA GLY C 284 35.92 -18.45 -15.26
C GLY C 284 35.13 -19.38 -16.16
N THR C 285 35.84 -20.19 -16.93
CA THR C 285 35.22 -21.00 -17.99
C THR C 285 35.76 -22.41 -17.96
N ILE C 286 35.27 -23.23 -18.89
CA ILE C 286 35.84 -24.54 -19.20
C ILE C 286 36.04 -24.65 -20.72
N ASN C 296 24.62 -27.54 -14.18
CA ASN C 296 23.92 -28.72 -13.66
C ASN C 296 24.66 -29.31 -12.47
N VAL C 297 25.91 -28.87 -12.29
CA VAL C 297 26.79 -29.40 -11.26
C VAL C 297 27.12 -28.29 -10.27
N SER C 298 27.10 -28.62 -8.98
CA SER C 298 27.43 -27.64 -7.95
C SER C 298 28.94 -27.61 -7.72
N PRO C 299 29.59 -26.45 -7.79
CA PRO C 299 31.03 -26.41 -7.58
C PRO C 299 31.38 -26.62 -6.10
N ALA C 300 32.45 -27.37 -5.87
CA ALA C 300 32.97 -27.61 -4.54
C ALA C 300 34.18 -26.70 -4.28
N ALA C 301 34.28 -26.20 -3.05
CA ALA C 301 35.37 -25.31 -2.66
C ALA C 301 36.02 -25.82 -1.38
N ALA C 302 37.34 -25.97 -1.41
CA ALA C 302 38.13 -26.23 -0.21
C ALA C 302 39.53 -25.70 -0.42
N ASP C 303 40.13 -25.20 0.66
CA ASP C 303 41.53 -24.81 0.71
C ASP C 303 41.88 -23.85 -0.43
N GLY C 304 41.03 -22.84 -0.61
CA GLY C 304 41.29 -21.84 -1.64
C GLY C 304 41.15 -22.33 -3.05
N VAL C 305 40.59 -23.52 -3.26
CA VAL C 305 40.44 -24.12 -4.58
C VAL C 305 38.95 -24.36 -4.82
N VAL C 306 38.50 -24.10 -6.05
CA VAL C 306 37.11 -24.30 -6.44
C VAL C 306 37.10 -25.24 -7.63
N VAL C 307 36.39 -26.37 -7.50
CA VAL C 307 36.40 -27.44 -8.48
C VAL C 307 35.04 -27.52 -9.16
N LEU C 308 35.07 -27.67 -10.48
CA LEU C 308 33.86 -27.91 -11.26
C LEU C 308 34.21 -28.81 -12.44
N ASP C 309 33.23 -29.58 -12.91
CA ASP C 309 33.35 -30.35 -14.13
C ASP C 309 32.10 -30.15 -14.97
N ALA C 310 32.23 -30.34 -16.29
CA ALA C 310 31.12 -30.10 -17.20
C ALA C 310 31.26 -31.03 -18.40
N THR C 311 30.43 -30.80 -19.41
CA THR C 311 30.32 -31.66 -20.58
C THR C 311 30.38 -30.79 -21.83
N THR C 312 30.66 -31.40 -22.98
CA THR C 312 30.63 -30.72 -24.27
C THR C 312 29.79 -31.52 -25.27
N SER C 323 32.74 -35.10 -23.76
CA SER C 323 33.13 -35.88 -22.59
C SER C 323 32.93 -35.08 -21.32
N ASN C 324 33.80 -35.29 -20.34
CA ASN C 324 33.73 -34.60 -19.05
C ASN C 324 35.08 -34.00 -18.73
N VAL C 325 35.10 -32.72 -18.41
CA VAL C 325 36.32 -31.98 -18.14
C VAL C 325 36.19 -31.35 -16.76
N ILE C 326 37.15 -31.64 -15.88
CA ILE C 326 37.17 -31.09 -14.54
C ILE C 326 38.26 -30.03 -14.48
N ARG C 327 37.96 -28.92 -13.81
CA ARG C 327 38.89 -27.81 -13.74
C ARG C 327 38.83 -27.15 -12.37
N ALA C 328 39.99 -26.84 -11.80
CA ALA C 328 40.10 -26.17 -10.52
C ALA C 328 40.58 -24.74 -10.68
N PHE C 329 39.97 -23.83 -9.91
CA PHE C 329 40.27 -22.42 -9.95
C PHE C 329 40.86 -22.00 -8.62
N ASP C 330 41.65 -20.93 -8.62
CA ASP C 330 42.00 -20.27 -7.37
C ASP C 330 40.78 -19.51 -6.89
N ALA C 331 40.34 -19.79 -5.66
CA ALA C 331 39.11 -19.19 -5.16
C ALA C 331 39.17 -17.68 -5.16
N LYS C 332 40.31 -17.11 -4.75
CA LYS C 332 40.36 -15.67 -4.55
C LYS C 332 40.50 -14.90 -5.87
N THR C 333 41.48 -15.28 -6.71
CA THR C 333 41.76 -14.54 -7.94
C THR C 333 41.08 -15.11 -9.17
N GLY C 334 40.53 -16.32 -9.10
CA GLY C 334 39.91 -16.93 -10.26
C GLY C 334 40.85 -17.57 -11.26
N ALA C 335 42.16 -17.58 -10.99
CA ALA C 335 43.11 -18.19 -11.91
C ALA C 335 42.90 -19.70 -11.97
N VAL C 336 43.09 -20.26 -13.15
CA VAL C 336 42.85 -21.68 -13.36
C VAL C 336 44.04 -22.46 -12.80
N LEU C 337 43.79 -23.31 -11.80
CA LEU C 337 44.87 -24.07 -11.19
C LEU C 337 45.25 -25.27 -12.04
N TRP C 338 44.26 -26.07 -12.46
CA TRP C 338 44.56 -27.19 -13.34
C TRP C 338 43.30 -27.59 -14.09
N THR C 339 43.50 -28.27 -15.20
CA THR C 339 42.44 -28.79 -16.04
C THR C 339 42.86 -30.16 -16.55
N ARG C 340 41.95 -31.12 -16.50
CA ARG C 340 42.22 -32.45 -17.01
C ARG C 340 40.96 -32.99 -17.69
N ASN C 341 41.18 -33.93 -18.61
CA ASN C 341 40.06 -34.61 -19.25
C ASN C 341 39.79 -35.92 -18.51
N LYS C 352 24.43 -35.10 -16.83
CA LYS C 352 25.80 -34.98 -17.31
C LYS C 352 26.69 -34.26 -16.29
N GLY C 353 27.76 -34.93 -15.91
CA GLY C 353 28.80 -34.47 -14.98
C GLY C 353 28.52 -34.92 -13.55
N GLY C 354 29.61 -35.08 -12.80
CA GLY C 354 29.55 -35.50 -11.42
C GLY C 354 29.61 -34.33 -10.45
N VAL C 355 29.06 -34.55 -9.26
CA VAL C 355 29.10 -33.56 -8.19
C VAL C 355 30.35 -33.84 -7.35
N PRO C 356 31.28 -32.91 -7.25
CA PRO C 356 32.54 -33.18 -6.56
C PRO C 356 32.42 -33.11 -5.05
N MET C 357 33.27 -33.88 -4.37
CA MET C 357 33.56 -33.72 -2.96
C MET C 357 35.06 -33.47 -2.79
N ILE C 358 35.42 -32.60 -1.85
CA ILE C 358 36.82 -32.38 -1.48
C ILE C 358 36.98 -32.73 -0.02
N HIS C 359 37.86 -33.69 0.27
CA HIS C 359 38.23 -33.97 1.66
C HIS C 359 39.72 -34.30 1.72
N ASN C 360 40.42 -33.69 2.67
CA ASN C 360 41.86 -33.88 2.85
C ASN C 360 42.62 -33.66 1.55
N ASN C 361 42.27 -32.57 0.85
CA ASN C 361 42.94 -32.14 -0.36
C ASN C 361 42.86 -33.19 -1.47
N ILE C 362 41.83 -34.03 -1.45
CA ILE C 362 41.54 -34.96 -2.54
C ILE C 362 40.12 -34.71 -3.00
N VAL C 363 39.95 -34.60 -4.33
CA VAL C 363 38.63 -34.46 -4.94
C VAL C 363 38.15 -35.83 -5.41
N TYR C 364 36.94 -36.21 -5.00
CA TYR C 364 36.29 -37.42 -5.48
C TYR C 364 35.06 -37.00 -6.27
N VAL C 365 35.02 -37.34 -7.56
CA VAL C 365 33.99 -36.87 -8.47
C VAL C 365 33.66 -37.97 -9.47
N GLY C 366 32.38 -38.03 -9.87
CA GLY C 366 31.93 -39.03 -10.81
C GLY C 366 31.95 -38.59 -12.27
N ASN C 367 31.98 -39.58 -13.15
CA ASN C 367 31.89 -39.38 -14.60
C ASN C 367 30.66 -40.11 -15.11
N PRO C 368 29.55 -39.40 -15.36
CA PRO C 368 28.33 -40.11 -15.81
C PRO C 368 28.46 -40.78 -17.15
N VAL C 369 29.22 -40.21 -18.09
CA VAL C 369 29.47 -40.87 -19.37
C VAL C 369 30.21 -42.18 -19.13
N ALA C 370 31.23 -42.17 -18.28
CA ALA C 370 32.01 -43.37 -18.03
C ALA C 370 31.48 -44.19 -16.86
N SER C 371 30.48 -43.69 -16.14
CA SER C 371 29.89 -44.38 -15.00
C SER C 371 30.96 -44.78 -13.98
N THR C 372 31.82 -43.82 -13.66
CA THR C 372 32.94 -44.05 -12.76
C THR C 372 33.02 -42.92 -11.75
N TYR C 373 33.66 -43.23 -10.62
CA TYR C 373 34.14 -42.22 -9.69
C TYR C 373 35.66 -42.21 -9.72
N GLN C 374 36.25 -41.03 -9.62
CA GLN C 374 37.69 -40.88 -9.65
C GLN C 374 38.13 -40.00 -8.50
N ALA C 375 39.37 -40.21 -8.06
CA ALA C 375 39.97 -39.41 -7.01
C ALA C 375 41.09 -38.58 -7.64
N TYR C 376 40.99 -37.27 -7.52
CA TYR C 376 41.99 -36.35 -8.01
C TYR C 376 42.66 -35.63 -6.86
N GLU C 377 43.96 -35.38 -7.03
CA GLU C 377 44.68 -34.56 -6.05
C GLU C 377 44.24 -33.11 -6.25
N LEU C 378 43.86 -32.46 -5.15
CA LEU C 378 43.19 -31.16 -5.25
C LEU C 378 44.01 -30.17 -6.06
N LYS C 379 45.29 -29.99 -5.70
CA LYS C 379 46.10 -28.97 -6.34
C LYS C 379 46.72 -29.44 -7.66
N THR C 380 47.21 -30.68 -7.74
CA THR C 380 47.89 -31.11 -8.96
C THR C 380 46.92 -31.62 -10.03
N GLY C 381 45.74 -32.10 -9.63
CA GLY C 381 44.73 -32.58 -10.54
C GLY C 381 44.95 -33.90 -11.25
N LYS C 382 45.98 -34.68 -10.88
CA LYS C 382 46.17 -35.98 -11.51
C LYS C 382 45.21 -36.99 -10.88
N LEU C 383 44.72 -37.93 -11.69
CA LEU C 383 43.73 -38.87 -11.20
C LEU C 383 44.44 -40.05 -10.54
N LEU C 384 44.18 -40.22 -9.23
CA LEU C 384 44.84 -41.28 -8.46
C LEU C 384 44.30 -42.65 -8.83
N TRP C 385 42.98 -42.79 -8.91
CA TRP C 385 42.38 -44.06 -9.27
C TRP C 385 41.01 -43.81 -9.90
N THR C 386 40.50 -44.84 -10.55
CA THR C 386 39.18 -44.83 -11.16
C THR C 386 38.45 -46.11 -10.77
N TRP C 387 37.23 -45.99 -10.29
CA TRP C 387 36.43 -47.13 -9.87
C TRP C 387 35.22 -47.25 -10.78
N HIS C 388 35.09 -48.39 -11.44
CA HIS C 388 33.99 -48.64 -12.36
C HIS C 388 32.80 -49.25 -11.62
N VAL C 389 31.64 -48.65 -11.81
CA VAL C 389 30.40 -49.15 -11.20
C VAL C 389 29.99 -50.44 -11.89
N PRO C 390 29.57 -51.48 -11.16
CA PRO C 390 29.15 -52.71 -11.84
C PRO C 390 27.93 -52.43 -12.70
N THR C 391 27.77 -53.23 -13.74
CA THR C 391 26.72 -52.96 -14.71
C THR C 391 25.39 -53.57 -14.29
N GLY C 396 22.40 -45.00 -13.84
CA GLY C 396 22.89 -43.65 -14.05
C GLY C 396 23.99 -43.28 -13.07
N ALA C 397 24.98 -44.15 -12.95
CA ALA C 397 25.97 -44.03 -11.89
C ALA C 397 26.94 -42.89 -12.14
N GLY C 398 27.33 -42.22 -11.06
CA GLY C 398 28.23 -41.09 -11.10
C GLY C 398 27.57 -39.75 -10.91
N ARG C 399 26.27 -39.72 -10.59
CA ARG C 399 25.58 -38.46 -10.37
C ARG C 399 25.83 -37.91 -8.97
N SER C 400 25.82 -38.78 -7.97
CA SER C 400 25.87 -38.35 -6.57
C SER C 400 27.28 -38.01 -6.13
N ALA C 401 27.36 -37.12 -5.13
CA ALA C 401 28.66 -36.82 -4.51
C ALA C 401 28.99 -37.90 -3.49
N PRO C 402 30.23 -38.38 -3.45
CA PRO C 402 30.62 -39.36 -2.44
C PRO C 402 30.69 -38.73 -1.06
N THR C 403 30.60 -39.59 -0.04
CA THR C 403 30.75 -39.18 1.35
C THR C 403 31.92 -39.94 1.96
N TYR C 404 32.90 -39.19 2.45
CA TYR C 404 34.12 -39.75 3.04
C TYR C 404 34.03 -39.63 4.56
N TYR C 405 33.93 -40.77 5.25
CA TYR C 405 33.72 -40.78 6.68
C TYR C 405 34.58 -41.86 7.33
N LYS C 406 35.43 -41.45 8.27
CA LYS C 406 36.29 -42.35 9.04
C LYS C 406 37.03 -43.34 8.15
N GLY C 407 37.69 -42.80 7.12
CA GLY C 407 38.56 -43.59 6.28
C GLY C 407 37.90 -44.41 5.20
N LEU C 408 36.62 -44.17 4.89
CA LEU C 408 35.93 -44.93 3.87
C LEU C 408 35.09 -44.01 3.01
N LEU C 409 34.79 -44.47 1.79
CA LEU C 409 33.92 -43.76 0.85
C LEU C 409 32.53 -44.39 0.84
N TYR C 410 31.50 -43.54 0.83
CA TYR C 410 30.13 -43.99 0.70
C TYR C 410 29.48 -43.33 -0.51
N ILE C 411 28.90 -44.16 -1.38
CA ILE C 411 28.33 -43.71 -2.65
C ILE C 411 26.93 -44.28 -2.79
N THR C 412 25.93 -43.40 -2.88
CA THR C 412 24.56 -43.80 -3.22
C THR C 412 24.38 -43.67 -4.72
N THR C 413 24.22 -44.81 -5.40
CA THR C 413 23.93 -44.78 -6.83
C THR C 413 23.09 -45.99 -7.19
N GLY C 414 22.26 -45.82 -8.23
CA GLY C 414 21.30 -46.86 -8.57
C GLY C 414 20.41 -47.15 -7.38
N GLN C 415 20.21 -48.43 -7.09
CA GLN C 415 19.47 -48.87 -5.92
C GLN C 415 20.37 -49.27 -4.76
N TYR C 416 21.69 -49.07 -4.88
CA TYR C 416 22.63 -49.54 -3.88
C TYR C 416 23.32 -48.37 -3.20
N ILE C 417 23.82 -48.66 -2.00
CA ILE C 417 24.84 -47.86 -1.34
C ILE C 417 26.14 -48.65 -1.35
N PHE C 418 27.20 -48.04 -1.85
CA PHE C 418 28.51 -48.68 -1.95
C PHE C 418 29.48 -48.07 -0.95
N VAL C 419 30.37 -48.91 -0.42
CA VAL C 419 31.49 -48.47 0.39
C VAL C 419 32.77 -48.80 -0.37
N VAL C 420 33.64 -47.82 -0.54
CA VAL C 420 34.83 -47.94 -1.38
C VAL C 420 36.06 -47.50 -0.58
N ASN C 421 37.18 -48.18 -0.82
CA ASN C 421 38.44 -47.83 -0.19
C ASN C 421 38.99 -46.54 -0.80
N PRO C 422 39.10 -45.45 -0.05
CA PRO C 422 39.63 -44.21 -0.64
C PRO C 422 41.08 -44.30 -1.06
N ALA C 423 41.86 -45.23 -0.49
CA ALA C 423 43.25 -45.37 -0.89
C ALA C 423 43.38 -46.03 -2.25
N THR C 424 42.82 -47.23 -2.41
CA THR C 424 42.97 -48.00 -3.64
C THR C 424 41.81 -47.86 -4.61
N GLY C 425 40.70 -47.23 -4.21
CA GLY C 425 39.53 -47.19 -5.05
C GLY C 425 38.91 -48.54 -5.37
N LYS C 426 39.02 -49.49 -4.45
CA LYS C 426 38.43 -50.82 -4.62
C LYS C 426 37.16 -50.93 -3.78
N GLU C 427 36.09 -51.46 -4.38
CA GLU C 427 34.84 -51.66 -3.67
C GLU C 427 35.01 -52.66 -2.53
N LEU C 428 34.60 -52.27 -1.32
CA LEU C 428 34.62 -53.16 -0.16
C LEU C 428 33.29 -53.90 0.02
N HIS C 429 32.22 -53.17 0.27
CA HIS C 429 30.90 -53.75 0.48
C HIS C 429 29.89 -53.12 -0.47
N GLN C 430 28.76 -53.80 -0.64
CA GLN C 430 27.63 -53.23 -1.35
C GLN C 430 26.34 -53.64 -0.62
N HIS C 431 25.43 -52.69 -0.49
CA HIS C 431 24.18 -52.89 0.26
C HIS C 431 23.00 -52.49 -0.61
N HIS C 432 22.06 -53.41 -0.79
CA HIS C 432 20.88 -53.15 -1.61
C HIS C 432 19.79 -52.47 -0.78
N ILE C 433 19.14 -51.49 -1.39
CA ILE C 433 18.04 -50.77 -0.78
C ILE C 433 16.83 -50.84 -1.70
N GLY C 434 16.99 -50.38 -2.92
CA GLY C 434 15.92 -50.26 -3.88
C GLY C 434 15.57 -48.80 -4.14
N GLY C 435 14.48 -48.61 -4.89
CA GLY C 435 14.17 -47.27 -5.35
C GLY C 435 15.20 -46.81 -6.36
N GLN C 436 15.57 -45.54 -6.27
CA GLN C 436 16.65 -44.99 -7.08
C GLN C 436 17.35 -43.88 -6.31
N PHE C 437 18.67 -43.79 -6.46
CA PHE C 437 19.42 -42.65 -5.98
C PHE C 437 19.96 -41.90 -7.19
N GLY C 438 19.28 -40.83 -7.60
CA GLY C 438 19.87 -40.04 -8.67
C GLY C 438 21.03 -39.19 -8.20
N ILE C 439 20.69 -38.05 -7.58
CA ILE C 439 21.68 -37.12 -7.02
C ILE C 439 21.78 -37.22 -5.50
N GLU C 440 21.04 -38.11 -4.87
CA GLU C 440 21.05 -38.15 -3.41
C GLU C 440 22.40 -38.60 -2.92
N SER C 441 22.91 -37.94 -1.88
CA SER C 441 24.18 -38.30 -1.31
C SER C 441 24.00 -38.78 0.12
N PRO C 442 24.80 -39.74 0.57
CA PRO C 442 24.66 -40.23 1.96
C PRO C 442 25.05 -39.17 2.95
N VAL C 443 24.22 -39.01 3.98
CA VAL C 443 24.52 -38.13 5.11
C VAL C 443 24.78 -39.03 6.31
N ILE C 444 26.02 -39.04 6.78
CA ILE C 444 26.44 -39.94 7.85
C ILE C 444 26.69 -39.09 9.09
N VAL C 445 25.96 -39.38 10.16
CA VAL C 445 26.11 -38.72 11.44
C VAL C 445 26.23 -39.81 12.48
N GLY C 446 27.38 -39.85 13.16
CA GLY C 446 27.66 -40.88 14.16
C GLY C 446 27.79 -42.27 13.55
N GLY C 447 26.99 -43.21 14.03
CA GLY C 447 26.97 -44.53 13.43
C GLY C 447 25.75 -44.80 12.58
N THR C 448 25.05 -43.75 12.16
CA THR C 448 23.81 -43.88 11.39
C THR C 448 23.93 -43.13 10.07
N VAL C 449 23.49 -43.77 9.00
CA VAL C 449 23.39 -43.14 7.68
C VAL C 449 21.96 -42.69 7.47
N TYR C 450 21.79 -41.46 6.99
CA TYR C 450 20.48 -40.90 6.67
C TYR C 450 20.41 -40.67 5.16
N LEU C 451 19.30 -41.07 4.55
CA LEU C 451 19.18 -41.08 3.11
C LEU C 451 17.79 -40.62 2.68
N THR C 452 17.71 -40.10 1.46
CA THR C 452 16.46 -39.99 0.73
C THR C 452 16.57 -40.79 -0.57
N ASN C 453 15.42 -41.18 -1.10
CA ASN C 453 15.34 -41.99 -2.31
C ASN C 453 14.37 -41.36 -3.28
N SER C 454 14.54 -41.69 -4.56
CA SER C 454 13.74 -41.12 -5.63
C SER C 454 12.31 -41.66 -5.66
N TRP C 455 12.02 -42.72 -4.93
CA TRP C 455 10.67 -43.25 -4.78
C TRP C 455 9.91 -42.57 -3.65
N ASP C 456 10.43 -41.44 -3.16
CA ASP C 456 9.87 -40.69 -2.04
C ASP C 456 9.96 -41.45 -0.73
N TRP C 457 11.19 -41.66 -0.25
CA TRP C 457 11.44 -42.24 1.06
C TRP C 457 12.50 -41.42 1.79
N ILE C 458 12.33 -41.31 3.10
CA ILE C 458 13.38 -40.85 4.01
C ILE C 458 13.69 -42.03 4.91
N MET C 459 14.97 -42.36 5.04
CA MET C 459 15.34 -43.55 5.79
C MET C 459 16.53 -43.30 6.68
N ALA C 460 16.68 -44.19 7.67
CA ALA C 460 17.84 -44.23 8.54
C ALA C 460 18.35 -45.66 8.55
N ILE C 461 19.64 -45.83 8.30
CA ILE C 461 20.25 -47.16 8.33
C ILE C 461 21.45 -47.10 9.26
N PRO C 462 21.70 -48.12 10.08
CA PRO C 462 22.92 -48.12 10.89
C PRO C 462 24.14 -48.31 10.00
N LEU C 463 25.21 -47.58 10.31
CA LEU C 463 26.41 -47.62 9.48
C LEU C 463 27.02 -49.02 9.45
N LYS C 464 26.88 -49.77 10.55
CA LYS C 464 27.38 -51.14 10.60
C LYS C 464 26.71 -52.03 9.55
N THR C 465 25.41 -51.83 9.30
CA THR C 465 24.66 -52.73 8.42
C THR C 465 25.24 -52.78 7.00
N ILE C 466 25.77 -51.67 6.51
CA ILE C 466 26.30 -51.63 5.15
C ILE C 466 27.69 -52.28 5.09
N VAL D 5 -22.27 -15.97 37.29
CA VAL D 5 -20.94 -15.98 36.68
C VAL D 5 -20.05 -14.93 37.35
N ALA D 6 -18.77 -15.27 37.52
CA ALA D 6 -17.82 -14.42 38.23
C ALA D 6 -17.02 -13.60 37.23
N VAL D 7 -16.96 -12.29 37.47
CA VAL D 7 -16.08 -11.38 36.74
C VAL D 7 -15.18 -10.73 37.76
N PRO D 8 -14.07 -10.12 37.34
CA PRO D 8 -13.21 -9.43 38.32
C PRO D 8 -14.02 -8.34 39.01
N MET D 9 -14.14 -8.47 40.33
CA MET D 9 -15.02 -7.60 41.10
C MET D 9 -14.61 -7.66 42.56
N ASP D 10 -14.83 -6.56 43.27
CA ASP D 10 -14.85 -6.56 44.73
C ASP D 10 -16.30 -6.41 45.16
N SER D 11 -16.84 -7.44 45.79
CA SER D 11 -18.26 -7.45 46.13
C SER D 11 -18.65 -6.28 47.02
N THR D 12 -17.73 -5.80 47.86
CA THR D 12 -17.98 -4.62 48.67
C THR D 12 -17.42 -3.34 48.06
N GLY D 13 -16.76 -3.42 46.89
CA GLY D 13 -16.07 -2.29 46.34
C GLY D 13 -16.98 -1.34 45.61
N PRO D 14 -16.39 -0.25 45.10
CA PRO D 14 -17.19 0.76 44.38
C PRO D 14 -17.78 0.26 43.08
N TYR D 15 -17.28 -0.84 42.52
CA TYR D 15 -17.82 -1.41 41.29
C TYR D 15 -18.93 -2.43 41.56
N ARG D 16 -19.33 -2.61 42.82
CA ARG D 16 -20.38 -3.56 43.13
C ARG D 16 -21.72 -3.07 42.61
N THR D 17 -22.64 -4.01 42.42
CA THR D 17 -23.99 -3.68 41.99
C THR D 17 -24.78 -3.16 43.19
N VAL D 18 -25.30 -1.95 43.08
CA VAL D 18 -26.09 -1.33 44.14
C VAL D 18 -27.54 -1.36 43.71
N SER D 19 -28.41 -1.93 44.55
CA SER D 19 -29.83 -2.05 44.27
C SER D 19 -30.62 -1.32 45.35
N HIS D 20 -31.50 -0.41 44.91
CA HIS D 20 -32.46 0.26 45.79
C HIS D 20 -33.86 -0.05 45.27
N PRO D 21 -34.39 -1.24 45.59
CA PRO D 21 -35.71 -1.62 45.06
C PRO D 21 -36.85 -0.70 45.48
N GLU D 22 -36.71 0.02 46.59
CA GLU D 22 -37.82 0.85 47.07
C GLU D 22 -38.22 1.93 46.07
N ASN D 23 -37.33 2.30 45.15
CA ASN D 23 -37.60 3.34 44.18
C ASN D 23 -38.10 2.80 42.84
N ALA D 24 -38.22 1.48 42.70
CA ALA D 24 -38.71 0.91 41.46
C ALA D 24 -40.17 1.33 41.23
N PRO D 25 -40.56 1.64 40.00
CA PRO D 25 -41.97 1.92 39.73
C PRO D 25 -42.83 0.68 39.95
N SER D 26 -44.09 0.93 40.28
CA SER D 26 -45.03 -0.13 40.56
C SER D 26 -46.39 0.21 39.97
N GLY D 27 -47.14 -0.83 39.63
CA GLY D 27 -48.45 -0.66 39.03
C GLY D 27 -48.41 -0.01 37.67
N VAL D 28 -49.31 0.96 37.47
CA VAL D 28 -49.42 1.65 36.19
C VAL D 28 -48.19 2.50 35.91
N ASP D 29 -47.43 2.86 36.94
CA ASP D 29 -46.16 3.55 36.70
C ASP D 29 -45.18 2.64 35.98
N ALA D 30 -45.29 1.32 36.18
CA ALA D 30 -44.45 0.33 35.54
C ALA D 30 -44.93 -0.05 34.15
N GLY D 31 -46.02 0.57 33.67
CA GLY D 31 -46.48 0.36 32.32
C GLY D 31 -46.15 1.52 31.42
N VAL D 32 -45.63 2.59 32.03
CA VAL D 32 -45.34 3.81 31.29
C VAL D 32 -44.20 3.58 30.31
N GLY D 33 -44.38 4.08 29.08
CA GLY D 33 -43.41 3.91 28.03
C GLY D 33 -43.51 2.55 27.38
N PRO D 34 -42.70 2.32 26.34
CA PRO D 34 -42.76 1.04 25.62
C PRO D 34 -42.40 -0.13 26.52
N SER D 35 -42.77 -1.31 26.07
CA SER D 35 -42.45 -2.53 26.80
C SER D 35 -41.17 -3.19 26.30
N GLU D 36 -40.51 -2.63 25.30
CA GLU D 36 -39.26 -3.17 24.81
C GLU D 36 -38.44 -2.07 24.15
N TRP D 37 -37.11 -2.23 24.20
CA TRP D 37 -36.18 -1.37 23.47
C TRP D 37 -35.22 -2.32 22.76
N THR D 38 -35.35 -2.43 21.43
CA THR D 38 -34.60 -3.43 20.67
C THR D 38 -33.42 -2.88 19.91
N HIS D 39 -33.20 -1.57 19.91
CA HIS D 39 -32.22 -0.96 19.03
C HIS D 39 -31.63 0.27 19.69
N ALA D 40 -30.45 0.67 19.23
CA ALA D 40 -30.03 2.04 19.44
C ALA D 40 -31.09 2.95 18.86
N TYR D 41 -31.56 3.90 19.66
CA TYR D 41 -32.68 4.79 19.32
C TYR D 41 -34.00 4.02 19.16
N ALA D 42 -34.08 2.85 19.80
CA ALA D 42 -35.28 2.06 20.07
C ALA D 42 -35.86 1.30 18.88
N ASN D 43 -35.58 1.74 17.66
CA ASN D 43 -36.21 1.10 16.51
C ASN D 43 -35.31 1.23 15.31
N PRO D 44 -35.45 0.34 14.32
CA PRO D 44 -34.63 0.44 13.11
C PRO D 44 -34.72 1.79 12.42
N ALA D 45 -35.77 2.58 12.68
CA ALA D 45 -35.90 3.91 12.08
C ALA D 45 -35.13 4.98 12.85
N HIS D 46 -34.61 4.66 14.03
CA HIS D 46 -33.87 5.60 14.87
C HIS D 46 -34.72 6.79 15.30
N ASN D 47 -36.02 6.57 15.41
CA ASN D 47 -36.95 7.55 15.94
C ASN D 47 -37.51 7.00 17.24
N ALA D 48 -37.10 7.58 18.38
CA ALA D 48 -37.68 7.18 19.66
C ALA D 48 -38.69 8.25 20.04
N ALA D 49 -39.96 7.97 19.74
CA ALA D 49 -41.07 8.83 20.08
C ALA D 49 -42.22 7.93 20.48
N PHE D 50 -42.66 8.03 21.73
CA PHE D 50 -43.69 7.13 22.23
C PHE D 50 -44.91 7.91 22.71
N PRO D 51 -46.04 7.84 22.00
CA PRO D 51 -47.27 8.40 22.55
C PRO D 51 -47.81 7.48 23.63
N VAL D 52 -48.57 8.06 24.54
CA VAL D 52 -49.11 7.29 25.67
C VAL D 52 -50.63 7.23 25.56
N PRO D 53 -51.26 6.19 26.10
CA PRO D 53 -52.73 6.17 26.14
C PRO D 53 -53.29 7.33 26.94
N ASP D 54 -54.57 7.64 26.69
CA ASP D 54 -55.22 8.74 27.39
C ASP D 54 -55.32 8.47 28.90
N ASP D 55 -55.40 7.21 29.30
CA ASP D 55 -55.50 6.86 30.71
C ASP D 55 -54.14 6.67 31.37
N ALA D 56 -53.05 6.96 30.66
CA ALA D 56 -51.72 6.87 31.23
C ALA D 56 -51.57 7.78 32.44
N PRO D 57 -50.68 7.44 33.37
CA PRO D 57 -50.52 8.25 34.58
C PRO D 57 -50.25 9.72 34.30
N GLU D 58 -50.65 10.56 35.26
CA GLU D 58 -50.61 12.01 35.06
C GLU D 58 -49.18 12.52 34.92
N TRP D 59 -48.22 11.90 35.61
CA TRP D 59 -46.87 12.44 35.63
C TRP D 59 -46.18 12.33 34.27
N ILE D 60 -46.46 11.26 33.52
CA ILE D 60 -45.81 11.12 32.23
C ILE D 60 -46.47 12.00 31.16
N ARG D 61 -47.80 12.19 31.24
CA ARG D 61 -48.45 13.03 30.24
C ARG D 61 -48.15 14.50 30.47
N ASN D 62 -48.23 14.95 31.73
CA ASN D 62 -47.91 16.34 32.03
C ASN D 62 -46.41 16.59 32.06
N GLY D 63 -45.63 15.55 32.34
CA GLY D 63 -44.18 15.69 32.34
C GLY D 63 -43.60 15.84 33.72
N VAL D 64 -42.38 15.32 33.88
CA VAL D 64 -41.61 15.46 35.10
C VAL D 64 -40.31 16.14 34.74
N SER D 65 -39.69 16.78 35.74
CA SER D 65 -38.42 17.46 35.57
C SER D 65 -37.50 17.03 36.70
N TRP D 66 -36.42 16.32 36.36
CA TRP D 66 -35.43 15.95 37.36
C TRP D 66 -34.08 15.77 36.66
N LEU D 67 -33.02 15.87 37.46
CA LEU D 67 -31.65 15.75 37.00
C LEU D 67 -30.91 14.78 37.89
N PHE D 68 -30.27 13.78 37.27
CA PHE D 68 -29.59 12.72 38.01
C PHE D 68 -28.09 12.77 37.74
N PRO D 69 -27.26 13.06 38.75
CA PRO D 69 -25.80 13.01 38.53
C PRO D 69 -25.33 11.57 38.36
N GLU D 70 -24.54 11.35 37.32
CA GLU D 70 -23.83 10.09 37.14
C GLU D 70 -22.42 10.19 37.74
N ALA D 71 -21.67 9.08 37.69
CA ALA D 71 -20.45 8.94 38.48
C ALA D 71 -19.43 10.03 38.15
N ARG D 72 -19.25 10.31 36.86
CA ARG D 72 -18.31 11.32 36.38
C ARG D 72 -18.98 12.67 36.11
N ALA D 73 -20.19 12.88 36.64
CA ALA D 73 -20.95 14.09 36.34
C ALA D 73 -20.11 15.34 36.49
N TRP D 74 -20.20 16.21 35.49
CA TRP D 74 -19.47 17.45 35.41
C TRP D 74 -20.47 18.58 35.22
N PRO D 75 -20.27 19.72 35.88
CA PRO D 75 -21.28 20.77 35.86
C PRO D 75 -21.55 21.28 34.44
N LEU D 76 -22.84 21.44 34.14
CA LEU D 76 -23.24 21.80 32.79
C LEU D 76 -22.71 23.17 32.39
N ALA D 77 -22.47 24.05 33.36
CA ALA D 77 -21.93 25.37 33.05
C ALA D 77 -20.46 25.30 32.67
N ASN D 78 -19.72 24.30 33.16
CA ASN D 78 -18.28 24.26 32.97
C ASN D 78 -17.93 23.87 31.54
N PRO D 79 -16.79 24.34 31.04
CA PRO D 79 -16.29 23.87 29.74
C PRO D 79 -15.82 22.43 29.86
N PRO D 80 -15.40 21.81 28.75
CA PRO D 80 -14.96 20.41 28.83
C PRO D 80 -13.72 20.28 29.70
N PHE D 81 -13.72 19.25 30.56
CA PHE D 81 -12.54 19.00 31.38
C PHE D 81 -11.34 18.67 30.49
N GLY D 82 -10.20 19.26 30.82
CA GLY D 82 -9.01 19.08 30.01
C GLY D 82 -9.02 19.88 28.73
N SER D 83 -9.68 21.04 28.72
CA SER D 83 -9.75 21.84 27.51
C SER D 83 -8.41 22.49 27.21
N LYS D 84 -7.71 22.95 28.24
CA LYS D 84 -6.46 23.67 28.03
C LYS D 84 -5.38 22.78 27.42
N THR D 85 -5.36 21.49 27.79
CA THR D 85 -4.37 20.58 27.22
C THR D 85 -4.80 20.08 25.84
N TYR D 86 -6.05 19.64 25.69
CA TYR D 86 -6.51 18.99 24.47
C TYR D 86 -7.13 19.95 23.46
N GLY D 87 -7.42 21.18 23.83
CA GLY D 87 -8.27 22.04 23.04
C GLY D 87 -9.74 21.80 23.33
N ALA D 88 -10.56 22.81 23.04
CA ALA D 88 -11.95 22.79 23.45
C ALA D 88 -12.72 21.65 22.79
N ALA D 89 -12.60 21.52 21.46
CA ALA D 89 -13.38 20.52 20.73
C ALA D 89 -12.88 19.11 21.01
N GLU D 90 -11.56 18.90 20.96
CA GLU D 90 -11.02 17.57 21.19
C GLU D 90 -11.27 17.10 22.64
N ALA D 91 -11.20 18.03 23.60
CA ALA D 91 -11.49 17.66 24.97
C ALA D 91 -12.97 17.37 25.17
N SER D 92 -13.83 18.07 24.43
CA SER D 92 -15.26 17.80 24.48
C SER D 92 -15.56 16.38 24.03
N VAL D 93 -14.95 15.95 22.93
CA VAL D 93 -15.09 14.57 22.46
C VAL D 93 -14.44 13.59 23.43
N THR D 94 -13.25 13.94 23.94
CA THR D 94 -12.55 13.02 24.84
C THR D 94 -13.36 12.75 26.10
N GLN D 95 -13.94 13.81 26.68
CA GLN D 95 -14.80 13.61 27.85
C GLN D 95 -16.03 12.81 27.49
N THR D 96 -16.66 13.11 26.35
CA THR D 96 -17.78 12.29 25.87
C THR D 96 -17.40 10.82 25.81
N GLN D 97 -16.22 10.52 25.28
CA GLN D 97 -15.83 9.14 25.00
C GLN D 97 -15.37 8.40 26.24
N PHE D 98 -14.64 9.05 27.14
CA PHE D 98 -14.14 8.38 28.33
C PHE D 98 -14.85 8.73 29.64
N TYR D 99 -15.75 9.71 29.65
CA TYR D 99 -16.47 10.08 30.88
C TYR D 99 -17.98 9.96 30.74
N GLY D 100 -18.59 10.64 29.78
CA GLY D 100 -20.03 10.80 29.74
C GLY D 100 -20.71 9.79 28.83
N ASN D 101 -22.02 10.00 28.66
CA ASN D 101 -22.82 9.14 27.81
C ASN D 101 -22.60 9.48 26.34
N ALA D 102 -22.36 8.46 25.52
CA ALA D 102 -22.27 8.66 24.08
C ALA D 102 -23.65 8.75 23.42
N LEU D 103 -24.57 7.86 23.79
CA LEU D 103 -25.91 7.79 23.23
C LEU D 103 -26.95 8.13 24.30
N GLY D 104 -28.21 8.12 23.89
CA GLY D 104 -29.31 8.48 24.77
C GLY D 104 -29.73 7.35 25.67
N PRO D 105 -30.79 7.61 26.44
CA PRO D 105 -31.26 6.61 27.39
C PRO D 105 -32.24 5.63 26.76
N SER D 106 -32.70 4.67 27.56
CA SER D 106 -33.72 3.71 27.16
C SER D 106 -34.81 3.74 28.21
N VAL D 107 -36.01 4.16 27.82
CA VAL D 107 -37.13 4.29 28.74
C VAL D 107 -38.07 3.13 28.48
N VAL D 108 -38.18 2.22 29.46
CA VAL D 108 -39.02 1.04 29.34
C VAL D 108 -39.70 0.79 30.68
N ASP D 109 -41.03 0.65 30.65
CA ASP D 109 -41.82 0.25 31.82
C ASP D 109 -41.51 1.09 33.05
N GLY D 110 -41.50 2.40 32.87
CA GLY D 110 -41.36 3.33 33.98
C GLY D 110 -39.96 3.50 34.50
N VAL D 111 -38.96 2.99 33.80
CA VAL D 111 -37.57 3.06 34.23
C VAL D 111 -36.74 3.65 33.11
N VAL D 112 -35.78 4.51 33.47
CA VAL D 112 -34.84 5.08 32.52
C VAL D 112 -33.53 4.33 32.65
N TYR D 113 -33.06 3.78 31.55
CA TYR D 113 -31.82 3.01 31.51
C TYR D 113 -30.78 3.77 30.70
N ALA D 114 -29.56 3.83 31.23
CA ALA D 114 -28.45 4.46 30.55
C ALA D 114 -27.20 3.64 30.77
N GLU D 115 -26.30 3.69 29.81
CA GLU D 115 -24.96 3.13 29.96
C GLU D 115 -23.97 4.23 29.66
N SER D 116 -22.91 4.31 30.45
CA SER D 116 -22.02 5.46 30.39
C SER D 116 -20.58 5.01 30.15
N ASP D 117 -19.81 5.93 29.59
CA ASP D 117 -18.37 5.73 29.44
C ASP D 117 -17.63 5.80 30.77
N ASP D 118 -18.33 6.12 31.85
CA ASP D 118 -17.75 6.01 33.19
C ASP D 118 -17.73 4.58 33.68
N MET D 119 -18.16 3.64 32.85
CA MET D 119 -18.14 2.19 33.05
C MET D 119 -19.27 1.70 33.94
N PHE D 120 -20.24 2.55 34.26
CA PHE D 120 -21.44 2.11 34.96
C PHE D 120 -22.65 2.21 34.05
N ALA D 121 -23.61 1.32 34.28
CA ALA D 121 -24.95 1.42 33.73
C ALA D 121 -25.93 1.75 34.86
N TYR D 122 -26.90 2.60 34.57
CA TYR D 122 -27.85 3.04 35.58
C TYR D 122 -29.28 2.73 35.16
N ALA D 123 -30.10 2.38 36.15
CA ALA D 123 -31.55 2.29 36.00
C ALA D 123 -32.17 3.24 37.01
N VAL D 124 -32.82 4.28 36.52
CA VAL D 124 -33.38 5.34 37.35
C VAL D 124 -34.88 5.40 37.12
N ASN D 125 -35.61 5.81 38.15
CA ASN D 125 -37.06 5.91 38.05
C ASN D 125 -37.43 7.06 37.12
N ALA D 126 -38.27 6.77 36.13
CA ALA D 126 -38.63 7.77 35.13
C ALA D 126 -39.46 8.88 35.74
N LYS D 127 -40.19 8.58 36.81
CA LYS D 127 -41.04 9.57 37.48
C LYS D 127 -40.24 10.46 38.42
N THR D 128 -39.68 9.87 39.48
CA THR D 128 -39.02 10.64 40.54
C THR D 128 -37.60 11.04 40.15
N GLY D 129 -36.85 10.13 39.54
CA GLY D 129 -35.45 10.35 39.25
C GLY D 129 -34.48 9.74 40.23
N LYS D 130 -34.95 8.90 41.15
CA LYS D 130 -34.09 8.24 42.13
C LYS D 130 -33.58 6.91 41.58
N LEU D 131 -32.34 6.57 41.94
CA LEU D 131 -31.65 5.43 41.34
C LEU D 131 -32.26 4.12 41.80
N ILE D 132 -32.70 3.29 40.85
CA ILE D 132 -33.16 1.94 41.16
C ILE D 132 -31.98 0.99 41.32
N TRP D 133 -31.05 0.99 40.35
CA TRP D 133 -29.84 0.20 40.51
C TRP D 133 -28.74 0.75 39.61
N ARG D 134 -27.50 0.37 39.92
CA ARG D 134 -26.34 0.66 39.10
C ARG D 134 -25.40 -0.54 39.13
N ALA D 135 -24.75 -0.80 38.01
CA ALA D 135 -23.89 -1.97 37.91
C ALA D 135 -22.73 -1.68 36.97
N SER D 136 -21.61 -2.35 37.21
CA SER D 136 -20.42 -2.24 36.37
C SER D 136 -19.77 -3.60 36.23
N PRO D 137 -20.38 -4.50 35.45
CA PRO D 137 -19.82 -5.85 35.30
C PRO D 137 -18.51 -5.86 34.55
N VAL D 138 -18.16 -4.79 33.84
CA VAL D 138 -16.97 -4.77 33.00
C VAL D 138 -16.29 -3.43 33.17
N GLY D 139 -14.95 -3.45 33.12
CA GLY D 139 -14.12 -2.28 33.34
C GLY D 139 -13.82 -1.48 32.09
N ASN D 140 -14.72 -1.52 31.11
CA ASN D 140 -14.51 -0.86 29.83
C ASN D 140 -15.65 0.13 29.60
N ASN D 141 -15.44 1.02 28.64
CA ASN D 141 -16.45 2.03 28.33
C ASN D 141 -17.74 1.36 27.85
N LEU D 142 -18.86 2.02 28.11
CA LEU D 142 -20.15 1.58 27.61
C LEU D 142 -20.73 2.64 26.69
N MET D 143 -20.70 2.38 25.39
CA MET D 143 -21.21 3.30 24.40
C MET D 143 -22.49 2.72 23.82
N GLY D 144 -23.44 3.59 23.51
CA GLY D 144 -24.76 3.18 23.07
C GLY D 144 -25.81 3.36 24.16
N ASN D 145 -27.02 2.80 23.88
CA ASN D 145 -28.12 2.73 24.84
C ASN D 145 -28.44 1.29 25.22
N PRO D 146 -28.84 1.04 26.47
CA PRO D 146 -29.12 -0.33 26.91
C PRO D 146 -30.30 -0.93 26.16
N LEU D 147 -30.21 -2.21 25.86
CA LEU D 147 -31.32 -2.95 25.27
C LEU D 147 -32.13 -3.62 26.37
N VAL D 148 -33.43 -3.35 26.39
CA VAL D 148 -34.33 -3.83 27.43
C VAL D 148 -35.34 -4.79 26.80
N ILE D 149 -35.24 -6.07 27.15
CA ILE D 149 -36.16 -7.11 26.69
C ILE D 149 -36.45 -8.06 27.84
N GLY D 150 -37.73 -8.27 28.14
CA GLY D 150 -38.10 -9.16 29.23
C GLY D 150 -37.56 -8.69 30.56
N ASN D 151 -36.86 -9.59 31.26
CA ASN D 151 -36.20 -9.26 32.52
C ASN D 151 -34.72 -8.94 32.35
N THR D 152 -34.23 -8.84 31.11
CA THR D 152 -32.80 -8.71 30.86
C THR D 152 -32.49 -7.38 30.21
N VAL D 153 -31.44 -6.71 30.71
CA VAL D 153 -30.85 -5.54 30.09
C VAL D 153 -29.54 -5.97 29.45
N TYR D 154 -29.26 -5.45 28.26
CA TYR D 154 -28.11 -5.87 27.47
C TYR D 154 -27.18 -4.68 27.27
N LEU D 155 -25.91 -4.85 27.65
CA LEU D 155 -24.91 -3.80 27.54
C LEU D 155 -23.82 -4.22 26.56
N SER D 156 -23.24 -3.24 25.88
CA SER D 156 -22.12 -3.50 24.97
C SER D 156 -20.92 -2.69 25.45
N ALA D 157 -19.81 -3.39 25.69
CA ALA D 157 -18.59 -2.79 26.21
C ALA D 157 -17.55 -2.73 25.11
N GLY D 158 -16.87 -1.59 25.01
CA GLY D 158 -15.82 -1.44 24.02
C GLY D 158 -15.19 -0.07 24.13
N SER D 159 -14.01 0.06 23.52
CA SER D 159 -13.20 1.26 23.60
C SER D 159 -12.90 1.80 22.20
N VAL D 160 -12.60 3.09 22.16
CA VAL D 160 -12.28 3.74 20.89
C VAL D 160 -10.85 3.49 20.45
N ALA D 161 -9.97 3.08 21.35
CA ALA D 161 -8.54 3.05 21.09
C ALA D 161 -8.07 1.67 20.65
N PHE D 162 -6.78 1.60 20.31
CA PHE D 162 -6.08 0.39 19.91
C PHE D 162 -5.04 0.05 20.96
N ASN D 163 -4.38 -1.09 20.79
CA ASN D 163 -3.15 -1.35 21.53
C ASN D 163 -1.97 -1.16 20.59
N PHE D 164 -0.76 -1.30 21.12
CA PHE D 164 0.41 -1.07 20.27
C PHE D 164 0.61 -2.20 19.27
N ALA D 165 0.15 -3.41 19.60
CA ALA D 165 0.27 -4.51 18.66
C ALA D 165 -0.57 -4.27 17.41
N ASN D 166 -1.76 -3.69 17.57
CA ASN D 166 -2.62 -3.39 16.44
C ASN D 166 -2.24 -2.10 15.72
N VAL D 167 -1.51 -1.21 16.39
CA VAL D 167 -0.90 -0.08 15.68
C VAL D 167 0.16 -0.61 14.72
N LEU D 168 0.99 -1.55 15.18
CA LEU D 168 1.98 -2.17 14.31
C LEU D 168 1.32 -2.93 13.18
N ARG D 169 0.19 -3.59 13.47
CA ARG D 169 -0.53 -4.32 12.44
C ARG D 169 -1.10 -3.37 11.39
N TYR D 170 -1.63 -2.22 11.82
CA TYR D 170 -2.13 -1.24 10.85
C TYR D 170 -1.01 -0.75 9.95
N ALA D 171 0.22 -0.71 10.45
CA ALA D 171 1.36 -0.34 9.60
C ALA D 171 1.63 -1.43 8.57
N HIS D 172 1.64 -2.69 9.00
CA HIS D 172 1.84 -3.80 8.07
C HIS D 172 0.77 -3.83 7.00
N ASN D 173 -0.49 -3.63 7.40
CA ASN D 173 -1.65 -3.63 6.51
C ASN D 173 -2.90 -3.30 7.33
N PRO D 174 -3.74 -2.38 6.86
CA PRO D 174 -4.91 -1.98 7.65
C PRO D 174 -5.91 -3.11 7.87
N SER D 175 -5.87 -4.17 7.07
CA SER D 175 -6.83 -5.26 7.23
C SER D 175 -6.46 -6.22 8.37
N ALA D 176 -5.28 -6.08 8.96
CA ALA D 176 -4.89 -6.92 10.08
C ALA D 176 -5.16 -6.27 11.44
N SER D 177 -5.63 -5.04 11.46
CA SER D 177 -5.91 -4.34 12.71
C SER D 177 -7.25 -4.74 13.30
N ALA D 178 -7.35 -4.62 14.62
CA ALA D 178 -8.62 -4.75 15.33
C ALA D 178 -8.68 -3.66 16.39
N ARG D 179 -9.71 -2.82 16.32
CA ARG D 179 -9.88 -1.80 17.35
C ARG D 179 -10.40 -2.46 18.63
N GLY D 180 -9.90 -1.98 19.77
CA GLY D 180 -10.34 -2.48 21.05
C GLY D 180 -9.90 -3.88 21.39
N LEU D 181 -9.20 -4.57 20.48
CA LEU D 181 -8.65 -5.87 20.81
C LEU D 181 -7.50 -5.72 21.80
N ASN D 182 -7.60 -6.44 22.92
CA ASN D 182 -6.70 -6.35 24.07
C ASN D 182 -6.66 -4.93 24.65
N VAL D 183 -7.74 -4.17 24.47
CA VAL D 183 -7.95 -2.92 25.18
C VAL D 183 -9.12 -3.15 26.12
N SER D 184 -8.82 -3.27 27.41
CA SER D 184 -9.76 -3.71 28.44
C SER D 184 -10.48 -4.97 27.97
N PHE D 185 -11.77 -5.10 28.27
CA PHE D 185 -12.52 -6.28 27.87
C PHE D 185 -13.81 -5.88 27.17
N ASN D 186 -14.16 -6.64 26.13
CA ASN D 186 -15.22 -6.26 25.23
C ASN D 186 -16.27 -7.36 25.15
N GLY D 187 -17.50 -6.96 24.87
CA GLY D 187 -18.55 -7.91 24.57
C GLY D 187 -19.89 -7.41 25.07
N ILE D 188 -20.83 -8.35 25.16
CA ILE D 188 -22.17 -8.09 25.64
C ILE D 188 -22.29 -8.62 27.06
N TYR D 189 -22.74 -7.77 27.98
CA TYR D 189 -23.04 -8.16 29.34
C TYR D 189 -24.55 -8.03 29.56
N ALA D 190 -25.16 -9.07 30.13
CA ALA D 190 -26.61 -9.16 30.27
C ALA D 190 -26.98 -9.10 31.74
N LEU D 191 -27.81 -8.13 32.11
CA LEU D 191 -28.18 -7.90 33.49
C LEU D 191 -29.68 -8.09 33.70
N ASN D 192 -30.02 -8.53 34.90
CA ASN D 192 -31.41 -8.54 35.37
C ASN D 192 -31.95 -7.12 35.43
N ARG D 193 -33.16 -6.92 34.90
CA ARG D 193 -33.74 -5.58 34.88
C ARG D 193 -34.02 -5.05 36.28
N SER D 194 -34.34 -5.94 37.22
CA SER D 194 -34.80 -5.49 38.54
C SER D 194 -33.62 -5.07 39.42
N ASN D 195 -32.78 -6.03 39.81
CA ASN D 195 -31.68 -5.78 40.72
C ASN D 195 -30.34 -5.51 40.05
N GLY D 196 -30.22 -5.71 38.74
CA GLY D 196 -28.95 -5.46 38.10
C GLY D 196 -27.97 -6.60 38.15
N LYS D 197 -28.37 -7.77 38.64
CA LYS D 197 -27.45 -8.90 38.77
C LYS D 197 -26.87 -9.29 37.42
N LEU D 198 -25.68 -9.88 37.44
CA LEU D 198 -25.00 -10.28 36.22
C LEU D 198 -25.49 -11.66 35.84
N LEU D 199 -26.13 -11.76 34.67
CA LEU D 199 -26.68 -13.02 34.18
C LEU D 199 -25.63 -13.82 33.41
N TRP D 200 -25.10 -13.24 32.33
CA TRP D 200 -24.05 -13.88 31.55
C TRP D 200 -23.34 -12.80 30.75
N TYR D 201 -22.15 -13.12 30.25
CA TYR D 201 -21.48 -12.22 29.34
C TYR D 201 -21.05 -13.00 28.11
N PHE D 202 -21.00 -12.30 26.98
CA PHE D 202 -20.42 -12.84 25.75
C PHE D 202 -19.24 -11.95 25.36
N ALA D 203 -18.05 -12.52 25.40
CA ALA D 203 -16.85 -11.77 25.07
C ALA D 203 -16.61 -11.80 23.57
N THR D 204 -16.13 -10.68 23.05
CA THR D 204 -15.76 -10.53 21.65
C THR D 204 -14.28 -10.16 21.57
N PRO D 205 -13.58 -10.60 20.52
CA PRO D 205 -12.15 -10.23 20.42
C PRO D 205 -11.93 -8.74 20.35
N GLY D 206 -12.71 -8.03 19.54
CA GLY D 206 -12.57 -6.59 19.40
C GLY D 206 -13.65 -5.83 20.14
N GLU D 207 -13.50 -4.51 20.10
CA GLU D 207 -14.48 -3.61 20.71
C GLU D 207 -15.86 -3.81 20.11
N THR D 208 -16.88 -3.90 20.95
CA THR D 208 -18.24 -3.68 20.47
C THR D 208 -18.74 -2.41 21.17
N MET D 209 -18.45 -1.27 20.54
CA MET D 209 -19.05 0.00 20.96
C MET D 209 -20.48 0.11 20.47
N ALA D 210 -20.73 -0.40 19.26
CA ALA D 210 -22.05 -0.32 18.67
C ALA D 210 -23.07 -1.06 19.52
N THR D 211 -24.24 -0.45 19.66
CA THR D 211 -25.34 -1.14 20.31
C THR D 211 -25.75 -2.33 19.45
N PRO D 212 -25.93 -3.51 20.04
CA PRO D 212 -26.41 -4.65 19.24
C PRO D 212 -27.86 -4.47 18.83
N ALA D 213 -28.37 -5.41 18.05
CA ALA D 213 -29.77 -5.43 17.66
C ALA D 213 -30.41 -6.71 18.18
N TYR D 214 -31.67 -6.60 18.61
CA TYR D 214 -32.47 -7.75 19.01
C TYR D 214 -33.53 -8.05 17.98
N ASP D 215 -33.58 -9.30 17.53
CA ASP D 215 -34.74 -9.79 16.79
C ASP D 215 -34.84 -11.29 17.04
N ASN D 216 -36.07 -11.77 17.22
CA ASN D 216 -36.39 -13.20 17.35
C ASN D 216 -35.42 -13.92 18.29
N ASN D 217 -35.42 -13.48 19.55
CA ASN D 217 -34.65 -14.13 20.61
C ASN D 217 -33.15 -14.20 20.28
N THR D 218 -32.65 -13.20 19.56
CA THR D 218 -31.27 -13.24 19.11
C THR D 218 -30.66 -11.84 19.13
N LEU D 219 -29.39 -11.76 19.51
CA LEU D 219 -28.62 -10.53 19.54
C LEU D 219 -27.66 -10.48 18.38
N PHE D 220 -27.52 -9.31 17.77
CA PHE D 220 -26.70 -9.15 16.58
C PHE D 220 -25.74 -7.99 16.80
N ILE D 221 -24.44 -8.27 16.74
CA ILE D 221 -23.44 -7.26 17.04
C ILE D 221 -22.20 -7.53 16.18
N ALA D 222 -21.47 -6.48 15.87
CA ALA D 222 -20.20 -6.57 15.15
C ALA D 222 -19.11 -5.88 15.96
N ASP D 223 -17.94 -6.52 16.01
CA ASP D 223 -16.84 -6.01 16.82
C ASP D 223 -15.85 -5.25 15.95
N GLY D 224 -14.77 -4.79 16.58
CA GLY D 224 -13.73 -4.10 15.85
C GLY D 224 -12.73 -5.00 15.16
N ALA D 225 -12.85 -6.31 15.34
CA ALA D 225 -11.97 -7.28 14.69
C ALA D 225 -12.52 -7.79 13.37
N GLY D 226 -13.64 -7.27 12.90
CA GLY D 226 -14.21 -7.73 11.66
C GLY D 226 -15.14 -8.91 11.80
N ASN D 227 -15.69 -9.12 12.99
CA ASN D 227 -16.52 -10.27 13.26
C ASN D 227 -17.94 -9.82 13.56
N ALA D 228 -18.91 -10.52 12.98
CA ALA D 228 -20.31 -10.32 13.29
C ALA D 228 -20.85 -11.58 13.95
N PHE D 229 -21.66 -11.41 14.99
CA PHE D 229 -22.22 -12.52 15.76
C PHE D 229 -23.72 -12.41 15.87
N GLY D 230 -24.40 -13.52 15.65
CA GLY D 230 -25.70 -13.75 16.25
C GLY D 230 -25.47 -14.40 17.61
N ILE D 231 -26.30 -14.03 18.57
CA ILE D 231 -26.12 -14.47 19.95
C ILE D 231 -27.49 -14.75 20.55
N ASN D 232 -27.62 -15.87 21.25
CA ASN D 232 -28.88 -16.22 21.88
C ASN D 232 -29.13 -15.25 23.04
N ALA D 233 -30.26 -14.54 22.99
CA ALA D 233 -30.53 -13.51 23.99
C ALA D 233 -30.90 -14.09 25.34
N THR D 234 -31.12 -15.40 25.44
CA THR D 234 -31.43 -16.06 26.70
C THR D 234 -30.22 -16.80 27.26
N THR D 235 -29.72 -17.79 26.52
CA THR D 235 -28.59 -18.58 27.01
C THR D 235 -27.27 -17.82 26.90
N GLY D 236 -27.17 -16.90 25.94
CA GLY D 236 -25.94 -16.15 25.73
C GLY D 236 -24.92 -16.82 24.84
N LYS D 237 -25.08 -18.10 24.55
CA LYS D 237 -24.12 -18.81 23.73
C LYS D 237 -24.23 -18.38 22.27
N GLN D 238 -23.09 -18.41 21.58
CA GLN D 238 -23.03 -17.99 20.18
C GLN D 238 -23.98 -18.82 19.32
N VAL D 239 -24.59 -18.16 18.34
CA VAL D 239 -25.39 -18.82 17.31
C VAL D 239 -24.53 -18.98 16.07
N TRP D 240 -24.10 -17.85 15.50
CA TRP D 240 -23.24 -17.86 14.32
C TRP D 240 -22.24 -16.71 14.41
N LYS D 241 -21.12 -16.87 13.72
CA LYS D 241 -20.10 -15.84 13.59
C LYS D 241 -19.68 -15.76 12.13
N THR D 242 -19.58 -14.54 11.60
CA THR D 242 -19.19 -14.32 10.22
C THR D 242 -18.09 -13.27 10.20
N HIS D 243 -16.97 -13.58 9.56
CA HIS D 243 -15.87 -12.64 9.47
C HIS D 243 -16.05 -11.85 8.17
N VAL D 244 -16.47 -10.59 8.31
CA VAL D 244 -16.66 -9.72 7.17
C VAL D 244 -15.41 -8.92 6.83
N GLY D 245 -14.46 -8.84 7.75
CA GLY D 245 -13.31 -7.97 7.62
C GLY D 245 -13.65 -6.53 7.98
N GLY D 246 -12.62 -5.78 8.33
CA GLY D 246 -12.81 -4.38 8.69
C GLY D 246 -13.06 -4.20 10.17
N MET D 247 -13.59 -3.03 10.50
CA MET D 247 -13.87 -2.68 11.89
C MET D 247 -15.23 -2.00 12.00
N ASP D 248 -16.07 -2.47 12.92
CA ASP D 248 -17.32 -1.79 13.27
C ASP D 248 -17.05 -0.92 14.48
N ASN D 249 -17.08 0.39 14.30
CA ASN D 249 -16.70 1.27 15.40
C ASN D 249 -17.91 1.69 16.23
N MET D 250 -18.68 2.66 15.72
CA MET D 250 -19.91 3.10 16.36
C MET D 250 -21.17 2.63 15.64
N SER D 251 -21.07 1.81 14.60
CA SER D 251 -22.22 1.57 13.75
C SER D 251 -23.07 0.44 14.33
N SER D 252 -24.25 0.80 14.84
CA SER D 252 -25.09 -0.15 15.54
C SER D 252 -25.88 -1.01 14.57
N VAL D 253 -26.07 -2.28 14.93
CA VAL D 253 -26.76 -3.21 14.05
C VAL D 253 -28.24 -2.85 13.96
N THR D 254 -28.77 -2.88 12.74
CA THR D 254 -30.19 -2.63 12.48
C THR D 254 -30.83 -3.89 11.90
N ALA D 255 -31.85 -4.40 12.59
CA ALA D 255 -32.55 -5.62 12.19
C ALA D 255 -33.87 -5.24 11.52
N TYR D 256 -33.99 -5.55 10.23
CA TYR D 256 -35.15 -5.18 9.44
C TYR D 256 -35.52 -6.35 8.54
N ARG D 257 -36.77 -6.84 8.67
CA ARG D 257 -37.29 -7.94 7.85
C ARG D 257 -36.36 -9.14 7.85
N HIS D 258 -36.06 -9.62 9.06
CA HIS D 258 -35.30 -10.85 9.29
C HIS D 258 -33.86 -10.77 8.80
N ASN D 259 -33.35 -9.55 8.57
CA ASN D 259 -31.97 -9.33 8.20
C ASN D 259 -31.39 -8.23 9.08
N ILE D 260 -30.08 -8.27 9.26
CA ILE D 260 -29.34 -7.28 10.04
C ILE D 260 -28.43 -6.48 9.10
N TYR D 261 -28.36 -5.17 9.33
CA TYR D 261 -27.62 -4.24 8.48
C TYR D 261 -26.65 -3.44 9.34
N PHE D 262 -25.38 -3.41 8.93
CA PHE D 262 -24.37 -2.64 9.67
C PHE D 262 -23.25 -2.29 8.69
N ALA D 263 -22.52 -1.23 9.03
CA ALA D 263 -21.41 -0.78 8.20
C ALA D 263 -20.08 -1.10 8.88
N MET D 264 -19.06 -1.35 8.07
CA MET D 264 -17.72 -1.67 8.55
C MET D 264 -16.72 -0.69 7.97
N ALA D 265 -15.71 -0.33 8.76
CA ALA D 265 -14.67 0.55 8.30
C ALA D 265 -13.42 -0.23 7.89
N ILE D 266 -12.46 0.47 7.30
CA ILE D 266 -11.17 -0.06 6.85
C ILE D 266 -11.40 -1.07 5.71
N LYS D 267 -12.63 -1.55 5.60
CA LYS D 267 -13.08 -2.33 4.46
C LYS D 267 -14.46 -1.75 4.22
N PRO D 268 -14.53 -0.57 3.60
CA PRO D 268 -15.72 0.28 3.76
C PRO D 268 -16.93 -0.23 3.01
N TYR D 269 -17.62 -1.20 3.59
CA TYR D 269 -18.84 -1.74 3.00
C TYR D 269 -19.97 -1.67 4.01
N LEU D 270 -21.19 -1.48 3.52
CA LEU D 270 -22.40 -1.68 4.29
C LEU D 270 -22.91 -3.09 3.99
N TYR D 271 -23.06 -3.91 5.03
CA TYR D 271 -23.44 -5.30 4.89
C TYR D 271 -24.90 -5.50 5.28
N CYS D 272 -25.52 -6.47 4.61
CA CYS D 272 -26.82 -7.01 4.97
C CYS D 272 -26.62 -8.49 5.23
N LEU D 273 -26.95 -8.94 6.44
CA LEU D 273 -26.73 -10.34 6.80
C LEU D 273 -28.04 -10.99 7.21
N ASN D 274 -28.09 -12.30 7.02
CA ASN D 274 -29.27 -13.07 7.36
C ASN D 274 -29.21 -13.43 8.84
N GLU D 275 -30.27 -13.11 9.58
CA GLU D 275 -30.28 -13.36 11.02
C GLU D 275 -30.03 -14.83 11.35
N SER D 276 -30.39 -15.73 10.44
CA SER D 276 -30.38 -17.16 10.75
C SER D 276 -28.97 -17.75 10.65
N ASN D 277 -28.39 -17.76 9.46
CA ASN D 277 -27.07 -18.34 9.26
C ASN D 277 -25.94 -17.32 9.24
N GLY D 278 -26.25 -16.02 9.28
CA GLY D 278 -25.21 -15.02 9.23
C GLY D 278 -24.58 -14.83 7.87
N HIS D 279 -25.10 -15.48 6.84
CA HIS D 279 -24.55 -15.30 5.49
C HIS D 279 -24.80 -13.88 4.99
N ILE D 280 -23.88 -13.41 4.15
CA ILE D 280 -23.95 -12.05 3.64
C ILE D 280 -24.95 -12.00 2.49
N VAL D 281 -25.97 -11.17 2.64
CA VAL D 281 -26.93 -10.97 1.56
C VAL D 281 -26.34 -10.08 0.48
N TRP D 282 -25.96 -8.85 0.84
CA TRP D 282 -25.37 -7.93 -0.12
C TRP D 282 -24.44 -6.97 0.60
N LYS D 283 -23.55 -6.38 -0.18
CA LYS D 283 -22.61 -5.37 0.28
C LYS D 283 -22.84 -4.09 -0.50
N GLY D 284 -22.57 -2.95 0.14
CA GLY D 284 -22.77 -1.67 -0.51
C GLY D 284 -21.73 -0.68 -0.05
N THR D 285 -21.59 0.39 -0.83
CA THR D 285 -20.52 1.36 -0.61
C THR D 285 -21.08 2.76 -0.69
N ILE D 286 -20.38 3.69 -0.05
CA ILE D 286 -20.69 5.11 -0.10
C ILE D 286 -19.56 5.79 -0.86
N PRO D 287 -19.84 6.45 -1.99
CA PRO D 287 -18.77 7.04 -2.78
C PRO D 287 -18.06 8.15 -2.01
N GLY D 288 -16.73 8.12 -2.08
CA GLY D 288 -15.91 9.08 -1.38
C GLY D 288 -15.67 8.78 0.08
N ALA D 289 -16.35 7.79 0.65
CA ALA D 289 -16.22 7.51 2.07
C ALA D 289 -14.80 7.10 2.41
N SER D 290 -14.19 7.81 3.35
CA SER D 290 -12.91 7.37 3.88
C SER D 290 -13.11 6.05 4.61
N ASN D 291 -12.19 5.11 4.38
CA ASN D 291 -12.35 3.79 5.00
C ASN D 291 -12.36 3.88 6.53
N THR D 292 -11.96 5.03 7.10
CA THR D 292 -12.12 5.32 8.52
C THR D 292 -13.41 6.09 8.84
N GLY D 293 -14.12 6.59 7.83
CA GLY D 293 -15.26 7.46 8.05
C GLY D 293 -16.62 6.87 7.74
N ILE D 294 -16.73 5.56 7.57
CA ILE D 294 -17.98 4.90 7.21
C ILE D 294 -18.61 4.18 8.39
N GLY D 295 -17.88 3.25 9.00
CA GLY D 295 -18.42 2.35 9.99
C GLY D 295 -18.71 2.96 11.35
N ASN D 296 -18.72 4.28 11.45
CA ASN D 296 -19.13 4.92 12.69
C ASN D 296 -20.63 5.19 12.77
N VAL D 297 -21.37 5.05 11.67
CA VAL D 297 -22.79 5.42 11.66
C VAL D 297 -23.63 4.18 11.47
N SER D 298 -24.73 4.10 12.24
CA SER D 298 -25.71 3.03 12.22
C SER D 298 -26.77 3.29 11.15
N PRO D 299 -27.00 2.35 10.24
CA PRO D 299 -28.00 2.57 9.19
C PRO D 299 -29.40 2.51 9.74
N ALA D 300 -30.27 3.36 9.19
CA ALA D 300 -31.69 3.34 9.49
C ALA D 300 -32.43 2.61 8.37
N ALA D 301 -33.45 1.84 8.73
CA ALA D 301 -34.23 1.08 7.76
C ALA D 301 -35.71 1.33 7.97
N ALA D 302 -36.41 1.69 6.90
CA ALA D 302 -37.87 1.74 6.91
C ALA D 302 -38.40 1.53 5.50
N ASP D 303 -39.55 0.86 5.42
CA ASP D 303 -40.33 0.72 4.18
C ASP D 303 -39.48 0.18 3.04
N GLY D 304 -38.73 -0.88 3.32
CA GLY D 304 -37.91 -1.51 2.30
C GLY D 304 -36.70 -0.71 1.87
N VAL D 305 -36.36 0.36 2.57
CA VAL D 305 -35.21 1.20 2.24
C VAL D 305 -34.28 1.26 3.45
N VAL D 306 -32.98 1.23 3.20
CA VAL D 306 -31.96 1.31 4.23
C VAL D 306 -31.06 2.50 3.91
N VAL D 307 -30.98 3.44 4.84
CA VAL D 307 -30.29 4.71 4.62
C VAL D 307 -29.02 4.75 5.46
N LEU D 308 -27.92 5.17 4.84
CA LEU D 308 -26.67 5.39 5.57
C LEU D 308 -25.92 6.56 4.95
N ASP D 309 -25.10 7.22 5.77
CA ASP D 309 -24.22 8.28 5.31
C ASP D 309 -22.83 8.07 5.87
N ALA D 310 -21.84 8.61 5.17
CA ALA D 310 -20.44 8.43 5.56
C ALA D 310 -19.65 9.66 5.15
N THR D 311 -18.53 9.88 5.84
CA THR D 311 -17.71 11.06 5.65
C THR D 311 -16.61 10.79 4.64
N THR D 312 -16.26 11.81 3.86
CA THR D 312 -15.24 11.68 2.85
C THR D 312 -13.85 11.67 3.47
N LYS D 313 -12.84 11.48 2.64
CA LYS D 313 -11.46 11.60 3.07
C LYS D 313 -11.10 13.07 3.20
N PRO D 314 -10.10 13.40 4.02
CA PRO D 314 -9.69 14.80 4.15
C PRO D 314 -8.98 15.28 2.90
N GLN D 315 -9.23 16.54 2.56
CA GLN D 315 -8.46 17.28 1.57
C GLN D 315 -7.94 18.54 2.24
N ALA D 316 -6.97 19.18 1.59
CA ALA D 316 -6.20 20.23 2.26
C ALA D 316 -6.94 21.55 2.36
N ASN D 317 -8.17 21.63 1.86
CA ASN D 317 -8.99 22.82 2.03
C ASN D 317 -9.53 22.85 3.45
N LYS D 318 -9.24 23.94 4.18
CA LYS D 318 -9.70 24.05 5.56
C LYS D 318 -11.16 24.45 5.66
N LYS D 319 -11.64 25.26 4.71
CA LYS D 319 -13.06 25.64 4.72
C LYS D 319 -13.94 24.45 4.41
N ALA D 320 -13.63 23.68 3.37
CA ALA D 320 -14.24 22.38 3.15
C ALA D 320 -13.17 21.30 3.24
N MET D 321 -13.02 20.68 4.42
CA MET D 321 -12.10 19.57 4.59
C MET D 321 -12.75 18.23 4.28
N PHE D 322 -13.96 18.02 4.79
CA PHE D 322 -14.69 16.78 4.65
C PHE D 322 -16.04 17.07 4.02
N SER D 323 -16.62 16.06 3.40
CA SER D 323 -18.00 16.13 2.94
C SER D 323 -18.75 14.95 3.51
N ASN D 324 -20.07 14.98 3.36
CA ASN D 324 -20.92 13.94 3.91
C ASN D 324 -21.87 13.49 2.81
N VAL D 325 -21.92 12.18 2.57
CA VAL D 325 -22.69 11.63 1.46
C VAL D 325 -23.68 10.62 2.02
N ILE D 326 -24.96 10.82 1.70
CA ILE D 326 -26.03 9.94 2.13
C ILE D 326 -26.50 9.14 0.93
N ARG D 327 -26.78 7.86 1.15
CA ARG D 327 -27.24 6.97 0.09
C ARG D 327 -28.31 6.03 0.61
N ALA D 328 -29.37 5.85 -0.17
CA ALA D 328 -30.45 4.96 0.16
C ALA D 328 -30.37 3.71 -0.71
N PHE D 329 -30.55 2.55 -0.08
CA PHE D 329 -30.42 1.27 -0.72
C PHE D 329 -31.76 0.56 -0.71
N ASP D 330 -31.94 -0.34 -1.66
CA ASP D 330 -33.06 -1.28 -1.59
C ASP D 330 -32.74 -2.30 -0.50
N ALA D 331 -33.61 -2.40 0.50
CA ALA D 331 -33.33 -3.26 1.65
C ALA D 331 -33.15 -4.72 1.24
N LYS D 332 -34.00 -5.20 0.32
CA LYS D 332 -34.00 -6.63 0.03
C LYS D 332 -32.82 -7.02 -0.85
N THR D 333 -32.65 -6.35 -1.99
CA THR D 333 -31.61 -6.72 -2.94
C THR D 333 -30.32 -5.92 -2.81
N GLY D 334 -30.32 -4.81 -2.06
CA GLY D 334 -29.16 -3.97 -1.97
C GLY D 334 -28.95 -2.97 -3.09
N ALA D 335 -29.87 -2.87 -4.05
CA ALA D 335 -29.71 -1.92 -5.14
C ALA D 335 -29.74 -0.49 -4.63
N VAL D 336 -28.94 0.37 -5.25
CA VAL D 336 -28.82 1.76 -4.81
C VAL D 336 -29.99 2.56 -5.35
N LEU D 337 -30.80 3.12 -4.46
CA LEU D 337 -31.94 3.92 -4.89
C LEU D 337 -31.53 5.34 -5.27
N TRP D 338 -30.79 6.02 -4.40
CA TRP D 338 -30.34 7.37 -4.69
C TRP D 338 -29.15 7.71 -3.81
N THR D 339 -28.40 8.73 -4.22
CA THR D 339 -27.23 9.21 -3.49
C THR D 339 -27.23 10.73 -3.52
N ARG D 340 -26.89 11.35 -2.40
CA ARG D 340 -26.83 12.80 -2.33
C ARG D 340 -25.62 13.24 -1.53
N ASN D 341 -25.13 14.44 -1.85
CA ASN D 341 -24.08 15.09 -1.08
C ASN D 341 -24.71 16.11 -0.15
N MET D 342 -24.39 16.01 1.14
CA MET D 342 -24.99 16.86 2.15
C MET D 342 -24.17 18.13 2.43
N GLY D 343 -23.09 18.34 1.70
CA GLY D 343 -22.26 19.52 1.88
C GLY D 343 -20.95 19.20 2.58
N SER D 344 -20.16 20.26 2.78
CA SER D 344 -18.80 20.13 3.27
C SER D 344 -18.58 21.11 4.42
N GLY D 345 -17.48 20.90 5.13
CA GLY D 345 -17.15 21.74 6.27
C GLY D 345 -15.74 21.48 6.73
N GLY D 346 -15.33 22.25 7.74
CA GLY D 346 -13.99 22.16 8.29
C GLY D 346 -13.82 20.99 9.25
N LYS D 347 -12.63 20.92 9.83
CA LYS D 347 -12.26 19.79 10.67
C LYS D 347 -13.06 19.79 11.97
N ILE D 348 -13.66 18.65 12.29
CA ILE D 348 -14.38 18.47 13.55
C ILE D 348 -13.72 17.32 14.28
N PRO D 349 -13.74 17.30 15.62
CA PRO D 349 -12.90 16.33 16.35
C PRO D 349 -13.23 14.86 16.08
N ALA D 350 -14.50 14.47 16.17
CA ALA D 350 -14.81 13.05 16.02
C ALA D 350 -16.29 12.88 15.68
N PHE D 351 -16.61 11.68 15.17
CA PHE D 351 -17.95 11.33 14.70
C PHE D 351 -18.46 12.39 13.72
N LYS D 352 -17.82 12.39 12.55
CA LYS D 352 -18.06 13.42 11.55
C LYS D 352 -19.35 13.19 10.75
N GLY D 353 -19.97 12.01 10.84
CA GLY D 353 -21.23 11.77 10.17
C GLY D 353 -22.44 11.87 11.10
N GLY D 354 -23.60 12.11 10.51
CA GLY D 354 -24.86 12.18 11.24
C GLY D 354 -25.60 10.86 11.24
N VAL D 355 -26.41 10.65 12.28
CA VAL D 355 -27.23 9.45 12.41
C VAL D 355 -28.60 9.73 11.81
N PRO D 356 -29.02 8.98 10.80
CA PRO D 356 -30.31 9.27 10.15
C PRO D 356 -31.51 8.73 10.92
N MET D 357 -32.64 9.43 10.76
CA MET D 357 -33.96 8.94 11.15
C MET D 357 -34.85 8.86 9.92
N ILE D 358 -35.72 7.85 9.88
CA ILE D 358 -36.77 7.75 8.87
C ILE D 358 -38.11 7.77 9.59
N HIS D 359 -38.95 8.75 9.27
CA HIS D 359 -40.33 8.74 9.75
C HIS D 359 -41.23 9.29 8.66
N ASN D 360 -42.34 8.59 8.40
CA ASN D 360 -43.32 8.97 7.37
C ASN D 360 -42.65 9.18 6.01
N ASN D 361 -41.77 8.23 5.66
CA ASN D 361 -41.09 8.21 4.36
C ASN D 361 -40.24 9.47 4.13
N ILE D 362 -39.77 10.10 5.20
CA ILE D 362 -38.82 11.20 5.11
C ILE D 362 -37.59 10.89 5.95
N VAL D 363 -36.41 11.11 5.40
CA VAL D 363 -35.16 10.95 6.14
C VAL D 363 -34.73 12.32 6.67
N TYR D 364 -34.49 12.38 7.97
CA TYR D 364 -33.95 13.57 8.63
C TYR D 364 -32.57 13.21 9.17
N VAL D 365 -31.54 13.93 8.72
CA VAL D 365 -30.16 13.58 9.03
C VAL D 365 -29.35 14.85 9.22
N GLY D 366 -28.39 14.80 10.16
CA GLY D 366 -27.50 15.90 10.42
C GLY D 366 -26.19 15.81 9.65
N ASN D 367 -25.54 16.96 9.47
CA ASN D 367 -24.23 17.05 8.81
C ASN D 367 -23.26 17.74 9.75
N PRO D 368 -22.47 17.00 10.53
CA PRO D 368 -21.62 17.64 11.55
C PRO D 368 -20.56 18.58 11.02
N VAL D 369 -20.01 18.34 9.83
CA VAL D 369 -19.04 19.28 9.27
C VAL D 369 -19.68 20.65 9.04
N ALA D 370 -20.89 20.67 8.46
CA ALA D 370 -21.56 21.92 8.13
C ALA D 370 -22.52 22.41 9.21
N SER D 371 -22.72 21.64 10.28
CA SER D 371 -23.66 22.02 11.34
C SER D 371 -25.05 22.29 10.78
N THR D 372 -25.53 21.34 9.96
CA THR D 372 -26.82 21.48 9.31
C THR D 372 -27.61 20.19 9.47
N TYR D 373 -28.93 20.31 9.43
CA TYR D 373 -29.84 19.20 9.23
C TYR D 373 -30.60 19.35 7.93
N GLN D 374 -30.83 18.23 7.25
CA GLN D 374 -31.57 18.22 6.00
C GLN D 374 -32.63 17.14 6.05
N ALA D 375 -33.71 17.37 5.30
CA ALA D 375 -34.79 16.41 5.15
C ALA D 375 -34.83 15.95 3.71
N TYR D 376 -34.69 14.64 3.51
CA TYR D 376 -34.78 14.01 2.20
C TYR D 376 -35.98 13.07 2.17
N GLU D 377 -36.64 12.99 1.01
CA GLU D 377 -37.71 12.02 0.84
C GLU D 377 -37.10 10.63 0.71
N LEU D 378 -37.62 9.68 1.48
CA LEU D 378 -36.99 8.37 1.59
C LEU D 378 -36.79 7.71 0.22
N LYS D 379 -37.85 7.65 -0.58
CA LYS D 379 -37.80 6.90 -1.83
C LYS D 379 -37.19 7.69 -2.98
N THR D 380 -37.52 8.98 -3.11
CA THR D 380 -37.05 9.75 -4.25
C THR D 380 -35.70 10.44 -4.05
N GLY D 381 -35.26 10.61 -2.81
CA GLY D 381 -34.02 11.34 -2.57
C GLY D 381 -34.08 12.84 -2.76
N LYS D 382 -35.28 13.41 -2.86
CA LYS D 382 -35.42 14.85 -3.06
C LYS D 382 -35.16 15.60 -1.75
N LEU D 383 -34.49 16.75 -1.87
CA LEU D 383 -34.09 17.54 -0.71
C LEU D 383 -35.20 18.51 -0.33
N LEU D 384 -35.81 18.30 0.83
CA LEU D 384 -36.92 19.14 1.25
C LEU D 384 -36.43 20.50 1.76
N TRP D 385 -35.52 20.50 2.72
CA TRP D 385 -35.00 21.73 3.30
C TRP D 385 -33.65 21.47 3.95
N THR D 386 -32.95 22.56 4.25
CA THR D 386 -31.69 22.54 4.99
C THR D 386 -31.78 23.59 6.08
N TRP D 387 -31.48 23.21 7.32
CA TRP D 387 -31.54 24.12 8.46
C TRP D 387 -30.16 24.26 9.09
N HIS D 388 -29.68 25.50 9.16
CA HIS D 388 -28.40 25.80 9.77
C HIS D 388 -28.59 25.96 11.27
N VAL D 389 -27.78 25.27 12.05
CA VAL D 389 -27.92 25.40 13.51
C VAL D 389 -27.47 26.79 13.92
N PRO D 390 -28.27 27.56 14.65
CA PRO D 390 -27.87 28.94 14.98
C PRO D 390 -26.68 28.99 15.92
N THR D 391 -26.55 28.02 16.82
CA THR D 391 -25.49 28.02 17.80
C THR D 391 -24.22 27.44 17.21
N LYS D 392 -23.08 27.84 17.75
CA LYS D 392 -21.79 27.37 17.28
C LYS D 392 -21.25 26.31 18.23
N VAL D 393 -20.91 25.16 17.67
CA VAL D 393 -20.37 24.02 18.42
C VAL D 393 -19.01 23.70 17.85
N ALA D 394 -17.96 23.93 18.64
CA ALA D 394 -16.60 23.61 18.19
C ALA D 394 -16.44 22.12 17.92
N ALA D 395 -17.18 21.28 18.65
CA ALA D 395 -17.20 19.86 18.34
C ALA D 395 -18.02 19.56 17.10
N GLY D 396 -18.90 20.47 16.69
CA GLY D 396 -19.75 20.29 15.54
C GLY D 396 -21.17 19.92 15.93
N ALA D 397 -22.12 20.32 15.08
CA ALA D 397 -23.54 20.12 15.31
C ALA D 397 -24.10 19.22 14.23
N GLY D 398 -25.05 18.36 14.60
CA GLY D 398 -25.62 17.42 13.67
C GLY D 398 -25.22 15.96 13.81
N ARG D 399 -24.56 15.57 14.89
CA ARG D 399 -24.23 14.15 15.02
C ARG D 399 -25.45 13.34 15.40
N SER D 400 -26.31 13.89 16.26
CA SER D 400 -27.41 13.15 16.82
C SER D 400 -28.57 13.04 15.84
N ALA D 401 -29.34 11.96 15.99
CA ALA D 401 -30.52 11.77 15.17
C ALA D 401 -31.68 12.59 15.74
N PRO D 402 -32.45 13.26 14.87
CA PRO D 402 -33.63 13.97 15.34
C PRO D 402 -34.73 13.01 15.77
N THR D 403 -35.64 13.51 16.58
CA THR D 403 -36.82 12.77 17.00
C THR D 403 -38.06 13.51 16.53
N TYR D 404 -38.88 12.83 15.75
CA TYR D 404 -40.10 13.39 15.17
C TYR D 404 -41.28 12.88 15.97
N TYR D 405 -41.95 13.78 16.68
CA TYR D 405 -43.00 13.40 17.63
C TYR D 405 -44.18 14.35 17.52
N LYS D 406 -45.37 13.80 17.26
CA LYS D 406 -46.61 14.57 17.14
C LYS D 406 -46.43 15.75 16.19
N GLY D 407 -45.85 15.48 15.02
CA GLY D 407 -45.76 16.50 14.01
C GLY D 407 -44.65 17.52 14.20
N LEU D 408 -43.67 17.26 15.08
CA LEU D 408 -42.60 18.21 15.33
C LEU D 408 -41.27 17.48 15.43
N LEU D 409 -40.18 18.21 15.16
CA LEU D 409 -38.82 17.72 15.31
C LEU D 409 -38.18 18.26 16.59
N TYR D 410 -37.53 17.38 17.33
CA TYR D 410 -36.74 17.75 18.49
C TYR D 410 -35.31 17.26 18.27
N ILE D 411 -34.35 18.16 18.41
CA ILE D 411 -32.94 17.87 18.10
C ILE D 411 -32.07 18.32 19.26
N THR D 412 -31.34 17.39 19.86
CA THR D 412 -30.32 17.70 20.86
C THR D 412 -28.96 17.82 20.16
N THR D 413 -28.42 19.03 20.12
CA THR D 413 -27.10 19.27 19.57
C THR D 413 -26.46 20.43 20.31
N GLY D 414 -25.13 20.42 20.38
CA GLY D 414 -24.44 21.38 21.20
C GLY D 414 -24.90 21.29 22.63
N GLN D 415 -25.20 22.44 23.23
CA GLN D 415 -25.72 22.49 24.59
C GLN D 415 -27.24 22.64 24.65
N TYR D 416 -27.92 22.66 23.51
CA TYR D 416 -29.34 22.97 23.45
C TYR D 416 -30.14 21.79 22.89
N ILE D 417 -31.42 21.78 23.21
CA ILE D 417 -32.41 20.99 22.49
C ILE D 417 -33.29 21.98 21.71
N PHE D 418 -33.46 21.71 20.42
CA PHE D 418 -34.21 22.57 19.52
C PHE D 418 -35.54 21.95 19.11
N VAL D 419 -36.50 22.81 18.83
CA VAL D 419 -37.77 22.42 18.22
C VAL D 419 -37.78 23.00 16.81
N VAL D 420 -37.99 22.13 15.82
CA VAL D 420 -37.90 22.50 14.42
C VAL D 420 -39.16 22.04 13.71
N ASN D 421 -39.66 22.87 12.78
CA ASN D 421 -40.83 22.54 11.98
C ASN D 421 -40.47 21.50 10.93
N PRO D 422 -41.02 20.28 10.99
CA PRO D 422 -40.66 19.27 10.00
C PRO D 422 -41.10 19.61 8.59
N ALA D 423 -42.11 20.46 8.42
CA ALA D 423 -42.53 20.85 7.09
C ALA D 423 -41.54 21.82 6.45
N THR D 424 -41.28 22.95 7.12
CA THR D 424 -40.45 24.02 6.57
C THR D 424 -38.99 23.97 7.02
N GLY D 425 -38.65 23.14 8.00
CA GLY D 425 -37.31 23.14 8.55
C GLY D 425 -36.89 24.43 9.20
N LYS D 426 -37.83 25.18 9.78
CA LYS D 426 -37.51 26.41 10.48
C LYS D 426 -37.56 26.18 11.99
N GLU D 427 -36.58 26.75 12.69
CA GLU D 427 -36.51 26.64 14.14
C GLU D 427 -37.72 27.30 14.79
N LEU D 428 -38.40 26.55 15.65
CA LEU D 428 -39.50 27.08 16.44
C LEU D 428 -39.04 27.57 17.81
N HIS D 429 -38.52 26.66 18.63
CA HIS D 429 -38.09 26.98 19.98
C HIS D 429 -36.64 26.58 20.18
N GLN D 430 -36.04 27.16 21.22
CA GLN D 430 -34.68 26.86 21.62
C GLN D 430 -34.61 26.80 23.14
N HIS D 431 -33.96 25.76 23.67
CA HIS D 431 -33.93 25.54 25.11
C HIS D 431 -32.49 25.24 25.55
N HIS D 432 -31.98 26.02 26.50
CA HIS D 432 -30.61 25.84 26.97
C HIS D 432 -30.52 24.77 28.06
N ILE D 433 -29.50 23.92 27.94
CA ILE D 433 -29.22 22.88 28.92
C ILE D 433 -27.77 23.01 29.40
N GLY D 434 -26.83 22.94 28.46
CA GLY D 434 -25.42 22.94 28.75
C GLY D 434 -24.80 21.57 28.52
N GLY D 435 -23.52 21.47 28.88
CA GLY D 435 -22.79 20.25 28.60
C GLY D 435 -22.57 20.03 27.12
N GLN D 436 -22.72 18.78 26.69
CA GLN D 436 -22.65 18.39 25.29
C GLN D 436 -23.58 17.21 25.06
N PHE D 437 -24.12 17.13 23.84
CA PHE D 437 -24.92 15.99 23.44
C PHE D 437 -24.19 15.09 22.44
N GLY D 438 -23.77 15.61 21.30
CA GLY D 438 -23.08 14.73 20.38
C GLY D 438 -24.04 13.77 19.71
N ILE D 439 -23.91 12.47 19.99
CA ILE D 439 -24.72 11.46 19.33
C ILE D 439 -25.99 11.11 20.09
N GLU D 440 -26.25 11.76 21.22
CA GLU D 440 -27.44 11.46 22.02
C GLU D 440 -28.69 11.98 21.32
N SER D 441 -29.75 11.17 21.31
CA SER D 441 -30.99 11.59 20.71
C SER D 441 -32.10 11.71 21.75
N PRO D 442 -33.04 12.63 21.58
CA PRO D 442 -34.11 12.77 22.58
C PRO D 442 -35.00 11.55 22.61
N VAL D 443 -35.34 11.11 23.82
CA VAL D 443 -36.30 10.03 24.04
C VAL D 443 -37.56 10.67 24.60
N ILE D 444 -38.63 10.67 23.82
CA ILE D 444 -39.87 11.36 24.15
C ILE D 444 -40.94 10.31 24.42
N VAL D 445 -41.48 10.33 25.64
CA VAL D 445 -42.56 9.44 26.05
C VAL D 445 -43.65 10.30 26.66
N GLY D 446 -44.83 10.31 26.02
CA GLY D 446 -45.91 11.15 26.52
C GLY D 446 -45.58 12.62 26.43
N GLY D 447 -45.63 13.30 27.57
CA GLY D 447 -45.24 14.70 27.65
C GLY D 447 -43.88 14.93 28.27
N THR D 448 -43.03 13.91 28.31
CA THR D 448 -41.74 13.99 28.96
C THR D 448 -40.62 13.66 27.97
N VAL D 449 -39.57 14.49 27.98
CA VAL D 449 -38.34 14.23 27.24
C VAL D 449 -37.32 13.63 28.20
N TYR D 450 -36.66 12.57 27.78
CA TYR D 450 -35.60 11.93 28.57
C TYR D 450 -34.29 12.07 27.81
N LEU D 451 -33.22 12.46 28.52
CA LEU D 451 -31.96 12.81 27.89
C LEU D 451 -30.79 12.29 28.72
N THR D 452 -29.67 12.04 28.04
CA THR D 452 -28.37 11.93 28.67
C THR D 452 -27.47 13.01 28.09
N ASN D 453 -26.42 13.34 28.83
CA ASN D 453 -25.50 14.41 28.44
C ASN D 453 -24.08 13.89 28.47
N SER D 454 -23.22 14.56 27.69
CA SER D 454 -21.83 14.15 27.58
C SER D 454 -21.02 14.51 28.82
N TRP D 455 -21.57 15.34 29.71
CA TRP D 455 -20.99 15.63 31.00
C TRP D 455 -21.40 14.60 32.03
N ASP D 456 -21.98 13.48 31.57
CA ASP D 456 -22.40 12.37 32.41
C ASP D 456 -23.54 12.79 33.33
N TRP D 457 -24.68 13.12 32.73
CA TRP D 457 -25.91 13.44 33.43
C TRP D 457 -27.07 12.71 32.79
N ILE D 458 -28.04 12.32 33.61
CA ILE D 458 -29.35 11.84 33.15
C ILE D 458 -30.41 12.82 33.60
N MET D 459 -31.27 13.24 32.67
CA MET D 459 -32.28 14.24 32.97
C MET D 459 -33.61 13.88 32.32
N ALA D 460 -34.68 14.47 32.85
CA ALA D 460 -36.02 14.40 32.27
C ALA D 460 -36.58 15.82 32.22
N ILE D 461 -37.09 16.22 31.06
CA ILE D 461 -37.66 17.56 30.92
C ILE D 461 -39.08 17.48 30.37
N PRO D 462 -40.01 18.27 30.88
CA PRO D 462 -41.38 18.29 30.33
C PRO D 462 -41.45 18.94 28.95
N LEU D 463 -42.31 18.37 28.08
CA LEU D 463 -42.44 18.91 26.73
C LEU D 463 -42.97 20.33 26.74
N LYS D 464 -43.87 20.65 27.68
CA LYS D 464 -44.36 22.02 27.79
C LYS D 464 -43.24 23.00 28.07
N THR D 465 -42.31 22.62 28.95
CA THR D 465 -41.20 23.51 29.31
C THR D 465 -40.32 23.79 28.11
N ILE D 466 -40.15 22.83 27.21
CA ILE D 466 -39.30 23.03 26.05
C ILE D 466 -40.00 23.83 24.97
N SER D 467 -41.26 23.46 24.68
CA SER D 467 -41.99 24.11 23.59
C SER D 467 -42.59 25.44 24.01
N HIS D 468 -42.97 25.59 25.27
CA HIS D 468 -43.70 26.77 25.77
C HIS D 468 -45.07 26.88 25.11
N VAL E 5 4.30 36.74 0.41
CA VAL E 5 4.39 37.19 -0.97
C VAL E 5 3.42 36.39 -1.83
N ALA E 6 2.80 37.05 -2.80
CA ALA E 6 1.78 36.43 -3.62
C ALA E 6 2.35 35.95 -4.95
N VAL E 7 2.16 34.68 -5.24
CA VAL E 7 2.39 34.12 -6.57
C VAL E 7 1.11 33.42 -6.99
N PRO E 8 0.93 33.15 -8.28
CA PRO E 8 -0.25 32.37 -8.69
C PRO E 8 -0.22 31.01 -8.02
N MET E 9 -1.24 30.73 -7.23
CA MET E 9 -1.25 29.52 -6.40
C MET E 9 -2.67 29.20 -5.97
N ASP E 10 -2.93 27.91 -5.77
CA ASP E 10 -4.06 27.47 -4.97
C ASP E 10 -3.48 26.93 -3.67
N SER E 11 -3.72 27.64 -2.56
CA SER E 11 -3.12 27.24 -1.29
C SER E 11 -3.54 25.84 -0.89
N THR E 12 -4.70 25.38 -1.36
CA THR E 12 -5.17 24.02 -1.17
C THR E 12 -4.83 23.12 -2.34
N GLY E 13 -4.20 23.66 -3.39
CA GLY E 13 -3.99 22.91 -4.62
C GLY E 13 -2.78 22.00 -4.55
N PRO E 14 -2.55 21.27 -5.65
CA PRO E 14 -1.42 20.33 -5.67
C PRO E 14 -0.06 21.00 -5.66
N TYR E 15 0.03 22.29 -5.99
CA TYR E 15 1.27 23.05 -5.96
C TYR E 15 1.51 23.73 -4.62
N ARG E 16 0.66 23.48 -3.64
CA ARG E 16 0.81 24.10 -2.33
C ARG E 16 2.06 23.56 -1.63
N THR E 17 2.55 24.35 -0.66
CA THR E 17 3.67 23.93 0.17
C THR E 17 3.17 22.98 1.24
N VAL E 18 3.74 21.78 1.28
CA VAL E 18 3.37 20.75 2.23
C VAL E 18 4.47 20.68 3.27
N SER E 19 4.08 20.82 4.55
CA SER E 19 5.03 20.83 5.66
C SER E 19 4.77 19.68 6.60
N HIS E 20 5.80 18.88 6.86
CA HIS E 20 5.79 17.82 7.87
C HIS E 20 6.90 18.07 8.88
N PRO E 21 6.68 18.97 9.84
CA PRO E 21 7.75 19.27 10.83
C PRO E 21 8.18 18.07 11.65
N GLU E 22 7.33 17.06 11.79
CA GLU E 22 7.69 15.88 12.59
C GLU E 22 8.88 15.13 12.02
N ASN E 23 9.18 15.31 10.74
CA ASN E 23 10.28 14.59 10.11
C ASN E 23 11.58 15.38 10.11
N ALA E 24 11.56 16.61 10.64
CA ALA E 24 12.77 17.41 10.72
C ALA E 24 13.76 16.77 11.69
N PRO E 25 15.05 16.76 11.36
CA PRO E 25 16.05 16.30 12.32
C PRO E 25 16.16 17.24 13.51
N SER E 26 16.59 16.68 14.63
CA SER E 26 16.80 17.45 15.84
C SER E 26 18.08 16.95 16.50
N GLY E 27 18.35 17.43 17.72
CA GLY E 27 19.56 17.08 18.43
C GLY E 27 20.82 17.07 17.58
N VAL E 28 21.63 16.02 17.75
CA VAL E 28 22.86 15.89 16.98
C VAL E 28 22.59 15.59 15.52
N ASP E 29 21.40 15.09 15.19
CA ASP E 29 21.05 14.84 13.79
C ASP E 29 21.00 16.12 12.96
N ALA E 30 20.69 17.26 13.60
CA ALA E 30 20.63 18.54 12.90
C ALA E 30 21.99 19.20 12.76
N GLY E 31 23.06 18.57 13.23
CA GLY E 31 24.40 19.11 13.05
C GLY E 31 25.17 18.37 11.98
N VAL E 32 24.59 17.26 11.49
CA VAL E 32 25.27 16.42 10.52
C VAL E 32 25.41 17.15 9.19
N GLY E 33 26.59 17.07 8.60
CA GLY E 33 26.87 17.75 7.36
C GLY E 33 27.23 19.22 7.53
N PRO E 34 27.54 19.89 6.42
CA PRO E 34 27.92 21.31 6.49
C PRO E 34 26.78 22.18 7.01
N SER E 35 27.15 23.37 7.44
CA SER E 35 26.18 24.35 7.96
C SER E 35 25.71 25.34 6.91
N GLU E 36 26.23 25.27 5.69
CA GLU E 36 25.81 26.14 4.61
C GLU E 36 26.09 25.48 3.27
N TRP E 37 25.31 25.86 2.26
CA TRP E 37 25.57 25.46 0.88
C TRP E 37 25.49 26.74 0.03
N THR E 38 26.65 27.22 -0.43
CA THR E 38 26.72 28.49 -1.14
C THR E 38 26.91 28.36 -2.65
N HIS E 39 27.08 27.15 -3.18
CA HIS E 39 27.48 27.02 -4.58
C HIS E 39 26.85 25.80 -5.21
N ALA E 40 26.77 25.83 -6.54
CA ALA E 40 26.63 24.60 -7.30
C ALA E 40 27.82 23.71 -6.98
N TYR E 41 27.54 22.46 -6.61
CA TYR E 41 28.55 21.52 -6.14
C TYR E 41 29.22 21.98 -4.86
N ALA E 42 28.52 22.83 -4.09
CA ALA E 42 28.78 23.22 -2.71
C ALA E 42 29.93 24.19 -2.50
N ASN E 43 30.89 24.24 -3.42
CA ASN E 43 32.04 25.11 -3.22
C ASN E 43 32.59 25.50 -4.58
N PRO E 44 33.32 26.62 -4.65
CA PRO E 44 33.89 27.04 -5.94
C PRO E 44 34.75 25.98 -6.62
N ALA E 45 35.24 25.01 -5.83
CA ALA E 45 36.07 23.95 -6.37
C ALA E 45 35.27 22.81 -6.98
N HIS E 46 33.94 22.81 -6.81
CA HIS E 46 33.05 21.78 -7.35
C HIS E 46 33.37 20.41 -6.77
N ASN E 47 33.89 20.37 -5.56
CA ASN E 47 34.10 19.13 -4.83
C ASN E 47 33.19 19.15 -3.61
N ALA E 48 32.14 18.33 -3.63
CA ALA E 48 31.29 18.21 -2.46
C ALA E 48 31.68 16.91 -1.76
N ALA E 49 32.55 17.02 -0.77
CA ALA E 49 32.97 15.90 0.06
C ALA E 49 33.15 16.43 1.47
N PHE E 50 32.34 15.94 2.40
CA PHE E 50 32.34 16.46 3.77
C PHE E 50 32.67 15.35 4.76
N PRO E 51 33.85 15.37 5.38
CA PRO E 51 34.13 14.43 6.47
C PRO E 51 33.38 14.83 7.72
N VAL E 52 33.13 13.85 8.58
CA VAL E 52 32.34 14.08 9.79
C VAL E 52 33.23 13.91 11.01
N PRO E 53 32.93 14.55 12.13
CA PRO E 53 33.72 14.37 13.34
C PRO E 53 33.75 12.92 13.80
N ASP E 54 34.75 12.60 14.62
CA ASP E 54 34.90 11.23 15.12
C ASP E 54 33.70 10.80 15.96
N ASP E 55 33.12 11.74 16.70
CA ASP E 55 31.97 11.49 17.56
C ASP E 55 30.63 11.72 16.85
N ALA E 56 30.66 11.99 15.54
CA ALA E 56 29.43 12.21 14.79
C ALA E 56 28.49 11.01 14.92
N PRO E 57 27.17 11.23 14.76
CA PRO E 57 26.22 10.14 14.93
C PRO E 57 26.54 8.94 14.05
N GLU E 58 26.18 7.76 14.56
CA GLU E 58 26.62 6.51 13.93
C GLU E 58 26.00 6.29 12.56
N TRP E 59 24.78 6.79 12.34
CA TRP E 59 24.09 6.49 11.09
C TRP E 59 24.77 7.13 9.88
N ILE E 60 25.36 8.31 10.05
CA ILE E 60 26.03 8.95 8.92
C ILE E 60 27.38 8.30 8.66
N ARG E 61 28.06 7.84 9.71
CA ARG E 61 29.36 7.18 9.51
C ARG E 61 29.20 5.80 8.89
N ASN E 62 28.22 5.02 9.36
CA ASN E 62 27.99 3.70 8.77
C ASN E 62 27.26 3.78 7.44
N GLY E 63 26.45 4.81 7.24
CA GLY E 63 25.73 4.98 6.00
C GLY E 63 24.29 4.54 6.13
N VAL E 64 23.42 5.22 5.39
CA VAL E 64 22.00 4.90 5.35
C VAL E 64 21.62 4.61 3.90
N SER E 65 20.51 3.88 3.74
CA SER E 65 20.00 3.50 2.42
C SER E 65 18.52 3.82 2.37
N TRP E 66 18.13 4.77 1.51
CA TRP E 66 16.73 5.07 1.29
C TRP E 66 16.54 5.65 -0.10
N LEU E 67 15.31 5.54 -0.60
CA LEU E 67 14.93 6.02 -1.92
C LEU E 67 13.67 6.85 -1.79
N PHE E 68 13.71 8.07 -2.29
CA PHE E 68 12.57 8.99 -2.20
C PHE E 68 12.08 9.30 -3.60
N PRO E 69 10.88 8.87 -3.99
CA PRO E 69 10.35 9.26 -5.30
C PRO E 69 9.95 10.73 -5.30
N GLU E 70 10.39 11.44 -6.33
CA GLU E 70 9.92 12.80 -6.55
C GLU E 70 8.66 12.75 -7.43
N ALA E 71 8.09 13.93 -7.71
CA ALA E 71 6.72 13.99 -8.21
C ALA E 71 6.55 13.17 -9.49
N ARG E 72 7.48 13.31 -10.43
CA ARG E 72 7.45 12.61 -11.71
C ARG E 72 8.33 11.37 -11.74
N ALA E 73 8.72 10.85 -10.57
CA ALA E 73 9.63 9.70 -10.49
C ALA E 73 9.24 8.58 -11.44
N TRP E 74 10.24 8.04 -12.13
CA TRP E 74 10.12 7.00 -13.13
C TRP E 74 11.00 5.82 -12.72
N PRO E 75 10.53 4.59 -12.91
CA PRO E 75 11.28 3.43 -12.39
C PRO E 75 12.67 3.34 -13.01
N LEU E 76 13.67 3.07 -12.15
CA LEU E 76 15.06 3.12 -12.57
C LEU E 76 15.39 2.09 -13.64
N ALA E 77 14.65 0.97 -13.68
CA ALA E 77 14.92 -0.06 -14.68
C ALA E 77 14.45 0.36 -16.07
N ASN E 78 13.46 1.24 -16.16
CA ASN E 78 12.83 1.54 -17.44
C ASN E 78 13.74 2.38 -18.32
N PRO E 79 13.61 2.27 -19.64
CA PRO E 79 14.32 3.16 -20.56
C PRO E 79 13.73 4.56 -20.50
N PRO E 80 14.30 5.53 -21.23
CA PRO E 80 13.75 6.89 -21.19
C PRO E 80 12.33 6.93 -21.73
N PHE E 81 11.46 7.65 -21.01
CA PHE E 81 10.09 7.85 -21.47
C PHE E 81 10.09 8.64 -22.77
N GLY E 82 9.27 8.19 -23.73
CA GLY E 82 9.25 8.81 -25.03
C GLY E 82 10.38 8.43 -25.95
N SER E 83 10.89 7.19 -25.82
CA SER E 83 12.02 6.77 -26.64
C SER E 83 11.61 6.58 -28.10
N LYS E 84 10.41 6.07 -28.34
CA LYS E 84 9.94 5.85 -29.71
C LYS E 84 9.95 7.15 -30.51
N THR E 85 9.14 8.12 -30.09
CA THR E 85 8.91 9.29 -30.94
C THR E 85 10.11 10.24 -30.96
N TYR E 86 10.72 10.48 -29.80
CA TYR E 86 11.85 11.40 -29.71
C TYR E 86 13.20 10.76 -30.00
N GLY E 87 13.29 9.44 -29.95
CA GLY E 87 14.58 8.77 -30.00
C GLY E 87 15.21 8.67 -28.61
N ALA E 88 16.11 7.70 -28.48
CA ALA E 88 16.65 7.37 -27.16
C ALA E 88 17.42 8.53 -26.56
N ALA E 89 18.32 9.13 -27.34
CA ALA E 89 19.15 10.21 -26.81
C ALA E 89 18.33 11.48 -26.55
N GLU E 90 17.49 11.87 -27.52
CA GLU E 90 16.67 13.05 -27.34
C GLU E 90 15.66 12.89 -26.20
N ALA E 91 15.14 11.68 -26.01
CA ALA E 91 14.24 11.46 -24.88
C ALA E 91 14.97 11.50 -23.55
N SER E 92 16.23 11.03 -23.52
CA SER E 92 17.04 11.12 -22.31
C SER E 92 17.28 12.57 -21.93
N VAL E 93 17.64 13.41 -22.90
CA VAL E 93 17.84 14.83 -22.63
C VAL E 93 16.50 15.49 -22.28
N THR E 94 15.44 15.17 -23.03
CA THR E 94 14.16 15.83 -22.81
C THR E 94 13.58 15.48 -21.43
N GLN E 95 13.64 14.20 -21.06
CA GLN E 95 13.14 13.81 -19.73
C GLN E 95 13.97 14.45 -18.63
N THR E 96 15.29 14.46 -18.80
CA THR E 96 16.15 15.20 -17.87
C THR E 96 15.72 16.65 -17.76
N GLN E 97 15.44 17.29 -18.90
CA GLN E 97 15.24 18.74 -18.90
C GLN E 97 13.88 19.15 -18.35
N PHE E 98 12.81 18.43 -18.69
CA PHE E 98 11.51 18.82 -18.16
C PHE E 98 10.96 17.91 -17.05
N TYR E 99 11.53 16.72 -16.80
CA TYR E 99 11.00 15.92 -15.70
C TYR E 99 11.96 15.70 -14.54
N GLY E 100 13.27 15.76 -14.76
CA GLY E 100 14.22 15.27 -13.80
C GLY E 100 15.01 16.33 -13.04
N ASN E 101 15.93 15.82 -12.21
CA ASN E 101 16.90 16.67 -11.54
C ASN E 101 18.01 16.99 -12.52
N ALA E 102 18.35 18.26 -12.66
CA ALA E 102 19.51 18.58 -13.49
C ALA E 102 20.82 18.40 -12.70
N LEU E 103 20.86 18.86 -11.46
CA LEU E 103 22.04 18.79 -10.62
C LEU E 103 21.78 17.87 -9.43
N GLY E 104 22.81 17.70 -8.60
CA GLY E 104 22.74 16.83 -7.45
C GLY E 104 22.03 17.50 -6.30
N PRO E 105 22.01 16.84 -5.14
CA PRO E 105 21.31 17.41 -3.98
C PRO E 105 22.18 18.36 -3.18
N SER E 106 21.60 18.96 -2.14
CA SER E 106 22.33 19.83 -1.22
C SER E 106 22.05 19.37 0.21
N VAL E 107 23.08 18.90 0.91
CA VAL E 107 22.94 18.33 2.24
C VAL E 107 23.44 19.35 3.25
N VAL E 108 22.54 19.85 4.09
CA VAL E 108 22.87 20.84 5.12
C VAL E 108 22.10 20.50 6.39
N ASP E 109 22.83 20.41 7.51
CA ASP E 109 22.25 20.23 8.84
C ASP E 109 21.25 19.08 8.90
N GLY E 110 21.65 17.94 8.36
CA GLY E 110 20.85 16.73 8.45
C GLY E 110 19.68 16.67 7.49
N VAL E 111 19.61 17.57 6.52
CA VAL E 111 18.50 17.63 5.58
C VAL E 111 19.07 17.63 4.16
N VAL E 112 18.42 16.90 3.26
CA VAL E 112 18.79 16.87 1.85
C VAL E 112 17.81 17.76 1.10
N TYR E 113 18.34 18.74 0.37
CA TYR E 113 17.53 19.66 -0.40
C TYR E 113 17.78 19.42 -1.88
N ALA E 114 16.69 19.34 -2.65
CA ALA E 114 16.78 19.14 -4.09
C ALA E 114 15.70 19.95 -4.79
N GLU E 115 16.00 20.37 -6.00
CA GLU E 115 15.01 20.99 -6.87
C GLU E 115 15.03 20.26 -8.21
N SER E 116 13.83 20.08 -8.79
CA SER E 116 13.64 19.25 -9.95
C SER E 116 12.95 20.02 -11.06
N ASP E 117 13.13 19.53 -12.29
CA ASP E 117 12.41 20.04 -13.44
C ASP E 117 10.93 19.70 -13.41
N ASP E 118 10.49 18.94 -12.41
CA ASP E 118 9.07 18.72 -12.16
C ASP E 118 8.46 19.92 -11.45
N MET E 119 9.24 20.98 -11.27
CA MET E 119 8.84 22.28 -10.72
C MET E 119 8.60 22.26 -9.22
N PHE E 120 9.16 21.29 -8.51
CA PHE E 120 9.14 21.29 -7.05
C PHE E 120 10.56 21.36 -6.50
N ALA E 121 10.67 21.94 -5.30
CA ALA E 121 11.84 21.81 -4.44
C ALA E 121 11.47 20.93 -3.26
N TYR E 122 12.40 20.07 -2.85
CA TYR E 122 12.13 19.11 -1.78
C TYR E 122 13.14 19.28 -0.67
N ALA E 123 12.67 19.12 0.57
CA ALA E 123 13.53 18.99 1.74
C ALA E 123 13.21 17.65 2.40
N VAL E 124 14.16 16.73 2.38
CA VAL E 124 13.95 15.40 2.92
C VAL E 124 14.96 15.17 4.04
N ASN E 125 14.58 14.34 5.00
CA ASN E 125 15.45 14.05 6.13
C ASN E 125 16.61 13.18 5.64
N ALA E 126 17.84 13.61 5.93
CA ALA E 126 19.01 12.90 5.41
C ALA E 126 19.15 11.52 6.03
N LYS E 127 18.66 11.33 7.25
CA LYS E 127 18.73 10.03 7.89
C LYS E 127 17.62 9.11 7.42
N THR E 128 16.36 9.49 7.67
CA THR E 128 15.23 8.61 7.41
C THR E 128 14.87 8.59 5.93
N GLY E 129 14.88 9.75 5.29
CA GLY E 129 14.40 9.88 3.93
C GLY E 129 12.97 10.36 3.79
N LYS E 130 12.35 10.79 4.89
CA LYS E 130 10.98 11.27 4.89
C LYS E 130 10.91 12.76 4.60
N LEU E 131 9.85 13.16 3.91
CA LEU E 131 9.73 14.51 3.39
C LEU E 131 9.53 15.50 4.53
N ILE E 132 10.42 16.48 4.64
CA ILE E 132 10.20 17.58 5.58
C ILE E 132 9.28 18.62 4.98
N TRP E 133 9.55 19.05 3.75
CA TRP E 133 8.62 19.93 3.02
C TRP E 133 8.90 19.83 1.53
N ARG E 134 7.92 20.27 0.75
CA ARG E 134 8.06 20.42 -0.69
C ARG E 134 7.31 21.68 -1.11
N ALA E 135 7.84 22.37 -2.11
CA ALA E 135 7.25 23.64 -2.51
C ALA E 135 7.39 23.83 -4.01
N SER E 136 6.46 24.62 -4.57
CA SER E 136 6.48 24.97 -5.99
C SER E 136 6.02 26.42 -6.12
N PRO E 137 6.88 27.37 -5.74
CA PRO E 137 6.49 28.78 -5.81
C PRO E 137 6.35 29.30 -7.22
N VAL E 138 6.91 28.60 -8.22
CA VAL E 138 6.91 29.07 -9.60
C VAL E 138 6.65 27.87 -10.51
N GLY E 139 5.94 28.14 -11.61
CA GLY E 139 5.50 27.13 -12.55
C GLY E 139 6.50 26.80 -13.63
N ASN E 140 7.79 26.97 -13.33
CA ASN E 140 8.85 26.76 -14.30
C ASN E 140 9.82 25.69 -13.78
N ASN E 141 10.67 25.19 -14.68
CA ASN E 141 11.66 24.19 -14.33
C ASN E 141 12.68 24.74 -13.33
N LEU E 142 13.23 23.86 -12.50
CA LEU E 142 14.30 24.19 -11.57
C LEU E 142 15.51 23.31 -11.89
N MET E 143 16.56 23.89 -12.47
CA MET E 143 17.69 23.09 -12.93
C MET E 143 18.92 23.10 -12.02
N GLY E 144 18.92 23.86 -10.92
CA GLY E 144 20.10 24.00 -10.10
C GLY E 144 20.09 23.09 -8.89
N ASN E 145 21.04 23.34 -7.97
CA ASN E 145 20.91 22.72 -6.67
C ASN E 145 20.66 23.81 -5.64
N PRO E 146 19.83 23.55 -4.62
CA PRO E 146 19.44 24.62 -3.72
C PRO E 146 20.63 25.16 -2.93
N LEU E 147 20.65 26.48 -2.76
CA LEU E 147 21.64 27.13 -1.91
C LEU E 147 21.02 27.29 -0.53
N VAL E 148 21.71 26.80 0.49
CA VAL E 148 21.20 26.82 1.86
C VAL E 148 22.13 27.73 2.66
N ILE E 149 21.59 28.86 3.12
CA ILE E 149 22.35 29.81 3.92
C ILE E 149 21.45 30.28 5.05
N GLY E 150 21.90 30.10 6.29
CA GLY E 150 21.07 30.48 7.44
C GLY E 150 19.79 29.69 7.47
N ASN E 151 18.66 30.40 7.59
CA ASN E 151 17.33 29.83 7.58
C ASN E 151 16.68 29.86 6.20
N THR E 152 17.41 30.23 5.15
CA THR E 152 16.82 30.43 3.84
C THR E 152 17.37 29.43 2.82
N VAL E 153 16.49 28.88 2.01
CA VAL E 153 16.86 28.06 0.85
C VAL E 153 16.59 28.89 -0.41
N TYR E 154 17.52 28.81 -1.37
CA TYR E 154 17.46 29.64 -2.56
C TYR E 154 17.31 28.78 -3.81
N LEU E 155 16.30 29.09 -4.63
CA LEU E 155 15.99 28.35 -5.84
C LEU E 155 16.11 29.27 -7.05
N SER E 156 16.51 28.69 -8.19
CA SER E 156 16.58 29.40 -9.46
C SER E 156 15.73 28.68 -10.49
N ALA E 157 14.78 29.41 -11.09
CA ALA E 157 13.84 28.85 -12.05
C ALA E 157 14.16 29.34 -13.46
N GLY E 158 14.08 28.45 -14.42
CA GLY E 158 14.31 28.81 -15.81
C GLY E 158 14.17 27.60 -16.72
N SER E 159 14.00 27.89 -18.00
CA SER E 159 13.76 26.87 -19.02
C SER E 159 14.80 26.97 -20.14
N VAL E 160 14.94 25.87 -20.88
CA VAL E 160 15.85 25.84 -22.01
C VAL E 160 15.23 26.50 -23.26
N ALA E 161 13.91 26.50 -23.35
CA ALA E 161 13.24 26.85 -24.60
C ALA E 161 13.10 28.37 -24.78
N PHE E 162 13.04 28.77 -26.05
CA PHE E 162 12.81 30.14 -26.49
C PHE E 162 11.37 30.29 -26.99
N ASN E 163 10.76 31.43 -26.72
CA ASN E 163 9.47 31.70 -27.36
C ASN E 163 9.72 32.05 -28.83
N PHE E 164 8.64 32.23 -29.59
CA PHE E 164 8.80 32.52 -31.01
C PHE E 164 9.38 33.90 -31.24
N ALA E 165 9.02 34.87 -30.39
CA ALA E 165 9.51 36.24 -30.60
C ALA E 165 11.03 36.29 -30.60
N ASN E 166 11.66 35.58 -29.65
CA ASN E 166 13.11 35.52 -29.61
C ASN E 166 13.70 34.55 -30.64
N VAL E 167 12.88 33.72 -31.27
CA VAL E 167 13.33 32.92 -32.40
C VAL E 167 13.48 33.80 -33.64
N LEU E 168 12.47 34.62 -33.91
CA LEU E 168 12.58 35.62 -34.97
C LEU E 168 13.71 36.60 -34.69
N ARG E 169 13.77 37.13 -33.46
CA ARG E 169 14.85 38.05 -33.12
C ARG E 169 16.21 37.39 -33.26
N TYR E 170 16.30 36.10 -32.92
CA TYR E 170 17.55 35.37 -33.09
C TYR E 170 17.92 35.24 -34.56
N ALA E 171 16.94 35.10 -35.44
CA ALA E 171 17.23 34.94 -36.88
C ALA E 171 17.82 36.20 -37.48
N HIS E 172 17.39 37.37 -37.01
CA HIS E 172 18.01 38.62 -37.47
C HIS E 172 19.33 38.89 -36.76
N ASN E 173 19.51 38.38 -35.53
CA ASN E 173 20.72 38.53 -34.75
C ASN E 173 20.60 37.74 -33.46
N PRO E 174 21.59 36.92 -33.12
CA PRO E 174 21.53 36.18 -31.86
C PRO E 174 21.72 37.05 -30.63
N SER E 175 22.45 38.16 -30.75
CA SER E 175 22.71 39.02 -29.59
C SER E 175 21.48 39.77 -29.12
N ALA E 176 20.43 39.85 -29.93
CA ALA E 176 19.18 40.47 -29.53
C ALA E 176 18.20 39.48 -28.91
N SER E 177 18.62 38.24 -28.69
CA SER E 177 17.76 37.16 -28.23
C SER E 177 18.05 36.82 -26.78
N ALA E 178 17.02 36.35 -26.08
CA ALA E 178 17.13 35.95 -24.69
C ALA E 178 16.45 34.60 -24.52
N ARG E 179 17.21 33.61 -24.05
CA ARG E 179 16.63 32.31 -23.74
C ARG E 179 15.69 32.44 -22.55
N GLY E 180 14.60 31.67 -22.58
CA GLY E 180 13.64 31.66 -21.49
C GLY E 180 12.84 32.93 -21.31
N LEU E 181 13.07 33.96 -22.13
CA LEU E 181 12.31 35.19 -22.02
C LEU E 181 10.89 34.97 -22.51
N ASN E 182 9.92 35.32 -21.66
CA ASN E 182 8.50 35.09 -21.91
C ASN E 182 8.17 33.61 -22.08
N VAL E 183 9.03 32.74 -21.55
CA VAL E 183 8.72 31.32 -21.37
C VAL E 183 8.54 31.12 -19.86
N SER E 184 7.28 30.97 -19.45
CA SER E 184 6.90 30.92 -18.04
C SER E 184 7.52 32.09 -17.29
N PHE E 185 7.99 31.87 -16.07
CA PHE E 185 8.57 32.92 -15.25
C PHE E 185 9.92 32.47 -14.68
N ASN E 186 10.87 33.39 -14.63
CA ASN E 186 12.25 33.08 -14.30
C ASN E 186 12.70 33.94 -13.12
N GLY E 187 13.67 33.44 -12.37
CA GLY E 187 14.33 34.24 -11.38
C GLY E 187 14.75 33.42 -10.18
N ILE E 188 15.04 34.12 -9.10
CA ILE E 188 15.47 33.53 -7.84
C ILE E 188 14.28 33.56 -6.89
N TYR E 189 13.93 32.41 -6.33
CA TYR E 189 12.89 32.29 -5.33
C TYR E 189 13.50 31.84 -4.00
N ALA E 190 13.12 32.52 -2.92
CA ALA E 190 13.71 32.30 -1.61
C ALA E 190 12.67 31.75 -0.66
N LEU E 191 12.96 30.57 -0.09
CA LEU E 191 12.04 29.87 0.78
C LEU E 191 12.61 29.76 2.19
N ASN E 192 11.70 29.72 3.17
CA ASN E 192 12.06 29.38 4.53
C ASN E 192 12.64 27.97 4.58
N ARG E 193 13.80 27.82 5.20
CA ARG E 193 14.43 26.50 5.22
C ARG E 193 13.61 25.52 6.05
N SER E 194 12.89 26.00 7.06
CA SER E 194 12.19 25.12 7.99
C SER E 194 10.90 24.56 7.39
N ASN E 195 9.90 25.42 7.17
CA ASN E 195 8.61 24.96 6.65
C ASN E 195 8.46 25.08 5.14
N GLY E 196 9.38 25.74 4.45
CA GLY E 196 9.28 25.89 3.01
C GLY E 196 8.45 27.07 2.53
N LYS E 197 7.96 27.93 3.42
CA LYS E 197 7.16 29.07 3.00
C LYS E 197 7.97 30.02 2.13
N LEU E 198 7.26 30.78 1.30
CA LEU E 198 7.89 31.66 0.33
C LEU E 198 8.24 33.00 1.00
N LEU E 199 9.54 33.34 1.01
CA LEU E 199 10.02 34.59 1.61
C LEU E 199 9.96 35.75 0.62
N TRP E 200 10.66 35.63 -0.51
CA TRP E 200 10.66 36.64 -1.55
C TRP E 200 11.13 36.01 -2.85
N TYR E 201 10.86 36.67 -3.96
CA TYR E 201 11.40 36.29 -5.25
C TYR E 201 11.98 37.49 -5.98
N PHE E 202 12.98 37.24 -6.83
CA PHE E 202 13.57 38.24 -7.72
C PHE E 202 13.39 37.76 -9.15
N ALA E 203 12.57 38.47 -9.92
CA ALA E 203 12.24 38.07 -11.28
C ALA E 203 13.31 38.58 -12.25
N THR E 204 13.62 37.75 -13.25
CA THR E 204 14.57 38.13 -14.28
C THR E 204 13.92 38.06 -15.64
N PRO E 205 14.33 38.92 -16.58
CA PRO E 205 13.76 38.85 -17.94
C PRO E 205 14.01 37.51 -18.61
N GLY E 206 15.24 37.00 -18.53
CA GLY E 206 15.60 35.75 -19.15
C GLY E 206 15.70 34.59 -18.17
N GLU E 207 15.94 33.42 -18.74
CA GLU E 207 16.11 32.19 -17.98
C GLU E 207 17.25 32.30 -16.98
N THR E 208 17.02 31.85 -15.75
CA THR E 208 18.14 31.50 -14.87
C THR E 208 18.09 29.99 -14.63
N MET E 209 18.71 29.23 -15.53
CA MET E 209 18.94 27.81 -15.25
C MET E 209 20.14 27.65 -14.32
N ALA E 210 21.15 28.49 -14.51
CA ALA E 210 22.39 28.41 -13.74
C ALA E 210 22.11 28.63 -12.26
N THR E 211 22.77 27.85 -11.43
CA THR E 211 22.72 28.06 -9.98
C THR E 211 23.39 29.39 -9.65
N PRO E 212 22.80 30.22 -8.82
CA PRO E 212 23.51 31.42 -8.35
C PRO E 212 24.66 31.07 -7.41
N ALA E 213 25.40 32.09 -6.98
CA ALA E 213 26.43 31.93 -5.99
C ALA E 213 26.13 32.83 -4.81
N TYR E 214 26.45 32.37 -3.61
CA TYR E 214 26.33 33.17 -2.41
C TYR E 214 27.71 33.60 -1.93
N ASP E 215 27.87 34.90 -1.70
CA ASP E 215 28.99 35.39 -0.91
C ASP E 215 28.56 36.69 -0.26
N ASN E 216 28.96 36.88 0.98
CA ASN E 216 28.76 38.12 1.75
C ASN E 216 27.35 38.69 1.58
N ASN E 217 26.38 37.90 2.06
CA ASN E 217 24.98 38.32 2.12
C ASN E 217 24.44 38.72 0.75
N THR E 218 24.94 38.11 -0.32
CA THR E 218 24.55 38.52 -1.65
C THR E 218 24.51 37.31 -2.58
N LEU E 219 23.52 37.28 -3.47
CA LEU E 219 23.38 36.24 -4.47
C LEU E 219 23.75 36.80 -5.83
N PHE E 220 24.42 35.98 -6.64
CA PHE E 220 24.96 36.40 -7.93
C PHE E 220 24.50 35.44 -9.01
N ILE E 221 23.84 35.98 -10.04
CA ILE E 221 23.21 35.16 -11.05
C ILE E 221 23.31 35.86 -12.40
N ALA E 222 23.36 35.07 -13.47
CA ALA E 222 23.33 35.57 -14.83
C ALA E 222 22.17 34.92 -15.58
N ASP E 223 21.42 35.72 -16.34
CA ASP E 223 20.24 35.23 -17.02
C ASP E 223 20.54 34.96 -18.49
N GLY E 224 19.49 34.58 -19.23
CA GLY E 224 19.58 34.33 -20.66
C GLY E 224 19.51 35.56 -21.54
N ALA E 225 19.28 36.73 -20.94
CA ALA E 225 19.27 37.99 -21.67
C ALA E 225 20.61 38.71 -21.65
N GLY E 226 21.65 38.11 -21.07
CA GLY E 226 22.94 38.76 -21.02
C GLY E 226 23.15 39.64 -19.80
N ASN E 227 22.41 39.41 -18.73
CA ASN E 227 22.43 40.26 -17.54
C ASN E 227 22.95 39.46 -16.36
N ALA E 228 23.83 40.09 -15.58
CA ALA E 228 24.31 39.56 -14.31
C ALA E 228 23.83 40.46 -13.18
N PHE E 229 23.39 39.85 -12.08
CA PHE E 229 22.83 40.59 -10.96
C PHE E 229 23.54 40.21 -9.67
N GLY E 230 23.88 41.20 -8.85
CA GLY E 230 24.02 40.99 -7.42
C GLY E 230 22.68 41.26 -6.76
N ILE E 231 22.36 40.47 -5.73
CA ILE E 231 21.05 40.52 -5.09
C ILE E 231 21.23 40.29 -3.59
N ASN E 232 20.56 41.11 -2.79
CA ASN E 232 20.63 40.97 -1.34
C ASN E 232 19.97 39.68 -0.91
N ALA E 233 20.71 38.82 -0.20
CA ALA E 233 20.20 37.51 0.18
C ALA E 233 19.19 37.58 1.31
N THR E 234 19.01 38.74 1.93
CA THR E 234 18.05 38.93 3.01
C THR E 234 16.78 39.61 2.51
N THR E 235 16.91 40.83 2.02
CA THR E 235 15.74 41.57 1.54
C THR E 235 15.26 41.08 0.18
N GLY E 236 16.15 40.55 -0.66
CA GLY E 236 15.80 40.16 -2.01
C GLY E 236 15.88 41.25 -3.04
N LYS E 237 16.01 42.51 -2.63
CA LYS E 237 16.08 43.62 -3.56
C LYS E 237 17.42 43.65 -4.28
N GLN E 238 17.38 44.09 -5.54
CA GLN E 238 18.58 44.14 -6.37
C GLN E 238 19.63 45.05 -5.76
N VAL E 239 20.90 44.67 -5.92
CA VAL E 239 22.03 45.53 -5.55
C VAL E 239 22.57 46.18 -6.82
N TRP E 240 23.05 45.37 -7.77
CA TRP E 240 23.57 45.88 -9.02
C TRP E 240 23.20 44.96 -10.17
N LYS E 241 23.20 45.54 -11.37
CA LYS E 241 22.93 44.82 -12.62
C LYS E 241 23.95 45.24 -13.66
N THR E 242 24.52 44.27 -14.36
CA THR E 242 25.49 44.51 -15.42
C THR E 242 25.11 43.68 -16.63
N HIS E 243 24.97 44.34 -17.79
CA HIS E 243 24.63 43.64 -19.03
C HIS E 243 25.92 43.25 -19.72
N VAL E 244 26.24 41.96 -19.70
CA VAL E 244 27.44 41.47 -20.36
C VAL E 244 27.18 41.05 -21.81
N GLY E 245 25.92 40.85 -22.18
CA GLY E 245 25.58 40.27 -23.47
C GLY E 245 25.72 38.77 -23.48
N GLY E 246 25.01 38.14 -24.43
CA GLY E 246 25.05 36.69 -24.56
C GLY E 246 23.97 36.01 -23.74
N MET E 247 24.14 34.70 -23.56
CA MET E 247 23.18 33.89 -22.83
C MET E 247 23.92 32.95 -21.88
N ASP E 248 23.50 32.94 -20.61
CA ASP E 248 24.01 31.98 -19.63
C ASP E 248 23.03 30.82 -19.57
N ASN E 249 23.46 29.64 -20.02
CA ASN E 249 22.54 28.51 -20.07
C ASN E 249 22.65 27.66 -18.82
N MET E 250 23.68 26.81 -18.75
CA MET E 250 23.97 25.99 -17.58
C MET E 250 25.15 26.47 -16.75
N SER E 251 25.79 27.59 -17.08
CA SER E 251 27.04 27.95 -16.43
C SER E 251 26.73 28.72 -15.15
N SER E 252 26.91 28.06 -14.02
CA SER E 252 26.54 28.63 -12.74
C SER E 252 27.66 29.51 -12.20
N VAL E 253 27.25 30.57 -11.51
CA VAL E 253 28.20 31.56 -11.01
C VAL E 253 29.08 30.94 -9.93
N THR E 254 30.38 31.25 -9.99
CA THR E 254 31.37 30.81 -9.00
C THR E 254 31.89 32.05 -8.27
N ALA E 255 31.75 32.07 -6.95
CA ALA E 255 32.18 33.20 -6.13
C ALA E 255 33.51 32.85 -5.47
N TYR E 256 34.58 33.52 -5.90
CA TYR E 256 35.93 33.22 -5.45
C TYR E 256 36.68 34.52 -5.17
N ARG E 257 37.11 34.70 -3.93
CA ARG E 257 37.89 35.86 -3.50
C ARG E 257 37.23 37.17 -3.93
N HIS E 258 35.97 37.31 -3.52
CA HIS E 258 35.18 38.53 -3.67
C HIS E 258 34.87 38.86 -5.14
N ASN E 259 35.02 37.90 -6.05
CA ASN E 259 34.67 38.09 -7.45
C ASN E 259 33.84 36.91 -7.93
N ILE E 260 32.98 37.15 -8.91
CA ILE E 260 32.13 36.12 -9.49
C ILE E 260 32.62 35.81 -10.89
N TYR E 261 32.62 34.54 -11.25
CA TYR E 261 33.08 34.08 -12.56
C TYR E 261 31.98 33.25 -13.21
N PHE E 262 31.64 33.57 -14.45
CA PHE E 262 30.61 32.83 -15.17
C PHE E 262 30.83 32.96 -16.68
N ALA E 263 30.32 31.98 -17.42
CA ALA E 263 30.47 31.92 -18.86
C ALA E 263 29.15 32.25 -19.55
N MET E 264 29.27 32.85 -20.73
CA MET E 264 28.11 33.26 -21.53
C MET E 264 28.23 32.66 -22.92
N ALA E 265 27.10 32.29 -23.53
CA ALA E 265 27.07 31.80 -24.89
C ALA E 265 26.62 32.90 -25.84
N ILE E 266 26.69 32.59 -27.14
CA ILE E 266 26.27 33.48 -28.23
C ILE E 266 27.16 34.71 -28.29
N LYS E 267 27.84 34.99 -27.20
CA LYS E 267 28.90 35.99 -27.12
C LYS E 267 29.91 35.30 -26.21
N PRO E 268 30.67 34.33 -26.76
CA PRO E 268 31.28 33.26 -25.95
C PRO E 268 32.48 33.67 -25.12
N TYR E 269 32.21 34.34 -24.00
CA TYR E 269 33.27 34.79 -23.11
C TYR E 269 33.02 34.30 -21.69
N LEU E 270 34.12 34.07 -20.98
CA LEU E 270 34.12 33.86 -19.53
C LEU E 270 34.41 35.19 -18.85
N TYR E 271 33.48 35.63 -18.01
CA TYR E 271 33.55 36.92 -17.35
C TYR E 271 33.94 36.78 -15.88
N CYS E 272 34.65 37.80 -15.38
CA CYS E 272 34.94 37.99 -13.97
C CYS E 272 34.40 39.35 -13.55
N LEU E 273 33.48 39.35 -12.57
CA LEU E 273 32.84 40.57 -12.13
C LEU E 273 33.06 40.75 -10.64
N ASN E 274 33.04 42.01 -10.21
CA ASN E 274 33.25 42.36 -8.81
C ASN E 274 31.94 42.19 -8.06
N GLU E 275 31.97 41.41 -6.97
CA GLU E 275 30.75 41.13 -6.22
C GLU E 275 30.06 42.39 -5.72
N SER E 276 30.82 43.45 -5.46
CA SER E 276 30.25 44.62 -4.80
C SER E 276 29.48 45.49 -5.79
N ASN E 277 30.16 46.02 -6.81
CA ASN E 277 29.52 46.91 -7.78
C ASN E 277 29.12 46.27 -9.10
N GLY E 278 29.47 45.00 -9.34
CA GLY E 278 29.16 44.40 -10.62
C GLY E 278 30.08 44.80 -11.76
N HIS E 279 31.17 45.50 -11.47
CA HIS E 279 32.12 45.91 -12.49
C HIS E 279 32.79 44.71 -13.15
N ILE E 280 33.09 44.84 -14.43
CA ILE E 280 33.76 43.78 -15.17
C ILE E 280 35.24 43.89 -14.92
N VAL E 281 35.83 42.89 -14.28
CA VAL E 281 37.28 42.88 -14.10
C VAL E 281 37.96 42.48 -15.40
N TRP E 282 37.61 41.32 -15.95
CA TRP E 282 38.18 40.86 -17.21
C TRP E 282 37.23 39.87 -17.87
N LYS E 283 37.39 39.71 -19.18
CA LYS E 283 36.71 38.66 -19.91
C LYS E 283 37.76 37.85 -20.65
N GLY E 284 37.46 36.56 -20.85
CA GLY E 284 38.41 35.66 -21.47
C GLY E 284 37.68 34.65 -22.33
N THR E 285 38.45 33.96 -23.16
CA THR E 285 37.89 33.08 -24.18
C THR E 285 38.60 31.73 -24.17
N ILE E 286 37.84 30.69 -24.49
CA ILE E 286 38.39 29.37 -24.79
C ILE E 286 38.44 29.26 -26.32
N PRO E 287 39.62 29.26 -26.93
CA PRO E 287 39.70 29.49 -28.39
C PRO E 287 39.06 28.36 -29.18
N GLY E 288 38.39 28.74 -30.27
CA GLY E 288 37.73 27.78 -31.13
C GLY E 288 36.52 27.10 -30.53
N ALA E 289 36.00 27.59 -29.40
CA ALA E 289 34.83 26.97 -28.80
C ALA E 289 33.60 27.33 -29.61
N SER E 290 32.75 26.32 -29.86
CA SER E 290 31.50 26.57 -30.58
C SER E 290 30.72 27.68 -29.89
N ASN E 291 30.26 28.64 -30.69
CA ASN E 291 29.63 29.85 -30.16
C ASN E 291 28.48 29.51 -29.21
N THR E 292 27.87 28.34 -29.36
CA THR E 292 26.81 27.89 -28.48
C THR E 292 27.29 27.01 -27.33
N GLY E 293 28.57 26.61 -27.31
CA GLY E 293 29.00 25.55 -26.42
C GLY E 293 29.75 25.93 -25.15
N ILE E 294 30.10 27.21 -25.01
CA ILE E 294 30.85 27.65 -23.83
C ILE E 294 29.95 28.03 -22.65
N GLY E 295 28.67 28.29 -22.90
CA GLY E 295 27.79 28.73 -21.84
C GLY E 295 27.14 27.64 -21.01
N ASN E 296 27.49 26.38 -21.27
CA ASN E 296 26.90 25.25 -20.55
C ASN E 296 27.74 24.76 -19.37
N VAL E 297 28.98 25.23 -19.22
CA VAL E 297 29.91 24.70 -18.22
C VAL E 297 30.20 25.75 -17.16
N SER E 298 30.24 25.30 -15.87
CA SER E 298 30.52 26.11 -14.69
C SER E 298 32.03 26.18 -14.47
N PRO E 299 32.61 27.38 -14.38
CA PRO E 299 34.06 27.46 -14.12
C PRO E 299 34.37 27.09 -12.69
N ALA E 300 35.47 26.36 -12.50
CA ALA E 300 35.96 26.00 -11.18
C ALA E 300 37.12 26.91 -10.80
N ALA E 301 37.20 27.27 -9.52
CA ALA E 301 38.25 28.13 -9.01
C ALA E 301 38.91 27.52 -7.78
N ALA E 302 40.24 27.44 -7.79
CA ALA E 302 41.02 27.12 -6.61
C ALA E 302 42.40 27.75 -6.74
N ASP E 303 42.93 28.20 -5.61
CA ASP E 303 44.32 28.66 -5.46
C ASP E 303 44.69 29.69 -6.53
N GLY E 304 43.81 30.69 -6.71
CA GLY E 304 44.06 31.75 -7.67
C GLY E 304 43.92 31.36 -9.12
N VAL E 305 43.36 30.19 -9.43
CA VAL E 305 43.20 29.72 -10.80
C VAL E 305 41.73 29.46 -11.09
N VAL E 306 41.30 29.78 -12.31
CA VAL E 306 39.93 29.55 -12.76
C VAL E 306 40.00 28.70 -14.01
N VAL E 307 39.35 27.53 -13.97
CA VAL E 307 39.43 26.55 -15.05
C VAL E 307 38.07 26.44 -15.72
N LEU E 308 38.08 26.40 -17.05
CA LEU E 308 36.87 26.18 -17.83
C LEU E 308 37.23 25.37 -19.06
N ASP E 309 36.26 24.60 -19.55
CA ASP E 309 36.42 23.83 -20.77
C ASP E 309 35.21 24.02 -21.68
N ALA E 310 35.43 23.87 -22.98
CA ALA E 310 34.37 24.07 -23.97
C ALA E 310 34.62 23.18 -25.17
N THR E 311 33.59 23.05 -26.01
CA THR E 311 33.64 22.20 -27.19
C THR E 311 33.82 23.06 -28.44
N THR E 312 34.60 22.54 -29.39
CA THR E 312 34.85 23.20 -30.67
C THR E 312 33.62 23.04 -31.57
N LYS E 313 33.73 23.51 -32.82
CA LYS E 313 32.64 23.37 -33.78
C LYS E 313 33.18 22.90 -35.14
N MET E 321 34.71 16.01 -36.86
CA MET E 321 35.73 15.75 -35.84
C MET E 321 35.73 16.85 -34.78
N PHE E 322 34.92 16.65 -33.75
CA PHE E 322 34.74 17.63 -32.68
C PHE E 322 35.69 17.32 -31.52
N SER E 323 36.13 18.37 -30.84
CA SER E 323 37.09 18.24 -29.74
C SER E 323 36.62 19.03 -28.52
N ASN E 324 37.42 18.94 -27.45
CA ASN E 324 37.19 19.61 -26.17
C ASN E 324 38.45 20.34 -25.77
N VAL E 325 38.31 21.60 -25.38
CA VAL E 325 39.44 22.46 -25.05
C VAL E 325 39.27 22.97 -23.63
N ILE E 326 40.28 22.73 -22.80
CA ILE E 326 40.29 23.19 -21.41
C ILE E 326 41.32 24.30 -21.29
N ARG E 327 40.99 25.35 -20.53
CA ARG E 327 41.88 26.48 -20.35
C ARG E 327 41.82 26.98 -18.92
N ALA E 328 43.00 27.29 -18.35
CA ALA E 328 43.13 27.82 -17.02
C ALA E 328 43.53 29.29 -17.07
N PHE E 329 42.89 30.09 -16.23
CA PHE E 329 43.09 31.53 -16.16
C PHE E 329 43.65 31.90 -14.80
N ASP E 330 44.34 33.04 -14.75
CA ASP E 330 44.66 33.66 -13.46
C ASP E 330 43.39 34.28 -12.91
N ALA E 331 43.01 33.89 -11.69
CA ALA E 331 41.75 34.36 -11.11
C ALA E 331 41.70 35.88 -11.02
N LYS E 332 42.79 36.50 -10.60
CA LYS E 332 42.76 37.93 -10.31
C LYS E 332 42.85 38.77 -11.58
N THR E 333 43.85 38.50 -12.43
CA THR E 333 44.09 39.29 -13.64
C THR E 333 43.47 38.72 -14.92
N GLY E 334 43.03 37.48 -14.94
CA GLY E 334 42.52 36.90 -16.16
C GLY E 334 43.55 36.40 -17.14
N ALA E 335 44.84 36.46 -16.80
CA ALA E 335 45.88 36.01 -17.72
C ALA E 335 45.79 34.52 -17.97
N VAL E 336 46.08 34.11 -19.20
CA VAL E 336 45.93 32.70 -19.58
C VAL E 336 47.12 31.92 -19.05
N LEU E 337 46.83 30.95 -18.18
CA LEU E 337 47.91 30.13 -17.65
C LEU E 337 48.30 29.03 -18.65
N TRP E 338 47.32 28.25 -19.11
CA TRP E 338 47.59 27.19 -20.06
C TRP E 338 46.30 26.79 -20.78
N THR E 339 46.47 26.11 -21.91
CA THR E 339 45.38 25.62 -22.73
C THR E 339 45.74 24.23 -23.24
N ARG E 340 44.77 23.32 -23.23
CA ARG E 340 45.00 21.96 -23.71
C ARG E 340 43.81 21.45 -24.50
N ASN E 341 44.09 20.49 -25.38
CA ASN E 341 43.09 19.72 -26.09
C ASN E 341 42.88 18.41 -25.36
N MET E 342 41.62 18.10 -25.02
CA MET E 342 41.32 16.97 -24.18
C MET E 342 41.12 15.67 -24.93
N GLY E 343 41.31 15.67 -26.25
CA GLY E 343 40.98 14.52 -27.07
C GLY E 343 39.67 14.73 -27.82
N SER E 344 39.55 14.04 -28.95
CA SER E 344 38.44 14.26 -29.87
C SER E 344 37.80 12.94 -30.25
N GLY E 345 36.62 13.04 -30.86
CA GLY E 345 35.88 11.86 -31.29
C GLY E 345 35.06 12.10 -32.54
N LYS E 352 27.46 19.76 -23.93
CA LYS E 352 28.80 19.53 -24.45
C LYS E 352 29.86 20.14 -23.54
N GLY E 353 30.68 19.28 -22.94
CA GLY E 353 31.76 19.60 -22.04
C GLY E 353 31.45 19.19 -20.61
N GLY E 354 32.51 18.92 -19.85
CA GLY E 354 32.39 18.51 -18.47
C GLY E 354 32.54 19.63 -17.46
N VAL E 355 31.97 19.41 -16.28
CA VAL E 355 32.08 20.36 -15.17
C VAL E 355 33.33 19.98 -14.39
N PRO E 356 34.32 20.86 -14.28
CA PRO E 356 35.59 20.49 -13.63
C PRO E 356 35.52 20.56 -12.11
N MET E 357 36.34 19.73 -11.48
CA MET E 357 36.65 19.82 -10.05
C MET E 357 38.15 20.07 -9.88
N ILE E 358 38.50 20.85 -8.87
CA ILE E 358 39.90 21.06 -8.48
C ILE E 358 40.08 20.52 -7.06
N HIS E 359 41.01 19.59 -6.88
CA HIS E 359 41.38 19.11 -5.55
C HIS E 359 42.88 18.91 -5.47
N ASN E 360 43.50 19.46 -4.43
CA ASN E 360 44.95 19.36 -4.20
C ASN E 360 45.74 19.74 -5.45
N ASN E 361 45.33 20.85 -6.07
CA ASN E 361 45.98 21.41 -7.26
C ASN E 361 45.95 20.44 -8.42
N ILE E 362 44.94 19.56 -8.45
CA ILE E 362 44.68 18.69 -9.60
C ILE E 362 43.26 18.97 -10.09
N VAL E 363 43.11 19.13 -11.40
CA VAL E 363 41.80 19.32 -12.01
C VAL E 363 41.31 17.97 -12.52
N TYR E 364 40.10 17.59 -12.13
CA TYR E 364 39.44 16.40 -12.65
C TYR E 364 38.20 16.83 -13.43
N VAL E 365 38.17 16.49 -14.71
CA VAL E 365 37.15 16.99 -15.63
C VAL E 365 36.80 15.90 -16.63
N GLY E 366 35.52 15.85 -17.02
CA GLY E 366 35.08 14.88 -18.00
C GLY E 366 35.13 15.40 -19.43
N ASN E 367 35.25 14.47 -20.37
CA ASN E 367 35.29 14.79 -21.80
C ASN E 367 34.22 14.01 -22.53
N PRO E 368 33.04 14.61 -22.73
CA PRO E 368 31.94 13.87 -23.38
C PRO E 368 32.23 13.48 -24.82
N VAL E 369 33.02 14.29 -25.54
CA VAL E 369 33.40 13.94 -26.92
C VAL E 369 34.15 12.62 -26.95
N ALA E 370 35.15 12.47 -26.09
CA ALA E 370 35.98 11.27 -26.06
C ALA E 370 35.48 10.23 -25.07
N SER E 371 34.42 10.54 -24.31
CA SER E 371 33.87 9.64 -23.31
C SER E 371 34.95 9.23 -22.32
N THR E 372 35.70 10.22 -21.85
CA THR E 372 36.79 10.01 -20.92
C THR E 372 36.73 11.04 -19.80
N TYR E 373 37.35 10.70 -18.68
CA TYR E 373 37.75 11.67 -17.67
C TYR E 373 39.26 11.78 -17.65
N GLN E 374 39.74 12.99 -17.46
CA GLN E 374 41.18 13.26 -17.43
C GLN E 374 41.50 14.10 -16.21
N ALA E 375 42.72 13.92 -15.71
CA ALA E 375 43.22 14.71 -14.59
C ALA E 375 44.39 15.56 -15.08
N TYR E 376 44.24 16.87 -14.95
CA TYR E 376 45.30 17.82 -15.27
C TYR E 376 45.74 18.47 -13.97
N GLU E 377 47.04 18.66 -13.80
CA GLU E 377 47.50 19.40 -12.64
C GLU E 377 47.24 20.88 -12.87
N LEU E 378 46.68 21.54 -11.85
CA LEU E 378 46.11 22.86 -11.98
C LEU E 378 47.08 23.87 -12.59
N LYS E 379 48.32 23.90 -12.10
CA LYS E 379 49.21 24.99 -12.47
C LYS E 379 49.85 24.82 -13.84
N THR E 380 50.38 23.63 -14.15
CA THR E 380 51.11 23.46 -15.41
C THR E 380 50.28 23.03 -16.60
N GLY E 381 49.08 22.50 -16.37
CA GLY E 381 48.33 21.94 -17.48
C GLY E 381 48.81 20.58 -17.93
N LYS E 382 49.64 19.92 -17.14
CA LYS E 382 50.16 18.61 -17.50
C LYS E 382 49.07 17.55 -17.32
N LEU E 383 49.01 16.61 -18.26
CA LEU E 383 47.99 15.58 -18.24
C LEU E 383 48.53 14.37 -17.48
N LEU E 384 47.94 14.10 -16.31
CA LEU E 384 48.40 12.99 -15.50
C LEU E 384 47.92 11.64 -16.05
N TRP E 385 46.62 11.52 -16.32
CA TRP E 385 46.08 10.29 -16.87
C TRP E 385 44.78 10.57 -17.60
N THR E 386 44.36 9.59 -18.38
CA THR E 386 43.09 9.59 -19.09
C THR E 386 42.41 8.26 -18.82
N TRP E 387 41.16 8.30 -18.38
CA TRP E 387 40.39 7.10 -18.08
C TRP E 387 39.21 7.04 -19.04
N HIS E 388 39.11 5.94 -19.78
CA HIS E 388 38.04 5.78 -20.75
C HIS E 388 36.81 5.20 -20.07
N VAL E 389 35.67 5.85 -20.29
CA VAL E 389 34.42 5.36 -19.72
C VAL E 389 34.03 4.06 -20.42
N PRO E 390 33.65 3.00 -19.70
CA PRO E 390 33.36 1.73 -20.36
C PRO E 390 32.20 1.88 -21.33
N THR E 391 32.33 1.22 -22.48
CA THR E 391 31.38 1.38 -23.59
C THR E 391 29.94 1.11 -23.16
N LYS E 392 29.73 0.30 -22.12
CA LYS E 392 28.38 0.05 -21.62
C LYS E 392 27.64 1.34 -21.30
N VAL E 393 28.36 2.39 -20.90
CA VAL E 393 27.72 3.66 -20.55
C VAL E 393 27.30 4.40 -21.82
N ALA E 394 26.33 5.31 -21.65
CA ALA E 394 25.70 5.99 -22.77
C ALA E 394 26.68 6.99 -23.40
N ALA E 395 26.17 7.71 -24.42
CA ALA E 395 26.99 8.69 -25.12
C ALA E 395 27.31 9.89 -24.25
N GLY E 396 26.39 10.27 -23.37
CA GLY E 396 26.54 11.48 -22.58
C GLY E 396 27.44 11.33 -21.38
N ALA E 397 28.27 10.29 -21.38
CA ALA E 397 29.19 10.08 -20.27
C ALA E 397 30.29 11.14 -20.26
N GLY E 398 30.62 11.62 -19.07
CA GLY E 398 31.64 12.62 -18.91
C GLY E 398 31.17 14.03 -18.64
N ARG E 399 29.87 14.24 -18.41
CA ARG E 399 29.39 15.58 -18.13
C ARG E 399 29.62 15.99 -16.68
N SER E 400 29.43 15.06 -15.75
CA SER E 400 29.38 15.39 -14.33
C SER E 400 30.77 15.64 -13.75
N ALA E 401 30.80 16.44 -12.69
CA ALA E 401 32.05 16.67 -11.97
C ALA E 401 32.33 15.50 -11.04
N PRO E 402 33.56 15.02 -10.99
CA PRO E 402 33.91 13.96 -10.02
C PRO E 402 33.93 14.51 -8.60
N THR E 403 33.82 13.59 -7.65
CA THR E 403 33.94 13.90 -6.23
C THR E 403 35.11 13.13 -5.66
N TYR E 404 36.07 13.85 -5.08
CA TYR E 404 37.28 13.28 -4.49
C TYR E 404 37.08 13.27 -2.99
N TYR E 405 37.01 12.07 -2.40
CA TYR E 405 36.74 11.94 -0.97
C TYR E 405 37.64 10.88 -0.38
N LYS E 406 38.43 11.28 0.62
CA LYS E 406 39.32 10.39 1.36
C LYS E 406 40.16 9.53 0.42
N GLY E 407 40.80 10.17 -0.55
CA GLY E 407 41.74 9.53 -1.45
C GLY E 407 41.16 8.77 -2.62
N LEU E 408 39.87 8.93 -2.93
CA LEU E 408 39.28 8.22 -4.05
C LEU E 408 38.35 9.15 -4.83
N LEU E 409 38.17 8.84 -6.11
CA LEU E 409 37.26 9.57 -6.99
C LEU E 409 35.93 8.84 -7.14
N TYR E 410 34.84 9.59 -7.05
CA TYR E 410 33.51 9.04 -7.29
C TYR E 410 32.87 9.78 -8.45
N ILE E 411 32.42 9.03 -9.44
CA ILE E 411 31.90 9.61 -10.68
C ILE E 411 30.55 8.96 -10.96
N THR E 412 29.49 9.77 -10.96
CA THR E 412 28.16 9.34 -11.36
C THR E 412 27.95 9.68 -12.82
N THR E 413 27.88 8.65 -13.66
CA THR E 413 27.61 8.86 -15.07
C THR E 413 26.83 7.67 -15.60
N GLY E 414 26.02 7.91 -16.62
CA GLY E 414 25.12 6.88 -17.10
C GLY E 414 24.21 6.39 -15.99
N GLN E 415 24.11 5.08 -15.85
CA GLN E 415 23.32 4.44 -14.80
C GLN E 415 24.15 4.04 -13.59
N TYR E 416 25.46 4.32 -13.59
CA TYR E 416 26.38 3.85 -12.57
C TYR E 416 27.01 4.99 -11.81
N ILE E 417 27.51 4.66 -10.62
CA ILE E 417 28.53 5.44 -9.94
C ILE E 417 29.82 4.62 -9.98
N PHE E 418 30.89 5.25 -10.43
CA PHE E 418 32.18 4.60 -10.56
C PHE E 418 33.12 5.10 -9.47
N VAL E 419 34.02 4.22 -9.03
CA VAL E 419 35.09 4.58 -8.11
C VAL E 419 36.40 4.45 -8.89
N VAL E 420 37.18 5.52 -8.91
CA VAL E 420 38.39 5.58 -9.72
C VAL E 420 39.55 6.01 -8.84
N ASN E 421 40.71 5.42 -9.09
CA ASN E 421 41.93 5.76 -8.36
C ASN E 421 42.44 7.12 -8.84
N PRO E 422 42.48 8.13 -7.99
CA PRO E 422 42.95 9.45 -8.45
C PRO E 422 44.41 9.48 -8.84
N ALA E 423 45.22 8.53 -8.37
CA ALA E 423 46.63 8.49 -8.76
C ALA E 423 46.78 7.99 -10.19
N THR E 424 46.27 6.78 -10.48
CA THR E 424 46.46 6.15 -11.78
C THR E 424 45.28 6.30 -12.73
N GLY E 425 44.15 6.83 -12.28
CA GLY E 425 42.96 6.89 -13.12
C GLY E 425 42.42 5.55 -13.56
N LYS E 426 42.57 4.51 -12.74
CA LYS E 426 42.06 3.19 -13.06
C LYS E 426 40.76 2.94 -12.28
N GLU E 427 39.78 2.35 -12.97
CA GLU E 427 38.53 2.01 -12.31
C GLU E 427 38.76 0.95 -11.24
N LEU E 428 38.30 1.23 -10.02
CA LEU E 428 38.28 0.25 -8.94
C LEU E 428 36.94 -0.48 -8.87
N HIS E 429 35.86 0.26 -8.62
CA HIS E 429 34.53 -0.33 -8.50
C HIS E 429 33.57 0.36 -9.45
N GLN E 430 32.46 -0.32 -9.73
CA GLN E 430 31.33 0.25 -10.44
C GLN E 430 30.05 -0.30 -9.81
N HIS E 431 29.08 0.58 -9.60
CA HIS E 431 27.86 0.24 -8.87
C HIS E 431 26.66 0.66 -9.72
N HIS E 432 25.76 -0.29 -9.98
CA HIS E 432 24.59 -0.01 -10.80
C HIS E 432 23.46 0.56 -9.95
N ILE E 433 22.81 1.58 -10.49
CA ILE E 433 21.67 2.25 -9.87
C ILE E 433 20.52 2.22 -10.88
N GLY E 434 20.77 2.76 -12.06
CA GLY E 434 19.78 2.91 -13.10
C GLY E 434 19.39 4.36 -13.29
N GLY E 435 18.35 4.56 -14.09
CA GLY E 435 17.99 5.91 -14.48
C GLY E 435 19.08 6.51 -15.33
N GLN E 436 19.34 7.80 -15.11
CA GLN E 436 20.47 8.46 -15.74
C GLN E 436 21.01 9.53 -14.81
N PHE E 437 22.32 9.70 -14.79
CA PHE E 437 22.95 10.84 -14.15
C PHE E 437 23.50 11.69 -15.28
N GLY E 438 22.80 12.77 -15.62
CA GLY E 438 23.37 13.63 -16.63
C GLY E 438 24.52 14.50 -16.15
N ILE E 439 24.17 15.57 -15.44
CA ILE E 439 25.14 16.51 -14.91
C ILE E 439 25.34 16.38 -13.41
N GLU E 440 24.61 15.49 -12.74
CA GLU E 440 24.66 15.40 -11.28
C GLU E 440 25.97 14.80 -10.80
N SER E 441 26.49 15.35 -9.69
CA SER E 441 27.69 14.85 -9.06
C SER E 441 27.38 14.27 -7.68
N PRO E 442 28.12 13.25 -7.25
CA PRO E 442 27.85 12.65 -5.92
C PRO E 442 28.19 13.60 -4.79
N VAL E 443 27.29 13.63 -3.80
CA VAL E 443 27.49 14.40 -2.57
C VAL E 443 27.76 13.39 -1.45
N ILE E 444 28.97 13.39 -0.92
CA ILE E 444 29.40 12.40 0.04
C ILE E 444 29.59 13.07 1.40
N VAL E 445 28.86 12.57 2.40
CA VAL E 445 28.96 13.07 3.78
C VAL E 445 29.16 11.88 4.70
N GLY E 446 30.31 11.82 5.36
CA GLY E 446 30.59 10.71 6.24
C GLY E 446 30.70 9.41 5.46
N GLY E 447 29.87 8.44 5.82
CA GLY E 447 29.82 7.18 5.10
C GLY E 447 28.62 7.05 4.20
N THR E 448 27.99 8.16 3.85
CA THR E 448 26.77 8.15 3.04
C THR E 448 26.98 8.98 1.78
N VAL E 449 26.59 8.41 0.64
CA VAL E 449 26.54 9.13 -0.62
C VAL E 449 25.10 9.57 -0.87
N TYR E 450 24.92 10.82 -1.24
CA TYR E 450 23.60 11.36 -1.56
C TYR E 450 23.54 11.71 -3.03
N LEU E 451 22.46 11.32 -3.70
CA LEU E 451 22.35 11.45 -5.14
C LEU E 451 20.94 11.89 -5.52
N THR E 452 20.86 12.57 -6.67
CA THR E 452 19.61 12.75 -7.40
C THR E 452 19.78 12.09 -8.76
N ASN E 453 18.66 11.74 -9.38
CA ASN E 453 18.70 11.05 -10.66
C ASN E 453 17.75 11.73 -11.64
N SER E 454 18.03 11.56 -12.93
CA SER E 454 17.27 12.20 -13.98
C SER E 454 15.88 11.59 -14.15
N TRP E 455 15.62 10.43 -13.54
CA TRP E 455 14.30 9.84 -13.49
C TRP E 455 13.48 10.40 -12.33
N ASP E 456 13.96 11.50 -11.75
CA ASP E 456 13.31 12.23 -10.67
C ASP E 456 13.26 11.39 -9.39
N TRP E 457 14.44 11.09 -8.85
CA TRP E 457 14.62 10.36 -7.60
C TRP E 457 15.65 11.07 -6.73
N ILE E 458 15.44 11.02 -5.42
CA ILE E 458 16.43 11.38 -4.42
C ILE E 458 16.78 10.12 -3.64
N MET E 459 18.08 9.84 -3.50
CA MET E 459 18.50 8.61 -2.85
C MET E 459 19.70 8.84 -1.96
N ALA E 460 19.89 7.92 -1.01
CA ALA E 460 21.06 7.86 -0.16
C ALA E 460 21.58 6.43 -0.19
N ILE E 461 22.88 6.28 -0.45
CA ILE E 461 23.50 4.96 -0.51
C ILE E 461 24.68 4.93 0.46
N PRO E 462 24.91 3.84 1.19
CA PRO E 462 26.10 3.76 2.04
C PRO E 462 27.37 3.69 1.22
N LEU E 463 28.40 4.39 1.68
CA LEU E 463 29.66 4.45 0.94
C LEU E 463 30.32 3.08 0.83
N LYS E 464 30.20 2.25 1.88
CA LYS E 464 30.73 0.90 1.82
C LYS E 464 30.08 0.08 0.70
N THR E 465 28.76 0.23 0.53
CA THR E 465 28.06 -0.53 -0.51
C THR E 465 28.59 -0.22 -1.90
N ILE E 466 29.03 1.02 -2.12
CA ILE E 466 29.55 1.40 -3.43
C ILE E 466 30.97 0.92 -3.60
N SER E 467 31.79 1.00 -2.55
CA SER E 467 33.19 0.62 -2.68
C SER E 467 33.43 -0.83 -2.28
N HIS E 468 33.41 -1.11 -0.98
CA HIS E 468 33.82 -2.42 -0.48
C HIS E 468 32.88 -3.52 -0.96
N VAL F 5 -1.53 2.15 -18.45
CA VAL F 5 -0.34 2.68 -19.10
C VAL F 5 0.44 3.54 -18.10
N ALA F 6 1.76 3.43 -18.15
CA ALA F 6 2.65 4.06 -17.20
C ALA F 6 3.23 5.36 -17.77
N VAL F 7 3.16 6.42 -16.98
CA VAL F 7 3.86 7.67 -17.28
C VAL F 7 4.76 7.97 -16.09
N PRO F 8 5.75 8.84 -16.24
CA PRO F 8 6.55 9.23 -15.07
C PRO F 8 5.63 9.83 -14.03
N MET F 9 5.59 9.21 -12.85
CA MET F 9 4.60 9.61 -11.86
C MET F 9 5.04 9.14 -10.48
N ASP F 10 4.64 9.89 -9.46
CA ASP F 10 4.61 9.41 -8.08
C ASP F 10 3.14 9.17 -7.74
N SER F 11 2.77 7.90 -7.54
CA SER F 11 1.36 7.57 -7.29
C SER F 11 0.83 8.29 -6.07
N THR F 12 1.70 8.61 -5.11
CA THR F 12 1.34 9.41 -3.96
C THR F 12 1.72 10.88 -4.13
N GLY F 13 2.32 11.25 -5.28
CA GLY F 13 2.87 12.57 -5.45
C GLY F 13 1.83 13.60 -5.80
N PRO F 14 2.27 14.86 -5.92
CA PRO F 14 1.32 15.95 -6.19
C PRO F 14 0.71 15.90 -7.60
N TYR F 15 1.31 15.17 -8.53
CA TYR F 15 0.78 15.02 -9.87
C TYR F 15 -0.11 13.79 -10.01
N ARG F 16 -0.38 13.09 -8.92
CA ARG F 16 -1.21 11.90 -8.98
C ARG F 16 -2.65 12.28 -9.32
N THR F 17 -3.39 11.32 -9.87
CA THR F 17 -4.79 11.52 -10.18
C THR F 17 -5.59 11.41 -8.88
N VAL F 18 -6.30 12.48 -8.53
CA VAL F 18 -7.10 12.53 -7.33
C VAL F 18 -8.57 12.45 -7.74
N SER F 19 -9.31 11.50 -7.18
CA SER F 19 -10.70 11.29 -7.49
C SER F 19 -11.54 11.52 -6.24
N HIS F 20 -12.56 12.37 -6.36
CA HIS F 20 -13.51 12.65 -5.29
C HIS F 20 -14.89 12.24 -5.78
N PRO F 21 -15.22 10.94 -5.71
CA PRO F 21 -16.52 10.49 -6.23
C PRO F 21 -17.72 11.14 -5.57
N GLU F 22 -17.57 11.70 -4.37
CA GLU F 22 -18.71 12.27 -3.67
C GLU F 22 -19.34 13.44 -4.42
N ASN F 23 -18.59 14.09 -5.31
CA ASN F 23 -19.08 15.27 -6.02
C ASN F 23 -19.63 14.95 -7.41
N ALA F 24 -19.56 13.70 -7.86
CA ALA F 24 -20.06 13.36 -9.17
C ALA F 24 -21.58 13.50 -9.23
N PRO F 25 -22.14 14.02 -10.33
CA PRO F 25 -23.59 13.97 -10.50
C PRO F 25 -24.05 12.53 -10.65
N SER F 26 -25.32 12.30 -10.33
CA SER F 26 -25.85 10.93 -10.32
C SER F 26 -27.19 10.81 -11.02
N GLY F 27 -28.20 11.52 -10.52
CA GLY F 27 -29.56 11.43 -11.02
C GLY F 27 -29.76 12.28 -12.26
N VAL F 28 -30.89 13.00 -12.32
CA VAL F 28 -31.18 13.83 -13.47
C VAL F 28 -30.12 14.93 -13.63
N ASP F 29 -29.33 15.20 -12.58
CA ASP F 29 -28.20 16.11 -12.72
C ASP F 29 -27.17 15.59 -13.70
N ALA F 30 -27.11 14.27 -13.91
CA ALA F 30 -26.17 13.69 -14.86
C ALA F 30 -26.69 13.73 -16.29
N GLY F 31 -27.86 14.31 -16.52
CA GLY F 31 -28.39 14.49 -17.85
C GLY F 31 -28.30 15.92 -18.34
N VAL F 32 -27.92 16.85 -17.45
CA VAL F 32 -27.89 18.26 -17.79
C VAL F 32 -26.80 18.52 -18.81
N GLY F 33 -27.13 19.28 -19.86
CA GLY F 33 -26.20 19.61 -20.91
C GLY F 33 -26.01 18.48 -21.91
N PRO F 34 -25.23 18.73 -22.96
CA PRO F 34 -25.01 17.71 -23.98
C PRO F 34 -24.33 16.47 -23.43
N SER F 35 -24.44 15.38 -24.19
CA SER F 35 -23.84 14.11 -23.83
C SER F 35 -22.48 13.87 -24.48
N GLU F 36 -22.00 14.80 -25.31
CA GLU F 36 -20.69 14.63 -25.91
C GLU F 36 -20.12 15.99 -26.30
N TRP F 37 -18.78 16.07 -26.33
CA TRP F 37 -18.07 17.27 -26.79
C TRP F 37 -17.02 16.81 -27.79
N THR F 38 -17.24 17.11 -29.08
CA THR F 38 -16.38 16.60 -30.15
C THR F 38 -15.41 17.62 -30.72
N HIS F 39 -15.48 18.89 -30.32
CA HIS F 39 -14.71 19.94 -30.99
C HIS F 39 -14.28 21.00 -30.01
N ALA F 40 -13.23 21.72 -30.41
CA ALA F 40 -12.97 23.02 -29.83
C ALA F 40 -14.19 23.90 -30.04
N TYR F 41 -14.69 24.48 -28.95
CA TYR F 41 -15.92 25.27 -28.97
C TYR F 41 -17.14 24.40 -29.33
N ALA F 42 -16.99 23.09 -29.14
CA ALA F 42 -18.05 22.07 -29.14
C ALA F 42 -18.59 21.69 -30.52
N ASN F 43 -18.48 22.57 -31.50
CA ASN F 43 -19.04 22.27 -32.82
C ASN F 43 -18.28 23.03 -33.87
N PRO F 44 -18.29 22.56 -35.12
CA PRO F 44 -17.57 23.28 -36.19
C PRO F 44 -17.99 24.73 -36.34
N ALA F 45 -19.16 25.12 -35.84
CA ALA F 45 -19.60 26.50 -35.92
C ALA F 45 -19.02 27.36 -34.81
N HIS F 46 -18.36 26.75 -33.82
CA HIS F 46 -17.76 27.46 -32.69
C HIS F 46 -18.80 28.21 -31.87
N ASN F 47 -20.04 27.71 -31.89
CA ASN F 47 -21.10 28.24 -31.04
C ASN F 47 -21.46 27.14 -30.05
N ALA F 48 -21.06 27.31 -28.80
CA ALA F 48 -21.46 26.38 -27.76
C ALA F 48 -22.60 27.07 -27.01
N ALA F 49 -23.81 26.71 -27.40
CA ALA F 49 -25.04 27.22 -26.79
C ALA F 49 -25.97 26.03 -26.70
N PHE F 50 -26.32 25.65 -25.49
CA PHE F 50 -27.10 24.43 -25.29
C PHE F 50 -28.42 24.74 -24.61
N PRO F 51 -29.54 24.61 -25.32
CA PRO F 51 -30.84 24.71 -24.65
C PRO F 51 -31.10 23.44 -23.86
N VAL F 52 -31.94 23.58 -22.84
CA VAL F 52 -32.28 22.46 -21.96
C VAL F 52 -33.76 22.16 -22.14
N PRO F 53 -34.22 20.94 -21.86
CA PRO F 53 -35.66 20.69 -21.90
C PRO F 53 -36.37 21.60 -20.90
N ASP F 54 -37.66 21.82 -21.14
CA ASP F 54 -38.43 22.69 -20.25
C ASP F 54 -38.53 22.14 -18.85
N ASP F 55 -38.54 20.82 -18.70
CA ASP F 55 -38.64 20.15 -17.41
C ASP F 55 -37.28 19.89 -16.78
N ALA F 56 -36.19 20.41 -17.36
CA ALA F 56 -34.85 20.21 -16.82
C ALA F 56 -34.78 20.73 -15.38
N PRO F 57 -33.83 20.22 -14.59
CA PRO F 57 -33.74 20.60 -13.18
C PRO F 57 -33.67 22.11 -12.96
N GLU F 58 -34.15 22.53 -11.78
CA GLU F 58 -34.37 23.94 -11.52
C GLU F 58 -33.07 24.75 -11.48
N TRP F 59 -31.97 24.15 -11.01
CA TRP F 59 -30.74 24.92 -10.82
C TRP F 59 -30.13 25.36 -12.13
N ILE F 60 -30.23 24.53 -13.17
CA ILE F 60 -29.64 24.89 -14.45
C ILE F 60 -30.49 25.91 -15.19
N ARG F 61 -31.82 25.85 -15.01
CA ARG F 61 -32.70 26.82 -15.65
C ARG F 61 -32.57 28.19 -14.98
N ASN F 62 -32.53 28.21 -13.65
CA ASN F 62 -32.36 29.47 -12.92
C ASN F 62 -30.91 29.95 -12.92
N GLY F 63 -29.97 29.04 -13.02
CA GLY F 63 -28.56 29.39 -13.01
C GLY F 63 -27.93 29.15 -11.65
N VAL F 64 -26.64 28.80 -11.68
CA VAL F 64 -25.86 28.60 -10.46
C VAL F 64 -24.67 29.54 -10.46
N SER F 65 -24.13 29.77 -9.27
CA SER F 65 -22.97 30.64 -9.08
C SER F 65 -21.93 29.91 -8.25
N TRP F 66 -20.79 29.60 -8.85
CA TRP F 66 -19.69 29.02 -8.10
C TRP F 66 -18.38 29.38 -8.80
N LEU F 67 -17.30 29.33 -8.01
CA LEU F 67 -15.98 29.72 -8.46
C LEU F 67 -15.00 28.63 -8.04
N PHE F 68 -14.25 28.09 -8.99
CA PHE F 68 -13.30 27.01 -8.71
C PHE F 68 -11.87 27.44 -9.00
N PRO F 69 -11.02 27.55 -7.97
CA PRO F 69 -9.60 27.83 -8.23
C PRO F 69 -8.88 26.62 -8.82
N GLU F 70 -8.09 26.88 -9.87
CA GLU F 70 -7.20 25.85 -10.38
C GLU F 70 -5.84 25.96 -9.69
N ALA F 71 -4.92 25.06 -10.05
CA ALA F 71 -3.70 24.87 -9.25
C ALA F 71 -2.90 26.16 -9.11
N ARG F 72 -2.77 26.91 -10.20
CA ARG F 72 -2.04 28.17 -10.26
C ARG F 72 -2.96 29.38 -10.10
N ALA F 73 -4.18 29.20 -9.60
CA ALA F 73 -5.18 30.26 -9.51
C ALA F 73 -4.61 31.56 -8.96
N TRP F 74 -4.94 32.66 -9.62
CA TRP F 74 -4.48 33.99 -9.28
C TRP F 74 -5.69 34.90 -9.06
N PRO F 75 -5.67 35.77 -8.06
CA PRO F 75 -6.87 36.56 -7.73
C PRO F 75 -7.31 37.44 -8.89
N LEU F 76 -8.63 37.44 -9.13
CA LEU F 76 -9.18 38.13 -10.29
C LEU F 76 -8.94 39.62 -10.23
N ALA F 77 -8.83 40.19 -9.02
CA ALA F 77 -8.60 41.62 -8.90
C ALA F 77 -7.16 42.00 -9.26
N ASN F 78 -6.22 41.08 -9.11
CA ASN F 78 -4.82 41.42 -9.27
C ASN F 78 -4.47 41.62 -10.75
N PRO F 79 -3.48 42.47 -11.04
CA PRO F 79 -2.96 42.56 -12.40
C PRO F 79 -2.14 41.34 -12.75
N PRO F 80 -1.67 41.21 -13.99
CA PRO F 80 -0.94 39.99 -14.37
C PRO F 80 0.37 39.82 -13.61
N PHE F 81 0.61 38.59 -13.16
CA PHE F 81 1.86 38.26 -12.49
C PHE F 81 3.04 38.47 -13.42
N GLY F 82 4.10 39.08 -12.88
CA GLY F 82 5.27 39.41 -13.67
C GLY F 82 5.10 40.66 -14.51
N SER F 83 4.29 41.61 -14.05
CA SER F 83 4.06 42.83 -14.83
C SER F 83 5.30 43.72 -14.82
N LYS F 84 6.03 43.74 -13.71
CA LYS F 84 7.19 44.62 -13.57
C LYS F 84 8.28 44.25 -14.56
N THR F 85 8.65 42.97 -14.61
CA THR F 85 9.75 42.54 -15.47
C THR F 85 9.31 42.35 -16.92
N TYR F 86 8.15 41.74 -17.16
CA TYR F 86 7.70 41.43 -18.52
C TYR F 86 6.93 42.56 -19.19
N GLY F 87 6.41 43.53 -18.44
CA GLY F 87 5.43 44.43 -18.99
C GLY F 87 4.02 43.85 -18.88
N ALA F 88 3.03 44.74 -18.95
CA ALA F 88 1.65 44.35 -18.67
C ALA F 88 1.14 43.32 -19.68
N ALA F 89 1.31 43.58 -20.98
CA ALA F 89 0.77 42.70 -22.00
C ALA F 89 1.53 41.37 -22.06
N GLU F 90 2.86 41.42 -22.04
CA GLU F 90 3.64 40.19 -22.09
C GLU F 90 3.39 39.31 -20.87
N ALA F 91 3.18 39.90 -19.70
CA ALA F 91 2.87 39.11 -18.52
C ALA F 91 1.49 38.49 -18.60
N SER F 92 0.53 39.22 -19.19
CA SER F 92 -0.81 38.68 -19.41
C SER F 92 -0.77 37.48 -20.36
N VAL F 93 -0.04 37.62 -21.47
CA VAL F 93 0.08 36.53 -22.42
C VAL F 93 0.85 35.36 -21.80
N THR F 94 1.94 35.66 -21.08
CA THR F 94 2.77 34.60 -20.51
C THR F 94 2.01 33.80 -19.46
N GLN F 95 1.27 34.48 -18.57
CA GLN F 95 0.49 33.77 -17.58
C GLN F 95 -0.61 32.94 -18.23
N THR F 96 -1.30 33.52 -19.22
CA THR F 96 -2.29 32.77 -19.99
C THR F 96 -1.69 31.49 -20.54
N GLN F 97 -0.48 31.58 -21.11
CA GLN F 97 0.12 30.47 -21.82
C GLN F 97 0.76 29.43 -20.90
N PHE F 98 1.38 29.85 -19.80
CA PHE F 98 2.00 28.89 -18.88
C PHE F 98 1.24 28.63 -17.59
N TYR F 99 0.18 29.38 -17.28
CA TYR F 99 -0.56 29.18 -16.03
C TYR F 99 -2.04 28.87 -16.25
N GLY F 100 -2.78 29.74 -16.93
CA GLY F 100 -4.22 29.67 -16.93
C GLY F 100 -4.79 28.88 -18.09
N ASN F 101 -6.11 28.94 -18.21
CA ASN F 101 -6.80 28.26 -19.30
C ASN F 101 -6.60 29.02 -20.59
N ALA F 102 -6.19 28.31 -21.64
CA ALA F 102 -6.14 28.93 -22.96
C ALA F 102 -7.52 28.97 -23.59
N LEU F 103 -8.26 27.87 -23.52
CA LEU F 103 -9.59 27.76 -24.12
C LEU F 103 -10.64 27.62 -23.02
N GLY F 104 -11.90 27.55 -23.46
CA GLY F 104 -13.01 27.47 -22.54
C GLY F 104 -13.22 26.07 -22.02
N PRO F 105 -14.28 25.90 -21.24
CA PRO F 105 -14.58 24.58 -20.66
C PRO F 105 -15.40 23.68 -21.58
N SER F 106 -15.65 22.46 -21.13
CA SER F 106 -16.48 21.49 -21.83
C SER F 106 -17.52 20.95 -20.85
N VAL F 107 -18.79 21.19 -21.15
CA VAL F 107 -19.89 20.81 -20.27
C VAL F 107 -20.59 19.60 -20.86
N VAL F 108 -20.48 18.44 -20.19
CA VAL F 108 -21.09 17.19 -20.64
C VAL F 108 -21.66 16.46 -19.44
N ASP F 109 -22.94 16.09 -19.52
CA ASP F 109 -23.62 15.24 -18.54
C ASP F 109 -23.40 15.72 -17.11
N GLY F 110 -23.62 17.02 -16.89
CA GLY F 110 -23.56 17.58 -15.56
C GLY F 110 -22.18 17.84 -15.01
N VAL F 111 -21.14 17.73 -15.84
CA VAL F 111 -19.76 17.91 -15.41
C VAL F 111 -19.10 18.94 -16.31
N VAL F 112 -18.29 19.81 -15.71
CA VAL F 112 -17.51 20.80 -16.43
C VAL F 112 -16.07 20.30 -16.52
N TYR F 113 -15.55 20.21 -17.74
CA TYR F 113 -14.21 19.73 -18.00
C TYR F 113 -13.36 20.90 -18.50
N ALA F 114 -12.15 21.01 -17.97
CA ALA F 114 -11.24 22.08 -18.34
C ALA F 114 -9.83 21.54 -18.48
N GLU F 115 -9.05 22.23 -19.31
CA GLU F 115 -7.63 22.00 -19.45
C GLU F 115 -6.89 23.28 -19.13
N SER F 116 -5.80 23.16 -18.39
CA SER F 116 -5.08 24.34 -17.94
C SER F 116 -3.62 24.21 -18.34
N ASP F 117 -2.98 25.36 -18.52
CA ASP F 117 -1.55 25.41 -18.73
C ASP F 117 -0.75 25.12 -17.47
N ASP F 118 -1.42 24.94 -16.34
CA ASP F 118 -0.79 24.51 -15.10
C ASP F 118 -0.54 23.00 -15.07
N MET F 119 -0.78 22.31 -16.18
CA MET F 119 -0.52 20.89 -16.43
C MET F 119 -1.55 19.93 -15.83
N PHE F 120 -2.69 20.42 -15.35
CA PHE F 120 -3.76 19.56 -14.91
C PHE F 120 -4.99 19.66 -15.79
N ALA F 121 -5.73 18.56 -15.85
CA ALA F 121 -7.09 18.53 -16.35
C ALA F 121 -8.01 18.37 -15.15
N TYR F 122 -9.14 19.07 -15.18
CA TYR F 122 -10.05 19.08 -14.05
C TYR F 122 -11.44 18.63 -14.49
N ALA F 123 -12.11 17.90 -13.61
CA ALA F 123 -13.53 17.57 -13.76
C ALA F 123 -14.25 18.14 -12.54
N VAL F 124 -15.12 19.11 -12.79
CA VAL F 124 -15.81 19.82 -11.73
C VAL F 124 -17.32 19.61 -11.89
N ASN F 125 -18.03 19.57 -10.77
CA ASN F 125 -19.47 19.38 -10.81
C ASN F 125 -20.14 20.65 -11.34
N ALA F 126 -20.95 20.50 -12.39
CA ALA F 126 -21.51 21.66 -13.07
C ALA F 126 -22.49 22.41 -12.18
N LYS F 127 -23.12 21.73 -11.22
CA LYS F 127 -24.05 22.39 -10.32
C LYS F 127 -23.30 23.05 -9.15
N THR F 128 -22.61 22.24 -8.34
CA THR F 128 -22.01 22.74 -7.11
C THR F 128 -20.68 23.46 -7.36
N GLY F 129 -19.85 22.92 -8.24
CA GLY F 129 -18.52 23.44 -8.45
C GLY F 129 -17.42 22.73 -7.70
N LYS F 130 -17.72 21.60 -7.07
CA LYS F 130 -16.74 20.85 -6.31
C LYS F 130 -16.02 19.85 -7.21
N LEU F 131 -14.75 19.62 -6.91
CA LEU F 131 -13.88 18.85 -7.79
C LEU F 131 -14.29 17.38 -7.81
N ILE F 132 -14.57 16.87 -9.01
CA ILE F 132 -14.78 15.43 -9.17
C ILE F 132 -13.45 14.69 -9.27
N TRP F 133 -12.58 15.16 -10.17
CA TRP F 133 -11.23 14.61 -10.26
C TRP F 133 -10.29 15.60 -10.95
N ARG F 134 -9.00 15.37 -10.75
CA ARG F 134 -7.94 16.12 -11.43
C ARG F 134 -6.82 15.15 -11.76
N ALA F 135 -6.18 15.38 -12.90
CA ALA F 135 -5.14 14.47 -13.36
C ALA F 135 -4.06 15.27 -14.09
N SER F 136 -2.84 14.74 -14.08
CA SER F 136 -1.71 15.35 -14.79
C SER F 136 -0.86 14.23 -15.37
N PRO F 137 -1.33 13.59 -16.44
CA PRO F 137 -0.55 12.49 -17.03
C PRO F 137 0.72 12.94 -17.71
N VAL F 138 0.86 14.23 -18.03
CA VAL F 138 2.00 14.72 -18.79
C VAL F 138 2.45 16.06 -18.19
N GLY F 139 3.76 16.29 -18.24
CA GLY F 139 4.40 17.44 -17.64
C GLY F 139 4.48 18.65 -18.55
N ASN F 140 3.52 18.77 -19.46
CA ASN F 140 3.49 19.85 -20.44
C ASN F 140 2.19 20.64 -20.30
N ASN F 141 2.16 21.81 -20.93
CA ASN F 141 0.95 22.62 -20.91
C ASN F 141 -0.19 21.90 -21.64
N LEU F 142 -1.42 22.19 -21.23
CA LEU F 142 -2.60 21.69 -21.94
C LEU F 142 -3.40 22.90 -22.40
N MET F 143 -3.35 23.20 -23.70
CA MET F 143 -4.00 24.40 -24.22
C MET F 143 -5.31 24.14 -24.93
N GLY F 144 -5.70 22.88 -25.11
CA GLY F 144 -6.86 22.58 -25.92
C GLY F 144 -8.15 22.78 -25.16
N ASN F 145 -9.23 22.33 -25.80
CA ASN F 145 -10.54 22.24 -25.17
C ASN F 145 -10.84 20.77 -24.96
N PRO F 146 -11.23 20.34 -23.76
CA PRO F 146 -11.33 18.89 -23.52
C PRO F 146 -12.42 18.27 -24.39
N LEU F 147 -12.09 17.13 -24.99
CA LEU F 147 -13.04 16.34 -25.77
C LEU F 147 -13.61 15.23 -24.91
N VAL F 148 -14.93 15.15 -24.87
CA VAL F 148 -15.65 14.16 -24.07
C VAL F 148 -16.38 13.24 -25.03
N ILE F 149 -15.97 11.97 -25.08
CA ILE F 149 -16.58 10.99 -25.96
C ILE F 149 -16.76 9.70 -25.17
N GLY F 150 -17.99 9.24 -25.05
CA GLY F 150 -18.25 8.03 -24.28
C GLY F 150 -17.77 8.18 -22.85
N ASN F 151 -16.97 7.22 -22.40
CA ASN F 151 -16.35 7.22 -21.09
C ASN F 151 -14.94 7.81 -21.10
N THR F 152 -14.50 8.39 -22.21
CA THR F 152 -13.13 8.85 -22.37
C THR F 152 -13.09 10.36 -22.53
N VAL F 153 -12.17 11.01 -21.81
CA VAL F 153 -11.87 12.43 -21.97
C VAL F 153 -10.53 12.54 -22.68
N TYR F 154 -10.42 13.49 -23.62
CA TYR F 154 -9.24 13.60 -24.47
C TYR F 154 -8.53 14.93 -24.25
N LEU F 155 -7.23 14.84 -23.99
CA LEU F 155 -6.39 15.99 -23.72
C LEU F 155 -5.34 16.15 -24.81
N SER F 156 -4.93 17.40 -25.05
CA SER F 156 -3.86 17.73 -25.98
C SER F 156 -2.77 18.48 -25.23
N ALA F 157 -1.54 17.97 -25.28
CA ALA F 157 -0.41 18.53 -24.57
C ALA F 157 0.56 19.20 -25.54
N GLY F 158 1.02 20.41 -25.20
CA GLY F 158 1.99 21.09 -26.02
C GLY F 158 2.36 22.44 -25.44
N SER F 159 3.50 22.96 -25.89
CA SER F 159 4.07 24.21 -25.39
C SER F 159 4.32 25.16 -26.56
N VAL F 160 4.38 26.46 -26.23
CA VAL F 160 4.59 27.46 -27.27
C VAL F 160 6.04 27.50 -27.71
N ALA F 161 6.96 27.26 -26.78
CA ALA F 161 8.36 27.58 -26.95
C ALA F 161 9.10 26.52 -27.77
N PHE F 162 10.20 26.96 -28.38
CA PHE F 162 11.09 26.15 -29.19
C PHE F 162 12.34 25.82 -28.40
N ASN F 163 12.85 24.59 -28.52
CA ASN F 163 14.17 24.32 -27.99
C ASN F 163 15.22 24.97 -28.88
N PHE F 164 16.49 24.91 -28.47
CA PHE F 164 17.52 25.62 -29.22
C PHE F 164 17.85 24.95 -30.54
N ALA F 165 17.62 23.64 -30.68
CA ALA F 165 17.90 22.97 -31.95
C ALA F 165 17.07 23.56 -33.07
N ASN F 166 15.82 23.93 -32.79
CA ASN F 166 14.97 24.56 -33.79
C ASN F 166 15.11 26.07 -33.83
N VAL F 167 15.87 26.66 -32.90
CA VAL F 167 16.23 28.08 -33.03
C VAL F 167 17.31 28.24 -34.10
N LEU F 168 18.30 27.35 -34.11
CA LEU F 168 19.24 27.30 -35.22
C LEU F 168 18.55 26.84 -36.49
N ARG F 169 17.67 25.84 -36.38
CA ARG F 169 17.04 25.24 -37.56
C ARG F 169 16.08 26.21 -38.24
N TYR F 170 15.41 27.08 -37.46
CA TYR F 170 14.60 28.14 -38.05
C TYR F 170 15.46 29.25 -38.63
N ALA F 171 16.62 29.53 -38.02
CA ALA F 171 17.50 30.56 -38.53
C ALA F 171 17.98 30.22 -39.95
N HIS F 172 18.41 28.98 -40.16
CA HIS F 172 18.77 28.51 -41.49
C HIS F 172 17.60 28.60 -42.47
N ASN F 173 16.65 27.66 -42.34
CA ASN F 173 15.46 27.60 -43.19
C ASN F 173 14.20 27.70 -42.34
N PRO F 174 13.35 28.71 -42.55
CA PRO F 174 12.10 28.79 -41.77
C PRO F 174 11.27 27.51 -41.74
N SER F 175 11.24 26.73 -42.82
CA SER F 175 10.37 25.57 -42.91
C SER F 175 10.99 24.29 -42.36
N ALA F 176 12.22 24.33 -41.86
CA ALA F 176 12.83 23.16 -41.26
C ALA F 176 12.61 23.06 -39.76
N SER F 177 12.10 24.11 -39.14
CA SER F 177 11.90 24.15 -37.70
C SER F 177 10.63 23.42 -37.29
N ALA F 178 10.60 22.97 -36.03
CA ALA F 178 9.43 22.35 -35.42
C ALA F 178 9.18 22.99 -34.06
N ARG F 179 7.94 23.39 -33.81
CA ARG F 179 7.57 23.99 -32.53
C ARG F 179 7.28 22.89 -31.50
N GLY F 180 7.77 23.10 -30.28
CA GLY F 180 7.59 22.14 -29.22
C GLY F 180 8.29 20.82 -29.43
N LEU F 181 9.24 20.75 -30.37
CA LEU F 181 10.00 19.54 -30.59
C LEU F 181 11.08 19.42 -29.53
N ASN F 182 11.03 18.33 -28.76
CA ASN F 182 11.89 18.10 -27.60
C ASN F 182 11.71 19.17 -26.53
N VAL F 183 10.55 19.83 -26.51
CA VAL F 183 10.14 20.70 -25.42
C VAL F 183 9.08 19.94 -24.65
N SER F 184 9.45 19.44 -23.47
CA SER F 184 8.63 18.52 -22.69
C SER F 184 8.14 17.37 -23.55
N PHE F 185 6.89 16.93 -23.36
CA PHE F 185 6.32 15.84 -24.13
C PHE F 185 4.97 16.26 -24.68
N ASN F 186 4.69 15.85 -25.91
CA ASN F 186 3.54 16.33 -26.65
C ASN F 186 2.69 15.15 -27.11
N GLY F 187 1.40 15.40 -27.26
CA GLY F 187 0.52 14.44 -27.88
C GLY F 187 -0.86 14.49 -27.26
N ILE F 188 -1.62 13.43 -27.52
CA ILE F 188 -2.98 13.27 -27.03
C ILE F 188 -2.96 12.28 -25.87
N TYR F 189 -3.52 12.70 -24.74
CA TYR F 189 -3.69 11.83 -23.58
C TYR F 189 -5.18 11.61 -23.35
N ALA F 190 -5.57 10.35 -23.16
CA ALA F 190 -6.97 9.95 -23.03
C ALA F 190 -7.22 9.44 -21.63
N LEU F 191 -8.18 10.06 -20.93
CA LEU F 191 -8.45 9.74 -19.54
C LEU F 191 -9.84 9.13 -19.38
N ASN F 192 -9.97 8.29 -18.36
CA ASN F 192 -11.27 7.79 -17.93
C ASN F 192 -12.14 8.98 -17.54
N ARG F 193 -13.35 9.05 -18.10
CA ARG F 193 -14.20 10.20 -17.81
C ARG F 193 -14.66 10.21 -16.36
N SER F 194 -14.79 9.04 -15.74
CA SER F 194 -15.38 8.98 -14.40
C SER F 194 -14.36 9.41 -13.34
N ASN F 195 -13.31 8.61 -13.13
CA ASN F 195 -12.31 8.88 -12.11
C ASN F 195 -11.06 9.60 -12.63
N GLY F 196 -10.90 9.74 -13.95
CA GLY F 196 -9.75 10.45 -14.49
C GLY F 196 -8.49 9.64 -14.70
N LYS F 197 -8.51 8.34 -14.45
CA LYS F 197 -7.33 7.52 -14.63
C LYS F 197 -6.90 7.52 -16.10
N LEU F 198 -5.61 7.27 -16.33
CA LEU F 198 -5.05 7.37 -17.68
C LEU F 198 -5.31 6.08 -18.46
N LEU F 199 -6.00 6.21 -19.60
CA LEU F 199 -6.31 5.08 -20.47
C LEU F 199 -5.17 4.80 -21.45
N TRP F 200 -4.83 5.77 -22.28
CA TRP F 200 -3.72 5.65 -23.21
C TRP F 200 -3.28 7.04 -23.64
N TYR F 201 -2.07 7.12 -24.19
CA TYR F 201 -1.58 8.35 -24.79
C TYR F 201 -0.98 8.05 -26.16
N PHE F 202 -1.05 9.05 -27.04
CA PHE F 202 -0.39 9.03 -28.33
C PHE F 202 0.57 10.21 -28.41
N ALA F 203 1.85 9.93 -28.48
CA ALA F 203 2.88 10.98 -28.51
C ALA F 203 3.08 11.47 -29.93
N THR F 204 3.32 12.77 -30.06
CA THR F 204 3.61 13.39 -31.34
C THR F 204 4.99 14.03 -31.29
N PRO F 205 5.71 14.09 -32.42
CA PRO F 205 7.03 14.72 -32.40
C PRO F 205 6.99 16.18 -31.97
N GLY F 206 6.08 16.97 -32.54
CA GLY F 206 5.97 18.37 -32.18
C GLY F 206 4.81 18.65 -31.24
N GLU F 207 4.78 19.90 -30.77
CA GLU F 207 3.72 20.36 -29.88
C GLU F 207 2.36 20.24 -30.55
N THR F 208 1.37 19.74 -29.82
CA THR F 208 -0.03 19.91 -30.20
C THR F 208 -0.73 20.79 -29.17
N MET F 209 -0.72 22.11 -29.40
CA MET F 209 -1.57 23.02 -28.65
C MET F 209 -3.01 22.95 -29.11
N ALA F 210 -3.20 22.77 -30.41
CA ALA F 210 -4.53 22.74 -31.00
C ALA F 210 -5.38 21.62 -30.42
N THR F 211 -6.65 21.92 -30.19
CA THR F 211 -7.60 20.89 -29.80
C THR F 211 -7.78 19.91 -30.96
N PRO F 212 -7.73 18.61 -30.71
CA PRO F 212 -8.01 17.67 -31.79
C PRO F 212 -9.49 17.71 -32.16
N ALA F 213 -9.88 16.97 -33.19
CA ALA F 213 -11.27 16.84 -33.58
C ALA F 213 -11.67 15.38 -33.51
N TYR F 214 -12.89 15.11 -33.09
CA TYR F 214 -13.44 13.76 -33.04
C TYR F 214 -14.45 13.59 -34.16
N ASP F 215 -14.29 12.53 -34.95
CA ASP F 215 -15.37 12.07 -35.79
C ASP F 215 -15.24 10.57 -35.98
N ASN F 216 -16.38 9.88 -35.93
CA ASN F 216 -16.51 8.45 -36.24
C ASN F 216 -15.34 7.64 -35.68
N ASN F 217 -15.24 7.65 -34.35
CA ASN F 217 -14.25 6.86 -33.61
C ASN F 217 -12.81 7.21 -34.00
N THR F 218 -12.54 8.46 -34.37
CA THR F 218 -11.19 8.82 -34.77
C THR F 218 -10.89 10.25 -34.34
N LEU F 219 -9.67 10.46 -33.86
CA LEU F 219 -9.19 11.77 -33.43
C LEU F 219 -8.21 12.32 -34.46
N PHE F 220 -8.28 13.63 -34.71
CA PHE F 220 -7.47 14.25 -35.75
C PHE F 220 -6.74 15.43 -35.16
N ILE F 221 -5.41 15.41 -35.27
CA ILE F 221 -4.56 16.42 -34.64
C ILE F 221 -3.39 16.72 -35.56
N ALA F 222 -2.94 17.97 -35.51
CA ALA F 222 -1.76 18.42 -36.23
C ALA F 222 -0.80 19.07 -35.24
N ASP F 223 0.48 18.74 -35.35
CA ASP F 223 1.49 19.24 -34.42
C ASP F 223 2.27 20.40 -35.04
N GLY F 224 3.25 20.89 -34.28
CA GLY F 224 4.15 21.92 -34.72
C GLY F 224 5.31 21.46 -35.57
N ALA F 225 5.45 20.15 -35.76
CA ALA F 225 6.47 19.57 -36.62
C ALA F 225 5.98 19.37 -38.05
N GLY F 226 4.75 19.81 -38.35
CA GLY F 226 4.21 19.70 -39.69
C GLY F 226 3.52 18.40 -40.02
N ASN F 227 3.07 17.64 -39.03
CA ASN F 227 2.47 16.33 -39.26
C ASN F 227 1.03 16.33 -38.75
N ALA F 228 0.13 15.74 -39.54
CA ALA F 228 -1.25 15.52 -39.15
C ALA F 228 -1.50 14.03 -38.98
N PHE F 229 -2.24 13.65 -37.94
CA PHE F 229 -2.50 12.25 -37.65
C PHE F 229 -3.99 12.03 -37.46
N GLY F 230 -4.51 10.95 -38.04
CA GLY F 230 -5.72 10.33 -37.53
C GLY F 230 -5.35 9.24 -36.53
N ILE F 231 -6.18 9.11 -35.49
CA ILE F 231 -5.90 8.19 -34.38
C ILE F 231 -7.19 7.56 -33.92
N ASN F 232 -7.16 6.25 -33.70
CA ASN F 232 -8.33 5.53 -33.20
C ASN F 232 -8.62 5.96 -31.76
N ALA F 233 -9.84 6.46 -31.52
CA ALA F 233 -10.19 7.03 -30.23
C ALA F 233 -10.41 5.97 -29.16
N THR F 234 -10.41 4.69 -29.52
CA THR F 234 -10.61 3.61 -28.56
C THR F 234 -9.29 2.96 -28.16
N THR F 235 -8.59 2.37 -29.13
CA THR F 235 -7.31 1.71 -28.85
C THR F 235 -6.19 2.71 -28.65
N GLY F 236 -6.27 3.88 -29.26
CA GLY F 236 -5.20 4.86 -29.21
C GLY F 236 -4.12 4.69 -30.26
N LYS F 237 -4.11 3.56 -30.98
CA LYS F 237 -3.10 3.33 -32.00
C LYS F 237 -3.34 4.21 -33.23
N GLN F 238 -2.24 4.61 -33.86
CA GLN F 238 -2.28 5.47 -35.04
C GLN F 238 -3.05 4.83 -36.19
N VAL F 239 -3.79 5.65 -36.92
CA VAL F 239 -4.47 5.21 -38.14
C VAL F 239 -3.69 5.64 -39.39
N TRP F 240 -3.53 6.96 -39.59
CA TRP F 240 -2.81 7.47 -40.75
C TRP F 240 -2.00 8.69 -40.35
N LYS F 241 -0.96 8.96 -41.13
CA LYS F 241 -0.10 10.13 -40.95
C LYS F 241 0.17 10.79 -42.29
N THR F 242 0.05 12.12 -42.32
CA THR F 242 0.33 12.91 -43.51
C THR F 242 1.20 14.09 -43.11
N HIS F 243 2.33 14.26 -43.78
CA HIS F 243 3.21 15.38 -43.48
C HIS F 243 2.81 16.53 -44.40
N VAL F 244 2.16 17.55 -43.82
CA VAL F 244 1.74 18.71 -44.59
C VAL F 244 2.77 19.82 -44.64
N GLY F 245 3.75 19.82 -43.75
CA GLY F 245 4.65 20.94 -43.60
C GLY F 245 4.04 22.10 -42.84
N GLY F 246 4.92 22.94 -42.28
CA GLY F 246 4.48 24.10 -41.54
C GLY F 246 4.30 23.83 -40.06
N MET F 247 3.59 24.76 -39.40
CA MET F 247 3.34 24.67 -37.96
C MET F 247 1.88 25.01 -37.68
N ASP F 248 1.22 24.12 -36.94
CA ASP F 248 -0.13 24.38 -36.42
C ASP F 248 0.03 24.87 -35.00
N ASN F 249 -0.28 26.14 -34.75
CA ASN F 249 0.00 26.68 -33.43
C ASN F 249 -1.21 26.55 -32.52
N MET F 250 -2.19 27.45 -32.67
CA MET F 250 -3.44 27.39 -31.92
C MET F 250 -4.63 26.96 -32.76
N SER F 251 -4.44 26.59 -34.02
CA SER F 251 -5.57 26.36 -34.91
C SER F 251 -6.03 24.91 -34.74
N SER F 252 -7.18 24.74 -34.10
CA SER F 252 -7.68 23.43 -33.77
C SER F 252 -8.40 22.81 -34.95
N VAL F 253 -8.30 21.49 -35.06
CA VAL F 253 -8.87 20.78 -36.20
C VAL F 253 -10.39 20.91 -36.19
N THR F 254 -10.95 21.19 -37.36
CA THR F 254 -12.40 21.28 -37.55
C THR F 254 -12.82 20.16 -38.48
N ALA F 255 -13.73 19.30 -37.99
CA ALA F 255 -14.22 18.15 -38.73
C ALA F 255 -15.61 18.46 -39.27
N TYR F 256 -15.74 18.55 -40.60
CA TYR F 256 -17.00 18.92 -41.22
C TYR F 256 -17.25 18.03 -42.43
N ARG F 257 -18.35 17.28 -42.40
CA ARG F 257 -18.79 16.42 -43.50
C ARG F 257 -17.67 15.49 -43.98
N HIS F 258 -17.13 14.72 -43.03
CA HIS F 258 -16.14 13.68 -43.30
C HIS F 258 -14.84 14.22 -43.88
N ASN F 259 -14.60 15.53 -43.74
CA ASN F 259 -13.33 16.11 -44.16
C ASN F 259 -12.77 16.95 -43.01
N ILE F 260 -11.45 17.08 -43.00
CA ILE F 260 -10.74 17.77 -41.94
C ILE F 260 -10.17 19.08 -42.47
N TYR F 261 -10.32 20.15 -41.68
CA TYR F 261 -9.87 21.48 -42.08
C TYR F 261 -9.02 22.06 -40.94
N PHE F 262 -7.80 22.48 -41.26
CA PHE F 262 -6.94 23.14 -40.28
C PHE F 262 -5.91 23.98 -41.02
N ALA F 263 -5.40 25.00 -40.33
CA ALA F 263 -4.45 25.94 -40.91
C ALA F 263 -3.05 25.72 -40.35
N MET F 264 -2.05 26.01 -41.18
CA MET F 264 -0.65 25.89 -40.84
C MET F 264 0.07 27.21 -41.06
N ALA F 265 1.05 27.49 -40.21
CA ALA F 265 1.89 28.67 -40.36
C ALA F 265 3.22 28.29 -41.01
N ILE F 266 4.00 29.32 -41.34
CA ILE F 266 5.33 29.21 -41.93
C ILE F 266 5.22 28.59 -43.33
N LYS F 267 4.08 27.97 -43.61
CA LYS F 267 3.70 27.51 -44.93
C LYS F 267 2.22 27.84 -45.04
N PRO F 268 1.88 29.11 -45.30
CA PRO F 268 0.55 29.61 -44.95
C PRO F 268 -0.56 29.08 -45.85
N TYR F 269 -0.99 27.84 -45.61
CA TYR F 269 -2.09 27.24 -46.33
C TYR F 269 -3.13 26.75 -45.34
N LEU F 270 -4.40 26.82 -45.76
CA LEU F 270 -5.49 26.14 -45.07
C LEU F 270 -5.71 24.82 -45.80
N TYR F 271 -5.60 23.71 -45.07
CA TYR F 271 -5.68 22.40 -45.67
C TYR F 271 -7.04 21.77 -45.45
N CYS F 272 -7.47 21.00 -46.44
CA CYS F 272 -8.63 20.13 -46.34
C CYS F 272 -8.15 18.71 -46.63
N LEU F 273 -8.33 17.81 -45.65
CA LEU F 273 -7.82 16.45 -45.76
C LEU F 273 -8.93 15.43 -45.57
N ASN F 274 -8.68 14.23 -46.07
CA ASN F 274 -9.64 13.15 -45.97
C ASN F 274 -9.55 12.51 -44.59
N GLU F 275 -10.69 12.43 -43.90
CA GLU F 275 -10.68 11.80 -42.58
C GLU F 275 -10.22 10.36 -42.66
N SER F 276 -10.36 9.74 -43.83
CA SER F 276 -10.09 8.30 -43.94
C SER F 276 -8.60 8.02 -44.10
N ASN F 277 -8.00 8.43 -45.22
CA ASN F 277 -6.59 8.20 -45.48
C ASN F 277 -5.71 9.42 -45.22
N GLY F 278 -6.30 10.58 -44.91
CA GLY F 278 -5.49 11.77 -44.74
C GLY F 278 -5.02 12.43 -46.02
N HIS F 279 -5.47 11.96 -47.18
CA HIS F 279 -5.08 12.58 -48.43
C HIS F 279 -5.63 14.01 -48.50
N ILE F 280 -4.90 14.87 -49.20
CA ILE F 280 -5.26 16.29 -49.25
C ILE F 280 -6.39 16.49 -50.26
N VAL F 281 -7.51 17.02 -49.79
CA VAL F 281 -8.60 17.39 -50.70
C VAL F 281 -8.24 18.67 -51.45
N TRP F 282 -7.97 19.75 -50.70
CA TRP F 282 -7.57 21.01 -51.32
C TRP F 282 -6.79 21.85 -50.31
N LYS F 283 -6.06 22.82 -50.84
CA LYS F 283 -5.34 23.80 -50.04
C LYS F 283 -5.86 25.19 -50.41
N GLY F 284 -5.81 26.10 -49.44
CA GLY F 284 -6.28 27.44 -49.69
C GLY F 284 -5.46 28.45 -48.92
N THR F 285 -5.55 29.70 -49.36
CA THR F 285 -4.71 30.76 -48.83
C THR F 285 -5.54 32.01 -48.61
N ILE F 286 -5.20 32.74 -47.56
CA ILE F 286 -5.57 34.14 -47.40
C ILE F 286 -4.28 34.94 -47.36
N PRO F 287 -4.31 36.22 -47.72
CA PRO F 287 -3.07 36.98 -47.81
C PRO F 287 -2.40 37.20 -46.46
N GLY F 288 -1.72 36.19 -45.92
CA GLY F 288 -1.03 36.34 -44.65
C GLY F 288 0.05 35.29 -44.49
N ALA F 289 1.01 35.60 -43.63
CA ALA F 289 2.11 34.68 -43.36
C ALA F 289 2.23 34.38 -41.87
N GLY F 295 -1.84 31.11 -39.13
CA GLY F 295 -2.63 29.93 -38.84
C GLY F 295 -2.74 29.61 -37.36
N ASN F 296 -3.04 30.64 -36.57
CA ASN F 296 -3.27 30.48 -35.13
C ASN F 296 -4.76 30.35 -34.78
N VAL F 297 -5.66 30.52 -35.74
CA VAL F 297 -7.10 30.57 -35.48
C VAL F 297 -7.74 29.32 -36.05
N SER F 298 -8.76 28.83 -35.34
CA SER F 298 -9.47 27.63 -35.76
C SER F 298 -10.54 28.00 -36.78
N PRO F 299 -10.56 27.35 -37.95
CA PRO F 299 -11.58 27.69 -38.96
C PRO F 299 -12.95 27.17 -38.55
N ALA F 300 -13.97 27.98 -38.84
CA ALA F 300 -15.35 27.59 -38.60
C ALA F 300 -15.99 27.12 -39.89
N ALA F 301 -16.81 26.08 -39.80
CA ALA F 301 -17.48 25.52 -40.96
C ALA F 301 -18.96 25.37 -40.65
N ALA F 302 -19.81 25.92 -41.53
CA ALA F 302 -21.23 25.65 -41.47
C ALA F 302 -21.85 25.79 -42.85
N ASP F 303 -22.82 24.94 -43.15
CA ASP F 303 -23.67 25.06 -44.32
C ASP F 303 -22.87 25.22 -45.62
N GLY F 304 -21.88 24.34 -45.78
CA GLY F 304 -21.06 24.31 -46.98
C GLY F 304 -20.07 25.44 -47.15
N VAL F 305 -19.84 26.25 -46.13
CA VAL F 305 -18.89 27.36 -46.19
C VAL F 305 -17.88 27.18 -45.06
N VAL F 306 -16.60 27.47 -45.35
CA VAL F 306 -15.54 27.38 -44.36
C VAL F 306 -14.86 28.73 -44.26
N VAL F 307 -14.89 29.33 -43.07
CA VAL F 307 -14.42 30.69 -42.84
C VAL F 307 -13.22 30.68 -41.91
N LEU F 308 -12.18 31.45 -42.25
CA LEU F 308 -11.06 31.73 -41.36
C LEU F 308 -10.54 33.13 -41.67
N ASP F 309 -9.86 33.72 -40.69
CA ASP F 309 -9.22 35.02 -40.88
C ASP F 309 -7.78 34.98 -40.38
N ALA F 310 -6.97 35.89 -40.91
CA ALA F 310 -5.56 35.97 -40.57
C ALA F 310 -5.11 37.43 -40.63
N THR F 311 -3.91 37.68 -40.12
CA THR F 311 -3.35 39.01 -39.99
C THR F 311 -2.22 39.18 -41.00
N THR F 312 -1.99 40.43 -41.41
CA THR F 312 -1.01 40.70 -42.47
C THR F 312 -0.85 42.20 -42.65
N LYS F 313 0.25 42.56 -43.31
CA LYS F 313 0.58 43.95 -43.63
C LYS F 313 0.29 44.24 -45.10
N PHE F 322 -0.86 46.22 -38.42
CA PHE F 322 -1.15 45.50 -39.65
C PHE F 322 -2.66 45.46 -39.88
N SER F 323 -3.14 44.55 -40.74
CA SER F 323 -4.57 44.42 -40.98
C SER F 323 -5.00 42.97 -40.81
N ASN F 324 -6.31 42.75 -40.95
CA ASN F 324 -6.90 41.42 -40.79
C ASN F 324 -7.84 41.13 -41.96
N VAL F 325 -7.67 39.97 -42.58
CA VAL F 325 -8.42 39.60 -43.77
C VAL F 325 -9.15 38.29 -43.53
N ILE F 326 -10.47 38.30 -43.75
CA ILE F 326 -11.32 37.12 -43.60
C ILE F 326 -11.73 36.63 -44.99
N ARG F 327 -11.75 35.32 -45.17
CA ARG F 327 -12.11 34.72 -46.44
C ARG F 327 -12.95 33.47 -46.20
N ALA F 328 -14.01 33.32 -46.97
CA ALA F 328 -14.89 32.16 -46.89
C ALA F 328 -14.62 31.28 -48.11
N PHE F 329 -14.49 29.98 -47.87
CA PHE F 329 -14.14 29.02 -48.92
C PHE F 329 -15.31 28.06 -49.11
N ASP F 330 -15.38 27.48 -50.30
CA ASP F 330 -16.29 26.37 -50.54
C ASP F 330 -15.75 25.16 -49.79
N ALA F 331 -16.59 24.57 -48.93
CA ALA F 331 -16.12 23.48 -48.08
C ALA F 331 -15.64 22.30 -48.92
N LYS F 332 -16.36 21.95 -49.98
CA LYS F 332 -16.03 20.74 -50.73
C LYS F 332 -14.87 20.96 -51.69
N THR F 333 -14.95 22.01 -52.52
CA THR F 333 -13.93 22.25 -53.54
C THR F 333 -12.84 23.25 -53.14
N GLY F 334 -13.04 24.02 -52.07
CA GLY F 334 -12.08 25.04 -51.70
C GLY F 334 -12.15 26.34 -52.48
N ALA F 335 -13.12 26.49 -53.38
CA ALA F 335 -13.21 27.72 -54.16
C ALA F 335 -13.52 28.90 -53.25
N VAL F 336 -12.90 30.04 -53.54
CA VAL F 336 -13.01 31.21 -52.67
C VAL F 336 -14.34 31.90 -52.95
N LEU F 337 -15.21 31.95 -51.93
CA LEU F 337 -16.51 32.57 -52.09
C LEU F 337 -16.42 34.09 -51.99
N TRP F 338 -15.78 34.61 -50.94
CA TRP F 338 -15.64 36.05 -50.80
C TRP F 338 -14.47 36.35 -49.87
N THR F 339 -13.99 37.59 -49.97
CA THR F 339 -12.89 38.09 -49.17
C THR F 339 -13.18 39.52 -48.75
N ARG F 340 -12.92 39.84 -47.48
CA ARG F 340 -13.08 41.19 -46.98
C ARG F 340 -11.95 41.50 -46.02
N ASN F 341 -11.58 42.77 -45.95
CA ASN F 341 -10.63 43.27 -44.96
C ASN F 341 -11.41 43.92 -43.83
N MET F 342 -11.11 43.53 -42.59
CA MET F 342 -11.88 44.02 -41.46
C MET F 342 -11.51 45.47 -41.13
N GLY F 343 -10.22 45.76 -41.02
CA GLY F 343 -9.76 47.10 -40.75
C GLY F 343 -8.48 47.07 -39.92
N SER F 344 -8.07 48.25 -39.48
CA SER F 344 -6.88 48.39 -38.65
C SER F 344 -7.08 49.49 -37.61
N LYS F 352 -3.36 37.09 -32.39
CA LYS F 352 -3.47 38.15 -33.39
C LYS F 352 -4.80 38.09 -34.14
N GLY F 353 -5.23 36.88 -34.50
CA GLY F 353 -6.49 36.68 -35.20
C GLY F 353 -7.64 36.27 -34.29
N GLY F 354 -8.86 36.54 -34.77
CA GLY F 354 -10.06 36.17 -34.03
C GLY F 354 -10.64 34.83 -34.46
N VAL F 355 -11.33 34.18 -33.53
CA VAL F 355 -11.96 32.90 -33.77
C VAL F 355 -13.40 33.14 -34.23
N PRO F 356 -13.78 32.71 -35.43
CA PRO F 356 -15.14 32.98 -35.93
C PRO F 356 -16.18 32.01 -35.40
N MET F 357 -17.41 32.50 -35.32
CA MET F 357 -18.62 31.69 -35.14
C MET F 357 -19.55 31.88 -36.33
N ILE F 358 -20.22 30.80 -36.74
CA ILE F 358 -21.27 30.85 -37.74
C ILE F 358 -22.58 30.40 -37.10
N HIS F 359 -23.59 31.25 -37.12
CA HIS F 359 -24.93 30.86 -36.70
C HIS F 359 -25.95 31.51 -37.61
N ASN F 360 -26.91 30.72 -38.10
CA ASN F 360 -27.98 31.19 -38.99
C ASN F 360 -27.41 31.98 -40.18
N ASN F 361 -26.38 31.42 -40.79
CA ASN F 361 -25.76 31.97 -41.99
C ASN F 361 -25.19 33.37 -41.76
N ILE F 362 -24.79 33.68 -40.53
CA ILE F 362 -24.04 34.89 -40.22
C ILE F 362 -22.75 34.51 -39.51
N VAL F 363 -21.64 35.10 -39.95
CA VAL F 363 -20.35 34.93 -39.29
C VAL F 363 -20.16 36.07 -38.31
N TYR F 364 -19.87 35.72 -37.06
CA TYR F 364 -19.53 36.69 -36.02
C TYR F 364 -18.08 36.44 -35.62
N VAL F 365 -17.23 37.42 -35.82
CA VAL F 365 -15.79 37.25 -35.66
C VAL F 365 -15.20 38.54 -35.09
N GLY F 366 -14.17 38.38 -34.25
CA GLY F 366 -13.49 39.52 -33.70
C GLY F 366 -12.28 39.92 -34.51
N ASN F 367 -11.88 41.19 -34.37
CA ASN F 367 -10.71 41.75 -35.02
C ASN F 367 -9.79 42.33 -33.95
N PRO F 368 -8.81 41.58 -33.47
CA PRO F 368 -7.95 42.08 -32.39
C PRO F 368 -7.15 43.31 -32.76
N VAL F 369 -6.75 43.45 -34.02
CA VAL F 369 -6.04 44.65 -34.45
C VAL F 369 -6.91 45.89 -34.24
N ALA F 370 -8.17 45.83 -34.68
CA ALA F 370 -9.08 46.97 -34.60
C ALA F 370 -9.90 47.01 -33.32
N SER F 371 -9.77 46.00 -32.46
CA SER F 371 -10.54 45.92 -31.22
C SER F 371 -12.04 45.97 -31.51
N THR F 372 -12.48 45.19 -32.49
CA THR F 372 -13.87 45.17 -32.90
C THR F 372 -14.35 43.74 -33.08
N TYR F 373 -15.66 43.57 -32.99
CA TYR F 373 -16.35 42.41 -33.51
C TYR F 373 -17.22 42.83 -34.69
N GLN F 374 -17.29 41.97 -35.70
CA GLN F 374 -18.04 42.27 -36.90
C GLN F 374 -18.91 41.08 -37.28
N ALA F 375 -20.03 41.38 -37.93
CA ALA F 375 -20.94 40.36 -38.44
C ALA F 375 -20.94 40.42 -39.96
N TYR F 376 -20.57 39.31 -40.60
CA TYR F 376 -20.58 39.18 -42.04
C TYR F 376 -21.64 38.17 -42.47
N GLU F 377 -22.27 38.43 -43.61
CA GLU F 377 -23.19 37.47 -44.18
C GLU F 377 -22.39 36.31 -44.75
N LEU F 378 -22.75 35.08 -44.36
CA LEU F 378 -21.91 33.92 -44.62
C LEU F 378 -21.60 33.77 -46.11
N LYS F 379 -22.64 33.75 -46.94
CA LYS F 379 -22.45 33.46 -48.36
C LYS F 379 -22.04 34.69 -49.16
N THR F 380 -22.66 35.85 -48.89
CA THR F 380 -22.39 37.04 -49.67
C THR F 380 -21.19 37.86 -49.17
N GLY F 381 -20.77 37.66 -47.92
CA GLY F 381 -19.68 38.44 -47.37
C GLY F 381 -20.02 39.87 -47.02
N LYS F 382 -21.30 40.24 -47.00
CA LYS F 382 -21.69 41.60 -46.69
C LYS F 382 -21.56 41.87 -45.20
N LEU F 383 -21.07 43.07 -44.85
CA LEU F 383 -20.79 43.42 -43.47
C LEU F 383 -22.04 44.02 -42.84
N LEU F 384 -22.60 43.32 -41.84
CA LEU F 384 -23.83 43.80 -41.21
C LEU F 384 -23.55 44.96 -40.26
N TRP F 385 -22.59 44.80 -39.34
CA TRP F 385 -22.26 45.87 -38.41
C TRP F 385 -20.85 45.66 -37.86
N THR F 386 -20.37 46.66 -37.14
CA THR F 386 -19.10 46.61 -36.43
C THR F 386 -19.27 47.19 -35.04
N TRP F 387 -18.82 46.47 -34.01
CA TRP F 387 -18.92 46.92 -32.63
C TRP F 387 -17.52 47.05 -32.05
N HIS F 388 -17.18 48.25 -31.57
CA HIS F 388 -15.88 48.51 -30.99
C HIS F 388 -15.90 48.18 -29.50
N VAL F 389 -14.93 47.41 -29.04
CA VAL F 389 -14.83 47.13 -27.60
C VAL F 389 -14.39 48.41 -26.90
N PRO F 390 -15.11 48.86 -25.86
CA PRO F 390 -14.80 50.18 -25.27
C PRO F 390 -13.47 50.28 -24.51
N THR F 391 -12.88 49.18 -24.03
CA THR F 391 -11.72 49.32 -23.15
C THR F 391 -10.53 48.50 -23.64
N LYS F 392 -9.37 48.81 -23.03
CA LYS F 392 -8.11 48.17 -23.37
C LYS F 392 -8.11 46.70 -22.97
N VAL F 393 -7.43 45.89 -23.78
CA VAL F 393 -7.08 44.52 -23.44
C VAL F 393 -5.60 44.35 -23.78
N ALA F 394 -4.89 43.55 -22.95
CA ALA F 394 -3.43 43.52 -22.93
C ALA F 394 -2.81 43.34 -24.32
N ALA F 395 -2.91 42.15 -24.89
CA ALA F 395 -2.52 41.92 -26.28
C ALA F 395 -3.77 41.52 -27.05
N GLY F 396 -4.30 42.46 -27.83
CA GLY F 396 -5.46 42.21 -28.66
C GLY F 396 -6.75 42.24 -27.87
N ALA F 397 -7.85 42.61 -28.51
CA ALA F 397 -9.19 42.44 -27.95
C ALA F 397 -10.06 41.87 -29.05
N GLY F 398 -10.88 40.88 -28.72
CA GLY F 398 -11.66 40.24 -29.75
C GLY F 398 -11.15 38.89 -30.19
N ARG F 399 -10.23 38.26 -29.44
CA ARG F 399 -9.70 36.97 -29.89
C ARG F 399 -10.72 35.86 -29.74
N SER F 400 -11.56 35.90 -28.70
CA SER F 400 -12.44 34.78 -28.41
C SER F 400 -13.62 34.76 -29.37
N ALA F 401 -14.17 33.57 -29.59
CA ALA F 401 -15.36 33.40 -30.43
C ALA F 401 -16.62 33.78 -29.65
N PRO F 402 -17.54 34.50 -30.28
CA PRO F 402 -18.81 34.81 -29.60
C PRO F 402 -19.68 33.58 -29.47
N THR F 403 -20.60 33.65 -28.51
CA THR F 403 -21.60 32.62 -28.31
C THR F 403 -22.98 33.25 -28.49
N TYR F 404 -23.74 32.72 -29.44
CA TYR F 404 -25.05 33.24 -29.79
C TYR F 404 -26.09 32.29 -29.18
N TYR F 405 -26.86 32.79 -28.23
CA TYR F 405 -27.78 31.95 -27.46
C TYR F 405 -29.11 32.68 -27.28
N LYS F 406 -30.20 32.04 -27.72
CA LYS F 406 -31.55 32.57 -27.58
C LYS F 406 -31.64 34.03 -28.06
N GLY F 407 -31.12 34.27 -29.26
CA GLY F 407 -31.26 35.58 -29.87
C GLY F 407 -30.32 36.65 -29.37
N LEU F 408 -29.27 36.30 -28.65
CA LEU F 408 -28.32 37.27 -28.13
C LEU F 408 -26.89 36.75 -28.29
N LEU F 409 -25.95 37.70 -28.35
CA LEU F 409 -24.52 37.39 -28.43
C LEU F 409 -23.86 37.57 -27.07
N TYR F 410 -23.04 36.62 -26.69
CA TYR F 410 -22.23 36.70 -25.47
C TYR F 410 -20.76 36.59 -25.82
N ILE F 411 -19.97 37.56 -25.37
CA ILE F 411 -18.55 37.65 -25.70
C ILE F 411 -17.76 37.90 -24.43
N THR F 412 -16.85 36.98 -24.10
CA THR F 412 -15.89 37.18 -23.01
C THR F 412 -14.60 37.75 -23.60
N THR F 413 -14.29 38.99 -23.27
CA THR F 413 -13.02 39.60 -23.69
C THR F 413 -12.56 40.58 -22.62
N GLY F 414 -11.25 40.77 -22.54
CA GLY F 414 -10.70 41.56 -21.45
C GLY F 414 -11.05 40.94 -20.12
N GLN F 415 -11.54 41.77 -19.19
CA GLN F 415 -12.01 41.29 -17.90
C GLN F 415 -13.53 41.11 -17.85
N TYR F 416 -14.23 41.33 -18.95
CA TYR F 416 -15.69 41.36 -18.96
C TYR F 416 -16.27 40.28 -19.87
N ILE F 417 -17.52 39.95 -19.60
CA ILE F 417 -18.40 39.29 -20.57
C ILE F 417 -19.41 40.33 -21.01
N PHE F 418 -19.56 40.50 -22.31
CA PHE F 418 -20.47 41.48 -22.87
C PHE F 418 -21.67 40.79 -23.49
N VAL F 419 -22.80 41.49 -23.47
CA VAL F 419 -24.01 41.04 -24.13
C VAL F 419 -24.26 41.98 -25.29
N VAL F 420 -24.38 41.44 -26.50
CA VAL F 420 -24.49 42.24 -27.72
C VAL F 420 -25.71 41.81 -28.51
N ASN F 421 -26.42 42.78 -29.07
CA ASN F 421 -27.57 42.51 -29.92
C ASN F 421 -27.08 42.02 -31.28
N PRO F 422 -27.37 40.77 -31.68
CA PRO F 422 -26.91 40.30 -32.99
C PRO F 422 -27.56 41.03 -34.15
N ALA F 423 -28.72 41.67 -33.93
CA ALA F 423 -29.35 42.44 -34.99
C ALA F 423 -28.60 43.75 -35.24
N THR F 424 -28.43 44.56 -34.20
CA THR F 424 -27.83 45.90 -34.34
C THR F 424 -26.34 45.95 -34.04
N GLY F 425 -25.77 44.89 -33.46
CA GLY F 425 -24.38 44.95 -33.02
C GLY F 425 -24.09 46.01 -31.98
N LYS F 426 -25.08 46.35 -31.16
CA LYS F 426 -24.93 47.32 -30.08
C LYS F 426 -24.82 46.60 -28.75
N GLU F 427 -23.93 47.08 -27.88
CA GLU F 427 -23.82 46.50 -26.55
C GLU F 427 -25.11 46.69 -25.76
N LEU F 428 -25.64 45.59 -25.25
CA LEU F 428 -26.81 45.63 -24.36
C LEU F 428 -26.37 45.68 -22.90
N HIS F 429 -25.67 44.64 -22.44
CA HIS F 429 -25.21 44.56 -21.06
C HIS F 429 -23.71 44.29 -21.02
N GLN F 430 -23.11 44.60 -19.86
CA GLN F 430 -21.73 44.24 -19.56
C GLN F 430 -21.61 43.82 -18.11
N HIS F 431 -20.83 42.77 -17.88
CA HIS F 431 -20.64 42.22 -16.55
C HIS F 431 -19.14 42.07 -16.28
N HIS F 432 -18.68 42.65 -15.17
CA HIS F 432 -17.28 42.59 -14.81
C HIS F 432 -16.98 41.31 -14.05
N ILE F 433 -15.85 40.69 -14.39
CA ILE F 433 -15.39 39.46 -13.76
C ILE F 433 -13.97 39.70 -13.24
N GLY F 434 -13.08 40.09 -14.13
CA GLY F 434 -11.67 40.25 -13.82
C GLY F 434 -10.83 39.17 -14.48
N GLY F 435 -9.55 39.16 -14.13
CA GLY F 435 -8.62 38.27 -14.79
C GLY F 435 -8.41 38.69 -16.23
N GLN F 436 -8.33 37.70 -17.12
CA GLN F 436 -8.25 37.96 -18.55
C GLN F 436 -8.95 36.83 -19.28
N PHE F 437 -9.64 37.17 -20.37
CA PHE F 437 -10.20 36.18 -21.29
C PHE F 437 -9.45 36.29 -22.61
N GLY F 438 -8.54 35.36 -22.89
CA GLY F 438 -7.92 35.46 -24.19
C GLY F 438 -8.75 34.94 -25.36
N ILE F 439 -8.73 33.63 -25.59
CA ILE F 439 -9.51 33.00 -26.64
C ILE F 439 -10.69 32.20 -26.12
N GLU F 440 -10.88 32.10 -24.80
CA GLU F 440 -11.93 31.25 -24.28
C GLU F 440 -13.30 31.86 -24.54
N SER F 441 -14.25 31.00 -24.92
CA SER F 441 -15.59 31.48 -25.24
C SER F 441 -16.61 30.97 -24.22
N PRO F 442 -17.67 31.74 -23.97
CA PRO F 442 -18.67 31.32 -22.98
C PRO F 442 -19.41 30.08 -23.43
N VAL F 443 -19.59 29.15 -22.50
CA VAL F 443 -20.36 27.93 -22.69
C VAL F 443 -21.66 28.10 -21.92
N ILE F 444 -22.78 28.17 -22.64
CA ILE F 444 -24.09 28.45 -22.07
C ILE F 444 -24.93 27.20 -22.12
N VAL F 445 -25.40 26.75 -20.96
CA VAL F 445 -26.27 25.59 -20.85
C VAL F 445 -27.49 26.01 -20.04
N GLY F 446 -28.67 26.01 -20.68
CA GLY F 446 -29.87 26.42 -19.97
C GLY F 446 -29.83 27.88 -19.57
N GLY F 447 -29.93 28.14 -18.26
CA GLY F 447 -29.79 29.48 -17.71
C GLY F 447 -28.47 29.72 -17.02
N THR F 448 -27.44 28.92 -17.32
CA THR F 448 -26.15 29.02 -16.65
C THR F 448 -25.03 29.24 -17.67
N VAL F 449 -24.14 30.19 -17.37
CA VAL F 449 -22.94 30.44 -18.16
C VAL F 449 -21.76 29.77 -17.48
N TYR F 450 -20.97 29.03 -18.25
CA TYR F 450 -19.77 28.39 -17.75
C TYR F 450 -18.54 29.00 -18.42
N LEU F 451 -17.51 29.29 -17.63
CA LEU F 451 -16.35 30.03 -18.11
C LEU F 451 -15.07 29.48 -17.51
N THR F 452 -13.97 29.66 -18.23
CA THR F 452 -12.62 29.56 -17.70
C THR F 452 -11.94 30.91 -17.86
N ASN F 453 -10.92 31.15 -17.03
CA ASN F 453 -10.21 32.42 -17.03
C ASN F 453 -8.71 32.16 -17.08
N SER F 454 -7.97 33.15 -17.59
CA SER F 454 -6.53 33.02 -17.77
C SER F 454 -5.76 33.06 -16.45
N TRP F 455 -6.41 33.46 -15.36
CA TRP F 455 -5.85 33.41 -14.02
C TRP F 455 -6.06 32.06 -13.35
N ASP F 456 -6.44 31.04 -14.12
CA ASP F 456 -6.73 29.69 -13.68
C ASP F 456 -7.95 29.61 -12.78
N TRP F 457 -9.11 29.90 -13.34
CA TRP F 457 -10.38 29.75 -12.65
C TRP F 457 -11.39 29.06 -13.56
N ILE F 458 -12.23 28.22 -12.98
CA ILE F 458 -13.44 27.71 -13.62
C ILE F 458 -14.61 28.29 -12.85
N MET F 459 -15.57 28.86 -13.56
CA MET F 459 -16.66 29.53 -12.89
C MET F 459 -17.97 29.22 -13.58
N ALA F 460 -19.04 29.43 -12.83
CA ALA F 460 -20.41 29.36 -13.32
C ALA F 460 -21.10 30.63 -12.87
N ILE F 461 -21.77 31.30 -13.80
CA ILE F 461 -22.52 32.51 -13.49
C ILE F 461 -23.95 32.28 -13.96
N PRO F 462 -24.96 32.70 -13.21
CA PRO F 462 -26.33 32.56 -13.71
C PRO F 462 -26.56 33.50 -14.89
N LEU F 463 -27.27 33.01 -15.90
CA LEU F 463 -27.50 33.84 -17.08
C LEU F 463 -28.31 35.07 -16.73
N LYS F 464 -29.21 34.97 -15.74
CA LYS F 464 -29.98 36.13 -15.31
C LYS F 464 -29.06 37.26 -14.86
N THR F 465 -28.00 36.93 -14.12
CA THR F 465 -27.14 37.96 -13.55
C THR F 465 -26.52 38.82 -14.64
N ILE F 466 -26.04 38.20 -15.72
CA ILE F 466 -25.44 38.98 -16.81
C ILE F 466 -26.48 39.47 -17.80
N SER F 467 -27.69 38.91 -17.80
CA SER F 467 -28.69 39.27 -18.79
C SER F 467 -29.41 40.57 -18.47
N HIS F 468 -29.32 41.04 -17.23
CA HIS F 468 -29.68 42.42 -16.91
C HIS F 468 -28.59 42.96 -15.99
N GLY F 469 -27.86 43.96 -16.46
CA GLY F 469 -26.80 44.58 -15.68
C GLY F 469 -25.79 43.61 -15.12
#